data_2L7A
#
_entry.id   2L7A
#
_entity_poly.entity_id   1
_entity_poly.type   'polypeptide(L)'
_entity_poly.pdbx_seq_one_letter_code
;GIDPFTAHATGAGPAGRYDQATDTILTVTENIFSSMGDAGEMVRQARILAQATSDLVNAIKADAEGESDLENSRKLLSAA
KILADATAKMVEAAKGAAAHPDSEEQQQRLREAAEGLRMATNAAAQNAIKK
;
_entity_poly.pdbx_strand_id   A
#
# COMPACT_ATOMS: atom_id res chain seq x y z
N GLY A 1 8.22 22.70 -22.47
CA GLY A 1 9.38 23.58 -22.14
C GLY A 1 10.65 22.78 -22.01
N ILE A 2 11.39 22.65 -23.11
CA ILE A 2 12.56 21.78 -23.18
C ILE A 2 12.16 20.36 -22.82
N ASP A 3 11.58 19.69 -23.81
CA ASP A 3 10.97 18.38 -23.59
C ASP A 3 11.85 17.27 -24.12
N PRO A 4 11.84 16.11 -23.44
CA PRO A 4 12.60 14.93 -23.87
C PRO A 4 11.83 14.12 -24.90
N PHE A 5 10.95 14.78 -25.62
CA PHE A 5 10.09 14.12 -26.59
C PHE A 5 10.79 14.03 -27.94
N THR A 6 11.30 12.84 -28.24
CA THR A 6 12.02 12.60 -29.50
C THR A 6 13.26 13.50 -29.60
N ALA A 7 13.86 13.78 -28.45
CA ALA A 7 15.01 14.68 -28.39
C ALA A 7 16.31 13.91 -28.22
N HIS A 8 16.51 13.35 -27.04
CA HIS A 8 17.71 12.58 -26.76
C HIS A 8 17.38 11.09 -26.85
N ALA A 9 16.12 10.79 -26.56
CA ALA A 9 15.59 9.44 -26.66
C ALA A 9 14.13 9.51 -27.09
N THR A 10 13.48 8.36 -27.19
CA THR A 10 12.08 8.33 -27.58
C THR A 10 11.18 8.62 -26.38
N GLY A 11 11.08 9.89 -26.04
CA GLY A 11 10.23 10.31 -24.95
C GLY A 11 10.79 9.94 -23.60
N ALA A 12 10.05 10.22 -22.55
CA ALA A 12 10.42 9.83 -21.20
C ALA A 12 9.19 9.40 -20.44
N GLY A 13 8.78 8.16 -20.64
CA GLY A 13 7.59 7.65 -19.97
C GLY A 13 7.94 6.84 -18.74
N PRO A 14 7.68 7.40 -17.56
CA PRO A 14 7.99 6.78 -16.28
C PRO A 14 6.78 6.07 -15.66
N ALA A 15 7.01 5.47 -14.50
CA ALA A 15 5.95 4.85 -13.71
C ALA A 15 5.26 3.72 -14.47
N GLY A 16 4.10 3.33 -13.99
CA GLY A 16 3.34 2.26 -14.62
C GLY A 16 1.86 2.56 -14.62
N ARG A 17 1.23 2.42 -13.47
CA ARG A 17 -0.20 2.70 -13.34
C ARG A 17 -0.54 3.11 -11.90
N TYR A 18 -0.07 2.32 -10.95
CA TYR A 18 -0.37 2.57 -9.55
C TYR A 18 0.85 3.14 -8.83
N ASP A 19 1.81 3.62 -9.62
CA ASP A 19 3.15 3.91 -9.11
C ASP A 19 3.15 5.05 -8.12
N GLN A 20 2.39 6.10 -8.40
CA GLN A 20 2.35 7.25 -7.51
C GLN A 20 1.80 6.86 -6.13
N ALA A 21 0.75 6.05 -6.14
CA ALA A 21 0.11 5.65 -4.90
C ALA A 21 0.92 4.58 -4.17
N THR A 22 1.47 3.63 -4.91
CA THR A 22 2.28 2.59 -4.31
C THR A 22 3.55 3.17 -3.70
N ASP A 23 4.15 4.14 -4.40
CA ASP A 23 5.34 4.82 -3.89
C ASP A 23 5.07 5.38 -2.51
N THR A 24 3.91 6.01 -2.35
CA THR A 24 3.49 6.54 -1.08
C THR A 24 3.42 5.42 -0.04
N ILE A 25 2.67 4.36 -0.34
CA ILE A 25 2.49 3.26 0.59
C ILE A 25 3.82 2.59 0.95
N LEU A 26 4.61 2.24 -0.07
CA LEU A 26 5.91 1.60 0.16
C LEU A 26 6.80 2.43 1.08
N THR A 27 6.74 3.75 0.91
CA THR A 27 7.56 4.66 1.71
C THR A 27 7.01 4.82 3.12
N VAL A 28 5.71 5.12 3.22
CA VAL A 28 5.07 5.36 4.50
C VAL A 28 5.15 4.14 5.41
N THR A 29 5.12 2.95 4.81
CA THR A 29 5.26 1.71 5.56
C THR A 29 6.51 1.72 6.43
N GLU A 30 7.63 2.11 5.82
CA GLU A 30 8.91 2.16 6.51
C GLU A 30 8.85 3.14 7.67
N ASN A 31 7.98 4.13 7.54
CA ASN A 31 7.86 5.18 8.53
C ASN A 31 7.31 4.65 9.85
N ILE A 32 6.50 3.59 9.79
CA ILE A 32 5.94 3.01 11.02
C ILE A 32 7.06 2.37 11.84
N PHE A 33 8.02 1.76 11.17
CA PHE A 33 9.16 1.15 11.85
C PHE A 33 10.10 2.24 12.35
N SER A 34 10.11 3.36 11.66
CA SER A 34 10.93 4.51 12.04
C SER A 34 10.31 5.24 13.23
N SER A 35 8.99 5.42 13.20
CA SER A 35 8.28 6.13 14.26
C SER A 35 8.02 5.22 15.46
N MET A 36 8.34 3.94 15.29
CA MET A 36 8.10 2.93 16.30
C MET A 36 8.59 3.40 17.67
N GLY A 37 7.65 3.65 18.55
CA GLY A 37 7.96 4.20 19.86
C GLY A 37 7.07 5.37 20.19
N ASP A 38 6.67 6.11 19.16
CA ASP A 38 5.73 7.21 19.32
C ASP A 38 4.35 6.74 18.86
N ALA A 39 3.44 6.59 19.81
CA ALA A 39 2.15 6.01 19.54
C ALA A 39 1.34 6.87 18.57
N GLY A 40 1.22 8.14 18.89
CA GLY A 40 0.50 9.07 18.04
C GLY A 40 1.02 9.10 16.61
N GLU A 41 2.33 9.16 16.45
CA GLU A 41 2.94 9.25 15.13
C GLU A 41 2.82 7.92 14.36
N MET A 42 2.93 6.80 15.07
CA MET A 42 2.82 5.49 14.45
C MET A 42 1.44 5.29 13.83
N VAL A 43 0.41 5.57 14.61
CA VAL A 43 -0.97 5.43 14.13
C VAL A 43 -1.21 6.40 12.97
N ARG A 44 -0.59 7.57 13.06
CA ARG A 44 -0.66 8.57 11.99
C ARG A 44 -0.21 7.98 10.66
N GLN A 45 0.92 7.27 10.68
CA GLN A 45 1.47 6.67 9.47
C GLN A 45 0.52 5.60 8.93
N ALA A 46 -0.07 4.82 9.83
CA ALA A 46 -1.02 3.78 9.46
C ALA A 46 -2.24 4.38 8.77
N ARG A 47 -2.71 5.52 9.27
CA ARG A 47 -3.83 6.23 8.68
C ARG A 47 -3.50 6.65 7.26
N ILE A 48 -2.25 7.02 7.05
CA ILE A 48 -1.78 7.39 5.73
C ILE A 48 -1.80 6.18 4.79
N LEU A 49 -1.35 5.04 5.30
CA LEU A 49 -1.37 3.79 4.54
C LEU A 49 -2.79 3.43 4.14
N ALA A 50 -3.71 3.52 5.09
CA ALA A 50 -5.12 3.24 4.82
C ALA A 50 -5.65 4.17 3.75
N GLN A 51 -5.37 5.47 3.91
CA GLN A 51 -5.82 6.48 2.95
C GLN A 51 -5.27 6.18 1.55
N ALA A 52 -3.98 5.93 1.48
CA ALA A 52 -3.31 5.64 0.21
C ALA A 52 -3.82 4.35 -0.41
N THR A 53 -4.04 3.34 0.43
CA THR A 53 -4.55 2.06 -0.04
C THR A 53 -5.96 2.23 -0.60
N SER A 54 -6.73 3.10 0.02
CA SER A 54 -8.12 3.34 -0.40
C SER A 54 -8.15 3.85 -1.84
N ASP A 55 -7.17 4.66 -2.19
CA ASP A 55 -7.03 5.19 -3.54
C ASP A 55 -6.83 4.04 -4.52
N LEU A 56 -5.93 3.13 -4.18
CA LEU A 56 -5.59 2.01 -5.05
C LEU A 56 -6.73 1.02 -5.16
N VAL A 57 -7.35 0.66 -4.04
CA VAL A 57 -8.43 -0.33 -4.04
C VAL A 57 -9.52 0.05 -5.05
N ASN A 58 -9.88 1.33 -5.07
CA ASN A 58 -10.90 1.81 -5.98
C ASN A 58 -10.36 1.95 -7.40
N ALA A 59 -9.09 2.29 -7.50
CA ALA A 59 -8.43 2.46 -8.80
C ALA A 59 -8.23 1.13 -9.50
N ILE A 60 -7.64 0.18 -8.78
CA ILE A 60 -7.37 -1.15 -9.31
C ILE A 60 -8.64 -1.80 -9.88
N LYS A 61 -9.76 -1.63 -9.18
CA LYS A 61 -11.03 -2.18 -9.64
C LYS A 61 -11.39 -1.65 -11.02
N ALA A 62 -11.36 -0.34 -11.18
CA ALA A 62 -11.72 0.30 -12.44
C ALA A 62 -10.70 -0.01 -13.52
N ASP A 63 -9.43 -0.11 -13.13
CA ASP A 63 -8.35 -0.38 -14.07
C ASP A 63 -8.44 -1.84 -14.55
N ALA A 64 -8.84 -2.73 -13.65
CA ALA A 64 -9.03 -4.13 -13.98
C ALA A 64 -10.13 -4.30 -15.02
N GLU A 65 -11.19 -3.52 -14.87
CA GLU A 65 -12.31 -3.57 -15.81
C GLU A 65 -11.90 -2.98 -17.17
N GLY A 66 -10.81 -2.24 -17.17
CA GLY A 66 -10.31 -1.67 -18.41
C GLY A 66 -9.45 -2.66 -19.19
N GLU A 67 -8.96 -3.68 -18.50
CA GLU A 67 -8.14 -4.70 -19.13
C GLU A 67 -9.00 -5.58 -20.04
N SER A 68 -8.40 -6.02 -21.13
CA SER A 68 -9.07 -6.86 -22.11
C SER A 68 -8.75 -8.34 -21.86
N ASP A 69 -8.64 -8.71 -20.59
CA ASP A 69 -8.34 -10.07 -20.21
C ASP A 69 -9.10 -10.44 -18.94
N LEU A 70 -9.73 -11.60 -18.95
CA LEU A 70 -10.50 -12.05 -17.80
C LEU A 70 -9.58 -12.35 -16.62
N GLU A 71 -8.61 -13.23 -16.85
CA GLU A 71 -7.71 -13.69 -15.79
C GLU A 71 -6.95 -12.53 -15.17
N ASN A 72 -6.42 -11.65 -16.00
CA ASN A 72 -5.66 -10.52 -15.51
C ASN A 72 -6.57 -9.58 -14.72
N SER A 73 -7.81 -9.45 -15.16
CA SER A 73 -8.77 -8.60 -14.46
C SER A 73 -9.10 -9.20 -13.10
N ARG A 74 -9.30 -10.52 -13.08
CA ARG A 74 -9.55 -11.24 -11.84
C ARG A 74 -8.38 -11.09 -10.87
N LYS A 75 -7.18 -11.15 -11.43
CA LYS A 75 -5.96 -11.01 -10.64
C LYS A 75 -5.87 -9.63 -10.01
N LEU A 76 -6.17 -8.60 -10.80
CA LEU A 76 -6.16 -7.23 -10.31
C LEU A 76 -7.18 -7.05 -9.19
N LEU A 77 -8.40 -7.52 -9.43
CA LEU A 77 -9.46 -7.45 -8.42
C LEU A 77 -9.04 -8.18 -7.16
N SER A 78 -8.37 -9.32 -7.33
CA SER A 78 -7.86 -10.09 -6.21
C SER A 78 -6.75 -9.34 -5.49
N ALA A 79 -5.85 -8.75 -6.26
CA ALA A 79 -4.72 -7.99 -5.70
C ALA A 79 -5.21 -6.84 -4.83
N ALA A 80 -6.26 -6.16 -5.30
CA ALA A 80 -6.87 -5.07 -4.54
C ALA A 80 -7.45 -5.61 -3.23
N LYS A 81 -8.11 -6.75 -3.32
CA LYS A 81 -8.70 -7.40 -2.16
C LYS A 81 -7.62 -7.81 -1.15
N ILE A 82 -6.53 -8.36 -1.68
CA ILE A 82 -5.38 -8.73 -0.86
C ILE A 82 -4.80 -7.49 -0.19
N LEU A 83 -4.57 -6.46 -1.00
CA LEU A 83 -4.01 -5.20 -0.52
C LEU A 83 -4.86 -4.60 0.59
N ALA A 84 -6.13 -4.36 0.29
CA ALA A 84 -7.03 -3.70 1.22
C ALA A 84 -7.07 -4.40 2.57
N ASP A 85 -6.84 -5.70 2.56
CA ASP A 85 -6.83 -6.47 3.79
C ASP A 85 -5.48 -6.43 4.46
N ALA A 86 -4.43 -6.46 3.67
CA ALA A 86 -3.08 -6.33 4.19
C ALA A 86 -2.96 -5.01 4.93
N THR A 87 -3.61 -3.98 4.39
CA THR A 87 -3.65 -2.68 5.03
C THR A 87 -4.48 -2.73 6.31
N ALA A 88 -5.66 -3.32 6.24
CA ALA A 88 -6.55 -3.42 7.39
C ALA A 88 -5.87 -4.11 8.56
N LYS A 89 -5.21 -5.24 8.29
CA LYS A 89 -4.48 -5.96 9.31
C LYS A 89 -3.30 -5.13 9.81
N MET A 90 -2.60 -4.49 8.88
CA MET A 90 -1.46 -3.64 9.18
C MET A 90 -1.87 -2.50 10.11
N VAL A 91 -2.87 -1.74 9.67
CA VAL A 91 -3.36 -0.58 10.40
C VAL A 91 -3.81 -0.94 11.81
N GLU A 92 -4.54 -2.04 11.93
CA GLU A 92 -5.01 -2.50 13.24
C GLU A 92 -3.83 -2.87 14.15
N ALA A 93 -2.80 -3.47 13.57
CA ALA A 93 -1.62 -3.85 14.33
C ALA A 93 -0.82 -2.62 14.73
N ALA A 94 -0.73 -1.66 13.81
CA ALA A 94 -0.02 -0.40 14.08
C ALA A 94 -0.67 0.36 15.23
N LYS A 95 -2.00 0.42 15.23
CA LYS A 95 -2.74 1.05 16.32
C LYS A 95 -2.35 0.44 17.66
N GLY A 96 -2.38 -0.88 17.72
CA GLY A 96 -2.09 -1.58 18.95
C GLY A 96 -0.64 -1.48 19.37
N ALA A 97 0.27 -1.61 18.40
CA ALA A 97 1.70 -1.56 18.67
C ALA A 97 2.12 -0.17 19.10
N ALA A 98 1.38 0.83 18.65
CA ALA A 98 1.66 2.20 19.01
C ALA A 98 1.11 2.50 20.39
N ALA A 99 -0.20 2.38 20.55
CA ALA A 99 -0.85 2.72 21.81
C ALA A 99 -0.38 1.82 22.94
N HIS A 100 -0.08 0.57 22.62
CA HIS A 100 0.62 -0.32 23.55
C HIS A 100 2.06 -0.49 23.09
N PRO A 101 2.93 0.46 23.43
CA PRO A 101 4.26 0.57 22.84
C PRO A 101 5.17 -0.62 23.16
N ASP A 102 5.27 -0.95 24.44
CA ASP A 102 6.22 -1.97 24.90
C ASP A 102 5.73 -3.39 24.60
N SER A 103 4.44 -3.52 24.31
CA SER A 103 3.81 -4.83 24.12
C SER A 103 4.46 -5.61 22.98
N GLU A 104 4.93 -6.82 23.30
CA GLU A 104 5.69 -7.65 22.36
C GLU A 104 4.83 -8.10 21.19
N GLU A 105 3.70 -8.74 21.50
CA GLU A 105 2.83 -9.29 20.46
C GLU A 105 2.34 -8.19 19.52
N GLN A 106 2.01 -7.03 20.08
CA GLN A 106 1.58 -5.90 19.28
C GLN A 106 2.66 -5.50 18.28
N GLN A 107 3.90 -5.47 18.73
CA GLN A 107 5.02 -5.17 17.86
C GLN A 107 5.19 -6.26 16.82
N GLN A 108 5.17 -7.51 17.27
CA GLN A 108 5.37 -8.66 16.39
C GLN A 108 4.32 -8.71 15.27
N ARG A 109 3.05 -8.57 15.63
CA ARG A 109 1.99 -8.61 14.63
C ARG A 109 2.14 -7.46 13.65
N LEU A 110 2.61 -6.32 14.14
CA LEU A 110 2.84 -5.16 13.29
C LEU A 110 3.93 -5.47 12.26
N ARG A 111 5.03 -6.05 12.73
CA ARG A 111 6.14 -6.41 11.85
C ARG A 111 5.66 -7.24 10.67
N GLU A 112 4.87 -8.27 10.96
CA GLU A 112 4.39 -9.19 9.94
C GLU A 112 3.31 -8.54 9.09
N ALA A 113 2.40 -7.81 9.73
CA ALA A 113 1.30 -7.17 9.01
C ALA A 113 1.81 -6.06 8.10
N ALA A 114 2.78 -5.29 8.58
CA ALA A 114 3.34 -4.19 7.80
C ALA A 114 4.11 -4.72 6.61
N GLU A 115 4.90 -5.77 6.82
CA GLU A 115 5.63 -6.37 5.72
C GLU A 115 4.67 -7.05 4.74
N GLY A 116 3.60 -7.61 5.26
CA GLY A 116 2.56 -8.17 4.40
C GLY A 116 1.92 -7.10 3.55
N LEU A 117 1.63 -5.96 4.17
CA LEU A 117 1.11 -4.80 3.46
C LEU A 117 2.13 -4.31 2.44
N ARG A 118 3.40 -4.36 2.83
CA ARG A 118 4.50 -3.94 1.96
C ARG A 118 4.54 -4.84 0.74
N MET A 119 4.42 -6.14 0.99
CA MET A 119 4.38 -7.14 -0.08
C MET A 119 3.21 -6.89 -1.01
N ALA A 120 2.02 -6.80 -0.43
CA ALA A 120 0.78 -6.64 -1.22
C ALA A 120 0.84 -5.39 -2.08
N THR A 121 1.27 -4.29 -1.49
CA THR A 121 1.37 -3.03 -2.21
C THR A 121 2.42 -3.10 -3.31
N ASN A 122 3.58 -3.65 -2.97
CA ASN A 122 4.69 -3.76 -3.91
C ASN A 122 4.31 -4.70 -5.06
N ALA A 123 3.47 -5.69 -4.76
CA ALA A 123 2.95 -6.61 -5.77
C ALA A 123 1.96 -5.89 -6.68
N ALA A 124 1.04 -5.15 -6.07
CA ALA A 124 0.07 -4.36 -6.84
C ALA A 124 0.80 -3.36 -7.73
N ALA A 125 1.90 -2.83 -7.21
CA ALA A 125 2.76 -1.92 -7.95
C ALA A 125 3.26 -2.56 -9.24
N GLN A 126 3.65 -3.83 -9.14
CA GLN A 126 4.26 -4.54 -10.25
C GLN A 126 3.21 -4.93 -11.29
N ASN A 127 2.03 -5.30 -10.84
CA ASN A 127 0.98 -5.80 -11.72
C ASN A 127 0.21 -4.66 -12.39
N ALA A 128 0.53 -3.43 -12.00
CA ALA A 128 -0.13 -2.24 -12.54
C ALA A 128 -0.17 -2.23 -14.06
N ILE A 129 -1.37 -2.04 -14.61
CA ILE A 129 -1.56 -2.04 -16.05
C ILE A 129 -0.96 -0.80 -16.70
N LYS A 130 0.11 -1.01 -17.44
CA LYS A 130 0.70 0.04 -18.23
C LYS A 130 0.56 -0.27 -19.70
N LYS A 131 0.48 0.77 -20.52
CA LYS A 131 0.35 0.65 -21.96
C LYS A 131 -1.03 0.12 -22.34
N GLY A 1 0.68 15.25 -19.06
CA GLY A 1 -0.15 15.41 -17.84
C GLY A 1 0.66 15.91 -16.66
N ILE A 2 0.59 15.19 -15.54
CA ILE A 2 1.37 15.56 -14.37
C ILE A 2 2.84 15.28 -14.60
N ASP A 3 3.62 16.34 -14.73
CA ASP A 3 5.07 16.21 -14.89
C ASP A 3 5.77 16.63 -13.60
N PRO A 4 6.11 15.67 -12.75
CA PRO A 4 6.75 15.94 -11.46
C PRO A 4 8.22 16.32 -11.62
N PHE A 5 8.80 16.89 -10.57
CA PHE A 5 10.20 17.25 -10.57
C PHE A 5 11.06 15.99 -10.69
N THR A 6 11.97 16.00 -11.65
CA THR A 6 12.78 14.82 -11.97
C THR A 6 11.88 13.67 -12.42
N ALA A 7 11.25 13.85 -13.57
CA ALA A 7 10.42 12.81 -14.14
C ALA A 7 11.28 11.69 -14.71
N HIS A 8 10.88 10.46 -14.45
CA HIS A 8 11.64 9.31 -14.90
C HIS A 8 11.19 8.90 -16.29
N ALA A 9 11.88 9.42 -17.29
CA ALA A 9 11.55 9.12 -18.67
C ALA A 9 12.71 8.40 -19.34
N THR A 10 13.91 8.84 -19.04
CA THR A 10 15.12 8.23 -19.58
C THR A 10 15.35 6.87 -18.94
N GLY A 11 15.13 5.81 -19.72
CA GLY A 11 15.28 4.46 -19.21
C GLY A 11 14.14 4.08 -18.29
N ALA A 12 12.96 4.59 -18.57
CA ALA A 12 11.78 4.31 -17.74
C ALA A 12 11.21 2.94 -18.05
N GLY A 13 10.36 2.46 -17.15
CA GLY A 13 9.71 1.17 -17.35
C GLY A 13 8.29 1.34 -17.83
N PRO A 14 7.39 0.41 -17.47
CA PRO A 14 5.99 0.47 -17.86
C PRO A 14 5.13 1.22 -16.85
N ALA A 15 4.64 2.38 -17.25
CA ALA A 15 3.70 3.11 -16.40
C ALA A 15 2.31 2.53 -16.59
N GLY A 16 1.95 1.64 -15.68
CA GLY A 16 0.70 0.94 -15.82
C GLY A 16 -0.48 1.72 -15.29
N ARG A 17 -0.53 1.90 -13.99
CA ARG A 17 -1.68 2.51 -13.35
C ARG A 17 -1.42 2.74 -11.86
N TYR A 18 -0.77 1.78 -11.22
CA TYR A 18 -0.63 1.80 -9.77
C TYR A 18 0.78 2.13 -9.34
N ASP A 19 1.72 2.08 -10.28
CA ASP A 19 3.14 2.12 -9.94
C ASP A 19 3.57 3.49 -9.40
N GLN A 20 2.83 4.54 -9.74
CA GLN A 20 3.08 5.86 -9.18
C GLN A 20 2.61 5.92 -7.73
N ALA A 21 1.39 5.45 -7.49
CA ALA A 21 0.76 5.52 -6.18
C ALA A 21 1.43 4.60 -5.17
N THR A 22 1.86 3.43 -5.63
CA THR A 22 2.49 2.45 -4.76
C THR A 22 3.75 3.00 -4.12
N ASP A 23 4.48 3.82 -4.87
CA ASP A 23 5.71 4.44 -4.39
C ASP A 23 5.47 5.12 -3.04
N THR A 24 4.33 5.78 -2.92
CA THR A 24 3.96 6.47 -1.70
C THR A 24 3.67 5.48 -0.58
N ILE A 25 2.84 4.47 -0.87
CA ILE A 25 2.43 3.50 0.15
C ILE A 25 3.64 2.74 0.70
N LEU A 26 4.54 2.30 -0.18
CA LEU A 26 5.76 1.63 0.25
C LEU A 26 6.55 2.52 1.22
N THR A 27 6.66 3.80 0.87
CA THR A 27 7.39 4.76 1.68
C THR A 27 6.72 4.97 3.04
N VAL A 28 5.41 5.19 3.03
CA VAL A 28 4.67 5.40 4.27
C VAL A 28 4.76 4.18 5.18
N THR A 29 4.78 2.99 4.57
CA THR A 29 4.92 1.75 5.31
C THR A 29 6.22 1.73 6.11
N GLU A 30 7.31 2.10 5.44
CA GLU A 30 8.62 2.13 6.06
C GLU A 30 8.64 3.11 7.25
N ASN A 31 7.75 4.09 7.17
CA ASN A 31 7.69 5.16 8.16
C ASN A 31 7.20 4.69 9.52
N ILE A 32 6.45 3.58 9.56
CA ILE A 32 5.95 3.06 10.83
C ILE A 32 7.11 2.62 11.72
N PHE A 33 8.08 1.95 11.12
CA PHE A 33 9.25 1.48 11.85
C PHE A 33 10.11 2.65 12.29
N SER A 34 10.05 3.73 11.54
CA SER A 34 10.74 4.96 11.90
C SER A 34 9.98 5.69 13.01
N SER A 35 8.68 5.49 13.05
CA SER A 35 7.82 6.10 14.07
C SER A 35 7.82 5.30 15.36
N MET A 36 8.51 4.15 15.36
CA MET A 36 8.59 3.27 16.52
C MET A 36 8.91 4.05 17.79
N GLY A 37 8.05 3.90 18.78
CA GLY A 37 8.24 4.61 20.03
C GLY A 37 7.01 5.40 20.42
N ASP A 38 6.71 6.43 19.64
CA ASP A 38 5.56 7.27 19.92
C ASP A 38 4.29 6.69 19.29
N ALA A 39 3.26 6.56 20.10
CA ALA A 39 2.00 5.96 19.67
C ALA A 39 1.33 6.77 18.57
N GLY A 40 1.13 8.05 18.84
CA GLY A 40 0.49 8.94 17.89
C GLY A 40 1.14 8.92 16.52
N GLU A 41 2.48 8.96 16.49
CA GLU A 41 3.23 8.90 15.24
C GLU A 41 2.87 7.65 14.44
N MET A 42 2.95 6.50 15.10
CA MET A 42 2.70 5.21 14.45
C MET A 42 1.28 5.12 13.94
N VAL A 43 0.32 5.52 14.77
CA VAL A 43 -1.09 5.45 14.41
C VAL A 43 -1.38 6.32 13.19
N ARG A 44 -0.79 7.50 13.15
CA ARG A 44 -1.01 8.43 12.04
C ARG A 44 -0.58 7.80 10.72
N GLN A 45 0.59 7.18 10.71
CA GLN A 45 1.13 6.58 9.49
C GLN A 45 0.23 5.45 8.99
N ALA A 46 -0.30 4.67 9.93
CA ALA A 46 -1.25 3.61 9.61
C ALA A 46 -2.52 4.19 8.96
N ARG A 47 -2.96 5.34 9.47
CA ARG A 47 -4.14 6.00 8.92
C ARG A 47 -3.84 6.54 7.53
N ILE A 48 -2.62 7.05 7.34
CA ILE A 48 -2.18 7.51 6.03
C ILE A 48 -2.16 6.33 5.06
N LEU A 49 -1.67 5.18 5.53
CA LEU A 49 -1.67 3.97 4.72
C LEU A 49 -3.09 3.62 4.31
N ALA A 50 -4.02 3.68 5.25
CA ALA A 50 -5.42 3.39 4.96
C ALA A 50 -5.97 4.33 3.89
N GLN A 51 -5.66 5.61 4.02
CA GLN A 51 -6.11 6.62 3.06
C GLN A 51 -5.46 6.41 1.70
N ALA A 52 -4.14 6.24 1.70
CA ALA A 52 -3.38 6.07 0.47
C ALA A 52 -3.77 4.79 -0.25
N THR A 53 -3.92 3.71 0.52
CA THR A 53 -4.31 2.44 -0.05
C THR A 53 -5.73 2.50 -0.59
N SER A 54 -6.59 3.27 0.07
CA SER A 54 -7.98 3.41 -0.35
C SER A 54 -8.04 4.00 -1.75
N ASP A 55 -7.16 4.96 -2.02
CA ASP A 55 -7.07 5.56 -3.35
C ASP A 55 -6.70 4.50 -4.38
N LEU A 56 -5.76 3.64 -4.01
CA LEU A 56 -5.32 2.57 -4.90
C LEU A 56 -6.38 1.50 -5.06
N VAL A 57 -6.93 1.02 -3.95
CA VAL A 57 -7.93 -0.05 -3.98
C VAL A 57 -9.09 0.30 -4.92
N ASN A 58 -9.59 1.52 -4.79
CA ASN A 58 -10.66 1.99 -5.66
C ASN A 58 -10.21 2.07 -7.11
N ALA A 59 -8.97 2.50 -7.31
CA ALA A 59 -8.40 2.65 -8.65
C ALA A 59 -8.15 1.29 -9.29
N ILE A 60 -7.59 0.36 -8.52
CA ILE A 60 -7.30 -0.99 -9.03
C ILE A 60 -8.57 -1.67 -9.51
N LYS A 61 -9.62 -1.61 -8.68
CA LYS A 61 -10.89 -2.22 -9.04
C LYS A 61 -11.47 -1.58 -10.29
N ALA A 62 -11.33 -0.27 -10.39
CA ALA A 62 -11.86 0.49 -11.51
C ALA A 62 -11.06 0.21 -12.79
N ASP A 63 -9.75 0.07 -12.64
CA ASP A 63 -8.87 -0.20 -13.76
C ASP A 63 -9.06 -1.65 -14.24
N ALA A 64 -9.39 -2.52 -13.29
CA ALA A 64 -9.68 -3.92 -13.60
C ALA A 64 -10.92 -4.03 -14.47
N GLU A 65 -11.89 -3.15 -14.22
CA GLU A 65 -13.11 -3.13 -15.02
C GLU A 65 -12.79 -2.68 -16.45
N GLY A 66 -11.87 -1.72 -16.56
CA GLY A 66 -11.49 -1.20 -17.85
C GLY A 66 -10.67 -2.19 -18.65
N GLU A 67 -9.86 -2.99 -17.94
CA GLU A 67 -9.06 -4.03 -18.57
C GLU A 67 -9.93 -4.97 -19.39
N SER A 68 -9.70 -4.99 -20.70
CA SER A 68 -10.46 -5.85 -21.59
C SER A 68 -10.07 -7.31 -21.42
N ASP A 69 -8.85 -7.54 -20.92
CA ASP A 69 -8.37 -8.89 -20.68
C ASP A 69 -9.03 -9.47 -19.44
N LEU A 70 -9.67 -10.61 -19.60
CA LEU A 70 -10.46 -11.21 -18.53
C LEU A 70 -9.56 -11.71 -17.40
N GLU A 71 -8.54 -12.48 -17.73
CA GLU A 71 -7.67 -13.07 -16.72
C GLU A 71 -6.91 -11.98 -15.97
N ASN A 72 -6.49 -10.95 -16.70
CA ASN A 72 -5.76 -9.86 -16.11
C ASN A 72 -6.67 -9.02 -15.24
N SER A 73 -7.94 -8.96 -15.62
CA SER A 73 -8.95 -8.23 -14.85
C SER A 73 -9.11 -8.85 -13.48
N ARG A 74 -9.28 -10.17 -13.45
CA ARG A 74 -9.40 -10.90 -12.19
C ARG A 74 -8.13 -10.78 -11.37
N LYS A 75 -7.00 -10.77 -12.07
CA LYS A 75 -5.70 -10.62 -11.44
C LYS A 75 -5.63 -9.33 -10.64
N LEU A 76 -6.05 -8.24 -11.28
CA LEU A 76 -6.06 -6.92 -10.66
C LEU A 76 -6.98 -6.91 -9.44
N LEU A 77 -8.17 -7.44 -9.61
CA LEU A 77 -9.15 -7.51 -8.51
C LEU A 77 -8.59 -8.32 -7.34
N SER A 78 -7.86 -9.38 -7.66
CA SER A 78 -7.26 -10.23 -6.64
C SER A 78 -6.18 -9.46 -5.87
N ALA A 79 -5.42 -8.65 -6.59
CA ALA A 79 -4.37 -7.84 -5.98
C ALA A 79 -4.98 -6.83 -5.01
N ALA A 80 -6.05 -6.18 -5.47
CA ALA A 80 -6.76 -5.20 -4.64
C ALA A 80 -7.33 -5.86 -3.39
N LYS A 81 -7.83 -7.09 -3.56
CA LYS A 81 -8.40 -7.85 -2.45
C LYS A 81 -7.34 -8.11 -1.39
N ILE A 82 -6.20 -8.66 -1.79
CA ILE A 82 -5.12 -8.96 -0.87
C ILE A 82 -4.59 -7.69 -0.21
N LEU A 83 -4.39 -6.66 -1.05
CA LEU A 83 -3.88 -5.38 -0.58
C LEU A 83 -4.78 -4.75 0.46
N ALA A 84 -6.05 -4.54 0.09
CA ALA A 84 -6.99 -3.84 0.95
C ALA A 84 -7.09 -4.50 2.32
N ASP A 85 -6.88 -5.80 2.36
CA ASP A 85 -6.96 -6.53 3.61
C ASP A 85 -5.65 -6.48 4.37
N ALA A 86 -4.55 -6.49 3.64
CA ALA A 86 -3.23 -6.38 4.23
C ALA A 86 -3.11 -5.05 4.96
N THR A 87 -3.78 -4.04 4.43
CA THR A 87 -3.80 -2.73 5.06
C THR A 87 -4.61 -2.77 6.36
N ALA A 88 -5.78 -3.40 6.30
CA ALA A 88 -6.65 -3.51 7.45
C ALA A 88 -5.94 -4.18 8.63
N LYS A 89 -5.28 -5.29 8.36
CA LYS A 89 -4.55 -6.01 9.40
C LYS A 89 -3.34 -5.19 9.88
N MET A 90 -2.73 -4.48 8.93
CA MET A 90 -1.61 -3.59 9.22
C MET A 90 -2.05 -2.46 10.16
N VAL A 91 -3.16 -1.83 9.79
CA VAL A 91 -3.72 -0.74 10.58
C VAL A 91 -4.05 -1.19 12.00
N GLU A 92 -4.63 -2.39 12.13
CA GLU A 92 -4.97 -2.92 13.43
C GLU A 92 -3.73 -3.21 14.25
N ALA A 93 -2.69 -3.69 13.58
CA ALA A 93 -1.42 -3.99 14.24
C ALA A 93 -0.75 -2.72 14.72
N ALA A 94 -0.72 -1.71 13.83
CA ALA A 94 -0.13 -0.42 14.15
C ALA A 94 -0.86 0.25 15.30
N LYS A 95 -2.19 0.20 15.27
CA LYS A 95 -3.02 0.74 16.36
C LYS A 95 -2.61 0.13 17.69
N GLY A 96 -2.55 -1.19 17.73
CA GLY A 96 -2.23 -1.89 18.95
C GLY A 96 -0.80 -1.68 19.39
N ALA A 97 0.13 -1.73 18.44
CA ALA A 97 1.55 -1.60 18.76
C ALA A 97 1.89 -0.19 19.19
N ALA A 98 1.15 0.78 18.68
CA ALA A 98 1.38 2.17 19.03
C ALA A 98 0.73 2.52 20.35
N ALA A 99 -0.60 2.41 20.41
CA ALA A 99 -1.35 2.82 21.58
C ALA A 99 -0.97 1.98 22.80
N HIS A 100 -0.59 0.74 22.57
CA HIS A 100 0.02 -0.08 23.61
C HIS A 100 1.51 -0.23 23.33
N PRO A 101 2.31 0.80 23.65
CA PRO A 101 3.71 0.86 23.23
C PRO A 101 4.57 -0.22 23.89
N ASP A 102 4.26 -0.52 25.14
CA ASP A 102 5.00 -1.48 25.94
C ASP A 102 4.68 -2.92 25.54
N SER A 103 3.70 -3.09 24.67
CA SER A 103 3.28 -4.41 24.25
C SER A 103 4.17 -4.92 23.12
N GLU A 104 5.13 -5.77 23.48
CA GLU A 104 6.07 -6.32 22.51
C GLU A 104 5.38 -7.30 21.56
N GLU A 105 4.34 -7.95 22.06
CA GLU A 105 3.57 -8.90 21.26
C GLU A 105 2.90 -8.15 20.11
N GLN A 106 2.39 -6.96 20.43
CA GLN A 106 1.79 -6.09 19.42
C GLN A 106 2.83 -5.62 18.41
N GLN A 107 4.04 -5.38 18.89
CA GLN A 107 5.14 -4.95 18.02
C GLN A 107 5.45 -6.03 17.00
N GLN A 108 5.44 -7.28 17.46
CA GLN A 108 5.68 -8.42 16.58
C GLN A 108 4.56 -8.55 15.56
N ARG A 109 3.32 -8.36 16.01
CA ARG A 109 2.17 -8.38 15.10
C ARG A 109 2.35 -7.33 14.02
N LEU A 110 2.79 -6.15 14.41
CA LEU A 110 3.01 -5.05 13.48
C LEU A 110 4.11 -5.40 12.50
N ARG A 111 5.18 -6.02 12.99
CA ARG A 111 6.27 -6.46 12.13
C ARG A 111 5.75 -7.33 11.00
N GLU A 112 4.98 -8.35 11.36
CA GLU A 112 4.44 -9.30 10.40
C GLU A 112 3.39 -8.63 9.51
N ALA A 113 2.58 -7.75 10.10
CA ALA A 113 1.52 -7.07 9.35
C ALA A 113 2.10 -6.09 8.34
N ALA A 114 3.09 -5.33 8.75
CA ALA A 114 3.72 -4.34 7.88
C ALA A 114 4.42 -5.03 6.72
N GLU A 115 5.05 -6.16 6.99
CA GLU A 115 5.66 -6.96 5.94
C GLU A 115 4.61 -7.43 4.95
N GLY A 116 3.47 -7.87 5.48
CA GLY A 116 2.37 -8.30 4.63
C GLY A 116 1.82 -7.18 3.77
N LEU A 117 1.59 -6.03 4.40
CA LEU A 117 1.08 -4.85 3.69
C LEU A 117 2.10 -4.37 2.66
N ARG A 118 3.36 -4.31 3.09
CA ARG A 118 4.45 -3.89 2.21
C ARG A 118 4.53 -4.82 1.01
N MET A 119 4.53 -6.12 1.27
CA MET A 119 4.58 -7.12 0.20
C MET A 119 3.36 -7.01 -0.70
N ALA A 120 2.18 -6.89 -0.10
CA ALA A 120 0.94 -6.79 -0.86
C ALA A 120 0.95 -5.58 -1.78
N THR A 121 1.35 -4.43 -1.23
CA THR A 121 1.41 -3.20 -2.01
C THR A 121 2.48 -3.31 -3.10
N ASN A 122 3.66 -3.79 -2.72
CA ASN A 122 4.76 -3.92 -3.66
C ASN A 122 4.37 -4.87 -4.79
N ALA A 123 3.64 -5.93 -4.44
CA ALA A 123 3.15 -6.88 -5.41
C ALA A 123 2.08 -6.25 -6.31
N ALA A 124 1.17 -5.50 -5.70
CA ALA A 124 0.15 -4.78 -6.46
C ALA A 124 0.79 -3.78 -7.41
N ALA A 125 1.93 -3.26 -6.99
CA ALA A 125 2.73 -2.36 -7.83
C ALA A 125 3.16 -3.07 -9.11
N GLN A 126 3.48 -4.35 -9.00
CA GLN A 126 3.93 -5.15 -10.13
C GLN A 126 2.76 -5.47 -11.06
N ASN A 127 1.55 -5.45 -10.51
CA ASN A 127 0.35 -5.76 -11.28
C ASN A 127 0.04 -4.64 -12.27
N ALA A 128 0.78 -3.55 -12.19
CA ALA A 128 0.63 -2.44 -13.10
C ALA A 128 1.40 -2.70 -14.41
N ILE A 129 1.12 -3.87 -15.00
CA ILE A 129 1.72 -4.28 -16.27
C ILE A 129 3.20 -4.65 -16.12
N LYS A 130 3.52 -5.90 -16.38
CA LYS A 130 4.90 -6.38 -16.36
C LYS A 130 5.32 -6.86 -17.72
N LYS A 131 6.26 -6.17 -18.34
CA LYS A 131 6.79 -6.57 -19.64
C LYS A 131 8.32 -6.67 -19.56
N GLY A 1 21.98 1.69 -13.61
CA GLY A 1 22.75 0.68 -14.37
C GLY A 1 23.95 1.28 -15.04
N ILE A 2 24.55 0.54 -15.96
CA ILE A 2 25.74 0.99 -16.67
C ILE A 2 25.36 1.75 -17.93
N ASP A 3 25.75 3.04 -17.97
CA ASP A 3 25.44 3.94 -19.09
C ASP A 3 23.94 4.20 -19.18
N PRO A 4 23.51 5.45 -18.94
CA PRO A 4 22.10 5.83 -19.00
C PRO A 4 21.46 5.49 -20.34
N PHE A 5 20.73 4.39 -20.38
CA PHE A 5 20.13 3.91 -21.61
C PHE A 5 18.73 4.51 -21.78
N THR A 6 18.71 5.83 -22.03
CA THR A 6 17.50 6.62 -22.31
C THR A 6 16.41 6.57 -21.21
N ALA A 7 16.53 5.64 -20.27
CA ALA A 7 15.60 5.49 -19.16
C ALA A 7 14.16 5.29 -19.65
N HIS A 8 13.81 4.02 -19.92
CA HIS A 8 12.49 3.67 -20.43
C HIS A 8 12.28 4.25 -21.83
N ALA A 9 13.39 4.44 -22.54
CA ALA A 9 13.39 5.01 -23.89
C ALA A 9 12.78 6.41 -23.92
N THR A 10 11.47 6.49 -24.14
CA THR A 10 10.78 7.76 -24.23
C THR A 10 10.38 8.24 -22.83
N GLY A 11 10.57 7.38 -21.84
CA GLY A 11 10.20 7.70 -20.48
C GLY A 11 8.92 6.99 -20.08
N ALA A 12 7.96 7.75 -19.57
CA ALA A 12 6.69 7.19 -19.12
C ALA A 12 5.72 8.29 -18.71
N GLY A 13 6.22 9.50 -18.51
CA GLY A 13 5.38 10.56 -17.99
C GLY A 13 4.98 10.30 -16.55
N PRO A 14 3.67 10.24 -16.27
CA PRO A 14 3.18 9.86 -14.94
C PRO A 14 3.65 8.46 -14.55
N ALA A 15 3.74 8.20 -13.25
CA ALA A 15 4.27 6.93 -12.77
C ALA A 15 3.29 5.80 -12.99
N GLY A 16 3.45 5.12 -14.13
CA GLY A 16 2.64 3.96 -14.46
C GLY A 16 1.16 4.20 -14.32
N ARG A 17 0.46 3.27 -13.69
CA ARG A 17 -0.97 3.38 -13.50
C ARG A 17 -1.34 3.30 -12.01
N TYR A 18 -0.59 2.50 -11.26
CA TYR A 18 -0.76 2.45 -9.81
C TYR A 18 0.58 2.76 -9.16
N ASP A 19 1.57 3.04 -9.99
CA ASP A 19 2.97 3.06 -9.57
C ASP A 19 3.27 4.22 -8.63
N GLN A 20 2.62 5.36 -8.85
CA GLN A 20 2.82 6.50 -7.97
C GLN A 20 2.16 6.23 -6.62
N ALA A 21 0.92 5.76 -6.68
CA ALA A 21 0.15 5.47 -5.47
C ALA A 21 0.80 4.38 -4.64
N THR A 22 1.23 3.31 -5.31
CA THR A 22 1.89 2.21 -4.63
C THR A 22 3.19 2.66 -3.98
N ASP A 23 4.07 3.29 -4.76
CA ASP A 23 5.36 3.77 -4.27
C ASP A 23 5.17 4.60 -3.01
N THR A 24 4.15 5.46 -3.03
CA THR A 24 3.80 6.26 -1.86
C THR A 24 3.51 5.36 -0.67
N ILE A 25 2.62 4.39 -0.85
CA ILE A 25 2.27 3.44 0.20
C ILE A 25 3.51 2.68 0.69
N LEU A 26 4.33 2.20 -0.24
CA LEU A 26 5.56 1.49 0.11
C LEU A 26 6.40 2.33 1.07
N THR A 27 6.63 3.59 0.71
CA THR A 27 7.43 4.50 1.51
C THR A 27 6.78 4.77 2.87
N VAL A 28 5.48 5.09 2.86
CA VAL A 28 4.75 5.39 4.08
C VAL A 28 4.79 4.19 5.03
N THR A 29 4.67 2.99 4.47
CA THR A 29 4.72 1.77 5.25
C THR A 29 6.01 1.68 6.06
N GLU A 30 7.13 1.95 5.41
CA GLU A 30 8.43 1.87 6.02
C GLU A 30 8.55 2.87 7.17
N ASN A 31 7.76 3.94 7.10
CA ASN A 31 7.86 5.02 8.06
C ASN A 31 7.32 4.64 9.44
N ILE A 32 6.41 3.67 9.50
CA ILE A 32 5.87 3.24 10.79
C ILE A 32 6.98 2.63 11.65
N PHE A 33 7.89 1.93 11.00
CA PHE A 33 9.03 1.33 11.68
C PHE A 33 9.97 2.42 12.20
N SER A 34 9.96 3.56 11.51
CA SER A 34 10.73 4.71 11.94
C SER A 34 10.04 5.43 13.08
N SER A 35 8.71 5.28 13.14
CA SER A 35 7.90 5.92 14.18
C SER A 35 7.94 5.10 15.47
N MET A 36 8.59 3.95 15.43
CA MET A 36 8.75 3.10 16.60
C MET A 36 9.25 3.90 17.79
N GLY A 37 8.39 4.10 18.77
CA GLY A 37 8.74 4.90 19.92
C GLY A 37 7.74 6.01 20.16
N ASP A 38 7.06 6.43 19.10
CA ASP A 38 6.00 7.43 19.21
C ASP A 38 4.68 6.82 18.77
N ALA A 39 3.82 6.56 19.74
CA ALA A 39 2.56 5.87 19.48
C ALA A 39 1.66 6.68 18.56
N GLY A 40 1.49 7.95 18.87
CA GLY A 40 0.69 8.84 18.05
C GLY A 40 1.09 8.83 16.59
N GLU A 41 2.39 8.94 16.32
CA GLU A 41 2.89 9.00 14.95
C GLU A 41 2.71 7.65 14.25
N MET A 42 2.90 6.56 14.97
CA MET A 42 2.72 5.22 14.39
C MET A 42 1.29 5.07 13.86
N VAL A 43 0.33 5.53 14.64
CA VAL A 43 -1.07 5.49 14.23
C VAL A 43 -1.32 6.47 13.09
N ARG A 44 -0.66 7.62 13.15
CA ARG A 44 -0.74 8.63 12.10
C ARG A 44 -0.39 8.02 10.75
N GLN A 45 0.77 7.37 10.70
CA GLN A 45 1.26 6.77 9.46
C GLN A 45 0.33 5.67 8.98
N ALA A 46 -0.25 4.92 9.91
CA ALA A 46 -1.20 3.87 9.57
C ALA A 46 -2.45 4.45 8.91
N ARG A 47 -2.90 5.60 9.41
CA ARG A 47 -4.04 6.29 8.83
C ARG A 47 -3.74 6.70 7.40
N ILE A 48 -2.51 7.13 7.17
CA ILE A 48 -2.06 7.52 5.84
C ILE A 48 -2.11 6.32 4.89
N LEU A 49 -1.68 5.16 5.39
CA LEU A 49 -1.73 3.93 4.61
C LEU A 49 -3.16 3.61 4.21
N ALA A 50 -4.07 3.69 5.15
CA ALA A 50 -5.48 3.41 4.89
C ALA A 50 -6.05 4.39 3.86
N GLN A 51 -5.72 5.66 4.03
CA GLN A 51 -6.20 6.72 3.14
C GLN A 51 -5.65 6.55 1.73
N ALA A 52 -4.41 6.11 1.64
CA ALA A 52 -3.77 5.89 0.34
C ALA A 52 -4.25 4.60 -0.29
N THR A 53 -4.28 3.53 0.49
CA THR A 53 -4.69 2.23 0.00
C THR A 53 -6.13 2.26 -0.49
N SER A 54 -6.96 3.01 0.21
CA SER A 54 -8.38 3.07 -0.12
C SER A 54 -8.56 3.62 -1.51
N ASP A 55 -7.87 4.71 -1.77
CA ASP A 55 -7.91 5.37 -3.07
C ASP A 55 -7.26 4.50 -4.14
N LEU A 56 -6.23 3.77 -3.74
CA LEU A 56 -5.52 2.87 -4.66
C LEU A 56 -6.47 1.77 -5.15
N VAL A 57 -7.19 1.17 -4.21
CA VAL A 57 -8.13 0.10 -4.53
C VAL A 57 -9.16 0.56 -5.56
N ASN A 58 -9.56 1.83 -5.46
CA ASN A 58 -10.48 2.42 -6.43
C ASN A 58 -9.88 2.35 -7.83
N ALA A 59 -8.65 2.81 -7.95
CA ALA A 59 -7.95 2.84 -9.23
C ALA A 59 -7.74 1.43 -9.77
N ILE A 60 -7.34 0.53 -8.89
CA ILE A 60 -7.11 -0.86 -9.29
C ILE A 60 -8.37 -1.49 -9.83
N LYS A 61 -9.47 -1.39 -9.09
CA LYS A 61 -10.75 -1.94 -9.54
C LYS A 61 -11.19 -1.32 -10.85
N ALA A 62 -11.09 0.00 -10.93
CA ALA A 62 -11.52 0.74 -12.11
C ALA A 62 -10.67 0.38 -13.33
N ASP A 63 -9.38 0.18 -13.11
CA ASP A 63 -8.48 -0.15 -14.21
C ASP A 63 -8.62 -1.63 -14.56
N ALA A 64 -8.97 -2.44 -13.57
CA ALA A 64 -9.24 -3.86 -13.79
C ALA A 64 -10.49 -4.04 -14.62
N GLU A 65 -11.50 -3.21 -14.37
CA GLU A 65 -12.73 -3.26 -15.16
C GLU A 65 -12.49 -2.64 -16.53
N GLY A 66 -11.44 -1.84 -16.64
CA GLY A 66 -11.04 -1.32 -17.93
C GLY A 66 -10.38 -2.38 -18.77
N GLU A 67 -9.79 -3.36 -18.11
CA GLU A 67 -9.19 -4.50 -18.77
C GLU A 67 -10.29 -5.44 -19.28
N SER A 68 -10.03 -6.10 -20.40
CA SER A 68 -10.99 -7.01 -20.99
C SER A 68 -10.62 -8.46 -20.67
N ASP A 69 -9.35 -8.68 -20.33
CA ASP A 69 -8.88 -10.02 -20.01
C ASP A 69 -9.32 -10.39 -18.59
N LEU A 70 -10.19 -11.37 -18.48
CA LEU A 70 -10.77 -11.75 -17.20
C LEU A 70 -9.67 -12.20 -16.23
N GLU A 71 -8.71 -12.97 -16.72
CA GLU A 71 -7.63 -13.46 -15.89
C GLU A 71 -6.77 -12.32 -15.37
N ASN A 72 -6.43 -11.39 -16.24
CA ASN A 72 -5.67 -10.21 -15.85
C ASN A 72 -6.50 -9.33 -14.92
N SER A 73 -7.82 -9.35 -15.14
CA SER A 73 -8.74 -8.64 -14.27
C SER A 73 -8.67 -9.22 -12.86
N ARG A 74 -8.68 -10.55 -12.78
CA ARG A 74 -8.57 -11.24 -11.50
C ARG A 74 -7.25 -10.93 -10.82
N LYS A 75 -6.19 -10.82 -11.62
CA LYS A 75 -4.88 -10.44 -11.12
C LYS A 75 -4.95 -9.13 -10.35
N LEU A 76 -5.54 -8.13 -11.00
CA LEU A 76 -5.66 -6.80 -10.41
C LEU A 76 -6.65 -6.81 -9.23
N LEU A 77 -7.82 -7.41 -9.45
CA LEU A 77 -8.86 -7.45 -8.43
C LEU A 77 -8.37 -8.16 -7.16
N SER A 78 -7.77 -9.33 -7.34
CA SER A 78 -7.28 -10.10 -6.20
C SER A 78 -6.20 -9.33 -5.46
N ALA A 79 -5.35 -8.64 -6.22
CA ALA A 79 -4.29 -7.82 -5.64
C ALA A 79 -4.87 -6.73 -4.77
N ALA A 80 -5.92 -6.06 -5.27
CA ALA A 80 -6.60 -5.01 -4.53
C ALA A 80 -7.24 -5.57 -3.26
N LYS A 81 -7.73 -6.80 -3.34
CA LYS A 81 -8.37 -7.43 -2.21
C LYS A 81 -7.33 -7.83 -1.17
N ILE A 82 -6.22 -8.39 -1.62
CA ILE A 82 -5.12 -8.75 -0.74
C ILE A 82 -4.53 -7.50 -0.10
N LEU A 83 -4.34 -6.47 -0.92
CA LEU A 83 -3.80 -5.20 -0.45
C LEU A 83 -4.70 -4.58 0.61
N ALA A 84 -5.95 -4.34 0.27
CA ALA A 84 -6.88 -3.65 1.17
C ALA A 84 -6.97 -4.35 2.52
N ASP A 85 -6.82 -5.67 2.50
CA ASP A 85 -6.91 -6.46 3.71
C ASP A 85 -5.60 -6.47 4.46
N ALA A 86 -4.51 -6.40 3.72
CA ALA A 86 -3.20 -6.27 4.33
C ALA A 86 -3.13 -4.97 5.12
N THR A 87 -3.77 -3.93 4.58
CA THR A 87 -3.83 -2.64 5.23
C THR A 87 -4.61 -2.71 6.53
N ALA A 88 -5.78 -3.32 6.49
CA ALA A 88 -6.63 -3.46 7.67
C ALA A 88 -5.89 -4.15 8.81
N LYS A 89 -5.24 -5.27 8.50
CA LYS A 89 -4.47 -6.00 9.50
C LYS A 89 -3.27 -5.19 9.95
N MET A 90 -2.67 -4.45 9.01
CA MET A 90 -1.55 -3.57 9.30
C MET A 90 -1.97 -2.48 10.29
N VAL A 91 -3.06 -1.81 9.95
CA VAL A 91 -3.60 -0.73 10.77
C VAL A 91 -3.91 -1.20 12.19
N GLU A 92 -4.59 -2.34 12.29
CA GLU A 92 -4.92 -2.93 13.59
C GLU A 92 -3.65 -3.22 14.39
N ALA A 93 -2.62 -3.69 13.71
CA ALA A 93 -1.35 -3.99 14.35
C ALA A 93 -0.64 -2.71 14.78
N ALA A 94 -0.64 -1.73 13.89
CA ALA A 94 0.01 -0.44 14.17
C ALA A 94 -0.66 0.25 15.35
N LYS A 95 -1.99 0.30 15.33
CA LYS A 95 -2.75 0.89 16.44
C LYS A 95 -2.38 0.24 17.75
N GLY A 96 -2.33 -1.09 17.75
CA GLY A 96 -2.02 -1.83 18.96
C GLY A 96 -0.57 -1.67 19.39
N ALA A 97 0.35 -1.78 18.44
CA ALA A 97 1.78 -1.69 18.75
C ALA A 97 2.15 -0.30 19.21
N ALA A 98 1.40 0.68 18.75
CA ALA A 98 1.63 2.06 19.11
C ALA A 98 0.98 2.39 20.43
N ALA A 99 -0.35 2.37 20.46
CA ALA A 99 -1.10 2.80 21.63
C ALA A 99 -0.79 1.91 22.84
N HIS A 100 -0.50 0.65 22.57
CA HIS A 100 0.02 -0.25 23.60
C HIS A 100 1.51 -0.49 23.35
N PRO A 101 2.37 0.43 23.80
CA PRO A 101 3.80 0.41 23.49
C PRO A 101 4.51 -0.76 24.18
N ASP A 102 3.99 -1.14 25.34
CA ASP A 102 4.60 -2.20 26.15
C ASP A 102 4.32 -3.58 25.56
N SER A 103 3.26 -3.68 24.77
CA SER A 103 2.83 -4.95 24.21
C SER A 103 3.85 -5.50 23.22
N GLU A 104 4.48 -6.60 23.60
CA GLU A 104 5.50 -7.24 22.78
C GLU A 104 4.87 -7.93 21.57
N GLU A 105 3.73 -8.58 21.78
CA GLU A 105 3.08 -9.32 20.72
C GLU A 105 2.59 -8.39 19.62
N GLN A 106 2.18 -7.19 20.01
CA GLN A 106 1.73 -6.19 19.05
C GLN A 106 2.86 -5.77 18.13
N GLN A 107 4.09 -5.77 18.67
CA GLN A 107 5.26 -5.38 17.90
C GLN A 107 5.54 -6.43 16.83
N GLN A 108 5.42 -7.69 17.23
CA GLN A 108 5.58 -8.81 16.31
C GLN A 108 4.50 -8.77 15.24
N ARG A 109 3.25 -8.61 15.67
CA ARG A 109 2.12 -8.55 14.74
C ARG A 109 2.30 -7.43 13.72
N LEU A 110 2.74 -6.27 14.20
CA LEU A 110 2.93 -5.12 13.33
C LEU A 110 3.98 -5.38 12.27
N ARG A 111 5.12 -5.95 12.68
CA ARG A 111 6.19 -6.23 11.74
C ARG A 111 5.70 -7.11 10.60
N GLU A 112 5.01 -8.19 10.93
CA GLU A 112 4.52 -9.12 9.92
C GLU A 112 3.39 -8.49 9.11
N ALA A 113 2.50 -7.76 9.77
CA ALA A 113 1.37 -7.13 9.11
C ALA A 113 1.84 -6.02 8.16
N ALA A 114 2.77 -5.20 8.62
CA ALA A 114 3.27 -4.09 7.84
C ALA A 114 4.09 -4.59 6.64
N GLU A 115 4.90 -5.62 6.86
CA GLU A 115 5.67 -6.22 5.77
C GLU A 115 4.73 -6.94 4.81
N GLY A 116 3.64 -7.47 5.35
CA GLY A 116 2.61 -8.06 4.50
C GLY A 116 1.92 -7.02 3.65
N LEU A 117 1.61 -5.88 4.27
CA LEU A 117 1.03 -4.75 3.56
C LEU A 117 2.03 -4.23 2.50
N ARG A 118 3.29 -4.13 2.91
CA ARG A 118 4.36 -3.72 2.01
C ARG A 118 4.43 -4.67 0.82
N MET A 119 4.39 -5.97 1.12
CA MET A 119 4.40 -7.01 0.10
C MET A 119 3.17 -6.91 -0.81
N ALA A 120 2.00 -6.74 -0.21
CA ALA A 120 0.75 -6.67 -0.96
C ALA A 120 0.74 -5.46 -1.89
N THR A 121 1.15 -4.32 -1.38
CA THR A 121 1.22 -3.10 -2.17
C THR A 121 2.26 -3.24 -3.27
N ASN A 122 3.42 -3.78 -2.90
CA ASN A 122 4.50 -4.04 -3.83
C ASN A 122 4.03 -4.95 -4.96
N ALA A 123 3.20 -5.93 -4.59
CA ALA A 123 2.64 -6.87 -5.55
C ALA A 123 1.72 -6.16 -6.54
N ALA A 124 0.86 -5.30 -6.02
CA ALA A 124 -0.02 -4.49 -6.87
C ALA A 124 0.80 -3.60 -7.79
N ALA A 125 1.96 -3.17 -7.30
CA ALA A 125 2.89 -2.36 -8.08
C ALA A 125 3.45 -3.17 -9.24
N GLN A 126 3.64 -4.47 -9.03
CA GLN A 126 4.13 -5.37 -10.07
C GLN A 126 3.00 -5.71 -11.04
N ASN A 127 1.82 -5.97 -10.50
CA ASN A 127 0.67 -6.36 -11.31
C ASN A 127 0.21 -5.22 -12.21
N ALA A 128 0.58 -4.00 -11.83
CA ALA A 128 0.35 -2.83 -12.66
C ALA A 128 0.98 -3.06 -14.03
N ILE A 129 0.14 -3.11 -15.06
CA ILE A 129 0.55 -3.54 -16.40
C ILE A 129 1.76 -2.76 -16.91
N LYS A 130 2.90 -3.44 -16.90
CA LYS A 130 4.13 -2.92 -17.48
C LYS A 130 4.85 -4.02 -18.23
N LYS A 131 4.96 -3.88 -19.54
CA LYS A 131 5.64 -4.86 -20.37
C LYS A 131 6.16 -4.22 -21.65
N GLY A 1 -6.01 33.67 -4.15
CA GLY A 1 -4.58 33.97 -4.33
C GLY A 1 -3.69 32.86 -3.83
N ILE A 2 -2.71 32.46 -4.64
CA ILE A 2 -1.83 31.33 -4.32
C ILE A 2 -2.68 30.09 -4.04
N ASP A 3 -3.31 29.60 -5.09
CA ASP A 3 -4.26 28.50 -4.96
C ASP A 3 -3.73 27.24 -5.64
N PRO A 4 -3.92 26.07 -5.02
CA PRO A 4 -3.55 24.79 -5.60
C PRO A 4 -4.57 24.34 -6.64
N PHE A 5 -4.09 23.68 -7.68
CA PHE A 5 -4.94 23.27 -8.78
C PHE A 5 -4.48 21.92 -9.30
N THR A 6 -5.34 21.25 -10.06
CA THR A 6 -5.02 19.96 -10.66
C THR A 6 -4.06 20.13 -11.84
N ALA A 7 -3.19 21.14 -11.75
CA ALA A 7 -2.22 21.43 -12.78
C ALA A 7 -1.12 20.38 -12.80
N HIS A 8 -1.21 19.44 -13.73
CA HIS A 8 -0.23 18.38 -13.83
C HIS A 8 0.93 18.82 -14.70
N ALA A 9 2.08 19.01 -14.07
CA ALA A 9 3.28 19.44 -14.78
C ALA A 9 3.82 18.30 -15.65
N THR A 10 4.20 18.64 -16.87
CA THR A 10 4.71 17.64 -17.80
C THR A 10 6.12 17.22 -17.42
N GLY A 11 6.29 15.94 -17.16
CA GLY A 11 7.58 15.41 -16.78
C GLY A 11 7.44 14.23 -15.85
N ALA A 12 6.49 14.33 -14.93
CA ALA A 12 6.21 13.25 -14.00
C ALA A 12 4.82 12.68 -14.26
N GLY A 13 4.77 11.64 -15.08
CA GLY A 13 3.51 10.98 -15.37
C GLY A 13 3.36 9.70 -14.59
N PRO A 14 2.13 9.18 -14.45
CA PRO A 14 1.88 7.93 -13.72
C PRO A 14 2.55 6.74 -14.40
N ALA A 15 3.66 6.30 -13.84
CA ALA A 15 4.39 5.18 -14.37
C ALA A 15 3.64 3.88 -14.14
N GLY A 16 3.87 2.90 -15.02
CA GLY A 16 3.19 1.62 -14.90
C GLY A 16 1.68 1.76 -14.98
N ARG A 17 1.04 1.75 -13.83
CA ARG A 17 -0.39 1.98 -13.73
C ARG A 17 -0.72 2.64 -12.40
N TYR A 18 -0.09 2.16 -11.34
CA TYR A 18 -0.42 2.60 -9.99
C TYR A 18 0.84 3.01 -9.25
N ASP A 19 1.85 3.46 -9.99
CA ASP A 19 3.15 3.79 -9.41
C ASP A 19 3.07 4.99 -8.48
N GLN A 20 2.19 5.92 -8.80
CA GLN A 20 1.98 7.10 -7.99
C GLN A 20 1.40 6.72 -6.63
N ALA A 21 0.34 5.93 -6.66
CA ALA A 21 -0.34 5.50 -5.44
C ALA A 21 0.53 4.57 -4.61
N THR A 22 1.18 3.62 -5.27
CA THR A 22 2.02 2.66 -4.59
C THR A 22 3.19 3.36 -3.90
N ASP A 23 3.80 4.32 -4.58
CA ASP A 23 4.91 5.09 -4.01
C ASP A 23 4.53 5.65 -2.65
N THR A 24 3.31 6.15 -2.53
CA THR A 24 2.83 6.67 -1.26
C THR A 24 2.88 5.60 -0.18
N ILE A 25 2.32 4.43 -0.48
CA ILE A 25 2.26 3.34 0.48
C ILE A 25 3.65 2.80 0.82
N LEU A 26 4.44 2.47 -0.20
CA LEU A 26 5.79 1.93 0.01
C LEU A 26 6.60 2.83 0.95
N THR A 27 6.48 4.13 0.76
CA THR A 27 7.20 5.10 1.58
C THR A 27 6.66 5.16 3.00
N VAL A 28 5.35 5.37 3.13
CA VAL A 28 4.73 5.55 4.44
C VAL A 28 4.87 4.31 5.30
N THR A 29 4.77 3.14 4.68
CA THR A 29 4.83 1.86 5.40
C THR A 29 6.10 1.74 6.25
N GLU A 30 7.25 1.93 5.63
CA GLU A 30 8.52 1.78 6.31
C GLU A 30 8.65 2.80 7.45
N ASN A 31 7.94 3.91 7.31
CA ASN A 31 8.00 4.98 8.30
C ASN A 31 7.40 4.54 9.63
N ILE A 32 6.55 3.52 9.62
CA ILE A 32 5.98 2.98 10.85
C ILE A 32 7.10 2.33 11.69
N PHE A 33 8.08 1.76 11.00
CA PHE A 33 9.21 1.14 11.67
C PHE A 33 10.17 2.18 12.22
N SER A 34 10.19 3.35 11.58
CA SER A 34 10.98 4.47 12.06
C SER A 34 10.31 5.14 13.25
N SER A 35 8.99 5.22 13.21
CA SER A 35 8.21 5.83 14.28
C SER A 35 7.97 4.86 15.43
N MET A 36 8.40 3.60 15.23
CA MET A 36 8.20 2.56 16.23
C MET A 36 8.69 3.00 17.59
N GLY A 37 7.75 3.26 18.48
CA GLY A 37 8.09 3.77 19.80
C GLY A 37 7.21 4.94 20.16
N ASP A 38 6.78 5.69 19.16
CA ASP A 38 5.87 6.82 19.36
C ASP A 38 4.44 6.39 19.05
N ALA A 39 3.60 6.36 20.07
CA ALA A 39 2.26 5.83 19.94
C ALA A 39 1.41 6.66 18.98
N GLY A 40 1.37 7.97 19.21
CA GLY A 40 0.56 8.85 18.40
C GLY A 40 0.92 8.83 16.93
N GLU A 41 2.21 8.87 16.63
CA GLU A 41 2.68 8.99 15.26
C GLU A 41 2.49 7.68 14.50
N MET A 42 2.72 6.54 15.15
CA MET A 42 2.56 5.24 14.50
C MET A 42 1.14 5.04 14.00
N VAL A 43 0.16 5.40 14.84
CA VAL A 43 -1.23 5.31 14.46
C VAL A 43 -1.54 6.29 13.33
N ARG A 44 -0.94 7.47 13.40
CA ARG A 44 -1.07 8.47 12.36
C ARG A 44 -0.59 7.94 11.02
N GLN A 45 0.58 7.29 11.04
CA GLN A 45 1.15 6.71 9.83
C GLN A 45 0.21 5.65 9.23
N ALA A 46 -0.43 4.87 10.10
CA ALA A 46 -1.38 3.86 9.66
C ALA A 46 -2.57 4.49 8.95
N ARG A 47 -2.99 5.65 9.44
CA ARG A 47 -4.10 6.40 8.83
C ARG A 47 -3.76 6.79 7.40
N ILE A 48 -2.51 7.18 7.19
CA ILE A 48 -2.03 7.57 5.87
C ILE A 48 -2.07 6.37 4.92
N LEU A 49 -1.63 5.22 5.42
CA LEU A 49 -1.66 3.98 4.64
C LEU A 49 -3.08 3.61 4.25
N ALA A 50 -4.01 3.78 5.18
CA ALA A 50 -5.41 3.48 4.93
C ALA A 50 -5.92 4.28 3.75
N GLN A 51 -5.69 5.59 3.77
CA GLN A 51 -6.11 6.47 2.70
C GLN A 51 -5.43 6.10 1.38
N ALA A 52 -4.11 5.94 1.43
CA ALA A 52 -3.33 5.61 0.26
C ALA A 52 -3.78 4.28 -0.35
N THR A 53 -4.04 3.30 0.49
CA THR A 53 -4.50 2.01 0.04
C THR A 53 -5.87 2.14 -0.64
N SER A 54 -6.70 3.01 -0.10
CA SER A 54 -8.04 3.21 -0.64
C SER A 54 -7.95 3.71 -2.09
N ASP A 55 -7.12 4.73 -2.28
CA ASP A 55 -6.89 5.29 -3.61
C ASP A 55 -6.30 4.24 -4.55
N LEU A 56 -5.35 3.47 -4.04
CA LEU A 56 -4.69 2.43 -4.83
C LEU A 56 -5.70 1.36 -5.25
N VAL A 57 -6.42 0.81 -4.29
CA VAL A 57 -7.39 -0.26 -4.55
C VAL A 57 -8.43 0.18 -5.59
N ASN A 58 -8.94 1.40 -5.42
CA ASN A 58 -9.93 1.94 -6.35
C ASN A 58 -9.32 2.12 -7.74
N ALA A 59 -8.06 2.52 -7.78
CA ALA A 59 -7.35 2.69 -9.04
C ALA A 59 -7.15 1.36 -9.74
N ILE A 60 -6.82 0.33 -8.97
CA ILE A 60 -6.66 -1.02 -9.51
C ILE A 60 -7.97 -1.54 -10.06
N LYS A 61 -9.03 -1.43 -9.26
CA LYS A 61 -10.36 -1.86 -9.68
C LYS A 61 -10.77 -1.19 -10.98
N ALA A 62 -10.50 0.11 -11.06
CA ALA A 62 -10.86 0.88 -12.25
C ALA A 62 -10.10 0.40 -13.47
N ASP A 63 -8.81 0.08 -13.29
CA ASP A 63 -7.98 -0.33 -14.41
C ASP A 63 -8.26 -1.79 -14.78
N ALA A 64 -8.71 -2.58 -13.81
CA ALA A 64 -9.11 -3.95 -14.05
C ALA A 64 -10.35 -4.00 -14.95
N GLU A 65 -11.10 -2.91 -14.93
CA GLU A 65 -12.28 -2.77 -15.78
C GLU A 65 -11.87 -2.59 -17.24
N GLY A 66 -10.64 -2.15 -17.46
CA GLY A 66 -10.16 -1.93 -18.82
C GLY A 66 -9.71 -3.22 -19.48
N GLU A 67 -9.66 -4.28 -18.69
CA GLU A 67 -9.25 -5.58 -19.20
C GLU A 67 -10.49 -6.41 -19.54
N SER A 68 -10.50 -7.00 -20.74
CA SER A 68 -11.60 -7.85 -21.16
C SER A 68 -11.32 -9.30 -20.79
N ASP A 69 -10.09 -9.58 -20.38
CA ASP A 69 -9.70 -10.92 -19.95
C ASP A 69 -10.15 -11.15 -18.52
N LEU A 70 -11.12 -12.03 -18.34
CA LEU A 70 -11.75 -12.24 -17.03
C LEU A 70 -10.73 -12.70 -15.99
N GLU A 71 -9.84 -13.61 -16.39
CA GLU A 71 -8.88 -14.17 -15.49
C GLU A 71 -7.88 -13.10 -15.05
N ASN A 72 -7.49 -12.24 -15.99
CA ASN A 72 -6.60 -11.12 -15.68
C ASN A 72 -7.34 -10.07 -14.87
N SER A 73 -8.63 -9.91 -15.16
CA SER A 73 -9.46 -8.96 -14.42
C SER A 73 -9.50 -9.33 -12.95
N ARG A 74 -9.84 -10.59 -12.68
CA ARG A 74 -9.93 -11.07 -11.31
C ARG A 74 -8.55 -11.10 -10.66
N LYS A 75 -7.50 -11.23 -11.47
CA LYS A 75 -6.14 -11.17 -10.97
C LYS A 75 -5.85 -9.80 -10.36
N LEU A 76 -6.14 -8.76 -11.13
CA LEU A 76 -5.99 -7.39 -10.65
C LEU A 76 -6.89 -7.15 -9.44
N LEU A 77 -8.12 -7.63 -9.54
CA LEU A 77 -9.08 -7.49 -8.44
C LEU A 77 -8.59 -8.21 -7.18
N SER A 78 -7.94 -9.34 -7.38
CA SER A 78 -7.38 -10.10 -6.26
C SER A 78 -6.26 -9.30 -5.59
N ALA A 79 -5.40 -8.69 -6.39
CA ALA A 79 -4.30 -7.88 -5.88
C ALA A 79 -4.84 -6.74 -5.03
N ALA A 80 -5.91 -6.11 -5.51
CA ALA A 80 -6.55 -5.02 -4.77
C ALA A 80 -7.17 -5.53 -3.46
N LYS A 81 -7.80 -6.69 -3.53
CA LYS A 81 -8.46 -7.27 -2.37
C LYS A 81 -7.43 -7.69 -1.32
N ILE A 82 -6.34 -8.28 -1.77
CA ILE A 82 -5.24 -8.67 -0.89
C ILE A 82 -4.66 -7.43 -0.21
N LEU A 83 -4.43 -6.40 -1.00
CA LEU A 83 -3.87 -5.15 -0.51
C LEU A 83 -4.76 -4.52 0.56
N ALA A 84 -6.00 -4.25 0.21
CA ALA A 84 -6.93 -3.57 1.11
C ALA A 84 -7.07 -4.31 2.44
N ASP A 85 -6.83 -5.61 2.39
CA ASP A 85 -6.95 -6.44 3.58
C ASP A 85 -5.67 -6.43 4.39
N ALA A 86 -4.54 -6.37 3.70
CA ALA A 86 -3.27 -6.28 4.38
C ALA A 86 -3.20 -4.97 5.16
N THR A 87 -3.87 -3.95 4.64
CA THR A 87 -3.94 -2.67 5.29
C THR A 87 -4.77 -2.74 6.57
N ALA A 88 -5.88 -3.47 6.52
CA ALA A 88 -6.72 -3.66 7.68
C ALA A 88 -5.92 -4.27 8.84
N LYS A 89 -5.22 -5.36 8.55
CA LYS A 89 -4.34 -5.99 9.51
C LYS A 89 -3.27 -5.00 9.97
N MET A 90 -2.67 -4.32 9.01
CA MET A 90 -1.64 -3.31 9.28
C MET A 90 -2.14 -2.25 10.26
N VAL A 91 -3.25 -1.64 9.91
CA VAL A 91 -3.84 -0.58 10.72
C VAL A 91 -4.15 -1.07 12.14
N GLU A 92 -4.82 -2.22 12.25
CA GLU A 92 -5.18 -2.78 13.54
C GLU A 92 -3.94 -3.03 14.40
N ALA A 93 -2.92 -3.65 13.80
CA ALA A 93 -1.70 -3.98 14.52
C ALA A 93 -0.95 -2.71 14.92
N ALA A 94 -0.87 -1.76 14.00
CA ALA A 94 -0.19 -0.49 14.26
C ALA A 94 -0.81 0.24 15.45
N LYS A 95 -2.14 0.31 15.47
CA LYS A 95 -2.85 0.99 16.55
C LYS A 95 -2.54 0.35 17.90
N GLY A 96 -2.43 -0.97 17.91
CA GLY A 96 -2.16 -1.67 19.14
C GLY A 96 -0.71 -1.56 19.59
N ALA A 97 0.21 -1.72 18.63
CA ALA A 97 1.64 -1.70 18.93
C ALA A 97 2.08 -0.30 19.34
N ALA A 98 1.42 0.69 18.78
CA ALA A 98 1.74 2.09 19.07
C ALA A 98 1.30 2.47 20.47
N ALA A 99 -0.01 2.45 20.70
CA ALA A 99 -0.59 2.91 21.96
C ALA A 99 0.01 2.20 23.16
N HIS A 100 0.22 0.90 23.02
CA HIS A 100 0.97 0.14 24.02
C HIS A 100 2.34 -0.19 23.47
N PRO A 101 3.32 0.70 23.68
CA PRO A 101 4.64 0.59 23.05
C PRO A 101 5.35 -0.73 23.36
N ASP A 102 5.30 -1.13 24.62
CA ASP A 102 6.05 -2.30 25.09
C ASP A 102 5.42 -3.62 24.68
N SER A 103 4.26 -3.59 24.03
CA SER A 103 3.58 -4.82 23.64
C SER A 103 4.34 -5.51 22.50
N GLU A 104 5.25 -6.42 22.87
CA GLU A 104 6.11 -7.09 21.92
C GLU A 104 5.32 -7.98 20.97
N GLU A 105 4.17 -8.48 21.43
CA GLU A 105 3.31 -9.28 20.57
C GLU A 105 2.76 -8.41 19.46
N GLN A 106 2.26 -7.23 19.82
CA GLN A 106 1.71 -6.32 18.85
C GLN A 106 2.79 -5.79 17.92
N GLN A 107 4.00 -5.61 18.47
CA GLN A 107 5.15 -5.21 17.67
C GLN A 107 5.44 -6.26 16.60
N GLN A 108 5.43 -7.52 17.01
CA GLN A 108 5.70 -8.62 16.08
C GLN A 108 4.55 -8.78 15.09
N ARG A 109 3.33 -8.61 15.57
CA ARG A 109 2.16 -8.64 14.70
C ARG A 109 2.25 -7.53 13.66
N LEU A 110 2.72 -6.37 14.10
CA LEU A 110 2.93 -5.24 13.20
C LEU A 110 4.01 -5.57 12.18
N ARG A 111 5.06 -6.25 12.62
CA ARG A 111 6.15 -6.65 11.74
C ARG A 111 5.66 -7.66 10.69
N GLU A 112 4.61 -8.39 11.01
CA GLU A 112 3.98 -9.27 10.03
C GLU A 112 3.04 -8.46 9.13
N ALA A 113 2.21 -7.63 9.74
CA ALA A 113 1.19 -6.88 9.03
C ALA A 113 1.80 -5.83 8.09
N ALA A 114 2.69 -5.00 8.62
CA ALA A 114 3.28 -3.92 7.84
C ALA A 114 4.06 -4.45 6.66
N GLU A 115 4.83 -5.51 6.90
CA GLU A 115 5.63 -6.12 5.85
C GLU A 115 4.74 -6.83 4.84
N GLY A 116 3.66 -7.43 5.32
CA GLY A 116 2.67 -8.02 4.44
C GLY A 116 1.99 -6.97 3.59
N LEU A 117 1.66 -5.85 4.21
CA LEU A 117 1.07 -4.71 3.52
C LEU A 117 2.06 -4.17 2.48
N ARG A 118 3.32 -4.02 2.90
CA ARG A 118 4.37 -3.55 2.00
C ARG A 118 4.54 -4.52 0.83
N MET A 119 4.62 -5.80 1.14
CA MET A 119 4.77 -6.84 0.11
C MET A 119 3.59 -6.82 -0.85
N ALA A 120 2.37 -6.81 -0.30
CA ALA A 120 1.16 -6.79 -1.11
C ALA A 120 1.13 -5.57 -2.02
N THR A 121 1.45 -4.41 -1.47
CA THR A 121 1.47 -3.17 -2.23
C THR A 121 2.52 -3.22 -3.33
N ASN A 122 3.73 -3.62 -2.97
CA ASN A 122 4.83 -3.71 -3.93
C ASN A 122 4.47 -4.68 -5.05
N ALA A 123 3.84 -5.79 -4.67
CA ALA A 123 3.41 -6.80 -5.64
C ALA A 123 2.38 -6.22 -6.60
N ALA A 124 1.37 -5.55 -6.06
CA ALA A 124 0.33 -4.93 -6.88
C ALA A 124 0.91 -3.84 -7.77
N ALA A 125 1.94 -3.16 -7.25
CA ALA A 125 2.65 -2.13 -7.99
C ALA A 125 3.21 -2.68 -9.30
N GLN A 126 3.96 -3.77 -9.20
CA GLN A 126 4.58 -4.40 -10.36
C GLN A 126 3.59 -5.25 -11.14
N ASN A 127 2.53 -5.69 -10.47
CA ASN A 127 1.51 -6.54 -11.08
C ASN A 127 0.71 -5.76 -12.12
N ALA A 128 0.83 -4.43 -12.05
CA ALA A 128 0.13 -3.53 -12.96
C ALA A 128 0.32 -3.92 -14.41
N ILE A 129 -0.79 -4.18 -15.09
CA ILE A 129 -0.77 -4.56 -16.49
C ILE A 129 -0.39 -3.36 -17.35
N LYS A 130 0.74 -3.48 -18.04
CA LYS A 130 1.26 -2.40 -18.85
C LYS A 130 0.57 -2.36 -20.21
N LYS A 131 -0.32 -1.40 -20.38
CA LYS A 131 -1.06 -1.27 -21.63
C LYS A 131 -0.86 0.13 -22.21
N GLY A 1 -18.48 -12.73 -6.79
CA GLY A 1 -18.89 -11.50 -7.50
C GLY A 1 -18.50 -10.24 -6.75
N ILE A 2 -18.65 -9.10 -7.38
CA ILE A 2 -18.28 -7.83 -6.76
C ILE A 2 -19.52 -6.93 -6.63
N ASP A 3 -19.32 -5.75 -6.04
CA ASP A 3 -20.40 -4.79 -5.92
C ASP A 3 -20.14 -3.58 -6.80
N PRO A 4 -20.77 -3.52 -7.98
CA PRO A 4 -20.67 -2.39 -8.88
C PRO A 4 -21.78 -1.37 -8.65
N PHE A 5 -22.50 -1.54 -7.55
CA PHE A 5 -23.59 -0.65 -7.19
C PHE A 5 -23.00 0.62 -6.58
N THR A 6 -22.05 0.45 -5.69
CA THR A 6 -21.32 1.57 -5.14
C THR A 6 -19.86 1.47 -5.57
N ALA A 7 -19.62 1.77 -6.85
CA ALA A 7 -18.29 1.67 -7.43
C ALA A 7 -18.29 2.21 -8.85
N HIS A 8 -17.88 3.45 -9.00
CA HIS A 8 -17.79 4.06 -10.32
C HIS A 8 -16.48 4.84 -10.45
N ALA A 9 -15.57 4.31 -11.24
CA ALA A 9 -14.28 4.93 -11.48
C ALA A 9 -13.83 4.62 -12.90
N THR A 10 -12.65 5.08 -13.26
CA THR A 10 -12.11 4.79 -14.57
C THR A 10 -10.59 4.64 -14.50
N GLY A 11 -10.11 3.47 -14.89
CA GLY A 11 -8.70 3.20 -14.88
C GLY A 11 -8.27 2.45 -16.12
N ALA A 12 -7.31 1.55 -15.97
CA ALA A 12 -6.84 0.71 -17.07
C ALA A 12 -6.15 1.52 -18.18
N GLY A 13 -4.85 1.33 -18.34
CA GLY A 13 -4.13 2.04 -19.37
C GLY A 13 -2.68 2.27 -19.00
N PRO A 14 -2.26 3.53 -18.95
CA PRO A 14 -0.90 3.88 -18.55
C PRO A 14 -0.72 3.83 -17.03
N ALA A 15 -0.04 2.81 -16.54
CA ALA A 15 0.24 2.70 -15.13
C ALA A 15 1.16 3.81 -14.67
N GLY A 16 0.77 4.44 -13.59
CA GLY A 16 1.51 5.55 -13.03
C GLY A 16 0.82 6.04 -11.79
N ARG A 17 -0.51 6.00 -11.82
CA ARG A 17 -1.34 6.25 -10.65
C ARG A 17 -0.94 5.28 -9.55
N TYR A 18 -0.72 4.04 -9.98
CA TYR A 18 -0.38 2.95 -9.09
C TYR A 18 1.03 3.13 -8.58
N ASP A 19 1.92 3.56 -9.47
CA ASP A 19 3.33 3.70 -9.14
C ASP A 19 3.53 4.82 -8.12
N GLN A 20 2.80 5.92 -8.32
CA GLN A 20 2.88 7.06 -7.40
C GLN A 20 2.29 6.71 -6.05
N ALA A 21 1.12 6.09 -6.05
CA ALA A 21 0.43 5.73 -4.82
C ALA A 21 1.21 4.68 -4.02
N THR A 22 1.70 3.66 -4.71
CA THR A 22 2.42 2.58 -4.05
C THR A 22 3.76 3.06 -3.53
N ASP A 23 4.42 3.93 -4.28
CA ASP A 23 5.68 4.52 -3.83
C ASP A 23 5.50 5.19 -2.48
N THR A 24 4.41 5.95 -2.36
CA THR A 24 4.05 6.58 -1.10
C THR A 24 3.81 5.53 -0.02
N ILE A 25 2.90 4.59 -0.30
CA ILE A 25 2.57 3.53 0.67
C ILE A 25 3.81 2.75 1.09
N LEU A 26 4.58 2.28 0.11
CA LEU A 26 5.81 1.52 0.36
C LEU A 26 6.73 2.28 1.32
N THR A 27 6.95 3.55 1.04
CA THR A 27 7.84 4.37 1.83
C THR A 27 7.26 4.67 3.21
N VAL A 28 5.98 4.99 3.26
CA VAL A 28 5.33 5.28 4.54
C VAL A 28 5.29 4.03 5.41
N THR A 29 5.10 2.87 4.79
CA THR A 29 5.05 1.60 5.51
C THR A 29 6.31 1.37 6.34
N GLU A 30 7.48 1.44 5.69
CA GLU A 30 8.74 1.25 6.39
C GLU A 30 8.92 2.33 7.45
N ASN A 31 8.28 3.46 7.23
CA ASN A 31 8.35 4.58 8.15
C ASN A 31 7.58 4.30 9.43
N ILE A 32 6.64 3.36 9.40
CA ILE A 32 5.98 2.90 10.63
C ILE A 32 7.05 2.36 11.59
N PHE A 33 7.98 1.60 11.03
CA PHE A 33 9.06 1.01 11.80
C PHE A 33 9.99 2.09 12.33
N SER A 34 10.16 3.15 11.54
CA SER A 34 11.01 4.27 11.94
C SER A 34 10.32 5.12 13.01
N SER A 35 8.99 5.15 12.97
CA SER A 35 8.21 5.95 13.91
C SER A 35 8.00 5.24 15.24
N MET A 36 8.47 3.99 15.33
CA MET A 36 8.28 3.17 16.52
C MET A 36 8.88 3.84 17.75
N GLY A 37 8.01 4.40 18.57
CA GLY A 37 8.43 5.13 19.75
C GLY A 37 7.35 6.08 20.19
N ASP A 38 6.80 6.83 19.24
CA ASP A 38 5.65 7.67 19.50
C ASP A 38 4.40 6.95 19.04
N ALA A 39 3.51 6.66 19.97
CA ALA A 39 2.33 5.86 19.68
C ALA A 39 1.41 6.56 18.70
N GLY A 40 1.02 7.79 19.02
CA GLY A 40 0.17 8.57 18.12
C GLY A 40 0.75 8.71 16.73
N GLU A 41 2.06 8.90 16.64
CA GLU A 41 2.75 9.09 15.37
C GLU A 41 2.73 7.80 14.54
N MET A 42 2.81 6.67 15.21
CA MET A 42 2.75 5.38 14.53
C MET A 42 1.37 5.17 13.92
N VAL A 43 0.34 5.56 14.66
CA VAL A 43 -1.04 5.45 14.19
C VAL A 43 -1.26 6.43 13.04
N ARG A 44 -0.59 7.58 13.11
CA ARG A 44 -0.63 8.58 12.03
C ARG A 44 -0.26 7.93 10.71
N GLN A 45 0.83 7.18 10.72
CA GLN A 45 1.33 6.51 9.53
C GLN A 45 0.31 5.54 8.95
N ALA A 46 -0.35 4.79 9.83
CA ALA A 46 -1.37 3.84 9.42
C ALA A 46 -2.54 4.54 8.74
N ARG A 47 -2.89 5.72 9.25
CA ARG A 47 -3.95 6.53 8.68
C ARG A 47 -3.59 6.96 7.25
N ILE A 48 -2.31 7.29 7.06
CA ILE A 48 -1.82 7.68 5.75
C ILE A 48 -1.95 6.52 4.77
N LEU A 49 -1.53 5.34 5.22
CA LEU A 49 -1.59 4.13 4.40
C LEU A 49 -3.03 3.80 4.03
N ALA A 50 -3.93 3.91 5.01
CA ALA A 50 -5.35 3.63 4.77
C ALA A 50 -5.90 4.54 3.68
N GLN A 51 -5.52 5.82 3.75
CA GLN A 51 -5.97 6.80 2.77
C GLN A 51 -5.38 6.50 1.39
N ALA A 52 -4.08 6.29 1.34
CA ALA A 52 -3.38 6.03 0.09
C ALA A 52 -3.85 4.73 -0.56
N THR A 53 -4.01 3.70 0.26
CA THR A 53 -4.45 2.40 -0.24
C THR A 53 -5.84 2.49 -0.84
N SER A 54 -6.66 3.38 -0.29
CA SER A 54 -8.04 3.54 -0.75
C SER A 54 -8.08 3.97 -2.22
N ASP A 55 -7.15 4.82 -2.62
CA ASP A 55 -7.08 5.28 -4.00
C ASP A 55 -6.76 4.11 -4.94
N LEU A 56 -5.86 3.25 -4.48
CA LEU A 56 -5.48 2.07 -5.25
C LEU A 56 -6.65 1.11 -5.39
N VAL A 57 -7.36 0.87 -4.29
CA VAL A 57 -8.50 -0.05 -4.32
C VAL A 57 -9.51 0.39 -5.38
N ASN A 58 -9.74 1.68 -5.48
CA ASN A 58 -10.66 2.21 -6.50
C ASN A 58 -10.07 2.06 -7.89
N ALA A 59 -8.79 2.41 -8.04
CA ALA A 59 -8.11 2.36 -9.33
C ALA A 59 -8.01 0.93 -9.84
N ILE A 60 -7.49 0.05 -8.99
CA ILE A 60 -7.31 -1.36 -9.35
C ILE A 60 -8.63 -2.01 -9.76
N LYS A 61 -9.70 -1.71 -9.03
CA LYS A 61 -11.02 -2.23 -9.37
C LYS A 61 -11.45 -1.76 -10.75
N ALA A 62 -11.18 -0.50 -11.04
CA ALA A 62 -11.55 0.09 -12.32
C ALA A 62 -10.70 -0.46 -13.46
N ASP A 63 -9.43 -0.74 -13.16
CA ASP A 63 -8.52 -1.32 -14.14
C ASP A 63 -9.03 -2.70 -14.54
N ALA A 64 -9.51 -3.45 -13.54
CA ALA A 64 -10.04 -4.78 -13.75
C ALA A 64 -11.29 -4.77 -14.63
N GLU A 65 -11.95 -3.62 -14.68
CA GLU A 65 -13.14 -3.45 -15.49
C GLU A 65 -12.77 -3.18 -16.95
N GLY A 66 -11.58 -2.63 -17.17
CA GLY A 66 -11.21 -2.20 -18.51
C GLY A 66 -9.95 -2.86 -19.02
N GLU A 67 -9.64 -4.05 -18.51
CA GLU A 67 -8.47 -4.79 -18.97
C GLU A 67 -8.69 -5.37 -20.36
N SER A 68 -7.67 -6.06 -20.85
CA SER A 68 -7.76 -6.76 -22.12
C SER A 68 -7.27 -8.20 -21.91
N ASP A 69 -7.34 -8.65 -20.67
CA ASP A 69 -6.84 -9.95 -20.28
C ASP A 69 -7.67 -10.51 -19.12
N LEU A 70 -8.09 -11.76 -19.27
CA LEU A 70 -8.98 -12.38 -18.30
C LEU A 70 -8.25 -12.59 -16.97
N GLU A 71 -7.00 -13.02 -17.04
CA GLU A 71 -6.21 -13.23 -15.84
C GLU A 71 -5.99 -11.91 -15.13
N ASN A 72 -5.76 -10.86 -15.92
CA ASN A 72 -5.58 -9.51 -15.38
C ASN A 72 -6.81 -9.09 -14.58
N SER A 73 -7.98 -9.37 -15.13
CA SER A 73 -9.23 -9.00 -14.49
C SER A 73 -9.35 -9.67 -13.13
N ARG A 74 -8.99 -10.96 -13.08
CA ARG A 74 -9.00 -11.72 -11.84
C ARG A 74 -7.92 -11.20 -10.91
N LYS A 75 -6.73 -11.02 -11.46
CA LYS A 75 -5.54 -10.60 -10.73
C LYS A 75 -5.79 -9.29 -9.99
N LEU A 76 -6.29 -8.30 -10.71
CA LEU A 76 -6.54 -6.99 -10.14
C LEU A 76 -7.57 -7.05 -9.01
N LEU A 77 -8.70 -7.70 -9.26
CA LEU A 77 -9.75 -7.81 -8.25
C LEU A 77 -9.27 -8.60 -7.03
N SER A 78 -8.35 -9.53 -7.26
CA SER A 78 -7.75 -10.28 -6.18
C SER A 78 -6.76 -9.42 -5.41
N ALA A 79 -5.92 -8.69 -6.15
CA ALA A 79 -4.91 -7.83 -5.56
C ALA A 79 -5.54 -6.74 -4.70
N ALA A 80 -6.63 -6.15 -5.19
CA ALA A 80 -7.35 -5.11 -4.47
C ALA A 80 -7.86 -5.63 -3.13
N LYS A 81 -8.38 -6.85 -3.15
CA LYS A 81 -8.90 -7.48 -1.94
C LYS A 81 -7.77 -7.73 -0.95
N ILE A 82 -6.70 -8.34 -1.44
CA ILE A 82 -5.53 -8.65 -0.62
C ILE A 82 -4.91 -7.37 -0.06
N LEU A 83 -4.78 -6.36 -0.91
CA LEU A 83 -4.20 -5.09 -0.51
C LEU A 83 -4.99 -4.44 0.61
N ALA A 84 -6.26 -4.19 0.35
CA ALA A 84 -7.11 -3.50 1.31
C ALA A 84 -7.14 -4.23 2.65
N ASP A 85 -6.88 -5.53 2.61
CA ASP A 85 -6.88 -6.34 3.81
C ASP A 85 -5.53 -6.29 4.51
N ALA A 86 -4.46 -6.39 3.73
CA ALA A 86 -3.13 -6.27 4.27
C ALA A 86 -2.98 -4.93 4.99
N THR A 87 -3.65 -3.91 4.45
CA THR A 87 -3.65 -2.60 5.06
C THR A 87 -4.38 -2.63 6.39
N ALA A 88 -5.62 -3.11 6.38
CA ALA A 88 -6.45 -3.15 7.58
C ALA A 88 -5.77 -3.93 8.70
N LYS A 89 -5.14 -5.03 8.34
CA LYS A 89 -4.44 -5.86 9.30
C LYS A 89 -3.28 -5.12 9.95
N MET A 90 -2.53 -4.37 9.14
CA MET A 90 -1.36 -3.68 9.68
C MET A 90 -1.77 -2.39 10.39
N VAL A 91 -2.89 -1.81 9.99
CA VAL A 91 -3.40 -0.62 10.66
C VAL A 91 -3.77 -0.95 12.09
N GLU A 92 -4.55 -2.00 12.28
CA GLU A 92 -4.93 -2.46 13.60
C GLU A 92 -3.70 -2.91 14.39
N ALA A 93 -2.74 -3.48 13.68
CA ALA A 93 -1.48 -3.89 14.30
C ALA A 93 -0.69 -2.68 14.76
N ALA A 94 -0.61 -1.66 13.89
CA ALA A 94 0.08 -0.42 14.21
C ALA A 94 -0.58 0.27 15.39
N LYS A 95 -1.90 0.39 15.34
CA LYS A 95 -2.66 1.02 16.42
C LYS A 95 -2.39 0.28 17.74
N GLY A 96 -2.41 -1.04 17.69
CA GLY A 96 -2.16 -1.84 18.87
C GLY A 96 -0.73 -1.74 19.35
N ALA A 97 0.21 -1.78 18.42
CA ALA A 97 1.64 -1.73 18.74
C ALA A 97 2.03 -0.35 19.23
N ALA A 98 1.34 0.66 18.75
CA ALA A 98 1.59 2.02 19.15
C ALA A 98 1.02 2.28 20.54
N ALA A 99 -0.29 2.14 20.66
CA ALA A 99 -0.98 2.42 21.91
C ALA A 99 -0.47 1.52 23.03
N HIS A 100 -0.10 0.29 22.68
CA HIS A 100 0.59 -0.60 23.61
C HIS A 100 2.05 -0.72 23.21
N PRO A 101 2.90 0.22 23.64
CA PRO A 101 4.29 0.32 23.19
C PRO A 101 5.15 -0.82 23.70
N ASP A 102 4.87 -1.25 24.93
CA ASP A 102 5.68 -2.27 25.60
C ASP A 102 5.35 -3.67 25.09
N SER A 103 4.10 -3.85 24.65
CA SER A 103 3.63 -5.15 24.21
C SER A 103 4.37 -5.61 22.95
N GLU A 104 5.30 -6.53 23.11
CA GLU A 104 6.10 -7.02 21.99
C GLU A 104 5.27 -7.90 21.06
N GLU A 105 4.21 -8.50 21.59
CA GLU A 105 3.29 -9.26 20.76
C GLU A 105 2.64 -8.34 19.74
N GLN A 106 2.33 -7.13 20.17
CA GLN A 106 1.77 -6.13 19.28
C GLN A 106 2.81 -5.68 18.27
N GLN A 107 4.05 -5.56 18.72
CA GLN A 107 5.15 -5.20 17.84
C GLN A 107 5.37 -6.29 16.80
N GLN A 108 5.28 -7.54 17.23
CA GLN A 108 5.38 -8.68 16.34
C GLN A 108 4.27 -8.63 15.29
N ARG A 109 3.04 -8.46 15.77
CA ARG A 109 1.87 -8.34 14.90
C ARG A 109 2.08 -7.26 13.84
N LEU A 110 2.56 -6.11 14.29
CA LEU A 110 2.83 -5.00 13.39
C LEU A 110 3.84 -5.39 12.32
N ARG A 111 4.99 -5.88 12.74
CA ARG A 111 6.06 -6.23 11.82
C ARG A 111 5.59 -7.26 10.79
N GLU A 112 4.89 -8.29 11.26
CA GLU A 112 4.38 -9.34 10.39
C GLU A 112 3.38 -8.78 9.37
N ALA A 113 2.43 -8.00 9.85
CA ALA A 113 1.35 -7.49 9.01
C ALA A 113 1.82 -6.38 8.08
N ALA A 114 2.65 -5.48 8.62
CA ALA A 114 3.10 -4.31 7.86
C ALA A 114 3.92 -4.70 6.65
N GLU A 115 4.84 -5.64 6.83
CA GLU A 115 5.69 -6.08 5.74
C GLU A 115 4.87 -6.78 4.67
N GLY A 116 3.81 -7.46 5.09
CA GLY A 116 2.91 -8.08 4.14
C GLY A 116 2.12 -7.06 3.36
N LEU A 117 1.78 -5.94 4.01
CA LEU A 117 1.12 -4.84 3.35
C LEU A 117 2.08 -4.22 2.34
N ARG A 118 3.34 -4.09 2.74
CA ARG A 118 4.38 -3.60 1.85
C ARG A 118 4.46 -4.47 0.61
N MET A 119 4.42 -5.78 0.81
CA MET A 119 4.38 -6.74 -0.28
C MET A 119 3.13 -6.57 -1.14
N ALA A 120 1.97 -6.57 -0.49
CA ALA A 120 0.69 -6.47 -1.19
C ALA A 120 0.63 -5.23 -2.07
N THR A 121 1.05 -4.11 -1.51
CA THR A 121 1.06 -2.85 -2.24
C THR A 121 2.05 -2.89 -3.39
N ASN A 122 3.27 -3.32 -3.09
CA ASN A 122 4.34 -3.39 -4.09
C ASN A 122 3.94 -4.33 -5.23
N ALA A 123 3.33 -5.46 -4.86
CA ALA A 123 2.87 -6.44 -5.84
C ALA A 123 1.80 -5.86 -6.75
N ALA A 124 0.79 -5.24 -6.15
CA ALA A 124 -0.29 -4.60 -6.91
C ALA A 124 0.28 -3.54 -7.84
N ALA A 125 1.31 -2.85 -7.37
CA ALA A 125 2.00 -1.84 -8.16
C ALA A 125 2.53 -2.43 -9.46
N GLN A 126 3.15 -3.59 -9.36
CA GLN A 126 3.74 -4.27 -10.51
C GLN A 126 2.66 -4.88 -11.39
N ASN A 127 1.57 -5.32 -10.76
CA ASN A 127 0.46 -5.95 -11.47
C ASN A 127 -0.24 -4.96 -12.40
N ALA A 128 -0.23 -3.69 -12.02
CA ALA A 128 -0.85 -2.64 -12.81
C ALA A 128 -0.28 -2.62 -14.22
N ILE A 129 -1.17 -2.71 -15.20
CA ILE A 129 -0.78 -2.68 -16.61
C ILE A 129 -0.25 -1.31 -16.98
N LYS A 130 0.95 -1.26 -17.53
CA LYS A 130 1.57 0.01 -17.89
C LYS A 130 1.65 0.16 -19.40
N LYS A 131 0.67 0.85 -19.97
CA LYS A 131 0.68 1.15 -21.39
C LYS A 131 0.77 2.66 -21.60
N GLY A 1 33.75 16.23 -1.37
CA GLY A 1 32.45 16.86 -1.72
C GLY A 1 31.41 15.84 -2.12
N ILE A 2 30.48 16.24 -2.98
CA ILE A 2 29.42 15.36 -3.42
C ILE A 2 29.72 14.78 -4.79
N ASP A 3 29.87 13.45 -4.85
CA ASP A 3 30.09 12.76 -6.10
C ASP A 3 28.79 12.62 -6.86
N PRO A 4 28.72 13.18 -8.08
CA PRO A 4 27.50 13.19 -8.90
C PRO A 4 27.19 11.83 -9.52
N PHE A 5 26.02 11.75 -10.18
CA PHE A 5 25.58 10.56 -10.91
C PHE A 5 25.07 9.45 -9.99
N THR A 6 25.66 9.31 -8.81
CA THR A 6 25.28 8.24 -7.89
C THR A 6 23.92 8.52 -7.26
N ALA A 7 23.42 9.74 -7.44
CA ALA A 7 22.11 10.12 -6.95
C ALA A 7 21.02 9.55 -7.86
N HIS A 8 20.19 8.68 -7.31
CA HIS A 8 19.12 8.07 -8.09
C HIS A 8 17.83 8.88 -7.98
N ALA A 9 16.88 8.60 -8.84
CA ALA A 9 15.60 9.29 -8.81
C ALA A 9 14.54 8.43 -8.11
N THR A 10 13.59 9.09 -7.47
CA THR A 10 12.53 8.39 -6.76
C THR A 10 11.32 8.19 -7.67
N GLY A 11 11.09 9.18 -8.53
CA GLY A 11 9.96 9.12 -9.43
C GLY A 11 8.82 9.99 -8.96
N ALA A 12 7.94 9.42 -8.14
CA ALA A 12 6.79 10.13 -7.59
C ALA A 12 5.85 10.60 -8.70
N GLY A 13 5.87 9.87 -9.81
CA GLY A 13 5.01 10.18 -10.93
C GLY A 13 4.60 8.92 -11.65
N PRO A 14 3.43 8.91 -12.31
CA PRO A 14 2.91 7.72 -12.99
C PRO A 14 3.78 7.28 -14.17
N ALA A 15 4.54 6.22 -13.97
CA ALA A 15 5.39 5.67 -15.00
C ALA A 15 4.85 4.34 -15.48
N GLY A 16 3.68 4.02 -15.01
CA GLY A 16 3.04 2.78 -15.34
C GLY A 16 1.54 2.83 -15.16
N ARG A 17 1.10 3.03 -13.92
CA ARG A 17 -0.32 3.07 -13.59
C ARG A 17 -0.55 3.35 -12.11
N TYR A 18 -0.20 2.38 -11.25
CA TYR A 18 -0.41 2.54 -9.82
C TYR A 18 0.90 2.90 -9.12
N ASP A 19 1.96 3.04 -9.91
CA ASP A 19 3.31 3.10 -9.38
C ASP A 19 3.56 4.37 -8.55
N GLN A 20 2.84 5.43 -8.86
CA GLN A 20 2.95 6.66 -8.11
C GLN A 20 2.31 6.50 -6.73
N ALA A 21 1.12 5.92 -6.72
CA ALA A 21 0.38 5.72 -5.49
C ALA A 21 0.99 4.61 -4.64
N THR A 22 1.44 3.55 -5.29
CA THR A 22 2.05 2.44 -4.57
C THR A 22 3.33 2.86 -3.88
N ASP A 23 4.20 3.56 -4.61
CA ASP A 23 5.47 4.03 -4.04
C ASP A 23 5.21 4.86 -2.80
N THR A 24 4.12 5.61 -2.82
CA THR A 24 3.68 6.37 -1.66
C THR A 24 3.42 5.44 -0.49
N ILE A 25 2.57 4.43 -0.71
CA ILE A 25 2.26 3.45 0.32
C ILE A 25 3.51 2.72 0.81
N LEU A 26 4.33 2.24 -0.13
CA LEU A 26 5.58 1.55 0.22
C LEU A 26 6.44 2.42 1.14
N THR A 27 6.59 3.69 0.77
CA THR A 27 7.41 4.61 1.53
C THR A 27 6.81 4.93 2.89
N VAL A 28 5.49 5.10 2.95
CA VAL A 28 4.83 5.35 4.22
C VAL A 28 4.95 4.12 5.14
N THR A 29 4.81 2.94 4.54
CA THR A 29 4.89 1.69 5.27
C THR A 29 6.21 1.55 6.04
N GLU A 30 7.33 1.69 5.32
CA GLU A 30 8.64 1.56 5.93
C GLU A 30 8.84 2.59 7.04
N ASN A 31 8.12 3.70 6.94
CA ASN A 31 8.25 4.78 7.91
C ASN A 31 7.66 4.42 9.27
N ILE A 32 6.75 3.43 9.30
CA ILE A 32 6.19 3.00 10.58
C ILE A 32 7.30 2.45 11.48
N PHE A 33 8.24 1.73 10.89
CA PHE A 33 9.35 1.16 11.63
C PHE A 33 10.31 2.26 12.10
N SER A 34 10.36 3.36 11.37
CA SER A 34 11.14 4.51 11.78
C SER A 34 10.39 5.28 12.86
N SER A 35 9.07 5.14 12.85
CA SER A 35 8.20 5.82 13.82
C SER A 35 8.13 5.01 15.13
N MET A 36 8.77 3.84 15.14
CA MET A 36 8.80 2.98 16.33
C MET A 36 9.24 3.76 17.55
N GLY A 37 8.30 4.05 18.43
CA GLY A 37 8.58 4.85 19.60
C GLY A 37 7.59 5.98 19.76
N ASP A 38 7.08 6.47 18.63
CA ASP A 38 6.06 7.53 18.66
C ASP A 38 4.70 6.92 18.36
N ALA A 39 3.90 6.77 19.40
CA ALA A 39 2.63 6.07 19.30
C ALA A 39 1.67 6.79 18.36
N GLY A 40 1.49 8.10 18.59
CA GLY A 40 0.62 8.89 17.75
C GLY A 40 1.01 8.86 16.28
N GLU A 41 2.32 8.83 16.02
CA GLU A 41 2.82 8.83 14.65
C GLU A 41 2.53 7.50 13.97
N MET A 42 2.81 6.41 14.68
CA MET A 42 2.59 5.07 14.13
C MET A 42 1.11 4.88 13.76
N VAL A 43 0.23 5.39 14.60
CA VAL A 43 -1.21 5.31 14.34
C VAL A 43 -1.59 6.20 13.15
N ARG A 44 -0.93 7.33 13.03
CA ARG A 44 -1.21 8.25 11.93
C ARG A 44 -0.76 7.66 10.61
N GLN A 45 0.47 7.15 10.58
CA GLN A 45 1.01 6.54 9.38
C GLN A 45 0.13 5.39 8.90
N ALA A 46 -0.38 4.62 9.84
CA ALA A 46 -1.28 3.51 9.52
C ALA A 46 -2.56 4.01 8.88
N ARG A 47 -3.10 5.11 9.41
CA ARG A 47 -4.32 5.68 8.89
C ARG A 47 -4.07 6.36 7.53
N ILE A 48 -2.84 6.82 7.33
CA ILE A 48 -2.44 7.35 6.04
C ILE A 48 -2.35 6.22 5.02
N LEU A 49 -1.84 5.08 5.45
CA LEU A 49 -1.81 3.89 4.62
C LEU A 49 -3.22 3.49 4.22
N ALA A 50 -4.10 3.44 5.20
CA ALA A 50 -5.50 3.11 4.95
C ALA A 50 -6.10 4.05 3.92
N GLN A 51 -5.78 5.33 4.04
CA GLN A 51 -6.24 6.36 3.12
C GLN A 51 -5.71 6.11 1.71
N ALA A 52 -4.39 5.91 1.61
CA ALA A 52 -3.74 5.69 0.32
C ALA A 52 -4.20 4.40 -0.31
N THR A 53 -4.26 3.34 0.48
CA THR A 53 -4.73 2.04 0.01
C THR A 53 -6.13 2.15 -0.57
N SER A 54 -6.96 2.96 0.05
CA SER A 54 -8.36 3.08 -0.36
C SER A 54 -8.45 3.71 -1.75
N ASP A 55 -7.52 4.61 -2.07
CA ASP A 55 -7.48 5.21 -3.38
C ASP A 55 -7.03 4.20 -4.42
N LEU A 56 -6.08 3.34 -4.02
CA LEU A 56 -5.59 2.29 -4.91
C LEU A 56 -6.63 1.21 -5.13
N VAL A 57 -7.38 0.85 -4.09
CA VAL A 57 -8.44 -0.14 -4.22
C VAL A 57 -9.43 0.28 -5.30
N ASN A 58 -9.77 1.56 -5.32
CA ASN A 58 -10.65 2.10 -6.35
C ASN A 58 -9.96 2.08 -7.71
N ALA A 59 -8.72 2.60 -7.74
CA ALA A 59 -7.96 2.73 -8.97
C ALA A 59 -7.72 1.37 -9.63
N ILE A 60 -7.20 0.43 -8.86
CA ILE A 60 -6.89 -0.91 -9.38
C ILE A 60 -8.15 -1.62 -9.85
N LYS A 61 -9.22 -1.50 -9.06
CA LYS A 61 -10.49 -2.12 -9.39
C LYS A 61 -11.04 -1.56 -10.70
N ALA A 62 -10.97 -0.25 -10.84
CA ALA A 62 -11.50 0.44 -12.02
C ALA A 62 -10.61 0.19 -13.23
N ASP A 63 -9.31 0.09 -13.01
CA ASP A 63 -8.37 -0.16 -14.09
C ASP A 63 -8.52 -1.60 -14.58
N ALA A 64 -8.82 -2.49 -13.64
CA ALA A 64 -9.10 -3.89 -13.98
C ALA A 64 -10.35 -3.98 -14.85
N GLU A 65 -11.28 -3.05 -14.65
CA GLU A 65 -12.50 -2.99 -15.46
C GLU A 65 -12.17 -2.64 -16.91
N GLY A 66 -11.05 -1.95 -17.10
CA GLY A 66 -10.63 -1.56 -18.43
C GLY A 66 -9.86 -2.65 -19.13
N GLU A 67 -9.39 -3.62 -18.37
CA GLU A 67 -8.66 -4.74 -18.93
C GLU A 67 -9.61 -5.76 -19.55
N SER A 68 -9.32 -6.16 -20.77
CA SER A 68 -10.15 -7.10 -21.50
C SER A 68 -9.74 -8.54 -21.17
N ASP A 69 -8.59 -8.69 -20.53
CA ASP A 69 -8.11 -10.00 -20.13
C ASP A 69 -8.68 -10.36 -18.76
N LEU A 70 -9.45 -11.43 -18.70
CA LEU A 70 -10.14 -11.80 -17.47
C LEU A 70 -9.13 -12.23 -16.40
N GLU A 71 -8.12 -12.99 -16.80
CA GLU A 71 -7.11 -13.45 -15.86
C GLU A 71 -6.38 -12.27 -15.23
N ASN A 72 -5.97 -11.34 -16.08
CA ASN A 72 -5.25 -10.16 -15.61
C ASN A 72 -6.14 -9.27 -14.76
N SER A 73 -7.40 -9.12 -15.15
CA SER A 73 -8.30 -8.26 -14.43
C SER A 73 -8.62 -8.84 -13.05
N ARG A 74 -8.75 -10.16 -13.00
CA ARG A 74 -8.96 -10.85 -11.73
C ARG A 74 -7.74 -10.74 -10.84
N LYS A 75 -6.55 -10.75 -11.46
CA LYS A 75 -5.31 -10.59 -10.71
C LYS A 75 -5.26 -9.19 -10.08
N LEU A 76 -5.69 -8.19 -10.85
CA LEU A 76 -5.76 -6.83 -10.33
C LEU A 76 -6.79 -6.74 -9.21
N LEU A 77 -7.98 -7.30 -9.45
CA LEU A 77 -9.05 -7.28 -8.48
C LEU A 77 -8.65 -7.96 -7.18
N SER A 78 -8.03 -9.13 -7.28
CA SER A 78 -7.60 -9.88 -6.11
C SER A 78 -6.49 -9.14 -5.39
N ALA A 79 -5.55 -8.58 -6.14
CA ALA A 79 -4.44 -7.81 -5.56
C ALA A 79 -4.96 -6.65 -4.73
N ALA A 80 -5.94 -5.93 -5.27
CA ALA A 80 -6.55 -4.81 -4.58
C ALA A 80 -7.28 -5.29 -3.32
N LYS A 81 -7.93 -6.44 -3.43
CA LYS A 81 -8.66 -7.02 -2.31
C LYS A 81 -7.68 -7.50 -1.23
N ILE A 82 -6.60 -8.14 -1.67
CA ILE A 82 -5.53 -8.56 -0.77
C ILE A 82 -4.95 -7.36 -0.04
N LEU A 83 -4.67 -6.32 -0.82
CA LEU A 83 -4.15 -5.07 -0.28
C LEU A 83 -5.07 -4.50 0.79
N ALA A 84 -6.35 -4.36 0.45
CA ALA A 84 -7.32 -3.77 1.35
C ALA A 84 -7.36 -4.50 2.69
N ASP A 85 -7.06 -5.79 2.67
CA ASP A 85 -7.06 -6.58 3.90
C ASP A 85 -5.74 -6.47 4.62
N ALA A 86 -4.65 -6.53 3.87
CA ALA A 86 -3.33 -6.36 4.46
C ALA A 86 -3.24 -5.02 5.18
N THR A 87 -4.01 -4.05 4.69
CA THR A 87 -4.05 -2.73 5.30
C THR A 87 -4.80 -2.77 6.63
N ALA A 88 -5.95 -3.43 6.65
CA ALA A 88 -6.73 -3.59 7.88
C ALA A 88 -5.88 -4.25 8.96
N LYS A 89 -5.20 -5.33 8.59
CA LYS A 89 -4.30 -6.04 9.50
C LYS A 89 -3.20 -5.11 9.97
N MET A 90 -2.63 -4.38 9.04
CA MET A 90 -1.59 -3.40 9.30
C MET A 90 -2.07 -2.34 10.29
N VAL A 91 -3.23 -1.77 10.02
CA VAL A 91 -3.79 -0.72 10.84
C VAL A 91 -4.05 -1.19 12.28
N GLU A 92 -4.71 -2.34 12.41
CA GLU A 92 -5.01 -2.89 13.73
C GLU A 92 -3.73 -3.17 14.51
N ALA A 93 -2.70 -3.59 13.79
CA ALA A 93 -1.41 -3.89 14.39
C ALA A 93 -0.72 -2.61 14.86
N ALA A 94 -0.71 -1.61 13.99
CA ALA A 94 -0.08 -0.33 14.28
C ALA A 94 -0.74 0.33 15.49
N LYS A 95 -2.08 0.31 15.53
CA LYS A 95 -2.82 0.90 16.63
C LYS A 95 -2.41 0.29 17.96
N GLY A 96 -2.27 -1.03 17.98
CA GLY A 96 -1.94 -1.71 19.21
C GLY A 96 -0.47 -1.56 19.58
N ALA A 97 0.40 -1.63 18.58
CA ALA A 97 1.84 -1.56 18.82
C ALA A 97 2.27 -0.14 19.20
N ALA A 98 1.52 0.83 18.72
CA ALA A 98 1.82 2.21 19.00
C ALA A 98 1.24 2.64 20.34
N ALA A 99 -0.09 2.64 20.43
CA ALA A 99 -0.78 3.13 21.62
C ALA A 99 -0.36 2.34 22.86
N HIS A 100 -0.12 1.06 22.69
CA HIS A 100 0.48 0.26 23.74
C HIS A 100 1.92 -0.08 23.37
N PRO A 101 2.86 0.85 23.64
CA PRO A 101 4.25 0.74 23.18
C PRO A 101 5.00 -0.44 23.81
N ASP A 102 4.55 -0.84 25.00
CA ASP A 102 5.22 -1.89 25.75
C ASP A 102 4.93 -3.27 25.18
N SER A 103 3.80 -3.41 24.51
CA SER A 103 3.35 -4.70 24.01
C SER A 103 4.27 -5.23 22.91
N GLU A 104 5.18 -6.13 23.31
CA GLU A 104 6.11 -6.76 22.37
C GLU A 104 5.36 -7.58 21.33
N GLU A 105 4.29 -8.24 21.76
CA GLU A 105 3.50 -9.05 20.84
C GLU A 105 2.86 -8.19 19.76
N GLN A 106 2.41 -7.01 20.14
CA GLN A 106 1.85 -6.07 19.18
C GLN A 106 2.91 -5.61 18.19
N GLN A 107 4.14 -5.46 18.67
CA GLN A 107 5.24 -5.08 17.82
C GLN A 107 5.45 -6.12 16.72
N GLN A 108 5.49 -7.38 17.10
CA GLN A 108 5.63 -8.47 16.15
C GLN A 108 4.41 -8.53 15.22
N ARG A 109 3.22 -8.37 15.78
CA ARG A 109 2.00 -8.35 14.99
C ARG A 109 2.08 -7.29 13.91
N LEU A 110 2.64 -6.13 14.27
CA LEU A 110 2.81 -5.04 13.34
C LEU A 110 3.85 -5.38 12.28
N ARG A 111 4.93 -6.04 12.69
CA ARG A 111 6.00 -6.40 11.76
C ARG A 111 5.47 -7.24 10.61
N GLU A 112 4.83 -8.36 10.94
CA GLU A 112 4.31 -9.26 9.92
C GLU A 112 3.16 -8.63 9.14
N ALA A 113 2.39 -7.78 9.81
CA ALA A 113 1.30 -7.07 9.17
C ALA A 113 1.83 -6.06 8.17
N ALA A 114 2.81 -5.26 8.60
CA ALA A 114 3.41 -4.25 7.74
C ALA A 114 4.13 -4.88 6.57
N GLU A 115 4.82 -5.99 6.82
CA GLU A 115 5.50 -6.72 5.76
C GLU A 115 4.47 -7.28 4.76
N GLY A 116 3.34 -7.73 5.28
CA GLY A 116 2.26 -8.21 4.42
C GLY A 116 1.65 -7.07 3.62
N LEU A 117 1.42 -5.95 4.28
CA LEU A 117 0.89 -4.76 3.63
C LEU A 117 1.87 -4.27 2.56
N ARG A 118 3.14 -4.24 2.92
CA ARG A 118 4.19 -3.86 1.99
C ARG A 118 4.20 -4.78 0.78
N MET A 119 4.18 -6.09 1.05
CA MET A 119 4.19 -7.09 -0.01
C MET A 119 2.96 -6.95 -0.92
N ALA A 120 1.79 -6.82 -0.31
CA ALA A 120 0.55 -6.69 -1.07
C ALA A 120 0.59 -5.46 -1.97
N THR A 121 1.04 -4.34 -1.41
CA THR A 121 1.14 -3.10 -2.17
C THR A 121 2.22 -3.22 -3.24
N ASN A 122 3.36 -3.79 -2.87
CA ASN A 122 4.48 -3.97 -3.78
C ASN A 122 4.06 -4.84 -4.96
N ALA A 123 3.27 -5.88 -4.68
CA ALA A 123 2.75 -6.77 -5.71
C ALA A 123 1.79 -6.02 -6.63
N ALA A 124 0.90 -5.25 -6.04
CA ALA A 124 -0.03 -4.42 -6.80
C ALA A 124 0.74 -3.41 -7.66
N ALA A 125 1.86 -2.95 -7.13
CA ALA A 125 2.75 -2.05 -7.86
C ALA A 125 3.28 -2.72 -9.11
N GLN A 126 3.66 -3.98 -8.98
CA GLN A 126 4.23 -4.74 -10.07
C GLN A 126 3.13 -5.17 -11.04
N ASN A 127 1.91 -5.26 -10.52
CA ASN A 127 0.75 -5.65 -11.33
C ASN A 127 0.22 -4.48 -12.15
N ALA A 128 0.77 -3.29 -11.92
CA ALA A 128 0.36 -2.10 -12.66
C ALA A 128 0.57 -2.31 -14.16
N ILE A 129 -0.53 -2.37 -14.89
CA ILE A 129 -0.48 -2.60 -16.32
C ILE A 129 -0.23 -1.30 -17.06
N LYS A 130 0.70 -1.34 -18.00
CA LYS A 130 1.02 -0.16 -18.78
C LYS A 130 0.17 -0.11 -20.04
N LYS A 131 -0.65 0.92 -20.14
CA LYS A 131 -1.47 1.14 -21.32
C LYS A 131 -1.12 2.49 -21.93
N GLY A 1 1.59 1.76 -43.08
CA GLY A 1 2.27 2.94 -42.48
C GLY A 1 3.71 2.63 -42.14
N ILE A 2 4.38 3.57 -41.49
CA ILE A 2 5.77 3.40 -41.11
C ILE A 2 5.94 3.53 -39.61
N ASP A 3 6.83 2.75 -39.04
CA ASP A 3 7.09 2.78 -37.61
C ASP A 3 8.28 3.69 -37.31
N PRO A 4 8.34 4.22 -36.08
CA PRO A 4 9.49 4.99 -35.61
C PRO A 4 10.64 4.07 -35.23
N PHE A 5 10.47 2.79 -35.54
CA PHE A 5 11.44 1.74 -35.26
C PHE A 5 11.59 1.53 -33.76
N THR A 6 12.53 0.69 -33.36
CA THR A 6 12.77 0.43 -31.95
C THR A 6 13.67 1.50 -31.35
N ALA A 7 13.06 2.50 -30.76
CA ALA A 7 13.79 3.62 -30.16
C ALA A 7 12.98 4.20 -29.01
N HIS A 8 13.62 5.04 -28.21
CA HIS A 8 12.92 5.70 -27.12
C HIS A 8 12.15 6.91 -27.64
N ALA A 9 10.83 6.76 -27.74
CA ALA A 9 9.99 7.81 -28.28
C ALA A 9 9.58 8.79 -27.20
N THR A 10 9.68 10.07 -27.50
CA THR A 10 9.32 11.12 -26.57
C THR A 10 7.81 11.29 -26.52
N GLY A 11 7.15 10.44 -25.75
CA GLY A 11 5.71 10.52 -25.62
C GLY A 11 5.19 9.59 -24.55
N ALA A 12 5.97 9.41 -23.50
CA ALA A 12 5.62 8.53 -22.42
C ALA A 12 5.18 9.32 -21.20
N GLY A 13 4.20 8.78 -20.48
CA GLY A 13 3.69 9.45 -19.30
C GLY A 13 4.64 9.32 -18.12
N PRO A 14 4.20 9.76 -16.92
CA PRO A 14 5.01 9.68 -15.71
C PRO A 14 5.12 8.25 -15.18
N ALA A 15 5.76 8.09 -14.05
CA ALA A 15 5.87 6.77 -13.43
C ALA A 15 4.57 6.42 -12.73
N GLY A 16 3.59 6.01 -13.53
CA GLY A 16 2.32 5.64 -13.00
C GLY A 16 2.08 4.15 -13.10
N ARG A 17 0.84 3.79 -13.41
CA ARG A 17 0.40 2.39 -13.41
C ARG A 17 0.80 1.72 -12.09
N TYR A 18 0.07 2.09 -11.04
CA TYR A 18 0.25 1.56 -9.69
C TYR A 18 1.49 2.09 -8.99
N ASP A 19 2.58 2.30 -9.74
CA ASP A 19 3.86 2.67 -9.12
C ASP A 19 3.78 4.04 -8.46
N GLN A 20 2.97 4.92 -9.02
CA GLN A 20 2.82 6.27 -8.47
C GLN A 20 2.11 6.22 -7.12
N ALA A 21 1.12 5.34 -7.03
CA ALA A 21 0.35 5.18 -5.81
C ALA A 21 1.09 4.32 -4.78
N THR A 22 1.69 3.23 -5.26
CA THR A 22 2.38 2.31 -4.38
C THR A 22 3.61 2.94 -3.75
N ASP A 23 4.31 3.78 -4.51
CA ASP A 23 5.50 4.47 -4.02
C ASP A 23 5.22 5.15 -2.69
N THR A 24 4.07 5.80 -2.60
CA THR A 24 3.65 6.45 -1.37
C THR A 24 3.47 5.41 -0.25
N ILE A 25 2.71 4.37 -0.54
CA ILE A 25 2.42 3.34 0.46
C ILE A 25 3.67 2.61 0.92
N LEU A 26 4.48 2.14 -0.04
CA LEU A 26 5.72 1.43 0.30
C LEU A 26 6.58 2.25 1.27
N THR A 27 6.70 3.54 1.01
CA THR A 27 7.53 4.40 1.81
C THR A 27 6.88 4.72 3.16
N VAL A 28 5.60 5.08 3.14
CA VAL A 28 4.88 5.42 4.36
C VAL A 28 4.86 4.22 5.32
N THR A 29 4.80 3.02 4.75
CA THR A 29 4.85 1.80 5.53
C THR A 29 6.08 1.76 6.44
N GLU A 30 7.24 2.01 5.85
CA GLU A 30 8.49 1.97 6.58
C GLU A 30 8.53 3.08 7.63
N ASN A 31 7.77 4.13 7.37
CA ASN A 31 7.72 5.26 8.29
C ASN A 31 7.14 4.88 9.64
N ILE A 32 6.33 3.82 9.67
CA ILE A 32 5.80 3.32 10.94
C ILE A 32 6.94 2.81 11.81
N PHE A 33 7.94 2.20 11.18
CA PHE A 33 9.09 1.67 11.91
C PHE A 33 9.98 2.80 12.39
N SER A 34 10.07 3.86 11.61
CA SER A 34 10.85 5.03 11.99
C SER A 34 10.16 5.77 13.13
N SER A 35 8.83 5.81 13.09
CA SER A 35 8.04 6.48 14.11
C SER A 35 7.81 5.56 15.31
N MET A 36 8.30 4.33 15.22
CA MET A 36 8.09 3.31 16.25
C MET A 36 8.53 3.82 17.61
N GLY A 37 7.57 3.96 18.50
CA GLY A 37 7.84 4.49 19.82
C GLY A 37 6.89 5.59 20.18
N ASP A 38 6.39 6.28 19.17
CA ASP A 38 5.39 7.31 19.37
C ASP A 38 4.02 6.78 18.94
N ALA A 39 3.10 6.71 19.88
CA ALA A 39 1.80 6.09 19.64
C ALA A 39 1.00 6.85 18.60
N GLY A 40 0.75 8.12 18.86
CA GLY A 40 -0.02 8.95 17.96
C GLY A 40 0.50 8.93 16.53
N GLU A 41 1.83 9.03 16.39
CA GLU A 41 2.44 9.09 15.07
C GLU A 41 2.26 7.78 14.31
N MET A 42 2.54 6.67 14.99
CA MET A 42 2.42 5.34 14.38
C MET A 42 0.99 5.09 13.90
N VAL A 43 0.02 5.46 14.72
CA VAL A 43 -1.39 5.31 14.37
C VAL A 43 -1.75 6.20 13.20
N ARG A 44 -1.22 7.42 13.20
CA ARG A 44 -1.50 8.38 12.15
C ARG A 44 -1.01 7.84 10.80
N GLN A 45 0.20 7.30 10.79
CA GLN A 45 0.80 6.75 9.58
C GLN A 45 -0.01 5.58 9.05
N ALA A 46 -0.49 4.72 9.96
CA ALA A 46 -1.32 3.59 9.59
C ALA A 46 -2.61 4.04 8.89
N ARG A 47 -3.16 5.14 9.37
CA ARG A 47 -4.37 5.70 8.79
C ARG A 47 -4.09 6.27 7.40
N ILE A 48 -2.89 6.84 7.23
CA ILE A 48 -2.46 7.33 5.94
C ILE A 48 -2.32 6.16 4.96
N LEU A 49 -1.82 5.04 5.46
CA LEU A 49 -1.73 3.82 4.66
C LEU A 49 -3.11 3.40 4.17
N ALA A 50 -4.08 3.39 5.08
CA ALA A 50 -5.45 3.01 4.74
C ALA A 50 -6.00 3.94 3.66
N GLN A 51 -5.78 5.23 3.83
CA GLN A 51 -6.22 6.23 2.88
C GLN A 51 -5.58 6.00 1.51
N ALA A 52 -4.26 5.85 1.52
CA ALA A 52 -3.50 5.64 0.29
C ALA A 52 -3.88 4.32 -0.38
N THR A 53 -4.00 3.28 0.44
CA THR A 53 -4.34 1.96 -0.07
C THR A 53 -5.72 1.98 -0.72
N SER A 54 -6.63 2.76 -0.15
CA SER A 54 -7.98 2.85 -0.66
C SER A 54 -7.97 3.43 -2.07
N ASP A 55 -7.26 4.53 -2.26
CA ASP A 55 -7.16 5.16 -3.58
C ASP A 55 -6.48 4.21 -4.56
N LEU A 56 -5.56 3.41 -4.05
CA LEU A 56 -4.90 2.40 -4.86
C LEU A 56 -5.90 1.33 -5.27
N VAL A 57 -6.63 0.79 -4.29
CA VAL A 57 -7.64 -0.23 -4.55
C VAL A 57 -8.68 0.26 -5.55
N ASN A 58 -9.10 1.51 -5.39
CA ASN A 58 -10.01 2.13 -6.35
C ASN A 58 -9.41 2.13 -7.75
N ALA A 59 -8.13 2.47 -7.82
CA ALA A 59 -7.41 2.49 -9.09
C ALA A 59 -7.23 1.08 -9.66
N ILE A 60 -7.01 0.12 -8.78
CA ILE A 60 -6.89 -1.27 -9.20
C ILE A 60 -8.15 -1.72 -9.92
N LYS A 61 -9.30 -1.49 -9.27
CA LYS A 61 -10.58 -1.82 -9.86
C LYS A 61 -10.78 -1.04 -11.17
N ALA A 62 -10.41 0.23 -11.14
CA ALA A 62 -10.58 1.11 -12.29
C ALA A 62 -9.71 0.71 -13.47
N ASP A 63 -8.50 0.26 -13.18
CA ASP A 63 -7.58 -0.16 -14.23
C ASP A 63 -8.01 -1.54 -14.74
N ALA A 64 -8.53 -2.35 -13.84
CA ALA A 64 -9.03 -3.68 -14.18
C ALA A 64 -10.25 -3.61 -15.07
N GLU A 65 -11.16 -2.68 -14.77
CA GLU A 65 -12.37 -2.53 -15.56
C GLU A 65 -12.04 -1.93 -16.93
N GLY A 66 -10.92 -1.22 -17.00
CA GLY A 66 -10.46 -0.67 -18.25
C GLY A 66 -9.78 -1.72 -19.12
N GLU A 67 -9.26 -2.74 -18.46
CA GLU A 67 -8.64 -3.86 -19.15
C GLU A 67 -9.70 -4.65 -19.91
N SER A 68 -9.39 -5.01 -21.15
CA SER A 68 -10.31 -5.76 -21.99
C SER A 68 -10.18 -7.25 -21.72
N ASP A 69 -9.07 -7.65 -21.13
CA ASP A 69 -8.82 -9.06 -20.83
C ASP A 69 -9.43 -9.39 -19.48
N LEU A 70 -10.58 -10.04 -19.49
CA LEU A 70 -11.30 -10.33 -18.26
C LEU A 70 -10.44 -11.14 -17.29
N GLU A 71 -9.61 -12.00 -17.84
CA GLU A 71 -8.66 -12.78 -17.06
C GLU A 71 -7.74 -11.85 -16.28
N ASN A 72 -7.13 -10.90 -16.97
CA ASN A 72 -6.24 -9.94 -16.34
C ASN A 72 -7.04 -9.06 -15.38
N SER A 73 -8.26 -8.71 -15.78
CA SER A 73 -9.13 -7.90 -14.94
C SER A 73 -9.36 -8.57 -13.58
N ARG A 74 -9.68 -9.86 -13.61
CA ARG A 74 -9.93 -10.63 -12.39
C ARG A 74 -8.69 -10.67 -11.50
N LYS A 75 -7.53 -10.87 -12.13
CA LYS A 75 -6.27 -10.93 -11.40
C LYS A 75 -6.05 -9.63 -10.62
N LEU A 76 -6.29 -8.50 -11.29
CA LEU A 76 -6.17 -7.20 -10.65
C LEU A 76 -7.19 -7.06 -9.52
N LEU A 77 -8.44 -7.36 -9.82
CA LEU A 77 -9.52 -7.24 -8.85
C LEU A 77 -9.24 -8.05 -7.59
N SER A 78 -8.68 -9.25 -7.78
CA SER A 78 -8.33 -10.10 -6.65
C SER A 78 -7.17 -9.50 -5.86
N ALA A 79 -6.21 -8.92 -6.56
CA ALA A 79 -5.05 -8.30 -5.93
C ALA A 79 -5.47 -7.12 -5.05
N ALA A 80 -6.54 -6.44 -5.46
CA ALA A 80 -7.09 -5.35 -4.69
C ALA A 80 -7.60 -5.84 -3.33
N LYS A 81 -8.30 -6.98 -3.36
CA LYS A 81 -8.84 -7.56 -2.15
C LYS A 81 -7.70 -7.99 -1.22
N ILE A 82 -6.67 -8.59 -1.82
CA ILE A 82 -5.49 -9.03 -1.07
C ILE A 82 -4.81 -7.86 -0.38
N LEU A 83 -4.59 -6.79 -1.14
CA LEU A 83 -3.90 -5.62 -0.62
C LEU A 83 -4.68 -4.96 0.52
N ALA A 84 -5.91 -4.57 0.23
CA ALA A 84 -6.75 -3.85 1.20
C ALA A 84 -6.90 -4.65 2.48
N ASP A 85 -6.73 -5.96 2.37
CA ASP A 85 -6.90 -6.85 3.50
C ASP A 85 -5.68 -6.87 4.38
N ALA A 86 -4.51 -6.75 3.77
CA ALA A 86 -3.27 -6.67 4.52
C ALA A 86 -3.24 -5.36 5.30
N THR A 87 -3.93 -4.36 4.76
CA THR A 87 -4.01 -3.05 5.39
C THR A 87 -4.77 -3.12 6.71
N ALA A 88 -5.88 -3.85 6.72
CA ALA A 88 -6.70 -3.99 7.92
C ALA A 88 -5.87 -4.56 9.07
N LYS A 89 -5.09 -5.59 8.77
CA LYS A 89 -4.21 -6.20 9.77
C LYS A 89 -3.12 -5.22 10.18
N MET A 90 -2.53 -4.58 9.18
CA MET A 90 -1.49 -3.59 9.41
C MET A 90 -1.97 -2.48 10.32
N VAL A 91 -3.13 -1.92 9.99
CA VAL A 91 -3.70 -0.82 10.75
C VAL A 91 -3.98 -1.23 12.20
N GLU A 92 -4.61 -2.39 12.38
CA GLU A 92 -4.93 -2.87 13.73
C GLU A 92 -3.67 -3.14 14.52
N ALA A 93 -2.65 -3.67 13.86
CA ALA A 93 -1.37 -3.93 14.50
C ALA A 93 -0.70 -2.62 14.91
N ALA A 94 -0.64 -1.68 13.98
CA ALA A 94 -0.04 -0.38 14.22
C ALA A 94 -0.74 0.35 15.36
N LYS A 95 -2.06 0.35 15.33
CA LYS A 95 -2.86 1.00 16.37
C LYS A 95 -2.52 0.46 17.75
N GLY A 96 -2.50 -0.85 17.88
CA GLY A 96 -2.22 -1.46 19.16
C GLY A 96 -0.76 -1.35 19.57
N ALA A 97 0.13 -1.53 18.61
CA ALA A 97 1.57 -1.48 18.88
C ALA A 97 2.02 -0.07 19.21
N ALA A 98 1.28 0.90 18.71
CA ALA A 98 1.56 2.29 18.99
C ALA A 98 1.07 2.66 20.38
N ALA A 99 -0.23 2.48 20.60
CA ALA A 99 -0.86 2.85 21.87
C ALA A 99 -0.19 2.13 23.03
N HIS A 100 0.20 0.88 22.81
CA HIS A 100 1.02 0.16 23.77
C HIS A 100 2.44 0.05 23.22
N PRO A 101 3.25 1.10 23.42
CA PRO A 101 4.53 1.26 22.70
C PRO A 101 5.56 0.18 23.04
N ASP A 102 5.77 -0.03 24.33
CA ASP A 102 6.85 -0.92 24.80
C ASP A 102 6.48 -2.40 24.64
N SER A 103 5.22 -2.67 24.27
CA SER A 103 4.74 -4.04 24.15
C SER A 103 5.36 -4.73 22.93
N GLU A 104 6.32 -5.62 23.19
CA GLU A 104 7.04 -6.33 22.14
C GLU A 104 6.11 -7.27 21.38
N GLU A 105 5.09 -7.76 22.06
CA GLU A 105 4.12 -8.67 21.45
C GLU A 105 3.43 -7.98 20.28
N GLN A 106 3.12 -6.71 20.48
CA GLN A 106 2.48 -5.90 19.46
C GLN A 106 3.47 -5.55 18.35
N GLN A 107 4.71 -5.26 18.73
CA GLN A 107 5.74 -4.95 17.75
C GLN A 107 6.02 -6.17 16.87
N GLN A 108 5.97 -7.35 17.49
CA GLN A 108 6.10 -8.61 16.76
C GLN A 108 5.01 -8.71 15.69
N ARG A 109 3.78 -8.43 16.10
CA ARG A 109 2.63 -8.48 15.20
C ARG A 109 2.74 -7.41 14.12
N LEU A 110 3.14 -6.20 14.51
CA LEU A 110 3.26 -5.08 13.59
C LEU A 110 4.32 -5.35 12.53
N ARG A 111 5.44 -5.93 12.94
CA ARG A 111 6.53 -6.23 12.00
C ARG A 111 6.05 -7.14 10.89
N GLU A 112 5.20 -8.10 11.22
CA GLU A 112 4.63 -8.99 10.22
C GLU A 112 3.58 -8.26 9.38
N ALA A 113 2.69 -7.56 10.07
CA ALA A 113 1.59 -6.87 9.42
C ALA A 113 2.08 -5.83 8.42
N ALA A 114 3.08 -5.05 8.82
CA ALA A 114 3.60 -3.99 7.97
C ALA A 114 4.31 -4.56 6.75
N GLU A 115 5.18 -5.55 6.97
CA GLU A 115 5.88 -6.20 5.87
C GLU A 115 4.90 -6.91 4.94
N GLY A 116 3.84 -7.44 5.53
CA GLY A 116 2.78 -8.06 4.74
C GLY A 116 2.05 -7.04 3.88
N LEU A 117 1.67 -5.93 4.50
CA LEU A 117 1.03 -4.83 3.79
C LEU A 117 1.98 -4.29 2.71
N ARG A 118 3.24 -4.13 3.11
CA ARG A 118 4.30 -3.69 2.21
C ARG A 118 4.36 -4.61 0.99
N MET A 119 4.34 -5.91 1.23
CA MET A 119 4.40 -6.90 0.16
C MET A 119 3.14 -6.84 -0.70
N ALA A 120 1.97 -6.83 -0.06
CA ALA A 120 0.70 -6.81 -0.78
C ALA A 120 0.60 -5.58 -1.68
N THR A 121 1.06 -4.45 -1.17
CA THR A 121 1.08 -3.21 -1.93
C THR A 121 2.02 -3.31 -3.12
N ASN A 122 3.26 -3.67 -2.83
CA ASN A 122 4.30 -3.78 -3.83
C ASN A 122 3.93 -4.84 -4.88
N ALA A 123 3.28 -5.91 -4.44
CA ALA A 123 2.82 -6.97 -5.32
C ALA A 123 1.73 -6.48 -6.26
N ALA A 124 0.84 -5.63 -5.74
CA ALA A 124 -0.18 -5.00 -6.57
C ALA A 124 0.49 -4.12 -7.61
N ALA A 125 1.62 -3.54 -7.22
CA ALA A 125 2.43 -2.71 -8.11
C ALA A 125 3.07 -3.57 -9.21
N GLN A 126 3.28 -4.85 -8.92
CA GLN A 126 3.88 -5.77 -9.89
C GLN A 126 2.84 -6.19 -10.92
N ASN A 127 1.58 -6.12 -10.52
CA ASN A 127 0.47 -6.51 -11.40
C ASN A 127 0.17 -5.43 -12.42
N ALA A 128 0.86 -4.31 -12.30
CA ALA A 128 0.68 -3.18 -13.21
C ALA A 128 0.82 -3.63 -14.66
N ILE A 129 -0.18 -3.26 -15.46
CA ILE A 129 -0.24 -3.64 -16.85
C ILE A 129 0.99 -3.16 -17.62
N LYS A 130 1.85 -4.12 -17.95
CA LYS A 130 3.03 -3.86 -18.76
C LYS A 130 3.66 -5.20 -19.13
N LYS A 131 3.02 -5.88 -20.07
CA LYS A 131 3.47 -7.18 -20.52
C LYS A 131 3.99 -7.11 -21.95
N GLY A 1 21.23 14.41 -21.37
CA GLY A 1 21.82 13.06 -21.53
C GLY A 1 21.09 12.02 -20.71
N ILE A 2 21.47 10.76 -20.88
CA ILE A 2 20.85 9.68 -20.13
C ILE A 2 21.64 9.40 -18.86
N ASP A 3 21.02 8.69 -17.92
CA ASP A 3 21.63 8.36 -16.63
C ASP A 3 21.96 9.61 -15.84
N PRO A 4 21.05 10.05 -14.97
CA PRO A 4 21.27 11.17 -14.07
C PRO A 4 22.14 10.77 -12.88
N PHE A 5 23.42 11.10 -12.95
CA PHE A 5 24.36 10.79 -11.89
C PHE A 5 24.37 11.91 -10.86
N THR A 6 23.76 11.65 -9.71
CA THR A 6 23.67 12.62 -8.62
C THR A 6 22.89 13.85 -9.06
N ALA A 7 21.57 13.79 -8.91
CA ALA A 7 20.71 14.89 -9.30
C ALA A 7 19.58 15.07 -8.31
N HIS A 8 19.14 16.31 -8.13
CA HIS A 8 18.04 16.62 -7.24
C HIS A 8 16.74 16.69 -8.05
N ALA A 9 15.68 16.08 -7.51
CA ALA A 9 14.38 16.01 -8.17
C ALA A 9 14.50 15.30 -9.50
N THR A 10 14.36 13.98 -9.47
CA THR A 10 14.56 13.15 -10.65
C THR A 10 13.42 12.16 -10.80
N GLY A 11 12.93 11.98 -12.02
CA GLY A 11 11.88 11.03 -12.28
C GLY A 11 12.33 9.96 -13.25
N ALA A 12 13.51 9.41 -13.00
CA ALA A 12 14.09 8.41 -13.90
C ALA A 12 13.62 7.01 -13.50
N GLY A 13 12.34 6.75 -13.72
CA GLY A 13 11.77 5.47 -13.41
C GLY A 13 10.52 5.18 -14.21
N PRO A 14 10.39 3.97 -14.78
CA PRO A 14 9.22 3.58 -15.56
C PRO A 14 7.95 3.55 -14.72
N ALA A 15 6.88 4.12 -15.24
CA ALA A 15 5.63 4.20 -14.53
C ALA A 15 4.50 3.54 -15.30
N GLY A 16 3.68 2.77 -14.61
CA GLY A 16 2.54 2.14 -15.21
C GLY A 16 1.30 2.97 -15.02
N ARG A 17 0.60 2.76 -13.91
CA ARG A 17 -0.59 3.55 -13.60
C ARG A 17 -1.02 3.44 -12.14
N TYR A 18 -0.18 2.85 -11.29
CA TYR A 18 -0.48 2.76 -9.86
C TYR A 18 0.76 3.16 -9.06
N ASP A 19 1.76 3.62 -9.81
CA ASP A 19 3.11 3.78 -9.30
C ASP A 19 3.23 4.87 -8.26
N GLN A 20 2.46 5.94 -8.42
CA GLN A 20 2.50 7.03 -7.46
C GLN A 20 1.91 6.58 -6.12
N ALA A 21 0.80 5.87 -6.18
CA ALA A 21 0.12 5.40 -4.98
C ALA A 21 0.94 4.35 -4.26
N THR A 22 1.49 3.41 -5.02
CA THR A 22 2.33 2.36 -4.43
C THR A 22 3.61 2.95 -3.86
N ASP A 23 4.17 3.93 -4.56
CA ASP A 23 5.37 4.62 -4.10
C ASP A 23 5.12 5.24 -2.73
N THR A 24 3.98 5.90 -2.59
CA THR A 24 3.59 6.49 -1.31
C THR A 24 3.48 5.42 -0.23
N ILE A 25 2.65 4.40 -0.49
CA ILE A 25 2.43 3.33 0.47
C ILE A 25 3.75 2.63 0.84
N LEU A 26 4.52 2.26 -0.18
CA LEU A 26 5.80 1.58 0.01
C LEU A 26 6.72 2.40 0.91
N THR A 27 6.77 3.70 0.69
CA THR A 27 7.63 4.58 1.46
C THR A 27 7.09 4.82 2.87
N VAL A 28 5.78 4.98 2.99
CA VAL A 28 5.16 5.21 4.29
C VAL A 28 5.28 3.98 5.18
N THR A 29 5.13 2.80 4.57
CA THR A 29 5.18 1.54 5.30
C THR A 29 6.44 1.42 6.15
N GLU A 30 7.60 1.61 5.53
CA GLU A 30 8.88 1.47 6.22
C GLU A 30 8.99 2.50 7.34
N ASN A 31 8.27 3.60 7.22
CA ASN A 31 8.32 4.66 8.21
C ASN A 31 7.74 4.24 9.54
N ILE A 32 6.78 3.30 9.52
CA ILE A 32 6.17 2.81 10.76
C ILE A 32 7.24 2.24 11.69
N PHE A 33 8.22 1.55 11.11
CA PHE A 33 9.29 0.95 11.89
C PHE A 33 10.25 2.02 12.40
N SER A 34 10.36 3.13 11.68
CA SER A 34 11.22 4.23 12.09
C SER A 34 10.52 5.05 13.18
N SER A 35 9.21 5.19 13.05
CA SER A 35 8.40 5.90 14.02
C SER A 35 8.06 5.00 15.20
N MET A 36 8.46 3.74 15.12
CA MET A 36 8.19 2.77 16.18
C MET A 36 8.74 3.27 17.51
N GLY A 37 7.83 3.58 18.41
CA GLY A 37 8.21 4.17 19.67
C GLY A 37 7.32 5.34 20.01
N ASP A 38 6.83 6.03 18.98
CA ASP A 38 5.88 7.10 19.16
C ASP A 38 4.52 6.67 18.68
N ALA A 39 3.56 6.61 19.60
CA ALA A 39 2.24 6.07 19.30
C ALA A 39 1.51 6.93 18.29
N GLY A 40 1.46 8.22 18.56
CA GLY A 40 0.82 9.17 17.65
C GLY A 40 1.30 9.03 16.21
N GLU A 41 2.62 9.10 16.01
CA GLU A 41 3.17 9.08 14.66
C GLU A 41 3.00 7.70 14.00
N MET A 42 3.11 6.63 14.80
CA MET A 42 2.90 5.28 14.27
C MET A 42 1.49 5.14 13.71
N VAL A 43 0.50 5.62 14.48
CA VAL A 43 -0.88 5.61 14.02
C VAL A 43 -1.04 6.53 12.81
N ARG A 44 -0.37 7.67 12.87
CA ARG A 44 -0.38 8.65 11.78
C ARG A 44 0.01 7.99 10.46
N GLN A 45 1.13 7.27 10.47
CA GLN A 45 1.62 6.59 9.28
C GLN A 45 0.61 5.56 8.79
N ALA A 46 0.09 4.76 9.72
CA ALA A 46 -0.93 3.76 9.42
C ALA A 46 -2.16 4.38 8.77
N ARG A 47 -2.57 5.54 9.27
CA ARG A 47 -3.72 6.25 8.70
C ARG A 47 -3.45 6.63 7.24
N ILE A 48 -2.22 7.04 6.98
CA ILE A 48 -1.81 7.39 5.62
C ILE A 48 -1.93 6.17 4.71
N LEU A 49 -1.51 5.03 5.22
CA LEU A 49 -1.62 3.77 4.49
C LEU A 49 -3.07 3.45 4.18
N ALA A 50 -3.92 3.51 5.20
CA ALA A 50 -5.34 3.23 5.03
C ALA A 50 -5.93 4.12 3.95
N GLN A 51 -5.55 5.39 3.96
CA GLN A 51 -6.04 6.34 2.97
C GLN A 51 -5.49 6.02 1.58
N ALA A 52 -4.18 5.81 1.51
CA ALA A 52 -3.50 5.54 0.24
C ALA A 52 -3.97 4.23 -0.37
N THR A 53 -4.08 3.21 0.46
CA THR A 53 -4.58 1.92 0.02
C THR A 53 -5.97 2.06 -0.56
N SER A 54 -6.79 2.88 0.08
CA SER A 54 -8.17 3.09 -0.35
C SER A 54 -8.21 3.65 -1.76
N ASP A 55 -7.24 4.50 -2.07
CA ASP A 55 -7.13 5.08 -3.41
C ASP A 55 -6.86 3.97 -4.42
N LEU A 56 -5.90 3.11 -4.11
CA LEU A 56 -5.55 1.99 -4.97
C LEU A 56 -6.68 1.00 -5.10
N VAL A 57 -7.32 0.67 -3.99
CA VAL A 57 -8.42 -0.30 -3.99
C VAL A 57 -9.48 0.09 -5.00
N ASN A 58 -9.91 1.35 -4.96
CA ASN A 58 -10.93 1.85 -5.89
C ASN A 58 -10.39 1.88 -7.31
N ALA A 59 -9.18 2.38 -7.46
CA ALA A 59 -8.54 2.49 -8.77
C ALA A 59 -8.37 1.13 -9.43
N ILE A 60 -7.75 0.20 -8.70
CA ILE A 60 -7.49 -1.13 -9.23
C ILE A 60 -8.78 -1.86 -9.59
N LYS A 61 -9.77 -1.81 -8.69
CA LYS A 61 -11.06 -2.45 -8.93
C LYS A 61 -11.72 -1.90 -10.19
N ALA A 62 -11.78 -0.57 -10.28
CA ALA A 62 -12.43 0.10 -11.40
C ALA A 62 -11.67 -0.10 -12.70
N ASP A 63 -10.34 -0.14 -12.60
CA ASP A 63 -9.51 -0.28 -13.77
C ASP A 63 -9.56 -1.71 -14.30
N ALA A 64 -9.69 -2.66 -13.37
CA ALA A 64 -9.81 -4.08 -13.73
C ALA A 64 -11.08 -4.33 -14.53
N GLU A 65 -12.06 -3.46 -14.35
CA GLU A 65 -13.32 -3.53 -15.09
C GLU A 65 -13.10 -3.13 -16.55
N GLY A 66 -12.06 -2.33 -16.78
CA GLY A 66 -11.75 -1.87 -18.11
C GLY A 66 -10.70 -2.74 -18.78
N GLU A 67 -9.85 -3.36 -17.96
CA GLU A 67 -8.84 -4.29 -18.45
C GLU A 67 -9.51 -5.44 -19.20
N SER A 68 -9.08 -5.67 -20.44
CA SER A 68 -9.68 -6.71 -21.26
C SER A 68 -9.07 -8.08 -20.96
N ASP A 69 -7.81 -8.09 -20.57
CA ASP A 69 -7.12 -9.34 -20.27
C ASP A 69 -7.65 -9.91 -18.96
N LEU A 70 -8.53 -10.90 -19.06
CA LEU A 70 -9.22 -11.44 -17.90
C LEU A 70 -8.26 -11.91 -16.81
N GLU A 71 -7.17 -12.54 -17.23
CA GLU A 71 -6.15 -13.00 -16.29
C GLU A 71 -5.64 -11.83 -15.46
N ASN A 72 -5.29 -10.75 -16.15
CA ASN A 72 -4.81 -9.54 -15.49
C ASN A 72 -5.93 -8.84 -14.74
N SER A 73 -7.14 -8.87 -15.30
CA SER A 73 -8.31 -8.29 -14.64
C SER A 73 -8.52 -8.95 -13.28
N ARG A 74 -8.53 -10.28 -13.27
CA ARG A 74 -8.66 -11.06 -12.05
C ARG A 74 -7.51 -10.78 -11.10
N LYS A 75 -6.29 -10.78 -11.66
CA LYS A 75 -5.08 -10.53 -10.89
C LYS A 75 -5.15 -9.18 -10.18
N LEU A 76 -5.65 -8.18 -10.88
CA LEU A 76 -5.84 -6.85 -10.30
C LEU A 76 -6.83 -6.92 -9.13
N LEU A 77 -8.00 -7.49 -9.38
CA LEU A 77 -9.03 -7.60 -8.35
C LEU A 77 -8.55 -8.40 -7.14
N SER A 78 -7.90 -9.52 -7.42
CA SER A 78 -7.38 -10.38 -6.37
C SER A 78 -6.35 -9.64 -5.53
N ALA A 79 -5.48 -8.87 -6.18
CA ALA A 79 -4.45 -8.11 -5.49
C ALA A 79 -5.05 -6.97 -4.68
N ALA A 80 -6.08 -6.34 -5.23
CA ALA A 80 -6.76 -5.24 -4.55
C ALA A 80 -7.35 -5.70 -3.23
N LYS A 81 -7.96 -6.88 -3.24
CA LYS A 81 -8.54 -7.44 -2.02
C LYS A 81 -7.44 -7.77 -1.02
N ILE A 82 -6.37 -8.40 -1.52
CA ILE A 82 -5.22 -8.73 -0.68
C ILE A 82 -4.64 -7.47 -0.04
N LEU A 83 -4.46 -6.44 -0.86
CA LEU A 83 -3.96 -5.16 -0.40
C LEU A 83 -4.85 -4.57 0.69
N ALA A 84 -6.12 -4.40 0.37
CA ALA A 84 -7.07 -3.78 1.29
C ALA A 84 -7.09 -4.50 2.63
N ASP A 85 -6.84 -5.80 2.60
CA ASP A 85 -6.88 -6.60 3.81
C ASP A 85 -5.56 -6.55 4.56
N ALA A 86 -4.46 -6.58 3.82
CA ALA A 86 -3.15 -6.43 4.42
C ALA A 86 -3.07 -5.08 5.14
N THR A 87 -3.76 -4.10 4.58
CA THR A 87 -3.83 -2.77 5.17
C THR A 87 -4.62 -2.82 6.47
N ALA A 88 -5.80 -3.44 6.43
CA ALA A 88 -6.66 -3.52 7.59
C ALA A 88 -5.94 -4.16 8.78
N LYS A 89 -5.31 -5.31 8.52
CA LYS A 89 -4.57 -6.01 9.56
C LYS A 89 -3.43 -5.13 10.08
N MET A 90 -2.69 -4.51 9.18
CA MET A 90 -1.58 -3.66 9.58
C MET A 90 -2.05 -2.45 10.36
N VAL A 91 -3.05 -1.74 9.84
CA VAL A 91 -3.57 -0.55 10.49
C VAL A 91 -3.99 -0.84 11.93
N GLU A 92 -4.75 -1.91 12.13
CA GLU A 92 -5.18 -2.28 13.47
C GLU A 92 -3.98 -2.66 14.34
N ALA A 93 -3.03 -3.39 13.75
CA ALA A 93 -1.83 -3.78 14.47
C ALA A 93 -1.02 -2.55 14.87
N ALA A 94 -0.85 -1.63 13.92
CA ALA A 94 -0.10 -0.40 14.16
C ALA A 94 -0.73 0.44 15.26
N LYS A 95 -2.05 0.62 15.22
CA LYS A 95 -2.74 1.40 16.22
C LYS A 95 -2.53 0.82 17.62
N GLY A 96 -2.63 -0.51 17.71
CA GLY A 96 -2.42 -1.18 18.97
C GLY A 96 -0.97 -1.16 19.40
N ALA A 97 -0.06 -1.39 18.46
CA ALA A 97 1.37 -1.41 18.75
C ALA A 97 1.86 -0.05 19.16
N ALA A 98 1.23 0.98 18.61
CA ALA A 98 1.58 2.34 18.95
C ALA A 98 1.12 2.67 20.36
N ALA A 99 -0.18 2.54 20.59
CA ALA A 99 -0.77 2.93 21.87
C ALA A 99 -0.34 2.00 22.99
N HIS A 100 -0.03 0.75 22.65
CA HIS A 100 0.56 -0.18 23.61
C HIS A 100 2.03 -0.34 23.31
N PRO A 101 2.88 0.55 23.87
CA PRO A 101 4.28 0.71 23.44
C PRO A 101 5.11 -0.56 23.65
N ASP A 102 5.11 -1.07 24.87
CA ASP A 102 5.97 -2.20 25.24
C ASP A 102 5.43 -3.52 24.69
N SER A 103 4.16 -3.54 24.30
CA SER A 103 3.48 -4.77 23.93
C SER A 103 4.20 -5.49 22.79
N GLU A 104 4.93 -6.53 23.14
CA GLU A 104 5.69 -7.32 22.17
C GLU A 104 4.75 -8.02 21.20
N GLU A 105 3.56 -8.37 21.66
CA GLU A 105 2.56 -8.99 20.80
C GLU A 105 2.12 -8.02 19.72
N GLN A 106 1.77 -6.81 20.14
CA GLN A 106 1.34 -5.77 19.21
C GLN A 106 2.44 -5.49 18.18
N GLN A 107 3.67 -5.39 18.66
CA GLN A 107 4.81 -5.15 17.77
C GLN A 107 4.97 -6.31 16.80
N GLN A 108 4.93 -7.54 17.32
CA GLN A 108 5.09 -8.73 16.51
C GLN A 108 4.01 -8.81 15.42
N ARG A 109 2.78 -8.50 15.81
CA ARG A 109 1.67 -8.48 14.86
C ARG A 109 1.94 -7.47 13.75
N LEU A 110 2.40 -6.28 14.14
CA LEU A 110 2.70 -5.22 13.19
C LEU A 110 3.86 -5.59 12.26
N ARG A 111 4.89 -6.23 12.83
CA ARG A 111 6.07 -6.60 12.06
C ARG A 111 5.71 -7.40 10.81
N GLU A 112 4.88 -8.42 10.99
CA GLU A 112 4.50 -9.28 9.88
C GLU A 112 3.40 -8.63 9.04
N ALA A 113 2.54 -7.86 9.69
CA ALA A 113 1.44 -7.19 9.01
C ALA A 113 1.96 -6.11 8.05
N ALA A 114 2.91 -5.33 8.51
CA ALA A 114 3.47 -4.25 7.71
C ALA A 114 4.18 -4.80 6.48
N GLU A 115 4.90 -5.90 6.66
CA GLU A 115 5.57 -6.55 5.55
C GLU A 115 4.56 -7.14 4.58
N GLY A 116 3.47 -7.66 5.12
CA GLY A 116 2.41 -8.16 4.28
C GLY A 116 1.74 -7.05 3.49
N LEU A 117 1.53 -5.92 4.15
CA LEU A 117 0.96 -4.74 3.53
C LEU A 117 1.89 -4.20 2.44
N ARG A 118 3.16 -4.04 2.79
CA ARG A 118 4.15 -3.54 1.84
C ARG A 118 4.27 -4.47 0.64
N MET A 119 4.27 -5.77 0.91
CA MET A 119 4.35 -6.77 -0.14
C MET A 119 3.09 -6.77 -1.02
N ALA A 120 1.94 -6.66 -0.39
CA ALA A 120 0.67 -6.62 -1.11
C ALA A 120 0.60 -5.39 -2.01
N THR A 121 1.03 -4.25 -1.48
CA THR A 121 1.07 -3.03 -2.24
C THR A 121 2.11 -3.14 -3.36
N ASN A 122 3.25 -3.73 -3.03
CA ASN A 122 4.31 -3.95 -4.00
C ASN A 122 3.80 -4.85 -5.13
N ALA A 123 2.91 -5.77 -4.78
CA ALA A 123 2.27 -6.64 -5.75
C ALA A 123 1.38 -5.84 -6.69
N ALA A 124 0.61 -4.91 -6.14
CA ALA A 124 -0.21 -4.02 -6.96
C ALA A 124 0.68 -3.17 -7.86
N ALA A 125 1.87 -2.85 -7.36
CA ALA A 125 2.85 -2.08 -8.10
C ALA A 125 3.33 -2.85 -9.33
N GLN A 126 3.66 -4.13 -9.14
CA GLN A 126 4.15 -4.96 -10.23
C GLN A 126 3.02 -5.36 -11.18
N ASN A 127 1.77 -5.30 -10.69
CA ASN A 127 0.61 -5.61 -11.50
C ASN A 127 0.26 -4.45 -12.45
N ALA A 128 0.96 -3.33 -12.29
CA ALA A 128 0.78 -2.18 -13.16
C ALA A 128 1.51 -2.40 -14.49
N ILE A 129 1.40 -3.61 -15.03
CA ILE A 129 2.12 -4.03 -16.21
C ILE A 129 3.62 -3.78 -16.05
N LYS A 130 4.28 -4.70 -15.37
CA LYS A 130 5.71 -4.63 -15.15
C LYS A 130 6.37 -5.88 -15.69
N LYS A 131 6.73 -5.84 -16.97
CA LYS A 131 7.34 -6.97 -17.63
C LYS A 131 8.48 -6.51 -18.51
N GLY A 1 -24.74 21.62 -16.36
CA GLY A 1 -25.28 21.83 -17.73
C GLY A 1 -24.17 21.86 -18.77
N ILE A 2 -23.12 22.62 -18.49
CA ILE A 2 -21.98 22.72 -19.39
C ILE A 2 -20.68 22.50 -18.62
N ASP A 3 -19.85 21.60 -19.12
CA ASP A 3 -18.58 21.29 -18.50
C ASP A 3 -17.49 22.23 -19.01
N PRO A 4 -16.72 22.85 -18.10
CA PRO A 4 -15.63 23.75 -18.45
C PRO A 4 -14.53 23.05 -19.24
N PHE A 5 -14.20 23.60 -20.40
CA PHE A 5 -13.18 22.99 -21.27
C PHE A 5 -11.80 23.06 -20.63
N THR A 6 -11.60 24.05 -19.77
CA THR A 6 -10.36 24.18 -19.04
C THR A 6 -10.35 23.22 -17.85
N ALA A 7 -11.41 23.29 -17.07
CA ALA A 7 -11.65 22.41 -15.93
C ALA A 7 -10.73 22.73 -14.75
N HIS A 8 -11.19 22.40 -13.55
CA HIS A 8 -10.41 22.61 -12.34
C HIS A 8 -9.75 21.31 -11.91
N ALA A 9 -9.81 20.31 -12.78
CA ALA A 9 -9.13 19.04 -12.53
C ALA A 9 -7.71 19.11 -13.07
N THR A 10 -6.77 18.51 -12.35
CA THR A 10 -5.38 18.54 -12.76
C THR A 10 -4.74 17.16 -12.63
N GLY A 11 -4.92 16.37 -13.67
CA GLY A 11 -4.32 15.05 -13.72
C GLY A 11 -3.86 14.71 -15.12
N ALA A 12 -3.05 15.59 -15.68
CA ALA A 12 -2.62 15.48 -17.07
C ALA A 12 -1.16 15.05 -17.16
N GLY A 13 -0.53 14.88 -16.00
CA GLY A 13 0.85 14.44 -15.97
C GLY A 13 0.98 12.96 -16.27
N PRO A 14 2.14 12.52 -16.82
CA PRO A 14 2.37 11.11 -17.13
C PRO A 14 2.32 10.23 -15.90
N ALA A 15 1.64 9.10 -16.02
CA ALA A 15 1.52 8.17 -14.92
C ALA A 15 1.52 6.75 -15.44
N GLY A 16 1.92 5.81 -14.60
CA GLY A 16 1.85 4.41 -14.96
C GLY A 16 0.42 3.90 -14.84
N ARG A 17 0.17 3.06 -13.85
CA ARG A 17 -1.18 2.60 -13.57
C ARG A 17 -1.54 2.91 -12.11
N TYR A 18 -0.79 2.30 -11.20
CA TYR A 18 -1.05 2.44 -9.79
C TYR A 18 0.20 2.99 -9.11
N ASP A 19 1.12 3.47 -9.93
CA ASP A 19 2.48 3.77 -9.52
C ASP A 19 2.53 4.92 -8.53
N GLN A 20 1.71 5.94 -8.74
CA GLN A 20 1.71 7.11 -7.88
C GLN A 20 1.29 6.74 -6.46
N ALA A 21 0.17 6.05 -6.34
CA ALA A 21 -0.39 5.73 -5.04
C ALA A 21 0.41 4.63 -4.33
N THR A 22 0.91 3.67 -5.10
CA THR A 22 1.71 2.60 -4.51
C THR A 22 3.00 3.16 -3.92
N ASP A 23 3.63 4.08 -4.66
CA ASP A 23 4.85 4.73 -4.20
C ASP A 23 4.63 5.36 -2.83
N THR A 24 3.48 6.01 -2.68
CA THR A 24 3.11 6.61 -1.42
C THR A 24 3.09 5.56 -0.31
N ILE A 25 2.36 4.46 -0.54
CA ILE A 25 2.23 3.42 0.46
C ILE A 25 3.58 2.77 0.78
N LEU A 26 4.32 2.37 -0.25
CA LEU A 26 5.63 1.73 -0.05
C LEU A 26 6.55 2.59 0.81
N THR A 27 6.54 3.90 0.57
CA THR A 27 7.39 4.82 1.33
C THR A 27 6.88 4.98 2.76
N VAL A 28 5.59 5.27 2.90
CA VAL A 28 5.00 5.52 4.22
C VAL A 28 5.13 4.31 5.13
N THR A 29 5.02 3.12 4.55
CA THR A 29 5.15 1.88 5.31
C THR A 29 6.47 1.82 6.09
N GLU A 30 7.56 2.19 5.42
CA GLU A 30 8.88 2.18 6.05
C GLU A 30 8.94 3.17 7.21
N ASN A 31 8.10 4.18 7.15
CA ASN A 31 8.11 5.23 8.15
C ASN A 31 7.55 4.75 9.49
N ILE A 32 6.73 3.70 9.46
CA ILE A 32 6.19 3.15 10.70
C ILE A 32 7.29 2.52 11.54
N PHE A 33 8.16 1.75 10.89
CA PHE A 33 9.25 1.08 11.60
C PHE A 33 10.29 2.10 12.07
N SER A 34 10.43 3.18 11.32
CA SER A 34 11.36 4.24 11.69
C SER A 34 10.80 5.03 12.88
N SER A 35 9.50 5.26 12.87
CA SER A 35 8.82 5.99 13.94
C SER A 35 8.49 5.07 15.11
N MET A 36 8.74 3.77 14.93
CA MET A 36 8.46 2.77 15.95
C MET A 36 9.14 3.13 17.26
N GLY A 37 8.33 3.29 18.29
CA GLY A 37 8.82 3.75 19.57
C GLY A 37 7.99 4.90 20.07
N ASP A 38 7.31 5.57 19.16
CA ASP A 38 6.40 6.65 19.50
C ASP A 38 4.97 6.24 19.14
N ALA A 39 4.13 6.11 20.15
CA ALA A 39 2.79 5.59 19.95
C ALA A 39 1.94 6.50 19.07
N GLY A 40 1.91 7.78 19.40
CA GLY A 40 1.13 8.73 18.65
C GLY A 40 1.51 8.79 17.17
N GLU A 41 2.80 8.78 16.89
CA GLU A 41 3.29 8.88 15.52
C GLU A 41 2.95 7.63 14.71
N MET A 42 3.13 6.45 15.30
CA MET A 42 2.92 5.19 14.59
C MET A 42 1.48 5.05 14.11
N VAL A 43 0.54 5.47 14.94
CA VAL A 43 -0.88 5.41 14.58
C VAL A 43 -1.18 6.37 13.43
N ARG A 44 -0.52 7.52 13.45
CA ARG A 44 -0.67 8.51 12.38
C ARG A 44 -0.21 7.92 11.05
N GLN A 45 0.95 7.28 11.06
CA GLN A 45 1.51 6.68 9.86
C GLN A 45 0.56 5.65 9.26
N ALA A 46 -0.07 4.86 10.13
CA ALA A 46 -1.02 3.85 9.69
C ALA A 46 -2.25 4.49 9.03
N ARG A 47 -2.66 5.63 9.58
CA ARG A 47 -3.80 6.38 9.03
C ARG A 47 -3.50 6.84 7.61
N ILE A 48 -2.25 7.22 7.36
CA ILE A 48 -1.82 7.64 6.05
C ILE A 48 -1.92 6.48 5.05
N LEU A 49 -1.49 5.29 5.47
CA LEU A 49 -1.58 4.10 4.63
C LEU A 49 -3.03 3.79 4.28
N ALA A 50 -3.90 3.84 5.30
CA ALA A 50 -5.31 3.56 5.12
C ALA A 50 -5.92 4.48 4.06
N GLN A 51 -5.51 5.74 4.09
CA GLN A 51 -6.00 6.72 3.13
C GLN A 51 -5.52 6.36 1.72
N ALA A 52 -4.23 6.11 1.59
CA ALA A 52 -3.60 5.83 0.30
C ALA A 52 -4.15 4.57 -0.33
N THR A 53 -4.27 3.51 0.46
CA THR A 53 -4.78 2.24 -0.02
C THR A 53 -6.19 2.40 -0.60
N SER A 54 -6.98 3.26 0.04
CA SER A 54 -8.38 3.44 -0.35
C SER A 54 -8.49 3.90 -1.80
N ASP A 55 -7.55 4.72 -2.23
CA ASP A 55 -7.55 5.23 -3.60
C ASP A 55 -7.16 4.13 -4.58
N LEU A 56 -6.19 3.31 -4.17
CA LEU A 56 -5.72 2.21 -5.00
C LEU A 56 -6.78 1.16 -5.23
N VAL A 57 -7.53 0.82 -4.19
CA VAL A 57 -8.56 -0.20 -4.29
C VAL A 57 -9.51 0.10 -5.44
N ASN A 58 -9.87 1.37 -5.59
CA ASN A 58 -10.75 1.79 -6.68
C ASN A 58 -10.00 1.79 -8.01
N ALA A 59 -8.77 2.31 -7.99
CA ALA A 59 -7.97 2.41 -9.20
C ALA A 59 -7.67 1.05 -9.80
N ILE A 60 -7.23 0.11 -8.95
CA ILE A 60 -6.90 -1.24 -9.39
C ILE A 60 -8.11 -1.91 -10.04
N LYS A 61 -9.27 -1.78 -9.39
CA LYS A 61 -10.50 -2.35 -9.91
C LYS A 61 -10.81 -1.77 -11.28
N ALA A 62 -10.71 -0.46 -11.40
CA ALA A 62 -11.04 0.24 -12.64
C ALA A 62 -10.13 -0.19 -13.78
N ASP A 63 -8.84 -0.32 -13.50
CA ASP A 63 -7.88 -0.71 -14.54
C ASP A 63 -8.02 -2.19 -14.87
N ALA A 64 -8.43 -2.98 -13.88
CA ALA A 64 -8.68 -4.41 -14.08
C ALA A 64 -9.85 -4.60 -15.04
N GLU A 65 -10.84 -3.72 -14.96
CA GLU A 65 -12.00 -3.77 -15.84
C GLU A 65 -11.63 -3.29 -17.24
N GLY A 66 -10.49 -2.61 -17.33
CA GLY A 66 -10.01 -2.16 -18.62
C GLY A 66 -9.09 -3.18 -19.27
N GLU A 67 -8.78 -4.23 -18.53
CA GLU A 67 -7.93 -5.30 -19.01
C GLU A 67 -8.76 -6.31 -19.81
N SER A 68 -8.18 -6.81 -20.90
CA SER A 68 -8.85 -7.75 -21.78
C SER A 68 -8.57 -9.19 -21.33
N ASP A 69 -7.50 -9.35 -20.55
CA ASP A 69 -7.12 -10.66 -20.05
C ASP A 69 -7.65 -10.87 -18.65
N LEU A 70 -8.67 -11.73 -18.51
CA LEU A 70 -9.28 -11.98 -17.21
C LEU A 70 -8.31 -12.59 -16.23
N GLU A 71 -7.33 -13.34 -16.75
CA GLU A 71 -6.30 -13.93 -15.91
C GLU A 71 -5.57 -12.83 -15.15
N ASN A 72 -5.34 -11.74 -15.85
CA ASN A 72 -4.73 -10.56 -15.26
C ASN A 72 -5.76 -9.75 -14.48
N SER A 73 -6.96 -9.60 -15.06
CA SER A 73 -8.03 -8.83 -14.44
C SER A 73 -8.34 -9.34 -13.04
N ARG A 74 -8.53 -10.65 -12.92
CA ARG A 74 -8.84 -11.27 -11.63
C ARG A 74 -7.64 -11.18 -10.69
N LYS A 75 -6.45 -11.18 -11.27
CA LYS A 75 -5.22 -11.04 -10.49
C LYS A 75 -5.11 -9.64 -9.92
N LEU A 76 -5.54 -8.66 -10.70
CA LEU A 76 -5.62 -7.28 -10.25
C LEU A 76 -6.69 -7.12 -9.18
N LEU A 77 -7.88 -7.67 -9.45
CA LEU A 77 -8.99 -7.61 -8.52
C LEU A 77 -8.62 -8.20 -7.16
N SER A 78 -8.05 -9.40 -7.18
CA SER A 78 -7.64 -10.07 -5.95
C SER A 78 -6.57 -9.27 -5.23
N ALA A 79 -5.64 -8.70 -5.99
CA ALA A 79 -4.58 -7.89 -5.41
C ALA A 79 -5.16 -6.70 -4.65
N ALA A 80 -6.18 -6.06 -5.24
CA ALA A 80 -6.85 -4.94 -4.59
C ALA A 80 -7.53 -5.38 -3.31
N LYS A 81 -8.18 -6.54 -3.35
CA LYS A 81 -8.87 -7.07 -2.19
C LYS A 81 -7.87 -7.48 -1.10
N ILE A 82 -6.76 -8.06 -1.52
CA ILE A 82 -5.67 -8.39 -0.60
C ILE A 82 -5.11 -7.13 0.02
N LEU A 83 -4.84 -6.13 -0.82
CA LEU A 83 -4.30 -4.86 -0.38
C LEU A 83 -5.18 -4.20 0.68
N ALA A 84 -6.45 -3.98 0.33
CA ALA A 84 -7.38 -3.29 1.21
C ALA A 84 -7.42 -3.95 2.58
N ASP A 85 -7.29 -5.26 2.59
CA ASP A 85 -7.38 -6.02 3.83
C ASP A 85 -6.07 -6.04 4.57
N ALA A 86 -4.98 -6.16 3.84
CA ALA A 86 -3.65 -6.09 4.42
C ALA A 86 -3.44 -4.75 5.11
N THR A 87 -4.14 -3.74 4.60
CA THR A 87 -4.10 -2.40 5.18
C THR A 87 -4.84 -2.37 6.52
N ALA A 88 -6.06 -2.89 6.54
CA ALA A 88 -6.84 -2.97 7.77
C ALA A 88 -6.07 -3.75 8.82
N LYS A 89 -5.52 -4.89 8.41
CA LYS A 89 -4.64 -5.70 9.23
C LYS A 89 -3.49 -4.86 9.78
N MET A 90 -2.84 -4.15 8.87
CA MET A 90 -1.69 -3.30 9.18
C MET A 90 -2.06 -2.21 10.19
N VAL A 91 -3.09 -1.45 9.84
CA VAL A 91 -3.52 -0.31 10.63
C VAL A 91 -3.86 -0.71 12.07
N GLU A 92 -4.55 -1.84 12.23
CA GLU A 92 -4.92 -2.30 13.56
C GLU A 92 -3.69 -2.73 14.36
N ALA A 93 -2.73 -3.34 13.68
CA ALA A 93 -1.51 -3.79 14.32
C ALA A 93 -0.65 -2.60 14.73
N ALA A 94 -0.61 -1.60 13.87
CA ALA A 94 0.12 -0.37 14.14
C ALA A 94 -0.43 0.31 15.39
N LYS A 95 -1.76 0.37 15.49
CA LYS A 95 -2.42 0.94 16.65
C LYS A 95 -1.99 0.22 17.93
N GLY A 96 -2.09 -1.11 17.89
CA GLY A 96 -1.75 -1.90 19.05
C GLY A 96 -0.29 -1.80 19.42
N ALA A 97 0.58 -1.90 18.42
CA ALA A 97 2.02 -1.84 18.63
C ALA A 97 2.46 -0.46 19.11
N ALA A 98 1.73 0.56 18.69
CA ALA A 98 2.04 1.91 19.08
C ALA A 98 1.54 2.17 20.51
N ALA A 99 0.23 2.13 20.69
CA ALA A 99 -0.38 2.50 21.97
C ALA A 99 0.06 1.56 23.10
N HIS A 100 0.33 0.31 22.75
CA HIS A 100 0.95 -0.61 23.69
C HIS A 100 2.41 -0.84 23.30
N PRO A 101 3.31 0.07 23.73
CA PRO A 101 4.70 0.07 23.28
C PRO A 101 5.47 -1.18 23.72
N ASP A 102 5.22 -1.60 24.96
CA ASP A 102 5.94 -2.72 25.57
C ASP A 102 5.47 -4.07 25.04
N SER A 103 4.38 -4.08 24.30
CA SER A 103 3.83 -5.33 23.78
C SER A 103 4.60 -5.80 22.56
N GLU A 104 5.53 -6.73 22.77
CA GLU A 104 6.32 -7.28 21.68
C GLU A 104 5.44 -8.11 20.74
N GLU A 105 4.34 -8.62 21.29
CA GLU A 105 3.36 -9.35 20.52
C GLU A 105 2.78 -8.45 19.44
N GLN A 106 2.35 -7.27 19.84
CA GLN A 106 1.81 -6.30 18.92
C GLN A 106 2.85 -5.84 17.92
N GLN A 107 4.11 -5.77 18.37
CA GLN A 107 5.21 -5.41 17.50
C GLN A 107 5.36 -6.44 16.39
N GLN A 108 5.37 -7.71 16.77
CA GLN A 108 5.47 -8.80 15.81
C GLN A 108 4.26 -8.82 14.89
N ARG A 109 3.08 -8.61 15.47
CA ARG A 109 1.85 -8.55 14.69
C ARG A 109 1.93 -7.43 13.66
N LEU A 110 2.51 -6.31 14.07
CA LEU A 110 2.70 -5.18 13.17
C LEU A 110 3.68 -5.55 12.07
N ARG A 111 4.72 -6.28 12.40
CA ARG A 111 5.67 -6.75 11.40
C ARG A 111 4.95 -7.59 10.35
N GLU A 112 4.18 -8.57 10.81
CA GLU A 112 3.39 -9.42 9.92
C GLU A 112 2.47 -8.58 9.05
N ALA A 113 1.74 -7.67 9.70
CA ALA A 113 0.75 -6.86 9.04
C ALA A 113 1.39 -5.88 8.05
N ALA A 114 2.44 -5.20 8.48
CA ALA A 114 3.11 -4.21 7.65
C ALA A 114 3.83 -4.88 6.48
N GLU A 115 4.42 -6.04 6.72
CA GLU A 115 5.06 -6.79 5.65
C GLU A 115 4.02 -7.34 4.68
N GLY A 116 2.87 -7.75 5.23
CA GLY A 116 1.77 -8.18 4.39
C GLY A 116 1.22 -7.03 3.57
N LEU A 117 1.08 -5.88 4.23
CA LEU A 117 0.62 -4.67 3.56
C LEU A 117 1.63 -4.25 2.49
N ARG A 118 2.90 -4.25 2.85
CA ARG A 118 3.96 -3.92 1.91
C ARG A 118 3.93 -4.88 0.73
N MET A 119 3.84 -6.18 1.03
CA MET A 119 3.76 -7.20 0.00
C MET A 119 2.56 -6.97 -0.91
N ALA A 120 1.39 -6.77 -0.31
CA ALA A 120 0.16 -6.55 -1.07
C ALA A 120 0.27 -5.31 -1.94
N THR A 121 0.75 -4.22 -1.36
CA THR A 121 0.91 -2.97 -2.07
C THR A 121 1.95 -3.10 -3.18
N ASN A 122 3.09 -3.68 -2.84
CA ASN A 122 4.18 -3.85 -3.79
C ASN A 122 3.76 -4.82 -4.90
N ALA A 123 2.91 -5.78 -4.54
CA ALA A 123 2.32 -6.69 -5.51
C ALA A 123 1.41 -5.92 -6.45
N ALA A 124 0.59 -5.03 -5.90
CA ALA A 124 -0.25 -4.16 -6.72
C ALA A 124 0.62 -3.27 -7.60
N ALA A 125 1.79 -2.91 -7.07
CA ALA A 125 2.75 -2.09 -7.81
C ALA A 125 3.34 -2.86 -9.00
N GLN A 126 3.65 -4.14 -8.77
CA GLN A 126 4.20 -4.98 -9.84
C GLN A 126 3.10 -5.44 -10.79
N ASN A 127 1.85 -5.44 -10.31
CA ASN A 127 0.71 -5.81 -11.12
C ASN A 127 0.42 -4.77 -12.19
N ALA A 128 1.01 -3.59 -12.02
CA ALA A 128 0.89 -2.54 -13.01
C ALA A 128 1.71 -2.89 -14.24
N ILE A 129 1.02 -3.22 -15.33
CA ILE A 129 1.67 -3.57 -16.58
C ILE A 129 2.51 -2.40 -17.09
N LYS A 130 3.74 -2.69 -17.45
CA LYS A 130 4.67 -1.66 -17.85
C LYS A 130 5.62 -2.22 -18.91
N LYS A 131 5.34 -1.91 -20.16
CA LYS A 131 6.13 -2.41 -21.28
C LYS A 131 5.92 -1.56 -22.52
N GLY A 1 13.60 -0.06 -4.51
CA GLY A 1 13.43 -0.77 -5.78
C GLY A 1 13.46 0.17 -6.97
N ILE A 2 12.34 0.24 -7.67
CA ILE A 2 12.22 1.12 -8.83
C ILE A 2 11.44 2.38 -8.46
N ASP A 3 11.69 2.84 -7.24
CA ASP A 3 10.96 3.96 -6.64
C ASP A 3 10.93 5.19 -7.56
N PRO A 4 9.74 5.55 -8.03
CA PRO A 4 9.53 6.75 -8.82
C PRO A 4 9.10 7.92 -7.94
N PHE A 5 10.03 8.41 -7.15
CA PHE A 5 9.75 9.42 -6.13
C PHE A 5 9.21 10.71 -6.76
N THR A 6 7.90 10.90 -6.66
CA THR A 6 7.23 12.10 -7.15
C THR A 6 7.44 12.26 -8.66
N ALA A 7 7.37 11.14 -9.38
CA ALA A 7 7.52 11.16 -10.83
C ALA A 7 6.40 11.97 -11.48
N HIS A 8 6.78 13.03 -12.18
CA HIS A 8 5.82 13.90 -12.86
C HIS A 8 6.12 13.93 -14.36
N ALA A 9 5.09 13.65 -15.17
CA ALA A 9 5.24 13.58 -16.62
C ALA A 9 6.35 12.60 -17.01
N THR A 10 6.10 11.31 -16.82
CA THR A 10 7.12 10.30 -17.05
C THR A 10 6.84 9.52 -18.34
N GLY A 11 5.78 9.88 -19.04
CA GLY A 11 5.42 9.16 -20.25
C GLY A 11 3.94 8.87 -20.33
N ALA A 12 3.33 8.79 -19.16
CA ALA A 12 1.90 8.58 -19.06
C ALA A 12 1.33 9.45 -17.95
N GLY A 13 1.96 10.59 -17.74
CA GLY A 13 1.65 11.41 -16.59
C GLY A 13 2.41 10.93 -15.38
N PRO A 14 1.71 10.50 -14.33
CA PRO A 14 2.35 9.86 -13.17
C PRO A 14 3.01 8.55 -13.57
N ALA A 15 3.87 8.04 -12.71
CA ALA A 15 4.62 6.82 -13.00
C ALA A 15 3.70 5.61 -13.13
N GLY A 16 3.85 4.90 -14.24
CA GLY A 16 3.13 3.67 -14.46
C GLY A 16 1.63 3.83 -14.43
N ARG A 17 0.96 2.94 -13.71
CA ARG A 17 -0.48 2.97 -13.60
C ARG A 17 -0.89 3.18 -12.15
N TYR A 18 -0.33 2.38 -11.25
CA TYR A 18 -0.59 2.51 -9.83
C TYR A 18 0.72 2.82 -9.11
N ASP A 19 1.76 3.05 -9.89
CA ASP A 19 3.12 3.08 -9.36
C ASP A 19 3.35 4.28 -8.44
N GLN A 20 2.63 5.37 -8.67
CA GLN A 20 2.70 6.53 -7.78
C GLN A 20 2.00 6.23 -6.46
N ALA A 21 0.79 5.70 -6.54
CA ALA A 21 -0.01 5.41 -5.36
C ALA A 21 0.63 4.30 -4.52
N THR A 22 1.19 3.31 -5.20
CA THR A 22 1.89 2.23 -4.51
C THR A 22 3.15 2.75 -3.85
N ASP A 23 3.90 3.59 -4.59
CA ASP A 23 5.11 4.21 -4.06
C ASP A 23 4.83 4.88 -2.73
N THR A 24 3.70 5.58 -2.65
CA THR A 24 3.27 6.19 -1.41
C THR A 24 3.17 5.14 -0.30
N ILE A 25 2.43 4.07 -0.56
CA ILE A 25 2.25 3.00 0.41
C ILE A 25 3.57 2.33 0.76
N LEU A 26 4.34 1.92 -0.25
CA LEU A 26 5.63 1.25 -0.04
C LEU A 26 6.55 2.11 0.82
N THR A 27 6.53 3.42 0.61
CA THR A 27 7.40 4.33 1.35
C THR A 27 6.88 4.56 2.77
N VAL A 28 5.58 4.82 2.90
CA VAL A 28 4.99 5.10 4.20
C VAL A 28 5.09 3.87 5.12
N THR A 29 5.11 2.69 4.53
CA THR A 29 5.22 1.44 5.28
C THR A 29 6.41 1.45 6.24
N GLU A 30 7.59 1.78 5.74
CA GLU A 30 8.80 1.75 6.56
C GLU A 30 8.74 2.84 7.63
N ASN A 31 7.96 3.89 7.37
CA ASN A 31 7.86 5.01 8.28
C ASN A 31 7.38 4.57 9.66
N ILE A 32 6.52 3.57 9.70
CA ILE A 32 6.00 3.06 10.98
C ILE A 32 7.13 2.56 11.86
N PHE A 33 8.13 1.93 11.24
CA PHE A 33 9.29 1.42 11.97
C PHE A 33 10.21 2.56 12.36
N SER A 34 10.22 3.60 11.54
CA SER A 34 11.02 4.77 11.82
C SER A 34 10.43 5.57 12.98
N SER A 35 9.12 5.76 12.93
CA SER A 35 8.40 6.52 13.94
C SER A 35 8.10 5.66 15.17
N MET A 36 8.48 4.38 15.10
CA MET A 36 8.25 3.43 16.19
C MET A 36 8.74 4.01 17.51
N GLY A 37 7.80 4.22 18.42
CA GLY A 37 8.11 4.87 19.67
C GLY A 37 7.11 5.96 19.96
N ASP A 38 6.76 6.72 18.92
CA ASP A 38 5.72 7.73 19.03
C ASP A 38 4.40 7.14 18.53
N ALA A 39 3.47 6.96 19.44
CA ALA A 39 2.22 6.28 19.14
C ALA A 39 1.39 7.04 18.12
N GLY A 40 1.18 8.33 18.37
CA GLY A 40 0.43 9.15 17.45
C GLY A 40 1.02 9.18 16.05
N GLU A 41 2.33 9.31 15.96
CA GLU A 41 3.01 9.36 14.67
C GLU A 41 2.92 8.00 13.96
N MET A 42 3.05 6.91 14.72
CA MET A 42 2.92 5.57 14.15
C MET A 42 1.53 5.36 13.56
N VAL A 43 0.51 5.72 14.32
CA VAL A 43 -0.86 5.59 13.86
C VAL A 43 -1.11 6.54 12.69
N ARG A 44 -0.48 7.71 12.72
CA ARG A 44 -0.57 8.68 11.64
C ARG A 44 -0.15 8.05 10.32
N GLN A 45 1.00 7.37 10.33
CA GLN A 45 1.51 6.70 9.14
C GLN A 45 0.57 5.59 8.69
N ALA A 46 0.05 4.84 9.66
CA ALA A 46 -0.94 3.79 9.39
C ALA A 46 -2.18 4.37 8.71
N ARG A 47 -2.62 5.55 9.16
CA ARG A 47 -3.76 6.22 8.55
C ARG A 47 -3.47 6.57 7.10
N ILE A 48 -2.25 7.05 6.85
CA ILE A 48 -1.82 7.38 5.50
C ILE A 48 -1.87 6.13 4.62
N LEU A 49 -1.37 5.02 5.16
CA LEU A 49 -1.43 3.74 4.46
C LEU A 49 -2.87 3.33 4.16
N ALA A 50 -3.72 3.44 5.17
CA ALA A 50 -5.13 3.11 5.01
C ALA A 50 -5.76 3.97 3.92
N GLN A 51 -5.58 5.28 4.03
CA GLN A 51 -6.13 6.23 3.07
C GLN A 51 -5.61 5.94 1.66
N ALA A 52 -4.30 5.76 1.55
CA ALA A 52 -3.66 5.47 0.28
C ALA A 52 -4.20 4.16 -0.30
N THR A 53 -4.28 3.15 0.55
CA THR A 53 -4.78 1.85 0.12
C THR A 53 -6.23 1.95 -0.32
N SER A 54 -7.01 2.75 0.40
CA SER A 54 -8.43 2.90 0.10
C SER A 54 -8.61 3.45 -1.32
N ASP A 55 -7.83 4.46 -1.65
CA ASP A 55 -7.87 5.05 -2.98
C ASP A 55 -7.32 4.08 -4.01
N LEU A 56 -6.30 3.33 -3.62
CA LEU A 56 -5.67 2.37 -4.53
C LEU A 56 -6.61 1.22 -4.85
N VAL A 57 -7.31 0.71 -3.84
CA VAL A 57 -8.28 -0.37 -4.03
C VAL A 57 -9.31 0.02 -5.07
N ASN A 58 -9.88 1.21 -4.91
CA ASN A 58 -10.88 1.71 -5.85
C ASN A 58 -10.27 1.86 -7.24
N ALA A 59 -9.08 2.45 -7.29
CA ALA A 59 -8.39 2.66 -8.56
C ALA A 59 -8.11 1.34 -9.26
N ILE A 60 -7.54 0.39 -8.54
CA ILE A 60 -7.19 -0.91 -9.10
C ILE A 60 -8.45 -1.64 -9.59
N LYS A 61 -9.48 -1.67 -8.75
CA LYS A 61 -10.69 -2.40 -9.08
C LYS A 61 -11.46 -1.73 -10.21
N ALA A 62 -11.50 -0.41 -10.22
CA ALA A 62 -12.17 0.32 -11.30
C ALA A 62 -11.40 0.18 -12.61
N ASP A 63 -10.07 0.20 -12.50
CA ASP A 63 -9.20 0.05 -13.66
C ASP A 63 -9.28 -1.37 -14.20
N ALA A 64 -9.49 -2.32 -13.30
CA ALA A 64 -9.66 -3.71 -13.67
C ALA A 64 -10.93 -3.91 -14.50
N GLU A 65 -11.96 -3.11 -14.19
CA GLU A 65 -13.22 -3.19 -14.91
C GLU A 65 -13.07 -2.60 -16.31
N GLY A 66 -12.19 -1.62 -16.44
CA GLY A 66 -11.93 -1.03 -17.74
C GLY A 66 -10.87 -1.79 -18.50
N GLU A 67 -10.08 -2.56 -17.78
CA GLU A 67 -9.03 -3.38 -18.36
C GLU A 67 -9.63 -4.41 -19.31
N SER A 68 -9.18 -4.39 -20.56
CA SER A 68 -9.68 -5.32 -21.56
C SER A 68 -8.99 -6.68 -21.41
N ASP A 69 -7.90 -6.70 -20.65
CA ASP A 69 -7.16 -7.93 -20.41
C ASP A 69 -7.77 -8.67 -19.24
N LEU A 70 -8.65 -9.61 -19.53
CA LEU A 70 -9.42 -10.30 -18.49
C LEU A 70 -8.47 -10.97 -17.49
N GLU A 71 -7.39 -11.53 -18.00
CA GLU A 71 -6.42 -12.24 -17.15
C GLU A 71 -5.72 -11.26 -16.21
N ASN A 72 -5.39 -10.09 -16.74
CA ASN A 72 -4.77 -9.06 -15.93
C ASN A 72 -5.79 -8.44 -14.98
N SER A 73 -7.05 -8.39 -15.41
CA SER A 73 -8.14 -7.91 -14.57
C SER A 73 -8.27 -8.78 -13.33
N ARG A 74 -8.13 -10.10 -13.52
CA ARG A 74 -8.20 -11.05 -12.41
C ARG A 74 -7.10 -10.75 -11.39
N LYS A 75 -5.91 -10.42 -11.90
CA LYS A 75 -4.78 -10.07 -11.04
C LYS A 75 -5.07 -8.80 -10.26
N LEU A 76 -5.67 -7.83 -10.93
CA LEU A 76 -5.99 -6.55 -10.31
C LEU A 76 -7.04 -6.73 -9.21
N LEU A 77 -8.12 -7.44 -9.53
CA LEU A 77 -9.20 -7.66 -8.57
C LEU A 77 -8.69 -8.36 -7.32
N SER A 78 -7.89 -9.41 -7.51
CA SER A 78 -7.35 -10.15 -6.39
C SER A 78 -6.32 -9.32 -5.62
N ALA A 79 -5.54 -8.53 -6.34
CA ALA A 79 -4.52 -7.68 -5.71
C ALA A 79 -5.17 -6.69 -4.75
N ALA A 80 -6.26 -6.05 -5.21
CA ALA A 80 -6.98 -5.09 -4.38
C ALA A 80 -7.58 -5.78 -3.16
N LYS A 81 -8.04 -7.01 -3.35
CA LYS A 81 -8.58 -7.81 -2.26
C LYS A 81 -7.51 -8.12 -1.22
N ILE A 82 -6.39 -8.66 -1.68
CA ILE A 82 -5.29 -9.03 -0.79
C ILE A 82 -4.70 -7.80 -0.10
N LEU A 83 -4.57 -6.72 -0.86
CA LEU A 83 -4.02 -5.48 -0.34
C LEU A 83 -4.89 -4.91 0.78
N ALA A 84 -6.16 -4.68 0.49
CA ALA A 84 -7.06 -4.03 1.43
C ALA A 84 -7.07 -4.74 2.78
N ASP A 85 -6.86 -6.05 2.75
CA ASP A 85 -6.88 -6.84 3.97
C ASP A 85 -5.56 -6.76 4.70
N ALA A 86 -4.47 -6.71 3.95
CA ALA A 86 -3.16 -6.54 4.54
C ALA A 86 -3.08 -5.19 5.24
N THR A 87 -3.79 -4.22 4.70
CA THR A 87 -3.86 -2.89 5.31
C THR A 87 -4.68 -2.94 6.59
N ALA A 88 -5.80 -3.64 6.57
CA ALA A 88 -6.62 -3.83 7.76
C ALA A 88 -5.80 -4.46 8.89
N LYS A 89 -4.96 -5.42 8.52
CA LYS A 89 -4.03 -6.03 9.45
C LYS A 89 -3.02 -4.99 9.93
N MET A 90 -2.37 -4.36 8.95
CA MET A 90 -1.33 -3.38 9.20
C MET A 90 -1.79 -2.25 10.10
N VAL A 91 -2.90 -1.62 9.73
CA VAL A 91 -3.41 -0.46 10.44
C VAL A 91 -3.71 -0.77 11.90
N GLU A 92 -4.46 -1.85 12.14
CA GLU A 92 -4.83 -2.22 13.50
C GLU A 92 -3.62 -2.69 14.31
N ALA A 93 -2.67 -3.30 13.63
CA ALA A 93 -1.43 -3.71 14.28
C ALA A 93 -0.64 -2.49 14.71
N ALA A 94 -0.53 -1.53 13.80
CA ALA A 94 0.15 -0.26 14.08
C ALA A 94 -0.52 0.47 15.23
N LYS A 95 -1.84 0.57 15.18
CA LYS A 95 -2.61 1.23 16.24
C LYS A 95 -2.32 0.59 17.58
N GLY A 96 -2.38 -0.74 17.63
CA GLY A 96 -2.14 -1.45 18.87
C GLY A 96 -0.71 -1.33 19.35
N ALA A 97 0.24 -1.45 18.44
CA ALA A 97 1.66 -1.42 18.78
C ALA A 97 2.10 -0.02 19.19
N ALA A 98 1.41 0.97 18.65
CA ALA A 98 1.71 2.35 18.97
C ALA A 98 1.09 2.75 20.30
N ALA A 99 -0.24 2.66 20.39
CA ALA A 99 -0.96 3.10 21.57
C ALA A 99 -0.56 2.27 22.79
N HIS A 100 -0.28 0.99 22.57
CA HIS A 100 0.30 0.15 23.60
C HIS A 100 1.77 -0.11 23.26
N PRO A 101 2.65 0.83 23.63
CA PRO A 101 4.04 0.84 23.17
C PRO A 101 4.83 -0.40 23.60
N ASP A 102 4.56 -0.84 24.82
CA ASP A 102 5.30 -1.94 25.44
C ASP A 102 4.88 -3.31 24.92
N SER A 103 3.76 -3.37 24.22
CA SER A 103 3.20 -4.66 23.82
C SER A 103 4.08 -5.34 22.76
N GLU A 104 4.82 -6.35 23.19
CA GLU A 104 5.69 -7.12 22.31
C GLU A 104 4.84 -7.89 21.30
N GLU A 105 3.66 -8.30 21.72
CA GLU A 105 2.74 -9.02 20.86
C GLU A 105 2.22 -8.11 19.77
N GLN A 106 1.90 -6.87 20.13
CA GLN A 106 1.44 -5.89 19.16
C GLN A 106 2.58 -5.52 18.21
N GLN A 107 3.79 -5.42 18.74
CA GLN A 107 4.97 -5.20 17.92
C GLN A 107 5.12 -6.32 16.92
N GLN A 108 4.97 -7.56 17.38
CA GLN A 108 5.01 -8.73 16.52
C GLN A 108 3.98 -8.63 15.41
N ARG A 109 2.74 -8.33 15.80
CA ARG A 109 1.65 -8.17 14.83
C ARG A 109 2.03 -7.14 13.79
N LEU A 110 2.55 -6.02 14.26
CA LEU A 110 2.96 -4.92 13.37
C LEU A 110 4.06 -5.36 12.42
N ARG A 111 5.10 -5.99 12.96
CA ARG A 111 6.23 -6.44 12.14
C ARG A 111 5.76 -7.40 11.06
N GLU A 112 4.86 -8.30 11.40
CA GLU A 112 4.30 -9.24 10.45
C GLU A 112 3.38 -8.54 9.46
N ALA A 113 2.47 -7.72 9.98
CA ALA A 113 1.46 -7.06 9.17
C ALA A 113 2.07 -6.05 8.20
N ALA A 114 3.06 -5.29 8.66
CA ALA A 114 3.69 -4.28 7.83
C ALA A 114 4.35 -4.91 6.61
N GLU A 115 4.94 -6.07 6.78
CA GLU A 115 5.55 -6.78 5.67
C GLU A 115 4.48 -7.36 4.76
N GLY A 116 3.39 -7.82 5.35
CA GLY A 116 2.26 -8.30 4.56
C GLY A 116 1.66 -7.19 3.73
N LEU A 117 1.48 -6.03 4.36
CA LEU A 117 0.98 -4.84 3.68
C LEU A 117 1.94 -4.43 2.57
N ARG A 118 3.22 -4.38 2.91
CA ARG A 118 4.27 -4.06 1.94
C ARG A 118 4.21 -5.02 0.76
N MET A 119 4.17 -6.31 1.08
CA MET A 119 4.12 -7.37 0.06
C MET A 119 2.90 -7.23 -0.83
N ALA A 120 1.73 -7.09 -0.21
CA ALA A 120 0.47 -6.98 -0.95
C ALA A 120 0.49 -5.78 -1.89
N THR A 121 0.94 -4.65 -1.38
CA THR A 121 1.04 -3.44 -2.17
C THR A 121 2.08 -3.60 -3.28
N ASN A 122 3.23 -4.14 -2.90
CA ASN A 122 4.33 -4.38 -3.83
C ASN A 122 3.87 -5.32 -4.96
N ALA A 123 3.08 -6.33 -4.61
CA ALA A 123 2.55 -7.27 -5.59
C ALA A 123 1.61 -6.56 -6.56
N ALA A 124 0.74 -5.71 -6.01
CA ALA A 124 -0.16 -4.90 -6.84
C ALA A 124 0.63 -3.95 -7.72
N ALA A 125 1.74 -3.47 -7.18
CA ALA A 125 2.64 -2.58 -7.92
C ALA A 125 3.27 -3.29 -9.12
N GLN A 126 3.49 -4.59 -8.98
CA GLN A 126 4.07 -5.40 -10.06
C GLN A 126 3.04 -5.63 -11.16
N ASN A 127 1.77 -5.59 -10.79
CA ASN A 127 0.69 -5.82 -11.75
C ASN A 127 0.30 -4.55 -12.49
N ALA A 128 0.87 -3.43 -12.07
CA ALA A 128 0.60 -2.15 -12.71
C ALA A 128 1.31 -2.06 -14.05
N ILE A 129 0.54 -2.12 -15.14
CA ILE A 129 1.08 -2.09 -16.50
C ILE A 129 1.76 -3.41 -16.84
N LYS A 130 1.71 -3.77 -18.12
CA LYS A 130 2.32 -5.01 -18.59
C LYS A 130 3.83 -4.87 -18.72
N LYS A 131 4.51 -4.83 -17.58
CA LYS A 131 5.98 -4.79 -17.51
C LYS A 131 6.51 -3.47 -18.05
N GLY A 1 9.49 30.00 -35.34
CA GLY A 1 9.84 29.19 -34.17
C GLY A 1 9.13 27.86 -34.18
N ILE A 2 9.33 27.07 -33.14
CA ILE A 2 8.68 25.78 -33.05
C ILE A 2 7.53 25.83 -32.06
N ASP A 3 6.32 25.66 -32.56
CA ASP A 3 5.13 25.72 -31.72
C ASP A 3 4.95 24.39 -30.98
N PRO A 4 4.70 24.44 -29.66
CA PRO A 4 4.48 23.25 -28.84
C PRO A 4 3.28 22.44 -29.33
N PHE A 5 3.53 21.22 -29.79
CA PHE A 5 2.46 20.36 -30.25
C PHE A 5 1.97 19.44 -29.13
N THR A 6 1.09 19.98 -28.29
CA THR A 6 0.49 19.23 -27.19
C THR A 6 1.55 18.67 -26.24
N ALA A 7 1.83 19.40 -25.17
CA ALA A 7 2.78 18.94 -24.18
C ALA A 7 2.12 17.91 -23.28
N HIS A 8 2.47 16.64 -23.47
CA HIS A 8 1.91 15.56 -22.69
C HIS A 8 2.85 15.19 -21.55
N ALA A 9 3.99 14.61 -21.90
CA ALA A 9 4.96 14.19 -20.91
C ALA A 9 6.37 14.16 -21.50
N THR A 10 7.03 15.30 -21.48
CA THR A 10 8.41 15.40 -21.93
C THR A 10 9.24 16.21 -20.94
N GLY A 11 10.24 15.57 -20.36
CA GLY A 11 11.04 16.20 -19.34
C GLY A 11 10.80 15.57 -17.98
N ALA A 12 10.10 14.46 -17.98
CA ALA A 12 9.75 13.76 -16.75
C ALA A 12 9.95 12.25 -16.93
N GLY A 13 9.84 11.51 -15.83
CA GLY A 13 9.99 10.08 -15.89
C GLY A 13 8.73 9.40 -16.39
N PRO A 14 8.86 8.20 -16.96
CA PRO A 14 7.71 7.43 -17.46
C PRO A 14 6.83 6.94 -16.33
N ALA A 15 5.59 7.41 -16.30
CA ALA A 15 4.66 7.04 -15.26
C ALA A 15 4.01 5.70 -15.56
N GLY A 16 3.89 4.86 -14.54
CA GLY A 16 3.24 3.57 -14.72
C GLY A 16 1.73 3.69 -14.66
N ARG A 17 1.12 3.14 -13.63
CA ARG A 17 -0.31 3.22 -13.47
C ARG A 17 -0.69 3.45 -12.00
N TYR A 18 -0.26 2.54 -11.14
CA TYR A 18 -0.53 2.67 -9.71
C TYR A 18 0.70 3.19 -9.00
N ASP A 19 1.63 3.71 -9.79
CA ASP A 19 2.99 3.97 -9.33
C ASP A 19 3.08 5.06 -8.28
N GLN A 20 2.22 6.06 -8.38
CA GLN A 20 2.22 7.14 -7.40
C GLN A 20 1.68 6.65 -6.06
N ALA A 21 0.55 5.94 -6.12
CA ALA A 21 -0.09 5.44 -4.91
C ALA A 21 0.75 4.38 -4.23
N THR A 22 1.31 3.46 -5.02
CA THR A 22 2.14 2.40 -4.47
C THR A 22 3.39 2.97 -3.82
N ASP A 23 4.03 3.91 -4.51
CA ASP A 23 5.23 4.57 -4.00
C ASP A 23 4.94 5.19 -2.63
N THR A 24 3.77 5.80 -2.51
CA THR A 24 3.34 6.36 -1.24
C THR A 24 3.28 5.28 -0.18
N ILE A 25 2.55 4.20 -0.46
CA ILE A 25 2.37 3.12 0.51
C ILE A 25 3.71 2.48 0.89
N LEU A 26 4.51 2.09 -0.12
CA LEU A 26 5.82 1.50 0.13
C LEU A 26 6.64 2.38 1.08
N THR A 27 6.76 3.66 0.76
CA THR A 27 7.56 4.58 1.55
C THR A 27 6.97 4.78 2.95
N VAL A 28 5.67 5.03 3.02
CA VAL A 28 5.01 5.26 4.31
C VAL A 28 5.11 4.03 5.20
N THR A 29 5.06 2.84 4.60
CA THR A 29 5.21 1.59 5.34
C THR A 29 6.52 1.58 6.12
N GLU A 30 7.61 1.93 5.45
CA GLU A 30 8.91 1.99 6.08
C GLU A 30 8.89 2.96 7.25
N ASN A 31 8.05 3.98 7.12
CA ASN A 31 8.00 5.05 8.09
C ASN A 31 7.40 4.59 9.41
N ILE A 32 6.62 3.51 9.39
CA ILE A 32 6.10 2.96 10.64
C ILE A 32 7.25 2.48 11.52
N PHE A 33 8.24 1.84 10.90
CA PHE A 33 9.39 1.34 11.62
C PHE A 33 10.30 2.49 12.05
N SER A 34 10.26 3.58 11.31
CA SER A 34 10.98 4.79 11.69
C SER A 34 10.26 5.50 12.83
N SER A 35 8.93 5.38 12.84
CA SER A 35 8.10 6.04 13.84
C SER A 35 8.03 5.23 15.13
N MET A 36 8.64 4.05 15.13
CA MET A 36 8.66 3.16 16.29
C MET A 36 9.00 3.91 17.57
N GLY A 37 8.10 3.84 18.53
CA GLY A 37 8.32 4.53 19.80
C GLY A 37 7.34 5.65 20.03
N ASP A 38 6.86 6.25 18.95
CA ASP A 38 5.90 7.34 19.06
C ASP A 38 4.51 6.84 18.65
N ALA A 39 3.60 6.80 19.62
CA ALA A 39 2.29 6.21 19.41
C ALA A 39 1.48 6.99 18.39
N GLY A 40 1.39 8.30 18.57
CA GLY A 40 0.67 9.14 17.63
C GLY A 40 1.22 9.06 16.23
N GLU A 41 2.55 9.06 16.12
CA GLU A 41 3.22 9.02 14.83
C GLU A 41 2.93 7.71 14.09
N MET A 42 3.02 6.59 14.81
CA MET A 42 2.81 5.28 14.20
C MET A 42 1.37 5.12 13.70
N VAL A 43 0.40 5.53 14.52
CA VAL A 43 -1.00 5.46 14.12
C VAL A 43 -1.27 6.40 12.96
N ARG A 44 -0.60 7.54 12.98
CA ARG A 44 -0.68 8.50 11.88
C ARG A 44 -0.30 7.83 10.56
N GLN A 45 0.86 7.16 10.56
CA GLN A 45 1.36 6.50 9.37
C GLN A 45 0.39 5.44 8.87
N ALA A 46 -0.18 4.68 9.81
CA ALA A 46 -1.20 3.69 9.48
C ALA A 46 -2.41 4.32 8.80
N ARG A 47 -2.82 5.50 9.28
CA ARG A 47 -3.95 6.21 8.70
C ARG A 47 -3.61 6.71 7.30
N ILE A 48 -2.35 7.08 7.10
CA ILE A 48 -1.87 7.49 5.79
C ILE A 48 -1.92 6.30 4.83
N LEU A 49 -1.46 5.15 5.31
CA LEU A 49 -1.54 3.92 4.54
C LEU A 49 -2.98 3.61 4.17
N ALA A 50 -3.86 3.69 5.15
CA ALA A 50 -5.29 3.43 4.94
C ALA A 50 -5.84 4.29 3.80
N GLN A 51 -5.45 5.56 3.79
CA GLN A 51 -5.90 6.50 2.75
C GLN A 51 -5.34 6.09 1.40
N ALA A 52 -4.04 5.84 1.36
CA ALA A 52 -3.36 5.48 0.13
C ALA A 52 -3.89 4.16 -0.43
N THR A 53 -4.07 3.19 0.45
CA THR A 53 -4.63 1.91 0.06
C THR A 53 -6.05 2.10 -0.48
N SER A 54 -6.80 3.02 0.12
CA SER A 54 -8.17 3.28 -0.31
C SER A 54 -8.19 3.76 -1.76
N ASP A 55 -7.16 4.49 -2.15
CA ASP A 55 -7.02 4.94 -3.53
C ASP A 55 -6.82 3.75 -4.45
N LEU A 56 -5.84 2.92 -4.12
CA LEU A 56 -5.52 1.74 -4.91
C LEU A 56 -6.68 0.78 -5.01
N VAL A 57 -7.30 0.47 -3.88
CA VAL A 57 -8.42 -0.48 -3.86
C VAL A 57 -9.50 -0.07 -4.85
N ASN A 58 -9.81 1.22 -4.90
CA ASN A 58 -10.82 1.72 -5.83
C ASN A 58 -10.26 1.79 -7.26
N ALA A 59 -9.05 2.31 -7.38
CA ALA A 59 -8.41 2.49 -8.68
C ALA A 59 -8.19 1.16 -9.39
N ILE A 60 -7.58 0.21 -8.68
CA ILE A 60 -7.28 -1.10 -9.26
C ILE A 60 -8.55 -1.79 -9.74
N LYS A 61 -9.61 -1.74 -8.93
CA LYS A 61 -10.87 -2.38 -9.30
C LYS A 61 -11.49 -1.73 -10.53
N ALA A 62 -11.42 -0.41 -10.60
CA ALA A 62 -11.98 0.32 -11.73
C ALA A 62 -11.10 0.14 -12.97
N ASP A 63 -9.80 0.04 -12.74
CA ASP A 63 -8.85 -0.13 -13.82
C ASP A 63 -8.94 -1.54 -14.40
N ALA A 64 -9.24 -2.51 -13.55
CA ALA A 64 -9.42 -3.89 -13.98
C ALA A 64 -10.59 -4.01 -14.95
N GLU A 65 -11.57 -3.12 -14.80
CA GLU A 65 -12.72 -3.09 -15.68
C GLU A 65 -12.36 -2.48 -17.03
N GLY A 66 -11.27 -1.71 -17.05
CA GLY A 66 -10.84 -1.07 -18.27
C GLY A 66 -9.73 -1.82 -18.96
N GLU A 67 -9.33 -2.94 -18.37
CA GLU A 67 -8.29 -3.77 -18.95
C GLU A 67 -8.90 -4.75 -19.96
N SER A 68 -8.17 -5.03 -21.02
CA SER A 68 -8.69 -5.82 -22.12
C SER A 68 -8.44 -7.32 -21.92
N ASP A 69 -7.76 -7.66 -20.84
CA ASP A 69 -7.44 -9.05 -20.54
C ASP A 69 -8.04 -9.43 -19.19
N LEU A 70 -9.01 -10.33 -19.23
CA LEU A 70 -9.76 -10.67 -18.03
C LEU A 70 -8.92 -11.45 -17.03
N GLU A 71 -7.96 -12.22 -17.53
CA GLU A 71 -7.03 -12.93 -16.67
C GLU A 71 -6.24 -11.93 -15.84
N ASN A 72 -5.75 -10.90 -16.52
CA ASN A 72 -5.05 -9.80 -15.87
C ASN A 72 -5.99 -9.05 -14.92
N SER A 73 -7.22 -8.85 -15.36
CA SER A 73 -8.23 -8.19 -14.52
C SER A 73 -8.44 -8.96 -13.22
N ARG A 74 -8.46 -10.29 -13.30
CA ARG A 74 -8.59 -11.14 -12.12
C ARG A 74 -7.42 -10.91 -11.17
N LYS A 75 -6.22 -10.81 -11.73
CA LYS A 75 -5.03 -10.55 -10.93
C LYS A 75 -5.14 -9.20 -10.22
N LEU A 76 -5.60 -8.20 -10.97
CA LEU A 76 -5.80 -6.85 -10.43
C LEU A 76 -6.79 -6.89 -9.26
N LEU A 77 -7.97 -7.45 -9.52
CA LEU A 77 -9.02 -7.54 -8.49
C LEU A 77 -8.51 -8.27 -7.25
N SER A 78 -7.79 -9.36 -7.46
CA SER A 78 -7.24 -10.14 -6.36
C SER A 78 -6.22 -9.31 -5.57
N ALA A 79 -5.40 -8.54 -6.29
CA ALA A 79 -4.38 -7.71 -5.65
C ALA A 79 -5.03 -6.68 -4.73
N ALA A 80 -6.09 -6.03 -5.22
CA ALA A 80 -6.81 -5.04 -4.42
C ALA A 80 -7.42 -5.68 -3.18
N LYS A 81 -8.00 -6.86 -3.37
CA LYS A 81 -8.59 -7.62 -2.27
C LYS A 81 -7.54 -7.94 -1.20
N ILE A 82 -6.43 -8.53 -1.63
CA ILE A 82 -5.33 -8.87 -0.73
C ILE A 82 -4.79 -7.63 -0.03
N LEU A 83 -4.61 -6.57 -0.80
CA LEU A 83 -4.11 -5.31 -0.28
C LEU A 83 -5.02 -4.73 0.79
N ALA A 84 -6.31 -4.60 0.48
CA ALA A 84 -7.26 -4.00 1.39
C ALA A 84 -7.26 -4.71 2.74
N ASP A 85 -6.97 -6.00 2.73
CA ASP A 85 -6.96 -6.77 3.96
C ASP A 85 -5.62 -6.67 4.66
N ALA A 86 -4.55 -6.67 3.89
CA ALA A 86 -3.22 -6.47 4.44
C ALA A 86 -3.15 -5.15 5.17
N THR A 87 -3.92 -4.18 4.69
CA THR A 87 -3.98 -2.87 5.30
C THR A 87 -4.81 -2.91 6.60
N ALA A 88 -5.93 -3.62 6.55
CA ALA A 88 -6.80 -3.78 7.73
C ALA A 88 -6.02 -4.38 8.90
N LYS A 89 -5.21 -5.39 8.61
CA LYS A 89 -4.36 -6.00 9.62
C LYS A 89 -3.26 -5.03 10.05
N MET A 90 -2.62 -4.42 9.06
CA MET A 90 -1.55 -3.46 9.29
C MET A 90 -1.99 -2.32 10.19
N VAL A 91 -3.09 -1.69 9.81
CA VAL A 91 -3.59 -0.51 10.51
C VAL A 91 -3.92 -0.82 11.97
N GLU A 92 -4.60 -1.93 12.22
CA GLU A 92 -4.98 -2.30 13.58
C GLU A 92 -3.75 -2.68 14.41
N ALA A 93 -2.81 -3.38 13.80
CA ALA A 93 -1.59 -3.77 14.49
C ALA A 93 -0.73 -2.55 14.81
N ALA A 94 -0.69 -1.61 13.88
CA ALA A 94 0.03 -0.36 14.07
C ALA A 94 -0.53 0.42 15.26
N LYS A 95 -1.86 0.46 15.36
CA LYS A 95 -2.52 1.13 16.47
C LYS A 95 -2.09 0.52 17.81
N GLY A 96 -2.16 -0.80 17.88
CA GLY A 96 -1.83 -1.50 19.10
C GLY A 96 -0.38 -1.34 19.51
N ALA A 97 0.51 -1.50 18.54
CA ALA A 97 1.95 -1.40 18.80
C ALA A 97 2.35 0.03 19.14
N ALA A 98 1.56 0.98 18.66
CA ALA A 98 1.82 2.38 18.90
C ALA A 98 1.29 2.81 20.26
N ALA A 99 -0.03 2.76 20.41
CA ALA A 99 -0.68 3.24 21.63
C ALA A 99 -0.20 2.48 22.84
N HIS A 100 0.05 1.19 22.65
CA HIS A 100 0.70 0.38 23.66
C HIS A 100 2.12 0.06 23.22
N PRO A 101 3.06 1.00 23.49
CA PRO A 101 4.40 0.97 22.90
C PRO A 101 5.18 -0.30 23.23
N ASP A 102 5.28 -0.59 24.53
CA ASP A 102 6.12 -1.70 25.01
C ASP A 102 5.48 -3.07 24.77
N SER A 103 4.27 -3.10 24.21
CA SER A 103 3.58 -4.36 23.98
C SER A 103 4.23 -5.13 22.82
N GLU A 104 5.12 -6.05 23.20
CA GLU A 104 5.91 -6.82 22.23
C GLU A 104 5.03 -7.69 21.34
N GLU A 105 3.88 -8.10 21.85
CA GLU A 105 2.96 -8.92 21.06
C GLU A 105 2.44 -8.12 19.87
N GLN A 106 1.97 -6.91 20.13
CA GLN A 106 1.46 -6.04 19.07
C GLN A 106 2.60 -5.62 18.15
N GLN A 107 3.79 -5.47 18.72
CA GLN A 107 4.98 -5.16 17.95
C GLN A 107 5.24 -6.24 16.89
N GLN A 108 5.24 -7.49 17.33
CA GLN A 108 5.48 -8.62 16.44
C GLN A 108 4.36 -8.74 15.41
N ARG A 109 3.13 -8.52 15.86
CA ARG A 109 1.96 -8.57 14.98
C ARG A 109 2.06 -7.48 13.91
N LEU A 110 2.59 -6.32 14.31
CA LEU A 110 2.80 -5.22 13.37
C LEU A 110 3.85 -5.59 12.34
N ARG A 111 4.90 -6.28 12.76
CA ARG A 111 5.94 -6.73 11.86
C ARG A 111 5.37 -7.58 10.74
N GLU A 112 4.53 -8.53 11.10
CA GLU A 112 3.91 -9.42 10.12
C GLU A 112 2.88 -8.67 9.28
N ALA A 113 2.20 -7.71 9.91
CA ALA A 113 1.18 -6.94 9.25
C ALA A 113 1.79 -6.01 8.19
N ALA A 114 2.85 -5.30 8.58
CA ALA A 114 3.54 -4.41 7.67
C ALA A 114 4.16 -5.19 6.51
N GLU A 115 4.63 -6.40 6.82
CA GLU A 115 5.14 -7.30 5.79
C GLU A 115 4.06 -7.61 4.76
N GLY A 116 2.89 -8.00 5.24
CA GLY A 116 1.79 -8.32 4.35
C GLY A 116 1.33 -7.10 3.57
N LEU A 117 1.21 -5.98 4.26
CA LEU A 117 0.80 -4.72 3.65
C LEU A 117 1.79 -4.31 2.55
N ARG A 118 3.06 -4.31 2.90
CA ARG A 118 4.11 -3.94 1.97
C ARG A 118 4.16 -4.94 0.80
N MET A 119 4.00 -6.22 1.13
CA MET A 119 3.98 -7.28 0.12
C MET A 119 2.86 -7.07 -0.88
N ALA A 120 1.63 -6.93 -0.37
CA ALA A 120 0.46 -6.77 -1.21
C ALA A 120 0.55 -5.53 -2.07
N THR A 121 1.00 -4.44 -1.47
CA THR A 121 1.15 -3.18 -2.17
C THR A 121 2.20 -3.29 -3.27
N ASN A 122 3.36 -3.83 -2.92
CA ASN A 122 4.46 -3.96 -3.87
C ASN A 122 4.07 -4.90 -5.00
N ALA A 123 3.30 -5.94 -4.67
CA ALA A 123 2.80 -6.87 -5.67
C ALA A 123 1.83 -6.17 -6.61
N ALA A 124 0.92 -5.39 -6.05
CA ALA A 124 -0.03 -4.60 -6.84
C ALA A 124 0.72 -3.60 -7.72
N ALA A 125 1.84 -3.10 -7.20
CA ALA A 125 2.72 -2.22 -7.95
C ALA A 125 3.25 -2.92 -9.20
N GLN A 126 3.67 -4.15 -9.02
CA GLN A 126 4.24 -4.94 -10.11
C GLN A 126 3.14 -5.42 -11.05
N ASN A 127 1.92 -5.51 -10.53
CA ASN A 127 0.78 -5.96 -11.33
C ASN A 127 0.26 -4.85 -12.23
N ALA A 128 0.80 -3.65 -12.05
CA ALA A 128 0.40 -2.51 -12.86
C ALA A 128 0.87 -2.66 -14.30
N ILE A 129 0.05 -3.27 -15.13
CA ILE A 129 0.35 -3.44 -16.53
C ILE A 129 0.19 -2.12 -17.26
N LYS A 130 1.30 -1.48 -17.55
CA LYS A 130 1.29 -0.20 -18.24
C LYS A 130 1.40 -0.41 -19.74
N LYS A 131 0.35 -0.04 -20.45
CA LYS A 131 0.36 -0.09 -21.90
C LYS A 131 0.59 1.30 -22.47
N GLY A 1 -7.05 27.16 -15.90
CA GLY A 1 -7.47 26.05 -15.01
C GLY A 1 -7.01 24.71 -15.53
N ILE A 2 -7.68 23.65 -15.11
CA ILE A 2 -7.34 22.31 -15.56
C ILE A 2 -8.48 21.74 -16.41
N ASP A 3 -8.16 21.26 -17.60
CA ASP A 3 -9.16 20.71 -18.49
C ASP A 3 -9.35 19.22 -18.21
N PRO A 4 -10.61 18.76 -18.18
CA PRO A 4 -10.94 17.36 -17.95
C PRO A 4 -10.96 16.56 -19.25
N PHE A 5 -10.31 17.09 -20.28
CA PHE A 5 -10.25 16.42 -21.57
C PHE A 5 -9.07 15.45 -21.58
N THR A 6 -7.90 15.96 -21.19
CA THR A 6 -6.72 15.14 -21.07
C THR A 6 -5.85 15.61 -19.90
N ALA A 7 -6.20 15.16 -18.70
CA ALA A 7 -5.45 15.50 -17.51
C ALA A 7 -4.54 14.36 -17.11
N HIS A 8 -4.31 13.43 -18.04
CA HIS A 8 -3.44 12.29 -17.79
C HIS A 8 -2.62 11.97 -19.04
N ALA A 9 -1.32 11.85 -18.86
CA ALA A 9 -0.41 11.58 -19.96
C ALA A 9 0.73 10.68 -19.53
N THR A 10 1.30 9.94 -20.46
CA THR A 10 2.40 9.03 -20.16
C THR A 10 3.73 9.65 -20.55
N GLY A 11 3.69 10.81 -21.20
CA GLY A 11 4.91 11.48 -21.61
C GLY A 11 5.73 11.94 -20.42
N ALA A 12 5.19 12.90 -19.68
CA ALA A 12 5.81 13.37 -18.46
C ALA A 12 4.81 13.42 -17.32
N GLY A 13 4.67 12.31 -16.61
CA GLY A 13 3.74 12.24 -15.51
C GLY A 13 3.85 10.95 -14.73
N PRO A 14 2.74 10.22 -14.57
CA PRO A 14 2.70 8.98 -13.81
C PRO A 14 3.34 7.80 -14.55
N ALA A 15 4.24 7.11 -13.88
CA ALA A 15 4.85 5.92 -14.44
C ALA A 15 4.00 4.69 -14.13
N GLY A 16 4.11 3.66 -14.96
CA GLY A 16 3.34 2.46 -14.77
C GLY A 16 1.85 2.72 -14.85
N ARG A 17 1.11 2.23 -13.87
CA ARG A 17 -0.32 2.53 -13.78
C ARG A 17 -0.76 2.73 -12.34
N TYR A 18 -0.04 2.13 -11.39
CA TYR A 18 -0.35 2.29 -9.98
C TYR A 18 0.83 2.91 -9.22
N ASP A 19 1.90 3.23 -9.95
CA ASP A 19 3.18 3.54 -9.32
C ASP A 19 3.14 4.83 -8.50
N GLN A 20 2.28 5.76 -8.89
CA GLN A 20 2.15 7.00 -8.15
C GLN A 20 1.46 6.76 -6.81
N ALA A 21 0.47 5.89 -6.80
CA ALA A 21 -0.27 5.57 -5.60
C ALA A 21 0.51 4.62 -4.71
N THR A 22 1.16 3.64 -5.32
CA THR A 22 1.94 2.66 -4.57
C THR A 22 3.12 3.34 -3.88
N ASP A 23 3.76 4.27 -4.58
CA ASP A 23 4.88 5.03 -4.04
C ASP A 23 4.58 5.57 -2.64
N THR A 24 3.41 6.18 -2.50
CA THR A 24 2.98 6.71 -1.21
C THR A 24 2.88 5.58 -0.18
N ILE A 25 2.16 4.52 -0.52
CA ILE A 25 1.96 3.41 0.40
C ILE A 25 3.29 2.80 0.85
N LEU A 26 4.12 2.39 -0.11
CA LEU A 26 5.40 1.75 0.20
C LEU A 26 6.24 2.62 1.13
N THR A 27 6.32 3.91 0.81
CA THR A 27 7.14 4.83 1.59
C THR A 27 6.58 5.00 3.01
N VAL A 28 5.26 5.17 3.12
CA VAL A 28 4.63 5.37 4.42
C VAL A 28 4.69 4.09 5.25
N THR A 29 4.55 2.94 4.58
CA THR A 29 4.56 1.64 5.26
C THR A 29 5.82 1.45 6.10
N GLU A 30 6.98 1.64 5.48
CA GLU A 30 8.24 1.46 6.17
C GLU A 30 8.41 2.48 7.28
N ASN A 31 7.73 3.63 7.13
CA ASN A 31 7.79 4.69 8.12
C ASN A 31 7.23 4.24 9.46
N ILE A 32 6.32 3.28 9.46
CA ILE A 32 5.76 2.73 10.70
C ILE A 32 6.89 2.19 11.58
N PHE A 33 7.83 1.48 10.96
CA PHE A 33 8.94 0.88 11.69
C PHE A 33 9.90 1.96 12.16
N SER A 34 10.05 3.02 11.37
CA SER A 34 10.94 4.10 11.71
C SER A 34 10.34 4.97 12.81
N SER A 35 9.02 5.00 12.87
CA SER A 35 8.30 5.81 13.86
C SER A 35 8.20 5.06 15.19
N MET A 36 8.71 3.82 15.23
CA MET A 36 8.72 3.01 16.44
C MET A 36 9.19 3.81 17.65
N GLY A 37 8.26 4.11 18.54
CA GLY A 37 8.59 4.91 19.70
C GLY A 37 7.50 5.91 20.01
N ASP A 38 7.02 6.58 18.97
CA ASP A 38 5.92 7.53 19.13
C ASP A 38 4.63 6.93 18.62
N ALA A 39 3.69 6.74 19.54
CA ALA A 39 2.42 6.09 19.23
C ALA A 39 1.60 6.92 18.24
N GLY A 40 1.52 8.22 18.50
CA GLY A 40 0.75 9.10 17.64
C GLY A 40 1.18 9.05 16.18
N GLU A 41 2.49 9.08 15.94
CA GLU A 41 3.02 9.06 14.58
C GLU A 41 2.73 7.73 13.90
N MET A 42 2.94 6.63 14.63
CA MET A 42 2.72 5.29 14.09
C MET A 42 1.27 5.11 13.64
N VAL A 43 0.34 5.51 14.51
CA VAL A 43 -1.08 5.43 14.19
C VAL A 43 -1.42 6.37 13.03
N ARG A 44 -0.77 7.52 13.02
CA ARG A 44 -0.94 8.49 11.94
C ARG A 44 -0.54 7.89 10.59
N GLN A 45 0.59 7.19 10.58
CA GLN A 45 1.07 6.55 9.35
C GLN A 45 0.05 5.55 8.84
N ALA A 46 -0.52 4.77 9.75
CA ALA A 46 -1.55 3.79 9.40
C ALA A 46 -2.77 4.48 8.79
N ARG A 47 -3.11 5.66 9.30
CA ARG A 47 -4.20 6.46 8.73
C ARG A 47 -3.93 6.77 7.27
N ILE A 48 -2.70 7.21 7.00
CA ILE A 48 -2.28 7.57 5.65
C ILE A 48 -2.38 6.36 4.73
N LEU A 49 -1.94 5.20 5.23
CA LEU A 49 -2.01 3.96 4.47
C LEU A 49 -3.45 3.59 4.17
N ALA A 50 -4.33 3.72 5.17
CA ALA A 50 -5.74 3.43 5.00
C ALA A 50 -6.33 4.27 3.87
N GLN A 51 -5.99 5.56 3.87
CA GLN A 51 -6.45 6.48 2.83
C GLN A 51 -5.86 6.08 1.47
N ALA A 52 -4.56 5.86 1.45
CA ALA A 52 -3.85 5.56 0.22
C ALA A 52 -4.31 4.24 -0.38
N THR A 53 -4.37 3.20 0.43
CA THR A 53 -4.79 1.89 -0.02
C THR A 53 -6.20 1.93 -0.58
N SER A 54 -7.08 2.66 0.10
CA SER A 54 -8.47 2.76 -0.34
C SER A 54 -8.55 3.38 -1.73
N ASP A 55 -7.77 4.43 -1.94
CA ASP A 55 -7.70 5.08 -3.23
C ASP A 55 -7.10 4.15 -4.28
N LEU A 56 -6.05 3.43 -3.88
CA LEU A 56 -5.39 2.50 -4.78
C LEU A 56 -6.34 1.40 -5.22
N VAL A 57 -7.07 0.82 -4.26
CA VAL A 57 -8.03 -0.24 -4.56
C VAL A 57 -9.04 0.23 -5.60
N ASN A 58 -9.53 1.45 -5.45
CA ASN A 58 -10.46 2.05 -6.40
C ASN A 58 -9.81 2.15 -7.78
N ALA A 59 -8.58 2.64 -7.79
CA ALA A 59 -7.82 2.79 -9.03
C ALA A 59 -7.58 1.43 -9.69
N ILE A 60 -7.27 0.43 -8.88
CA ILE A 60 -7.05 -0.93 -9.38
C ILE A 60 -8.34 -1.49 -9.98
N LYS A 61 -9.44 -1.33 -9.26
CA LYS A 61 -10.74 -1.80 -9.73
C LYS A 61 -11.09 -1.15 -11.06
N ALA A 62 -10.85 0.15 -11.16
CA ALA A 62 -11.13 0.90 -12.37
C ALA A 62 -10.21 0.47 -13.51
N ASP A 63 -8.95 0.19 -13.17
CA ASP A 63 -7.97 -0.24 -14.15
C ASP A 63 -8.28 -1.66 -14.63
N ALA A 64 -8.84 -2.46 -13.72
CA ALA A 64 -9.27 -3.81 -14.06
C ALA A 64 -10.43 -3.78 -15.06
N GLU A 65 -11.28 -2.76 -14.93
CA GLU A 65 -12.38 -2.58 -15.88
C GLU A 65 -11.85 -2.15 -17.24
N GLY A 66 -10.76 -1.37 -17.22
CA GLY A 66 -10.16 -0.90 -18.45
C GLY A 66 -9.06 -1.82 -18.95
N GLU A 67 -8.94 -2.99 -18.33
CA GLU A 67 -7.96 -3.97 -18.76
C GLU A 67 -8.57 -4.87 -19.83
N SER A 68 -7.75 -5.26 -20.80
CA SER A 68 -8.22 -6.07 -21.92
C SER A 68 -8.33 -7.53 -21.51
N ASP A 69 -7.51 -7.94 -20.56
CA ASP A 69 -7.48 -9.33 -20.12
C ASP A 69 -8.43 -9.53 -18.95
N LEU A 70 -9.56 -10.19 -19.22
CA LEU A 70 -10.59 -10.39 -18.20
C LEU A 70 -10.05 -11.20 -17.03
N GLU A 71 -9.28 -12.25 -17.34
CA GLU A 71 -8.67 -13.07 -16.31
C GLU A 71 -7.74 -12.23 -15.44
N ASN A 72 -7.08 -11.27 -16.07
CA ASN A 72 -6.15 -10.39 -15.41
C ASN A 72 -6.91 -9.32 -14.61
N SER A 73 -8.06 -8.92 -15.12
CA SER A 73 -8.93 -8.00 -14.41
C SER A 73 -9.28 -8.57 -13.04
N ARG A 74 -9.56 -9.87 -13.01
CA ARG A 74 -9.87 -10.58 -11.77
C ARG A 74 -8.63 -10.65 -10.88
N LYS A 75 -7.47 -10.76 -11.51
CA LYS A 75 -6.20 -10.79 -10.79
C LYS A 75 -5.96 -9.44 -10.10
N LEU A 76 -6.22 -8.37 -10.84
CA LEU A 76 -6.12 -7.02 -10.30
C LEU A 76 -7.09 -6.85 -9.12
N LEU A 77 -8.32 -7.30 -9.31
CA LEU A 77 -9.33 -7.25 -8.25
C LEU A 77 -8.87 -8.05 -7.03
N SER A 78 -8.23 -9.18 -7.30
CA SER A 78 -7.68 -10.03 -6.25
C SER A 78 -6.57 -9.29 -5.51
N ALA A 79 -5.65 -8.71 -6.27
CA ALA A 79 -4.54 -7.96 -5.72
C ALA A 79 -5.04 -6.80 -4.86
N ALA A 80 -6.06 -6.10 -5.36
CA ALA A 80 -6.67 -5.00 -4.62
C ALA A 80 -7.24 -5.49 -3.30
N LYS A 81 -7.86 -6.66 -3.31
CA LYS A 81 -8.42 -7.26 -2.11
C LYS A 81 -7.32 -7.60 -1.12
N ILE A 82 -6.32 -8.35 -1.60
CA ILE A 82 -5.18 -8.75 -0.78
C ILE A 82 -4.51 -7.52 -0.17
N LEU A 83 -4.36 -6.48 -0.97
CA LEU A 83 -3.82 -5.21 -0.52
C LEU A 83 -4.69 -4.63 0.60
N ALA A 84 -5.96 -4.44 0.32
CA ALA A 84 -6.88 -3.84 1.26
C ALA A 84 -6.91 -4.61 2.57
N ASP A 85 -6.66 -5.91 2.50
CA ASP A 85 -6.66 -6.75 3.68
C ASP A 85 -5.36 -6.67 4.42
N ALA A 86 -4.26 -6.76 3.70
CA ALA A 86 -2.95 -6.62 4.30
C ALA A 86 -2.85 -5.27 5.01
N THR A 87 -3.56 -4.28 4.47
CA THR A 87 -3.61 -2.96 5.06
C THR A 87 -4.34 -3.00 6.41
N ALA A 88 -5.55 -3.55 6.41
CA ALA A 88 -6.37 -3.61 7.62
C ALA A 88 -5.62 -4.32 8.74
N LYS A 89 -4.87 -5.36 8.38
CA LYS A 89 -4.09 -6.11 9.35
C LYS A 89 -3.01 -5.22 10.00
N MET A 90 -2.23 -4.55 9.17
CA MET A 90 -1.11 -3.78 9.68
C MET A 90 -1.59 -2.51 10.38
N VAL A 91 -2.71 -1.96 9.93
CA VAL A 91 -3.26 -0.75 10.54
C VAL A 91 -3.69 -1.03 11.98
N GLU A 92 -4.35 -2.16 12.19
CA GLU A 92 -4.79 -2.54 13.52
C GLU A 92 -3.60 -2.96 14.37
N ALA A 93 -2.62 -3.60 13.74
CA ALA A 93 -1.40 -3.98 14.44
C ALA A 93 -0.63 -2.73 14.87
N ALA A 94 -0.59 -1.75 13.97
CA ALA A 94 0.04 -0.46 14.25
C ALA A 94 -0.67 0.23 15.41
N LYS A 95 -1.99 0.23 15.38
CA LYS A 95 -2.78 0.81 16.46
C LYS A 95 -2.34 0.25 17.81
N GLY A 96 -2.32 -1.07 17.91
CA GLY A 96 -1.96 -1.72 19.16
C GLY A 96 -0.51 -1.52 19.53
N ALA A 97 0.38 -1.64 18.56
CA ALA A 97 1.82 -1.54 18.82
C ALA A 97 2.21 -0.12 19.19
N ALA A 98 1.49 0.84 18.65
CA ALA A 98 1.76 2.23 18.92
C ALA A 98 1.07 2.69 20.20
N ALA A 99 -0.26 2.72 20.17
CA ALA A 99 -1.04 3.26 21.28
C ALA A 99 -0.75 2.53 22.58
N HIS A 100 -0.48 1.24 22.49
CA HIS A 100 -0.03 0.47 23.63
C HIS A 100 1.45 0.13 23.46
N PRO A 101 2.34 1.07 23.83
CA PRO A 101 3.78 0.96 23.55
C PRO A 101 4.45 -0.13 24.37
N ASP A 102 3.89 -0.41 25.54
CA ASP A 102 4.45 -1.40 26.46
C ASP A 102 4.20 -2.81 25.96
N SER A 103 3.16 -2.99 25.16
CA SER A 103 2.79 -4.29 24.63
C SER A 103 3.78 -4.72 23.55
N GLU A 104 4.39 -5.90 23.77
CA GLU A 104 5.43 -6.38 22.86
C GLU A 104 4.85 -7.30 21.79
N GLU A 105 3.78 -8.02 22.14
CA GLU A 105 3.13 -8.93 21.20
C GLU A 105 2.64 -8.15 19.98
N GLN A 106 2.10 -6.96 20.26
CA GLN A 106 1.63 -6.06 19.22
C GLN A 106 2.76 -5.67 18.28
N GLN A 107 3.96 -5.46 18.85
CA GLN A 107 5.11 -5.06 18.07
C GLN A 107 5.48 -6.15 17.06
N GLN A 108 5.50 -7.39 17.54
CA GLN A 108 5.84 -8.53 16.69
C GLN A 108 4.81 -8.73 15.59
N ARG A 109 3.53 -8.62 15.96
CA ARG A 109 2.45 -8.78 14.99
C ARG A 109 2.54 -7.71 13.91
N LEU A 110 2.94 -6.50 14.32
CA LEU A 110 3.09 -5.40 13.38
C LEU A 110 4.22 -5.68 12.40
N ARG A 111 5.30 -6.27 12.88
CA ARG A 111 6.44 -6.63 12.02
C ARG A 111 5.97 -7.48 10.85
N GLU A 112 5.16 -8.48 11.15
CA GLU A 112 4.66 -9.39 10.13
C GLU A 112 3.56 -8.74 9.29
N ALA A 113 2.64 -8.06 9.94
CA ALA A 113 1.50 -7.46 9.25
C ALA A 113 1.94 -6.35 8.31
N ALA A 114 2.80 -5.46 8.79
CA ALA A 114 3.23 -4.32 8.00
C ALA A 114 4.09 -4.75 6.82
N GLU A 115 4.98 -5.71 7.05
CA GLU A 115 5.80 -6.23 5.96
C GLU A 115 4.95 -6.99 4.95
N GLY A 116 3.85 -7.57 5.43
CA GLY A 116 2.92 -8.23 4.54
C GLY A 116 2.17 -7.22 3.68
N LEU A 117 1.81 -6.09 4.28
CA LEU A 117 1.19 -5.00 3.53
C LEU A 117 2.19 -4.39 2.56
N ARG A 118 3.40 -4.17 3.04
CA ARG A 118 4.51 -3.69 2.22
C ARG A 118 4.68 -4.62 1.03
N MET A 119 4.72 -5.92 1.30
CA MET A 119 4.82 -6.95 0.28
C MET A 119 3.61 -6.92 -0.66
N ALA A 120 2.40 -6.85 -0.08
CA ALA A 120 1.17 -6.87 -0.86
C ALA A 120 1.13 -5.71 -1.85
N THR A 121 1.42 -4.51 -1.36
CA THR A 121 1.42 -3.32 -2.18
C THR A 121 2.55 -3.37 -3.22
N ASN A 122 3.72 -3.75 -2.75
CA ASN A 122 4.89 -3.88 -3.62
C ASN A 122 4.63 -4.91 -4.72
N ALA A 123 3.97 -5.99 -4.36
CA ALA A 123 3.60 -7.03 -5.31
C ALA A 123 2.60 -6.48 -6.32
N ALA A 124 1.54 -5.83 -5.82
CA ALA A 124 0.52 -5.26 -6.68
C ALA A 124 1.12 -4.23 -7.63
N ALA A 125 2.11 -3.50 -7.13
CA ALA A 125 2.83 -2.51 -7.93
C ALA A 125 3.47 -3.17 -9.15
N GLN A 126 4.22 -4.23 -8.91
CA GLN A 126 4.92 -4.96 -9.98
C GLN A 126 3.97 -5.89 -10.72
N ASN A 127 2.88 -6.26 -10.07
CA ASN A 127 1.90 -7.20 -10.61
C ASN A 127 1.32 -6.67 -11.91
N ALA A 128 0.95 -5.39 -11.89
CA ALA A 128 0.33 -4.73 -13.03
C ALA A 128 1.09 -5.00 -14.32
N ILE A 129 0.49 -5.79 -15.20
CA ILE A 129 1.12 -6.19 -16.45
C ILE A 129 1.08 -5.05 -17.44
N LYS A 130 2.24 -4.67 -17.93
CA LYS A 130 2.35 -3.66 -18.96
C LYS A 130 2.42 -4.32 -20.33
N LYS A 131 1.47 -4.00 -21.19
CA LYS A 131 1.45 -4.51 -22.55
C LYS A 131 1.81 -3.39 -23.52
N GLY A 1 14.12 -2.84 -47.44
CA GLY A 1 14.81 -3.62 -46.38
C GLY A 1 14.50 -3.08 -45.00
N ILE A 2 14.95 -3.77 -43.97
CA ILE A 2 14.71 -3.32 -42.60
C ILE A 2 16.04 -2.97 -41.93
N ASP A 3 16.43 -1.71 -42.05
CA ASP A 3 17.60 -1.20 -41.35
C ASP A 3 17.13 -0.46 -40.11
N PRO A 4 17.46 -0.98 -38.92
CA PRO A 4 17.01 -0.41 -37.65
C PRO A 4 17.34 1.08 -37.53
N PHE A 5 16.31 1.90 -37.63
CA PHE A 5 16.48 3.34 -37.57
C PHE A 5 16.39 3.82 -36.13
N THR A 6 17.54 3.92 -35.47
CA THR A 6 17.62 4.40 -34.09
C THR A 6 16.72 3.55 -33.18
N ALA A 7 16.73 2.25 -33.43
CA ALA A 7 15.87 1.33 -32.70
C ALA A 7 16.48 0.93 -31.37
N HIS A 8 16.90 1.92 -30.61
CA HIS A 8 17.46 1.70 -29.28
C HIS A 8 16.66 2.48 -28.25
N ALA A 9 15.56 1.91 -27.82
CA ALA A 9 14.69 2.54 -26.84
C ALA A 9 14.34 1.56 -25.73
N THR A 10 15.15 0.52 -25.60
CA THR A 10 14.94 -0.49 -24.60
C THR A 10 15.64 -0.12 -23.30
N GLY A 11 14.92 0.58 -22.43
CA GLY A 11 15.49 1.01 -21.18
C GLY A 11 14.68 0.54 -19.99
N ALA A 12 13.67 -0.28 -20.28
CA ALA A 12 12.79 -0.85 -19.26
C ALA A 12 12.09 0.24 -18.44
N GLY A 13 10.98 0.74 -18.97
CA GLY A 13 10.21 1.74 -18.26
C GLY A 13 9.38 1.14 -17.14
N PRO A 14 9.23 1.85 -16.02
CA PRO A 14 8.44 1.36 -14.88
C PRO A 14 6.95 1.30 -15.20
N ALA A 15 6.18 0.71 -14.30
CA ALA A 15 4.76 0.52 -14.51
C ALA A 15 3.98 1.74 -14.01
N GLY A 16 3.87 2.75 -14.86
CA GLY A 16 3.20 3.98 -14.49
C GLY A 16 1.69 3.87 -14.49
N ARG A 17 1.19 2.80 -13.86
CA ARG A 17 -0.24 2.60 -13.77
C ARG A 17 -0.71 2.89 -12.35
N TYR A 18 -0.09 2.24 -11.37
CA TYR A 18 -0.41 2.48 -9.97
C TYR A 18 0.83 2.96 -9.23
N ASP A 19 1.85 3.32 -9.99
CA ASP A 19 3.19 3.56 -9.44
C ASP A 19 3.22 4.79 -8.54
N GLN A 20 2.36 5.75 -8.81
CA GLN A 20 2.28 6.94 -7.98
C GLN A 20 1.72 6.58 -6.60
N ALA A 21 0.68 5.74 -6.59
CA ALA A 21 0.01 5.35 -5.36
C ALA A 21 0.84 4.33 -4.59
N THR A 22 1.42 3.38 -5.32
CA THR A 22 2.24 2.35 -4.69
C THR A 22 3.45 2.97 -4.02
N ASP A 23 4.13 3.86 -4.76
CA ASP A 23 5.30 4.57 -4.23
C ASP A 23 4.99 5.20 -2.87
N THR A 24 3.81 5.79 -2.75
CA THR A 24 3.38 6.38 -1.50
C THR A 24 3.31 5.33 -0.40
N ILE A 25 2.62 4.23 -0.67
CA ILE A 25 2.45 3.16 0.30
C ILE A 25 3.78 2.53 0.68
N LEU A 26 4.56 2.12 -0.31
CA LEU A 26 5.85 1.48 -0.08
C LEU A 26 6.73 2.32 0.82
N THR A 27 6.72 3.63 0.60
CA THR A 27 7.56 4.54 1.37
C THR A 27 7.00 4.77 2.78
N VAL A 28 5.71 5.08 2.87
CA VAL A 28 5.08 5.39 4.16
C VAL A 28 5.12 4.18 5.09
N THR A 29 5.07 2.97 4.52
CA THR A 29 5.13 1.74 5.30
C THR A 29 6.35 1.73 6.22
N GLU A 30 7.50 2.06 5.67
CA GLU A 30 8.74 2.06 6.41
C GLU A 30 8.68 3.07 7.56
N ASN A 31 7.85 4.09 7.40
CA ASN A 31 7.82 5.20 8.34
C ASN A 31 7.18 4.82 9.66
N ILE A 32 6.36 3.79 9.68
CA ILE A 32 5.75 3.34 10.93
C ILE A 32 6.84 2.87 11.90
N PHE A 33 7.85 2.23 11.35
CA PHE A 33 8.98 1.77 12.15
C PHE A 33 9.84 2.94 12.59
N SER A 34 9.82 4.01 11.81
CA SER A 34 10.55 5.22 12.15
C SER A 34 9.80 5.99 13.24
N SER A 35 8.49 5.82 13.28
CA SER A 35 7.65 6.46 14.28
C SER A 35 7.63 5.68 15.59
N MET A 36 8.31 4.53 15.60
CA MET A 36 8.44 3.70 16.80
C MET A 36 8.85 4.54 18.00
N GLY A 37 8.11 4.42 19.08
CA GLY A 37 8.38 5.21 20.26
C GLY A 37 7.19 6.09 20.61
N ASP A 38 6.72 6.85 19.64
CA ASP A 38 5.54 7.67 19.83
C ASP A 38 4.33 7.00 19.22
N ALA A 39 3.40 6.60 20.07
CA ALA A 39 2.24 5.83 19.66
C ALA A 39 1.35 6.61 18.70
N GLY A 40 1.06 7.85 19.06
CA GLY A 40 0.23 8.72 18.24
C GLY A 40 0.72 8.83 16.81
N GLU A 41 2.03 9.02 16.62
CA GLU A 41 2.59 9.19 15.29
C GLU A 41 2.49 7.90 14.49
N MET A 42 2.68 6.76 15.16
CA MET A 42 2.59 5.45 14.51
C MET A 42 1.20 5.26 13.90
N VAL A 43 0.19 5.60 14.68
CA VAL A 43 -1.20 5.47 14.23
C VAL A 43 -1.48 6.41 13.07
N ARG A 44 -0.85 7.59 13.09
CA ARG A 44 -1.02 8.57 12.03
C ARG A 44 -0.53 7.98 10.70
N GLN A 45 0.61 7.29 10.75
CA GLN A 45 1.19 6.67 9.56
C GLN A 45 0.24 5.62 8.99
N ALA A 46 -0.33 4.81 9.88
CA ALA A 46 -1.28 3.78 9.49
C ALA A 46 -2.50 4.39 8.79
N ARG A 47 -2.95 5.54 9.29
CA ARG A 47 -4.07 6.24 8.70
C ARG A 47 -3.73 6.71 7.29
N ILE A 48 -2.47 7.08 7.09
CA ILE A 48 -1.98 7.47 5.77
C ILE A 48 -2.04 6.27 4.82
N LEU A 49 -1.53 5.14 5.29
CA LEU A 49 -1.54 3.91 4.51
C LEU A 49 -2.97 3.50 4.15
N ALA A 50 -3.89 3.70 5.08
CA ALA A 50 -5.29 3.37 4.85
C ALA A 50 -5.86 4.16 3.68
N GLN A 51 -5.60 5.47 3.68
CA GLN A 51 -6.06 6.34 2.62
C GLN A 51 -5.40 5.99 1.30
N ALA A 52 -4.09 5.83 1.35
CA ALA A 52 -3.29 5.50 0.16
C ALA A 52 -3.74 4.18 -0.44
N THR A 53 -3.94 3.18 0.41
CA THR A 53 -4.39 1.87 -0.04
C THR A 53 -5.76 1.98 -0.70
N SER A 54 -6.62 2.81 -0.13
CA SER A 54 -7.97 2.98 -0.65
C SER A 54 -7.95 3.57 -2.05
N ASP A 55 -7.11 4.58 -2.24
CA ASP A 55 -6.96 5.22 -3.55
C ASP A 55 -6.38 4.23 -4.56
N LEU A 56 -5.45 3.40 -4.09
CA LEU A 56 -4.85 2.37 -4.92
C LEU A 56 -5.91 1.35 -5.34
N VAL A 57 -6.68 0.88 -4.37
CA VAL A 57 -7.74 -0.10 -4.63
C VAL A 57 -8.76 0.46 -5.63
N ASN A 58 -9.13 1.73 -5.46
CA ASN A 58 -10.05 2.38 -6.38
C ASN A 58 -9.49 2.37 -7.80
N ALA A 59 -8.19 2.65 -7.91
CA ALA A 59 -7.51 2.63 -9.20
C ALA A 59 -7.51 1.23 -9.79
N ILE A 60 -7.06 0.26 -8.99
CA ILE A 60 -7.00 -1.14 -9.43
C ILE A 60 -8.38 -1.63 -9.86
N LYS A 61 -9.38 -1.37 -9.03
CA LYS A 61 -10.74 -1.80 -9.29
C LYS A 61 -11.25 -1.25 -10.62
N ALA A 62 -11.14 0.06 -10.78
CA ALA A 62 -11.59 0.73 -11.99
C ALA A 62 -10.82 0.24 -13.21
N ASP A 63 -9.54 -0.03 -13.02
CA ASP A 63 -8.68 -0.49 -14.11
C ASP A 63 -9.09 -1.88 -14.54
N ALA A 64 -9.45 -2.72 -13.57
CA ALA A 64 -9.87 -4.08 -13.83
C ALA A 64 -11.18 -4.11 -14.63
N GLU A 65 -12.04 -3.12 -14.37
CA GLU A 65 -13.32 -3.02 -15.06
C GLU A 65 -13.12 -2.56 -16.50
N GLY A 66 -12.10 -1.73 -16.73
CA GLY A 66 -11.82 -1.24 -18.06
C GLY A 66 -10.92 -2.15 -18.85
N GLU A 67 -10.12 -2.94 -18.15
CA GLU A 67 -9.23 -3.90 -18.77
C GLU A 67 -10.02 -4.93 -19.58
N SER A 68 -9.57 -5.17 -20.80
CA SER A 68 -10.23 -6.11 -21.68
C SER A 68 -9.60 -7.51 -21.55
N ASP A 69 -8.53 -7.59 -20.78
CA ASP A 69 -7.90 -8.88 -20.51
C ASP A 69 -8.54 -9.49 -19.27
N LEU A 70 -9.32 -10.54 -19.50
CA LEU A 70 -10.17 -11.12 -18.47
C LEU A 70 -9.35 -11.60 -17.26
N GLU A 71 -8.27 -12.33 -17.51
CA GLU A 71 -7.48 -12.89 -16.43
C GLU A 71 -6.81 -11.77 -15.64
N ASN A 72 -6.44 -10.72 -16.34
CA ASN A 72 -5.82 -9.56 -15.71
C ASN A 72 -6.84 -8.84 -14.83
N SER A 73 -8.08 -8.77 -15.31
CA SER A 73 -9.15 -8.13 -14.56
C SER A 73 -9.37 -8.84 -13.22
N ARG A 74 -9.48 -10.16 -13.28
CA ARG A 74 -9.68 -10.99 -12.09
C ARG A 74 -8.48 -10.88 -11.16
N LYS A 75 -7.30 -10.83 -11.74
CA LYS A 75 -6.06 -10.71 -10.97
C LYS A 75 -6.03 -9.40 -10.19
N LEU A 76 -6.39 -8.31 -10.88
CA LEU A 76 -6.41 -6.99 -10.26
C LEU A 76 -7.41 -6.94 -9.11
N LEU A 77 -8.62 -7.43 -9.35
CA LEU A 77 -9.66 -7.42 -8.32
C LEU A 77 -9.27 -8.28 -7.12
N SER A 78 -8.49 -9.32 -7.38
CA SER A 78 -8.01 -10.19 -6.31
C SER A 78 -6.85 -9.53 -5.57
N ALA A 79 -6.02 -8.80 -6.31
CA ALA A 79 -4.88 -8.09 -5.71
C ALA A 79 -5.37 -6.99 -4.79
N ALA A 80 -6.40 -6.27 -5.23
CA ALA A 80 -7.01 -5.23 -4.41
C ALA A 80 -7.55 -5.82 -3.12
N LYS A 81 -8.17 -7.00 -3.23
CA LYS A 81 -8.68 -7.72 -2.08
C LYS A 81 -7.57 -8.03 -1.08
N ILE A 82 -6.47 -8.61 -1.59
CA ILE A 82 -5.33 -8.96 -0.74
C ILE A 82 -4.73 -7.73 -0.09
N LEU A 83 -4.50 -6.69 -0.89
CA LEU A 83 -3.93 -5.45 -0.41
C LEU A 83 -4.78 -4.82 0.69
N ALA A 84 -6.05 -4.59 0.39
CA ALA A 84 -6.94 -3.92 1.34
C ALA A 84 -6.96 -4.62 2.69
N ASP A 85 -6.72 -5.93 2.68
CA ASP A 85 -6.69 -6.70 3.91
C ASP A 85 -5.37 -6.56 4.63
N ALA A 86 -4.29 -6.50 3.88
CA ALA A 86 -2.98 -6.29 4.45
C ALA A 86 -2.95 -4.96 5.18
N THR A 87 -3.70 -3.99 4.65
CA THR A 87 -3.83 -2.69 5.28
C THR A 87 -4.70 -2.77 6.53
N ALA A 88 -5.81 -3.50 6.45
CA ALA A 88 -6.67 -3.73 7.60
C ALA A 88 -5.87 -4.34 8.75
N LYS A 89 -5.05 -5.33 8.41
CA LYS A 89 -4.11 -5.91 9.37
C LYS A 89 -3.16 -4.84 9.88
N MET A 90 -2.51 -4.19 8.93
CA MET A 90 -1.48 -3.19 9.20
C MET A 90 -1.98 -2.08 10.11
N VAL A 91 -3.09 -1.48 9.74
CA VAL A 91 -3.65 -0.35 10.46
C VAL A 91 -3.94 -0.68 11.92
N GLU A 92 -4.63 -1.80 12.14
CA GLU A 92 -4.97 -2.19 13.50
C GLU A 92 -3.74 -2.69 14.27
N ALA A 93 -2.77 -3.24 13.54
CA ALA A 93 -1.52 -3.67 14.15
C ALA A 93 -0.69 -2.47 14.57
N ALA A 94 -0.65 -1.46 13.70
CA ALA A 94 0.04 -0.21 14.00
C ALA A 94 -0.58 0.47 15.21
N LYS A 95 -1.90 0.54 15.23
CA LYS A 95 -2.63 1.08 16.36
C LYS A 95 -2.31 0.30 17.63
N GLY A 96 -2.36 -1.02 17.51
CA GLY A 96 -2.10 -1.88 18.64
C GLY A 96 -0.68 -1.77 19.16
N ALA A 97 0.29 -1.82 18.25
CA ALA A 97 1.70 -1.77 18.62
C ALA A 97 2.06 -0.40 19.17
N ALA A 98 1.34 0.61 18.73
CA ALA A 98 1.55 1.96 19.20
C ALA A 98 0.97 2.15 20.59
N ALA A 99 -0.35 2.01 20.69
CA ALA A 99 -1.06 2.26 21.94
C ALA A 99 -0.65 1.26 23.02
N HIS A 100 -0.28 0.06 22.59
CA HIS A 100 0.33 -0.92 23.49
C HIS A 100 1.82 -1.02 23.18
N PRO A 101 2.64 -0.13 23.78
CA PRO A 101 4.05 0.01 23.42
C PRO A 101 4.88 -1.21 23.78
N ASP A 102 4.87 -1.56 25.06
CA ASP A 102 5.72 -2.64 25.58
C ASP A 102 5.19 -4.01 25.20
N SER A 103 4.04 -4.04 24.54
CA SER A 103 3.44 -5.28 24.14
C SER A 103 4.19 -5.89 22.96
N GLU A 104 5.09 -6.82 23.26
CA GLU A 104 5.89 -7.50 22.24
C GLU A 104 5.01 -8.24 21.26
N GLU A 105 3.85 -8.71 21.72
CA GLU A 105 2.88 -9.35 20.84
C GLU A 105 2.46 -8.38 19.75
N GLN A 106 2.13 -7.16 20.14
CA GLN A 106 1.72 -6.12 19.21
C GLN A 106 2.89 -5.73 18.31
N GLN A 107 4.07 -5.61 18.91
CA GLN A 107 5.29 -5.30 18.18
C GLN A 107 5.53 -6.33 17.07
N GLN A 108 5.48 -7.60 17.46
CA GLN A 108 5.66 -8.70 16.52
C GLN A 108 4.62 -8.65 15.40
N ARG A 109 3.36 -8.49 15.79
CA ARG A 109 2.25 -8.44 14.83
C ARG A 109 2.44 -7.32 13.83
N LEU A 110 2.89 -6.16 14.29
CA LEU A 110 3.12 -5.04 13.40
C LEU A 110 4.23 -5.35 12.40
N ARG A 111 5.31 -5.97 12.89
CA ARG A 111 6.41 -6.35 12.02
C ARG A 111 5.92 -7.27 10.90
N GLU A 112 5.04 -8.18 11.26
CA GLU A 112 4.49 -9.15 10.31
C GLU A 112 3.49 -8.49 9.37
N ALA A 113 2.62 -7.64 9.91
CA ALA A 113 1.57 -7.02 9.12
C ALA A 113 2.12 -5.92 8.21
N ALA A 114 3.04 -5.12 8.73
CA ALA A 114 3.61 -4.01 7.96
C ALA A 114 4.34 -4.52 6.73
N GLU A 115 5.23 -5.49 6.94
CA GLU A 115 5.99 -6.05 5.84
C GLU A 115 5.09 -6.84 4.90
N GLY A 116 4.01 -7.38 5.44
CA GLY A 116 3.01 -8.05 4.62
C GLY A 116 2.21 -7.06 3.79
N LEU A 117 1.90 -5.92 4.39
CA LEU A 117 1.24 -4.82 3.68
C LEU A 117 2.16 -4.31 2.57
N ARG A 118 3.42 -4.09 2.92
CA ARG A 118 4.43 -3.68 1.95
C ARG A 118 4.52 -4.71 0.83
N MET A 119 4.59 -5.99 1.21
CA MET A 119 4.65 -7.10 0.27
C MET A 119 3.44 -7.11 -0.66
N ALA A 120 2.24 -6.96 -0.07
CA ALA A 120 1.00 -6.95 -0.85
C ALA A 120 1.00 -5.80 -1.84
N THR A 121 1.38 -4.62 -1.37
CA THR A 121 1.42 -3.44 -2.22
C THR A 121 2.49 -3.58 -3.30
N ASN A 122 3.65 -4.07 -2.90
CA ASN A 122 4.76 -4.28 -3.82
C ASN A 122 4.33 -5.22 -4.95
N ALA A 123 3.67 -6.31 -4.57
CA ALA A 123 3.17 -7.27 -5.54
C ALA A 123 2.12 -6.64 -6.46
N ALA A 124 1.23 -5.84 -5.87
CA ALA A 124 0.21 -5.15 -6.65
C ALA A 124 0.86 -4.15 -7.60
N ALA A 125 2.01 -3.63 -7.19
CA ALA A 125 2.79 -2.73 -8.02
C ALA A 125 3.25 -3.42 -9.31
N GLN A 126 3.65 -4.68 -9.17
CA GLN A 126 4.05 -5.48 -10.34
C GLN A 126 2.84 -5.97 -11.11
N ASN A 127 1.70 -6.05 -10.44
CA ASN A 127 0.46 -6.51 -11.07
C ASN A 127 -0.07 -5.47 -12.05
N ALA A 128 0.46 -4.26 -11.96
CA ALA A 128 0.07 -3.17 -12.86
C ALA A 128 0.64 -3.42 -14.26
N ILE A 129 -0.18 -3.98 -15.13
CA ILE A 129 0.26 -4.28 -16.49
C ILE A 129 -0.59 -3.54 -17.51
N LYS A 130 -0.09 -2.39 -17.96
CA LYS A 130 -0.73 -1.65 -19.03
C LYS A 130 0.33 -1.00 -19.90
N LYS A 131 0.35 -1.38 -21.17
CA LYS A 131 1.27 -0.78 -22.13
C LYS A 131 0.70 0.53 -22.65
N GLY A 1 12.21 14.15 -4.97
CA GLY A 1 12.90 13.20 -4.07
C GLY A 1 13.04 11.84 -4.72
N ILE A 2 12.64 10.80 -3.99
CA ILE A 2 12.65 9.45 -4.51
C ILE A 2 11.68 9.32 -5.68
N ASP A 3 12.10 8.59 -6.71
CA ASP A 3 11.37 8.46 -7.97
C ASP A 3 11.33 9.80 -8.70
N PRO A 4 11.98 9.87 -9.87
CA PRO A 4 12.14 11.12 -10.62
C PRO A 4 10.89 11.50 -11.42
N PHE A 5 9.72 11.12 -10.91
CA PHE A 5 8.44 11.41 -11.55
C PHE A 5 8.41 10.83 -12.96
N THR A 6 9.03 9.66 -13.09
CA THR A 6 9.16 8.96 -14.36
C THR A 6 10.07 9.73 -15.33
N ALA A 7 11.34 9.38 -15.31
CA ALA A 7 12.32 9.98 -16.23
C ALA A 7 12.51 9.07 -17.43
N HIS A 8 12.09 7.83 -17.30
CA HIS A 8 12.15 6.87 -18.40
C HIS A 8 10.80 6.17 -18.54
N ALA A 9 10.22 6.23 -19.73
CA ALA A 9 8.96 5.56 -19.98
C ALA A 9 9.12 4.06 -19.86
N THR A 10 10.16 3.54 -20.50
CA THR A 10 10.48 2.13 -20.42
C THR A 10 11.22 1.83 -19.13
N GLY A 11 10.53 1.20 -18.20
CA GLY A 11 11.11 0.95 -16.89
C GLY A 11 10.18 1.38 -15.78
N ALA A 12 9.47 2.47 -16.02
CA ALA A 12 8.47 2.95 -15.07
C ALA A 12 7.09 2.45 -15.46
N GLY A 13 6.87 2.35 -16.77
CA GLY A 13 5.59 1.86 -17.27
C GLY A 13 4.47 2.84 -17.06
N PRO A 14 3.26 2.36 -16.75
CA PRO A 14 2.11 3.21 -16.48
C PRO A 14 2.26 3.97 -15.17
N ALA A 15 2.36 5.28 -15.25
CA ALA A 15 2.57 6.11 -14.08
C ALA A 15 1.40 7.07 -13.89
N GLY A 16 1.14 7.41 -12.64
CA GLY A 16 0.08 8.35 -12.35
C GLY A 16 -1.03 7.74 -11.50
N ARG A 17 -1.13 6.42 -11.49
CA ARG A 17 -2.19 5.77 -10.72
C ARG A 17 -1.61 4.90 -9.61
N TYR A 18 -0.85 3.89 -10.00
CA TYR A 18 -0.41 2.88 -9.06
C TYR A 18 0.88 3.31 -8.38
N ASP A 19 1.83 3.80 -9.20
CA ASP A 19 3.18 4.08 -8.73
C ASP A 19 3.20 5.23 -7.73
N GLN A 20 2.33 6.20 -7.92
CA GLN A 20 2.24 7.32 -6.99
C GLN A 20 1.79 6.84 -5.62
N ALA A 21 0.77 6.00 -5.62
CA ALA A 21 0.21 5.49 -4.38
C ALA A 21 1.16 4.48 -3.73
N THR A 22 1.70 3.57 -4.53
CA THR A 22 2.57 2.53 -4.03
C THR A 22 3.88 3.09 -3.48
N ASP A 23 4.48 4.02 -4.23
CA ASP A 23 5.72 4.65 -3.79
C ASP A 23 5.50 5.36 -2.46
N THR A 24 4.31 5.93 -2.31
CA THR A 24 3.91 6.54 -1.06
C THR A 24 3.76 5.48 0.03
N ILE A 25 2.88 4.50 -0.21
CA ILE A 25 2.61 3.44 0.76
C ILE A 25 3.88 2.70 1.17
N LEU A 26 4.69 2.33 0.19
CA LEU A 26 5.95 1.62 0.45
C LEU A 26 6.84 2.42 1.40
N THR A 27 6.90 3.73 1.19
CA THR A 27 7.70 4.62 2.01
C THR A 27 7.02 4.89 3.36
N VAL A 28 5.71 5.06 3.35
CA VAL A 28 4.97 5.30 4.59
C VAL A 28 5.04 4.08 5.50
N THR A 29 5.00 2.89 4.90
CA THR A 29 5.07 1.64 5.65
C THR A 29 6.34 1.56 6.49
N GLU A 30 7.50 1.73 5.84
CA GLU A 30 8.78 1.67 6.52
C GLU A 30 8.85 2.73 7.62
N ASN A 31 8.08 3.80 7.43
CA ASN A 31 8.05 4.89 8.38
C ASN A 31 7.40 4.48 9.70
N ILE A 32 6.58 3.43 9.69
CA ILE A 32 6.02 2.90 10.92
C ILE A 32 7.16 2.33 11.79
N PHE A 33 8.11 1.70 11.14
CA PHE A 33 9.27 1.14 11.81
C PHE A 33 10.21 2.25 12.26
N SER A 34 10.25 3.31 11.48
CA SER A 34 11.02 4.49 11.85
C SER A 34 10.37 5.20 13.05
N SER A 35 9.05 5.25 13.05
CA SER A 35 8.30 5.89 14.11
C SER A 35 8.11 4.97 15.32
N MET A 36 8.53 3.71 15.17
CA MET A 36 8.37 2.71 16.22
C MET A 36 8.94 3.22 17.54
N GLY A 37 8.08 3.31 18.54
CA GLY A 37 8.47 3.87 19.81
C GLY A 37 7.69 5.12 20.13
N ASP A 38 6.78 5.48 19.23
CA ASP A 38 5.88 6.61 19.43
C ASP A 38 4.48 6.20 19.02
N ALA A 39 3.55 6.20 19.98
CA ALA A 39 2.21 5.71 19.74
C ALA A 39 1.47 6.57 18.72
N GLY A 40 1.41 7.86 18.97
CA GLY A 40 0.73 8.77 18.06
C GLY A 40 1.29 8.75 16.65
N GLU A 41 2.62 8.80 16.55
CA GLU A 41 3.28 8.90 15.26
C GLU A 41 3.11 7.61 14.43
N MET A 42 3.10 6.47 15.11
CA MET A 42 2.90 5.18 14.44
C MET A 42 1.50 5.09 13.84
N VAL A 43 0.49 5.50 14.62
CA VAL A 43 -0.88 5.50 14.14
C VAL A 43 -1.05 6.52 13.01
N ARG A 44 -0.34 7.64 13.16
CA ARG A 44 -0.31 8.69 12.13
C ARG A 44 0.04 8.10 10.77
N GLN A 45 1.14 7.36 10.73
CA GLN A 45 1.61 6.73 9.50
C GLN A 45 0.61 5.67 9.01
N ALA A 46 0.04 4.93 9.94
CA ALA A 46 -0.94 3.89 9.61
C ALA A 46 -2.16 4.47 8.88
N ARG A 47 -2.60 5.65 9.31
CA ARG A 47 -3.75 6.31 8.69
C ARG A 47 -3.42 6.70 7.26
N ILE A 48 -2.19 7.13 7.03
CA ILE A 48 -1.74 7.50 5.70
C ILE A 48 -1.84 6.31 4.76
N LEU A 49 -1.49 5.14 5.28
CA LEU A 49 -1.58 3.90 4.52
C LEU A 49 -3.03 3.62 4.13
N ALA A 50 -3.92 3.72 5.10
CA ALA A 50 -5.34 3.49 4.85
C ALA A 50 -5.86 4.42 3.76
N GLN A 51 -5.44 5.68 3.83
CA GLN A 51 -5.83 6.69 2.86
C GLN A 51 -5.25 6.36 1.47
N ALA A 52 -3.95 6.08 1.43
CA ALA A 52 -3.27 5.82 0.18
C ALA A 52 -3.76 4.53 -0.47
N THR A 53 -3.90 3.48 0.34
CA THR A 53 -4.39 2.20 -0.15
C THR A 53 -5.77 2.33 -0.79
N SER A 54 -6.58 3.23 -0.24
CA SER A 54 -7.94 3.42 -0.72
C SER A 54 -7.95 3.81 -2.20
N ASP A 55 -6.95 4.55 -2.62
CA ASP A 55 -6.85 4.99 -4.01
C ASP A 55 -6.52 3.80 -4.90
N LEU A 56 -5.58 2.97 -4.46
CA LEU A 56 -5.19 1.77 -5.20
C LEU A 56 -6.35 0.81 -5.31
N VAL A 57 -7.05 0.58 -4.21
CA VAL A 57 -8.17 -0.34 -4.19
C VAL A 57 -9.22 0.07 -5.23
N ASN A 58 -9.40 1.37 -5.38
CA ASN A 58 -10.36 1.87 -6.36
C ASN A 58 -9.82 1.78 -7.78
N ALA A 59 -8.60 2.28 -7.99
CA ALA A 59 -8.01 2.31 -9.32
C ALA A 59 -7.80 0.92 -9.88
N ILE A 60 -7.11 0.07 -9.13
CA ILE A 60 -6.80 -1.29 -9.57
C ILE A 60 -8.08 -2.08 -9.86
N LYS A 61 -9.07 -1.88 -8.99
CA LYS A 61 -10.36 -2.57 -9.15
C LYS A 61 -11.09 -2.05 -10.38
N ALA A 62 -11.08 -0.74 -10.58
CA ALA A 62 -11.78 -0.13 -11.70
C ALA A 62 -11.16 -0.57 -13.02
N ASP A 63 -9.83 -0.60 -13.05
CA ASP A 63 -9.12 -1.07 -14.22
C ASP A 63 -9.41 -2.56 -14.45
N ALA A 64 -9.54 -3.30 -13.36
CA ALA A 64 -9.87 -4.72 -13.44
C ALA A 64 -11.28 -4.92 -13.98
N GLU A 65 -12.20 -4.08 -13.57
CA GLU A 65 -13.58 -4.15 -14.05
C GLU A 65 -13.66 -3.66 -15.50
N GLY A 66 -12.62 -2.99 -15.94
CA GLY A 66 -12.56 -2.52 -17.31
C GLY A 66 -11.85 -3.51 -18.21
N GLU A 67 -10.81 -4.15 -17.69
CA GLU A 67 -10.04 -5.13 -18.45
C GLU A 67 -10.93 -6.28 -18.91
N SER A 68 -10.88 -6.56 -20.20
CA SER A 68 -11.72 -7.60 -20.80
C SER A 68 -11.11 -8.99 -20.60
N ASP A 69 -9.83 -9.02 -20.25
CA ASP A 69 -9.16 -10.28 -19.97
C ASP A 69 -9.51 -10.75 -18.57
N LEU A 70 -10.20 -11.88 -18.48
CA LEU A 70 -10.66 -12.40 -17.21
C LEU A 70 -9.48 -12.75 -16.31
N GLU A 71 -8.42 -13.31 -16.90
CA GLU A 71 -7.25 -13.72 -16.14
C GLU A 71 -6.52 -12.49 -15.57
N ASN A 72 -6.49 -11.41 -16.33
CA ASN A 72 -5.83 -10.19 -15.89
C ASN A 72 -6.72 -9.43 -14.92
N SER A 73 -8.03 -9.45 -15.16
CA SER A 73 -8.95 -8.71 -14.32
C SER A 73 -9.06 -9.33 -12.94
N ARG A 74 -9.17 -10.65 -12.89
CA ARG A 74 -9.20 -11.37 -11.62
C ARG A 74 -7.92 -11.11 -10.84
N LYS A 75 -6.80 -11.04 -11.55
CA LYS A 75 -5.51 -10.79 -10.95
C LYS A 75 -5.52 -9.42 -10.25
N LEU A 76 -5.93 -8.39 -10.99
CA LEU A 76 -6.01 -7.05 -10.44
C LEU A 76 -7.02 -6.97 -9.28
N LEU A 77 -8.18 -7.59 -9.47
CA LEU A 77 -9.21 -7.62 -8.43
C LEU A 77 -8.68 -8.28 -7.16
N SER A 78 -7.94 -9.37 -7.32
CA SER A 78 -7.37 -10.07 -6.18
C SER A 78 -6.28 -9.23 -5.53
N ALA A 79 -5.45 -8.59 -6.34
CA ALA A 79 -4.36 -7.76 -5.84
C ALA A 79 -4.89 -6.62 -4.98
N ALA A 80 -5.92 -5.94 -5.47
CA ALA A 80 -6.52 -4.83 -4.75
C ALA A 80 -7.18 -5.31 -3.46
N LYS A 81 -7.82 -6.48 -3.53
CA LYS A 81 -8.51 -7.04 -2.38
C LYS A 81 -7.51 -7.51 -1.33
N ILE A 82 -6.44 -8.17 -1.78
CA ILE A 82 -5.36 -8.59 -0.89
C ILE A 82 -4.73 -7.37 -0.23
N LEU A 83 -4.49 -6.34 -1.02
CA LEU A 83 -3.94 -5.09 -0.53
C LEU A 83 -4.82 -4.49 0.56
N ALA A 84 -6.10 -4.32 0.25
CA ALA A 84 -7.04 -3.73 1.19
C ALA A 84 -7.06 -4.51 2.50
N ASP A 85 -6.87 -5.81 2.42
CA ASP A 85 -6.87 -6.66 3.59
C ASP A 85 -5.53 -6.60 4.31
N ALA A 86 -4.47 -6.50 3.55
CA ALA A 86 -3.15 -6.28 4.11
C ALA A 86 -3.15 -4.99 4.91
N THR A 87 -3.88 -4.00 4.41
CA THR A 87 -4.00 -2.72 5.07
C THR A 87 -4.83 -2.83 6.34
N ALA A 88 -5.97 -3.50 6.25
CA ALA A 88 -6.86 -3.67 7.40
C ALA A 88 -6.14 -4.31 8.57
N LYS A 89 -5.34 -5.35 8.29
CA LYS A 89 -4.56 -6.01 9.33
C LYS A 89 -3.44 -5.09 9.82
N MET A 90 -2.74 -4.48 8.86
CA MET A 90 -1.64 -3.57 9.16
C MET A 90 -2.08 -2.40 10.04
N VAL A 91 -3.13 -1.72 9.61
CA VAL A 91 -3.61 -0.53 10.29
C VAL A 91 -4.04 -0.82 11.72
N GLU A 92 -4.80 -1.90 11.90
CA GLU A 92 -5.26 -2.28 13.23
C GLU A 92 -4.09 -2.72 14.12
N ALA A 93 -3.13 -3.43 13.53
CA ALA A 93 -1.96 -3.86 14.27
C ALA A 93 -1.12 -2.66 14.71
N ALA A 94 -0.92 -1.72 13.79
CA ALA A 94 -0.20 -0.49 14.08
C ALA A 94 -0.83 0.26 15.24
N LYS A 95 -2.16 0.35 15.24
CA LYS A 95 -2.89 1.01 16.32
C LYS A 95 -2.56 0.39 17.67
N GLY A 96 -2.68 -0.93 17.75
CA GLY A 96 -2.43 -1.63 18.99
C GLY A 96 -0.96 -1.60 19.39
N ALA A 97 -0.09 -1.75 18.41
CA ALA A 97 1.36 -1.77 18.66
C ALA A 97 1.86 -0.41 19.08
N ALA A 98 1.23 0.62 18.56
CA ALA A 98 1.60 1.99 18.90
C ALA A 98 1.13 2.34 20.29
N ALA A 99 -0.17 2.24 20.53
CA ALA A 99 -0.75 2.64 21.80
C ALA A 99 -0.22 1.78 22.95
N HIS A 100 0.13 0.54 22.65
CA HIS A 100 0.85 -0.30 23.61
C HIS A 100 2.30 -0.45 23.18
N PRO A 101 3.13 0.56 23.47
CA PRO A 101 4.48 0.66 22.91
C PRO A 101 5.40 -0.47 23.38
N ASP A 102 5.29 -0.81 24.66
CA ASP A 102 6.16 -1.81 25.27
C ASP A 102 5.75 -3.23 24.89
N SER A 103 4.52 -3.39 24.41
CA SER A 103 4.00 -4.71 24.11
C SER A 103 4.52 -5.21 22.76
N GLU A 104 5.50 -6.11 22.81
CA GLU A 104 6.12 -6.65 21.60
C GLU A 104 5.19 -7.65 20.91
N GLU A 105 4.21 -8.16 21.66
CA GLU A 105 3.19 -9.03 21.07
C GLU A 105 2.41 -8.26 20.02
N GLN A 106 2.14 -6.99 20.33
CA GLN A 106 1.50 -6.09 19.39
C GLN A 106 2.46 -5.77 18.24
N GLN A 107 3.73 -5.58 18.59
CA GLN A 107 4.76 -5.26 17.60
C GLN A 107 4.87 -6.37 16.57
N GLN A 108 4.83 -7.61 17.04
CA GLN A 108 4.90 -8.77 16.16
C GLN A 108 3.84 -8.69 15.07
N ARG A 109 2.60 -8.52 15.50
CA ARG A 109 1.47 -8.43 14.58
C ARG A 109 1.68 -7.32 13.57
N LEU A 110 2.15 -6.18 14.07
CA LEU A 110 2.45 -5.04 13.22
C LEU A 110 3.51 -5.38 12.19
N ARG A 111 4.60 -5.97 12.65
CA ARG A 111 5.75 -6.26 11.79
C ARG A 111 5.37 -7.20 10.64
N GLU A 112 4.63 -8.26 10.96
CA GLU A 112 4.23 -9.21 9.92
C GLU A 112 3.20 -8.60 8.97
N ALA A 113 2.34 -7.74 9.53
CA ALA A 113 1.29 -7.11 8.75
C ALA A 113 1.85 -6.02 7.85
N ALA A 114 2.77 -5.23 8.40
CA ALA A 114 3.40 -4.14 7.66
C ALA A 114 4.14 -4.66 6.45
N GLU A 115 4.87 -5.77 6.63
CA GLU A 115 5.58 -6.38 5.53
C GLU A 115 4.61 -6.93 4.50
N GLY A 116 3.51 -7.50 4.98
CA GLY A 116 2.48 -8.00 4.10
C GLY A 116 1.80 -6.89 3.32
N LEU A 117 1.54 -5.78 4.02
CA LEU A 117 0.95 -4.60 3.41
C LEU A 117 1.90 -4.01 2.38
N ARG A 118 3.15 -3.84 2.77
CA ARG A 118 4.18 -3.28 1.88
C ARG A 118 4.34 -4.19 0.67
N MET A 119 4.36 -5.49 0.91
CA MET A 119 4.50 -6.49 -0.15
C MET A 119 3.29 -6.45 -1.08
N ALA A 120 2.09 -6.43 -0.51
CA ALA A 120 0.86 -6.40 -1.28
C ALA A 120 0.81 -5.15 -2.16
N THR A 121 1.18 -4.03 -1.59
CA THR A 121 1.19 -2.76 -2.30
C THR A 121 2.22 -2.78 -3.43
N ASN A 122 3.45 -3.16 -3.09
CA ASN A 122 4.53 -3.24 -4.05
C ASN A 122 4.16 -4.20 -5.17
N ALA A 123 3.55 -5.33 -4.81
CA ALA A 123 3.10 -6.33 -5.77
C ALA A 123 2.01 -5.74 -6.67
N ALA A 124 1.06 -5.04 -6.08
CA ALA A 124 0.01 -4.37 -6.85
C ALA A 124 0.62 -3.37 -7.83
N ALA A 125 1.72 -2.76 -7.42
CA ALA A 125 2.46 -1.84 -8.27
C ALA A 125 3.02 -2.55 -9.49
N GLN A 126 3.55 -3.75 -9.28
CA GLN A 126 4.11 -4.56 -10.35
C GLN A 126 3.00 -5.09 -11.26
N ASN A 127 1.80 -5.18 -10.69
CA ASN A 127 0.64 -5.70 -11.41
C ASN A 127 0.05 -4.69 -12.37
N ALA A 128 0.59 -3.47 -12.35
CA ALA A 128 0.13 -2.42 -13.24
C ALA A 128 0.43 -2.78 -14.70
N ILE A 129 -0.50 -3.47 -15.33
CA ILE A 129 -0.35 -3.88 -16.72
C ILE A 129 -1.39 -3.17 -17.59
N LYS A 130 -0.91 -2.31 -18.47
CA LYS A 130 -1.79 -1.61 -19.40
C LYS A 130 -1.35 -1.85 -20.83
N LYS A 131 -2.15 -2.62 -21.54
CA LYS A 131 -1.85 -3.00 -22.92
C LYS A 131 -2.20 -1.87 -23.87
N GLY A 1 22.61 23.32 -23.76
CA GLY A 1 21.42 24.20 -23.87
C GLY A 1 20.15 23.43 -23.63
N ILE A 2 19.15 23.65 -24.47
CA ILE A 2 17.89 22.93 -24.36
C ILE A 2 17.92 21.73 -25.31
N ASP A 3 19.12 21.38 -25.73
CA ASP A 3 19.34 20.27 -26.64
C ASP A 3 19.30 18.95 -25.87
N PRO A 4 19.06 17.84 -26.58
CA PRO A 4 19.00 16.50 -25.96
C PRO A 4 20.32 16.11 -25.28
N PHE A 5 20.19 15.50 -24.12
CA PHE A 5 21.34 15.01 -23.37
C PHE A 5 21.31 13.48 -23.36
N THR A 6 22.25 12.87 -22.65
CA THR A 6 22.22 11.44 -22.44
C THR A 6 20.98 11.10 -21.59
N ALA A 7 20.71 11.98 -20.64
CA ALA A 7 19.52 11.94 -19.79
C ALA A 7 19.41 10.63 -19.02
N HIS A 8 19.91 10.64 -17.79
CA HIS A 8 19.83 9.46 -16.94
C HIS A 8 18.77 9.68 -15.87
N ALA A 9 18.21 10.88 -15.85
CA ALA A 9 17.12 11.19 -14.94
C ALA A 9 15.83 10.59 -15.47
N THR A 10 14.97 10.15 -14.54
CA THR A 10 13.70 9.49 -14.87
C THR A 10 13.90 8.38 -15.90
N GLY A 11 14.96 7.60 -15.72
CA GLY A 11 15.24 6.51 -16.64
C GLY A 11 15.99 5.38 -15.96
N ALA A 12 15.65 5.14 -14.69
CA ALA A 12 16.31 4.11 -13.91
C ALA A 12 15.31 3.04 -13.45
N GLY A 13 14.03 3.35 -13.62
CA GLY A 13 13.00 2.41 -13.24
C GLY A 13 11.68 2.74 -13.92
N PRO A 14 10.92 1.72 -14.35
CA PRO A 14 9.63 1.90 -15.02
C PRO A 14 8.51 2.20 -14.02
N ALA A 15 8.00 3.42 -14.06
CA ALA A 15 6.86 3.80 -13.24
C ALA A 15 5.62 3.96 -14.10
N GLY A 16 4.61 3.14 -13.84
CA GLY A 16 3.43 3.16 -14.67
C GLY A 16 2.22 3.73 -13.97
N ARG A 17 1.15 2.95 -13.92
CA ARG A 17 -0.15 3.45 -13.52
C ARG A 17 -0.35 3.43 -12.00
N TYR A 18 -0.03 2.32 -11.34
CA TYR A 18 -0.22 2.22 -9.90
C TYR A 18 1.05 2.60 -9.15
N ASP A 19 2.13 2.76 -9.91
CA ASP A 19 3.46 2.91 -9.32
C ASP A 19 3.60 4.21 -8.53
N GLN A 20 2.87 5.24 -8.95
CA GLN A 20 2.90 6.52 -8.25
C GLN A 20 2.17 6.41 -6.92
N ALA A 21 1.13 5.59 -6.87
CA ALA A 21 0.34 5.40 -5.68
C ALA A 21 1.03 4.44 -4.71
N THR A 22 1.57 3.36 -5.26
CA THR A 22 2.29 2.38 -4.47
C THR A 22 3.54 3.00 -3.87
N ASP A 23 4.14 3.91 -4.62
CA ASP A 23 5.30 4.67 -4.15
C ASP A 23 5.00 5.32 -2.80
N THR A 24 3.81 5.90 -2.71
CA THR A 24 3.38 6.53 -1.48
C THR A 24 3.25 5.50 -0.36
N ILE A 25 2.47 4.45 -0.60
CA ILE A 25 2.25 3.40 0.39
C ILE A 25 3.57 2.77 0.84
N LEU A 26 4.38 2.38 -0.14
CA LEU A 26 5.68 1.74 0.13
C LEU A 26 6.56 2.64 1.00
N THR A 27 6.62 3.92 0.67
CA THR A 27 7.44 4.87 1.41
C THR A 27 6.86 5.12 2.81
N VAL A 28 5.54 5.29 2.90
CA VAL A 28 4.90 5.53 4.18
C VAL A 28 5.01 4.30 5.09
N THR A 29 5.03 3.12 4.49
CA THR A 29 5.21 1.89 5.25
C THR A 29 6.52 1.93 6.04
N GLU A 30 7.58 2.42 5.40
CA GLU A 30 8.88 2.59 6.05
C GLU A 30 8.73 3.45 7.30
N ASN A 31 7.77 4.37 7.24
CA ASN A 31 7.60 5.38 8.28
C ASN A 31 7.16 4.77 9.60
N ILE A 32 6.38 3.69 9.55
CA ILE A 32 5.90 3.05 10.77
C ILE A 32 7.08 2.48 11.57
N PHE A 33 8.08 1.98 10.86
CA PHE A 33 9.27 1.45 11.49
C PHE A 33 10.18 2.58 11.95
N SER A 34 10.08 3.72 11.27
CA SER A 34 10.85 4.90 11.65
C SER A 34 10.22 5.59 12.88
N SER A 35 8.89 5.53 12.97
CA SER A 35 8.16 6.16 14.06
C SER A 35 8.13 5.27 15.30
N MET A 36 8.69 4.06 15.18
CA MET A 36 8.73 3.09 16.27
C MET A 36 9.07 3.73 17.61
N GLY A 37 8.05 3.87 18.46
CA GLY A 37 8.25 4.48 19.75
C GLY A 37 7.28 5.61 20.01
N ASP A 38 6.77 6.20 18.93
CA ASP A 38 5.79 7.26 19.05
C ASP A 38 4.39 6.70 18.84
N ALA A 39 3.65 6.59 19.93
CA ALA A 39 2.34 5.94 19.92
C ALA A 39 1.34 6.71 19.06
N GLY A 40 1.50 8.03 19.03
CA GLY A 40 0.63 8.85 18.21
C GLY A 40 0.99 8.78 16.74
N GLU A 41 2.27 8.95 16.44
CA GLU A 41 2.73 9.04 15.06
C GLU A 41 2.57 7.71 14.32
N MET A 42 2.84 6.60 15.00
CA MET A 42 2.71 5.28 14.37
C MET A 42 1.28 5.05 13.87
N VAL A 43 0.31 5.48 14.68
CA VAL A 43 -1.09 5.39 14.28
C VAL A 43 -1.38 6.36 13.14
N ARG A 44 -0.80 7.55 13.24
CA ARG A 44 -0.94 8.57 12.21
C ARG A 44 -0.48 8.04 10.86
N GLN A 45 0.65 7.35 10.84
CA GLN A 45 1.21 6.82 9.60
C GLN A 45 0.35 5.68 9.06
N ALA A 46 -0.17 4.85 9.96
CA ALA A 46 -1.08 3.78 9.59
C ALA A 46 -2.32 4.35 8.90
N ARG A 47 -2.81 5.47 9.40
CA ARG A 47 -3.96 6.14 8.81
C ARG A 47 -3.63 6.64 7.41
N ILE A 48 -2.38 7.02 7.18
CA ILE A 48 -1.92 7.44 5.87
C ILE A 48 -1.97 6.27 4.90
N LEU A 49 -1.54 5.11 5.38
CA LEU A 49 -1.59 3.88 4.58
C LEU A 49 -3.03 3.54 4.21
N ALA A 50 -3.90 3.53 5.21
CA ALA A 50 -5.30 3.22 5.01
C ALA A 50 -5.91 4.13 3.95
N GLN A 51 -5.63 5.42 4.05
CA GLN A 51 -6.15 6.40 3.12
C GLN A 51 -5.57 6.18 1.72
N ALA A 52 -4.26 5.93 1.66
CA ALA A 52 -3.58 5.71 0.38
C ALA A 52 -4.07 4.44 -0.28
N THR A 53 -4.15 3.36 0.49
CA THR A 53 -4.64 2.10 -0.01
C THR A 53 -6.06 2.23 -0.55
N SER A 54 -6.88 3.00 0.16
CA SER A 54 -8.27 3.20 -0.23
C SER A 54 -8.34 3.80 -1.64
N ASP A 55 -7.50 4.79 -1.89
CA ASP A 55 -7.45 5.46 -3.18
C ASP A 55 -6.94 4.49 -4.26
N LEU A 56 -5.96 3.67 -3.89
CA LEU A 56 -5.37 2.71 -4.82
C LEU A 56 -6.37 1.62 -5.19
N VAL A 57 -7.03 1.06 -4.18
CA VAL A 57 -7.99 -0.02 -4.40
C VAL A 57 -9.10 0.41 -5.36
N ASN A 58 -9.58 1.64 -5.22
CA ASN A 58 -10.57 2.19 -6.14
C ASN A 58 -10.05 2.20 -7.57
N ALA A 59 -8.78 2.53 -7.70
CA ALA A 59 -8.15 2.59 -9.01
C ALA A 59 -8.01 1.20 -9.62
N ILE A 60 -7.54 0.26 -8.80
CA ILE A 60 -7.33 -1.11 -9.26
C ILE A 60 -8.65 -1.74 -9.71
N LYS A 61 -9.69 -1.59 -8.91
CA LYS A 61 -11.01 -2.14 -9.24
C LYS A 61 -11.51 -1.56 -10.56
N ALA A 62 -11.42 -0.26 -10.70
CA ALA A 62 -11.91 0.42 -11.89
C ALA A 62 -11.08 0.09 -13.12
N ASP A 63 -9.77 0.01 -12.94
CA ASP A 63 -8.86 -0.28 -14.04
C ASP A 63 -8.98 -1.74 -14.45
N ALA A 64 -9.29 -2.60 -13.48
CA ALA A 64 -9.53 -4.01 -13.75
C ALA A 64 -10.80 -4.20 -14.56
N GLU A 65 -11.86 -3.48 -14.21
CA GLU A 65 -13.12 -3.57 -14.94
C GLU A 65 -13.00 -2.90 -16.31
N GLY A 66 -11.96 -2.10 -16.47
CA GLY A 66 -11.68 -1.47 -17.75
C GLY A 66 -10.74 -2.31 -18.59
N GLU A 67 -10.28 -3.42 -18.02
CA GLU A 67 -9.38 -4.33 -18.71
C GLU A 67 -10.16 -5.20 -19.69
N SER A 68 -9.51 -5.58 -20.79
CA SER A 68 -10.15 -6.40 -21.80
C SER A 68 -9.95 -7.88 -21.49
N ASP A 69 -8.86 -8.20 -20.80
CA ASP A 69 -8.57 -9.57 -20.44
C ASP A 69 -9.26 -9.91 -19.12
N LEU A 70 -10.24 -10.79 -19.17
CA LEU A 70 -11.07 -11.09 -18.01
C LEU A 70 -10.23 -11.73 -16.90
N GLU A 71 -9.32 -12.60 -17.27
CA GLU A 71 -8.51 -13.30 -16.29
C GLU A 71 -7.51 -12.35 -15.64
N ASN A 72 -6.93 -11.46 -16.45
CA ASN A 72 -6.04 -10.44 -15.94
C ASN A 72 -6.82 -9.42 -15.10
N SER A 73 -8.11 -9.29 -15.37
CA SER A 73 -8.97 -8.44 -14.57
C SER A 73 -9.07 -8.99 -13.14
N ARG A 74 -9.29 -10.29 -13.02
CA ARG A 74 -9.32 -10.95 -11.72
C ARG A 74 -7.95 -10.87 -11.07
N LYS A 75 -6.93 -11.01 -11.90
CA LYS A 75 -5.54 -10.87 -11.48
C LYS A 75 -5.30 -9.51 -10.81
N LEU A 76 -5.76 -8.45 -11.46
CA LEU A 76 -5.72 -7.11 -10.88
C LEU A 76 -6.54 -7.03 -9.60
N LEU A 77 -7.78 -7.52 -9.65
CA LEU A 77 -8.68 -7.51 -8.50
C LEU A 77 -8.07 -8.26 -7.31
N SER A 78 -7.33 -9.32 -7.60
CA SER A 78 -6.66 -10.10 -6.56
C SER A 78 -5.71 -9.21 -5.77
N ALA A 79 -4.91 -8.42 -6.49
CA ALA A 79 -3.95 -7.52 -5.85
C ALA A 79 -4.65 -6.54 -4.92
N ALA A 80 -5.77 -6.00 -5.41
CA ALA A 80 -6.56 -5.05 -4.61
C ALA A 80 -7.14 -5.72 -3.37
N LYS A 81 -7.67 -6.92 -3.55
CA LYS A 81 -8.28 -7.67 -2.47
C LYS A 81 -7.25 -7.99 -1.39
N ILE A 82 -6.09 -8.48 -1.83
CA ILE A 82 -5.00 -8.81 -0.92
C ILE A 82 -4.49 -7.56 -0.22
N LEU A 83 -4.32 -6.49 -1.00
CA LEU A 83 -3.83 -5.22 -0.48
C LEU A 83 -4.76 -4.67 0.60
N ALA A 84 -6.02 -4.46 0.25
CA ALA A 84 -6.98 -3.86 1.17
C ALA A 84 -7.05 -4.64 2.47
N ASP A 85 -6.83 -5.94 2.38
CA ASP A 85 -6.88 -6.81 3.53
C ASP A 85 -5.61 -6.72 4.36
N ALA A 86 -4.47 -6.69 3.69
CA ALA A 86 -3.20 -6.53 4.36
C ALA A 86 -3.16 -5.19 5.08
N THR A 87 -3.93 -4.23 4.57
CA THR A 87 -4.01 -2.91 5.15
C THR A 87 -4.79 -2.92 6.46
N ALA A 88 -5.95 -3.57 6.46
CA ALA A 88 -6.77 -3.69 7.66
C ALA A 88 -5.98 -4.33 8.80
N LYS A 89 -5.26 -5.40 8.48
CA LYS A 89 -4.39 -6.06 9.44
C LYS A 89 -3.30 -5.10 9.92
N MET A 90 -2.64 -4.47 8.95
CA MET A 90 -1.58 -3.51 9.21
C MET A 90 -2.04 -2.39 10.13
N VAL A 91 -3.15 -1.77 9.77
CA VAL A 91 -3.68 -0.63 10.51
C VAL A 91 -3.94 -0.97 11.98
N GLU A 92 -4.66 -2.07 12.23
CA GLU A 92 -4.96 -2.46 13.60
C GLU A 92 -3.68 -2.81 14.36
N ALA A 93 -2.76 -3.46 13.68
CA ALA A 93 -1.48 -3.84 14.30
C ALA A 93 -0.67 -2.61 14.66
N ALA A 94 -0.61 -1.65 13.73
CA ALA A 94 0.10 -0.40 13.96
C ALA A 94 -0.54 0.37 15.11
N LYS A 95 -1.86 0.43 15.12
CA LYS A 95 -2.58 1.12 16.19
C LYS A 95 -2.27 0.50 17.55
N GLY A 96 -2.35 -0.83 17.61
CA GLY A 96 -2.10 -1.52 18.85
C GLY A 96 -0.65 -1.45 19.29
N ALA A 97 0.27 -1.57 18.34
CA ALA A 97 1.70 -1.55 18.64
C ALA A 97 2.15 -0.15 19.03
N ALA A 98 1.45 0.84 18.53
CA ALA A 98 1.76 2.23 18.85
C ALA A 98 1.29 2.57 20.24
N ALA A 99 -0.02 2.54 20.44
CA ALA A 99 -0.61 2.95 21.71
C ALA A 99 -0.17 2.02 22.84
N HIS A 100 0.11 0.77 22.51
CA HIS A 100 0.75 -0.15 23.43
C HIS A 100 2.19 -0.37 22.99
N PRO A 101 3.11 0.55 23.35
CA PRO A 101 4.47 0.56 22.81
C PRO A 101 5.29 -0.65 23.25
N ASP A 102 5.26 -0.93 24.55
CA ASP A 102 6.10 -1.98 25.13
C ASP A 102 5.53 -3.37 24.87
N SER A 103 4.32 -3.44 24.31
CA SER A 103 3.68 -4.72 24.07
C SER A 103 4.41 -5.53 22.99
N GLU A 104 5.07 -6.59 23.44
CA GLU A 104 5.88 -7.44 22.56
C GLU A 104 5.04 -8.01 21.43
N GLU A 105 3.87 -8.54 21.78
CA GLU A 105 3.02 -9.20 20.81
C GLU A 105 2.47 -8.21 19.79
N GLN A 106 2.18 -7.00 20.24
CA GLN A 106 1.68 -5.97 19.34
C GLN A 106 2.75 -5.58 18.34
N GLN A 107 3.99 -5.49 18.80
CA GLN A 107 5.12 -5.23 17.92
C GLN A 107 5.28 -6.36 16.91
N GLN A 108 5.15 -7.59 17.41
CA GLN A 108 5.23 -8.77 16.57
C GLN A 108 4.12 -8.76 15.51
N ARG A 109 2.90 -8.47 15.95
CA ARG A 109 1.76 -8.37 15.03
C ARG A 109 2.06 -7.37 13.92
N LEU A 110 2.62 -6.23 14.31
CA LEU A 110 2.95 -5.18 13.36
C LEU A 110 4.03 -5.62 12.38
N ARG A 111 5.04 -6.31 12.88
CA ARG A 111 6.12 -6.79 12.02
C ARG A 111 5.59 -7.76 10.96
N GLU A 112 4.55 -8.50 11.30
CA GLU A 112 3.92 -9.40 10.35
C GLU A 112 2.98 -8.63 9.42
N ALA A 113 2.14 -7.78 10.01
CA ALA A 113 1.14 -7.04 9.25
C ALA A 113 1.76 -6.05 8.29
N ALA A 114 2.76 -5.32 8.74
CA ALA A 114 3.42 -4.31 7.91
C ALA A 114 4.09 -4.95 6.71
N GLU A 115 4.76 -6.08 6.94
CA GLU A 115 5.40 -6.82 5.85
C GLU A 115 4.35 -7.36 4.88
N GLY A 116 3.19 -7.72 5.42
CA GLY A 116 2.09 -8.18 4.59
C GLY A 116 1.56 -7.05 3.71
N LEU A 117 1.26 -5.92 4.33
CA LEU A 117 0.82 -4.72 3.63
C LEU A 117 1.88 -4.31 2.59
N ARG A 118 3.12 -4.33 3.05
CA ARG A 118 4.27 -4.00 2.22
C ARG A 118 4.31 -4.88 0.98
N MET A 119 4.28 -6.19 1.19
CA MET A 119 4.35 -7.16 0.10
C MET A 119 3.15 -7.04 -0.82
N ALA A 120 1.95 -6.91 -0.25
CA ALA A 120 0.73 -6.80 -1.04
C ALA A 120 0.78 -5.58 -1.95
N THR A 121 1.19 -4.45 -1.39
CA THR A 121 1.30 -3.22 -2.15
C THR A 121 2.43 -3.31 -3.17
N ASN A 122 3.55 -3.88 -2.74
CA ASN A 122 4.71 -4.05 -3.61
C ASN A 122 4.36 -4.92 -4.81
N ALA A 123 3.62 -6.00 -4.55
CA ALA A 123 3.15 -6.88 -5.61
C ALA A 123 2.24 -6.14 -6.56
N ALA A 124 1.27 -5.42 -6.00
CA ALA A 124 0.34 -4.62 -6.82
C ALA A 124 1.09 -3.60 -7.65
N ALA A 125 2.17 -3.08 -7.08
CA ALA A 125 3.04 -2.14 -7.77
C ALA A 125 3.63 -2.76 -9.03
N GLN A 126 4.25 -3.92 -8.87
CA GLN A 126 4.91 -4.60 -9.97
C GLN A 126 3.88 -5.28 -10.88
N ASN A 127 2.72 -5.57 -10.30
CA ASN A 127 1.61 -6.17 -11.04
C ASN A 127 1.10 -5.19 -12.08
N ALA A 128 1.03 -3.93 -11.68
CA ALA A 128 0.57 -2.86 -12.55
C ALA A 128 1.45 -2.70 -13.76
N ILE A 129 0.86 -2.88 -14.93
CA ILE A 129 1.55 -2.59 -16.18
C ILE A 129 2.02 -1.14 -16.17
N LYS A 130 3.26 -0.91 -16.56
CA LYS A 130 3.86 0.42 -16.47
C LYS A 130 3.53 1.26 -17.69
N LYS A 131 2.26 1.26 -18.05
CA LYS A 131 1.75 2.07 -19.15
C LYS A 131 0.24 1.87 -19.25
N GLY A 1 3.68 9.76 5.94
CA GLY A 1 3.67 9.70 4.46
C GLY A 1 4.38 10.89 3.86
N ILE A 2 3.70 12.03 3.83
CA ILE A 2 4.35 13.27 3.50
C ILE A 2 4.89 13.89 4.77
N ASP A 3 5.96 13.30 5.27
CA ASP A 3 6.56 13.71 6.52
C ASP A 3 7.57 14.81 6.26
N PRO A 4 7.73 15.76 7.19
CA PRO A 4 8.58 16.93 6.99
C PRO A 4 10.07 16.62 7.07
N PHE A 5 10.88 17.66 6.81
CA PHE A 5 12.34 17.57 6.79
C PHE A 5 12.83 16.85 5.54
N THR A 6 12.36 15.63 5.34
CA THR A 6 12.73 14.87 4.17
C THR A 6 11.54 14.82 3.20
N ALA A 7 11.84 14.55 1.93
CA ALA A 7 10.82 14.43 0.90
C ALA A 7 9.92 15.66 0.80
N HIS A 8 10.48 16.78 0.36
CA HIS A 8 9.67 17.97 0.12
C HIS A 8 9.00 17.84 -1.23
N ALA A 9 9.47 16.87 -2.00
CA ALA A 9 8.87 16.53 -3.29
C ALA A 9 8.88 15.01 -3.45
N THR A 10 7.70 14.45 -3.65
CA THR A 10 7.55 13.01 -3.76
C THR A 10 7.96 12.51 -5.14
N GLY A 11 7.33 13.06 -6.17
CA GLY A 11 7.61 12.65 -7.52
C GLY A 11 6.48 13.01 -8.46
N ALA A 12 6.19 14.29 -8.56
CA ALA A 12 5.11 14.77 -9.40
C ALA A 12 5.56 14.84 -10.86
N GLY A 13 4.70 14.38 -11.75
CA GLY A 13 5.03 14.38 -13.17
C GLY A 13 4.45 13.19 -13.88
N PRO A 14 5.24 12.51 -14.74
CA PRO A 14 4.77 11.34 -15.48
C PRO A 14 4.34 10.20 -14.56
N ALA A 15 3.08 9.83 -14.66
CA ALA A 15 2.53 8.75 -13.85
C ALA A 15 2.01 7.63 -14.74
N GLY A 16 2.19 6.40 -14.29
CA GLY A 16 1.73 5.25 -15.04
C GLY A 16 1.08 4.22 -14.16
N ARG A 17 -0.21 4.02 -14.35
CA ARG A 17 -1.00 3.05 -13.59
C ARG A 17 -1.08 3.42 -12.11
N TYR A 18 -0.15 2.93 -11.30
CA TYR A 18 -0.20 3.15 -9.87
C TYR A 18 1.19 3.43 -9.30
N ASP A 19 2.12 3.84 -10.16
CA ASP A 19 3.53 3.86 -9.77
C ASP A 19 3.79 4.91 -8.68
N GLN A 20 3.12 6.04 -8.75
CA GLN A 20 3.24 7.05 -7.71
C GLN A 20 2.47 6.59 -6.47
N ALA A 21 1.28 6.07 -6.70
CA ALA A 21 0.39 5.64 -5.62
C ALA A 21 1.02 4.55 -4.76
N THR A 22 1.58 3.54 -5.41
CA THR A 22 2.21 2.45 -4.71
C THR A 22 3.44 2.93 -3.96
N ASP A 23 4.30 3.68 -4.66
CA ASP A 23 5.52 4.22 -4.06
C ASP A 23 5.20 5.01 -2.81
N THR A 24 4.07 5.72 -2.83
CA THR A 24 3.59 6.43 -1.66
C THR A 24 3.42 5.46 -0.49
N ILE A 25 2.62 4.41 -0.70
CA ILE A 25 2.36 3.42 0.35
C ILE A 25 3.64 2.73 0.79
N LEU A 26 4.46 2.30 -0.17
CA LEU A 26 5.74 1.66 0.14
C LEU A 26 6.57 2.54 1.08
N THR A 27 6.63 3.83 0.76
CA THR A 27 7.39 4.78 1.56
C THR A 27 6.78 4.98 2.94
N VAL A 28 5.46 5.08 3.01
CA VAL A 28 4.78 5.29 4.28
C VAL A 28 4.96 4.08 5.20
N THR A 29 4.88 2.89 4.60
CA THR A 29 4.97 1.64 5.35
C THR A 29 6.21 1.56 6.22
N GLU A 30 7.37 1.78 5.62
CA GLU A 30 8.64 1.67 6.32
C GLU A 30 8.75 2.73 7.42
N ASN A 31 8.01 3.83 7.26
CA ASN A 31 8.06 4.91 8.23
C ASN A 31 7.45 4.49 9.57
N ILE A 32 6.58 3.48 9.56
CA ILE A 32 6.00 2.97 10.79
C ILE A 32 7.09 2.43 11.70
N PHE A 33 8.10 1.81 11.10
CA PHE A 33 9.22 1.24 11.85
C PHE A 33 10.12 2.34 12.37
N SER A 34 10.16 3.46 11.65
CA SER A 34 10.93 4.62 12.08
C SER A 34 10.25 5.28 13.29
N SER A 35 8.93 5.36 13.23
CA SER A 35 8.15 6.00 14.28
C SER A 35 7.90 5.04 15.44
N MET A 36 8.25 3.77 15.23
CA MET A 36 7.98 2.70 16.19
C MET A 36 8.43 3.10 17.60
N GLY A 37 7.47 3.31 18.47
CA GLY A 37 7.76 3.74 19.82
C GLY A 37 6.86 4.89 20.24
N ASP A 38 6.34 5.62 19.25
CA ASP A 38 5.43 6.72 19.53
C ASP A 38 4.00 6.30 19.25
N ALA A 39 3.17 6.39 20.27
CA ALA A 39 1.78 5.94 20.17
C ALA A 39 0.97 6.77 19.17
N GLY A 40 1.28 8.04 19.07
CA GLY A 40 0.54 8.93 18.19
C GLY A 40 0.94 8.78 16.72
N GLU A 41 2.22 8.97 16.44
CA GLU A 41 2.71 9.05 15.07
C GLU A 41 2.60 7.72 14.33
N MET A 42 2.72 6.61 15.05
CA MET A 42 2.59 5.29 14.44
C MET A 42 1.19 5.10 13.88
N VAL A 43 0.18 5.55 14.65
CA VAL A 43 -1.20 5.47 14.20
C VAL A 43 -1.42 6.43 13.03
N ARG A 44 -0.74 7.58 13.08
CA ARG A 44 -0.77 8.54 12.00
C ARG A 44 -0.38 7.87 10.67
N GLN A 45 0.78 7.20 10.67
CA GLN A 45 1.28 6.54 9.48
C GLN A 45 0.33 5.45 9.01
N ALA A 46 -0.22 4.70 9.97
CA ALA A 46 -1.18 3.64 9.67
C ALA A 46 -2.41 4.19 8.97
N ARG A 47 -2.91 5.32 9.47
CA ARG A 47 -4.09 5.96 8.87
C ARG A 47 -3.78 6.44 7.46
N ILE A 48 -2.55 6.91 7.27
CA ILE A 48 -2.08 7.33 5.96
C ILE A 48 -2.09 6.15 5.00
N LEU A 49 -1.60 5.00 5.46
CA LEU A 49 -1.61 3.78 4.68
C LEU A 49 -3.04 3.39 4.32
N ALA A 50 -3.93 3.44 5.30
CA ALA A 50 -5.33 3.10 5.09
C ALA A 50 -5.94 3.97 4.00
N GLN A 51 -5.77 5.28 4.12
CA GLN A 51 -6.32 6.21 3.15
C GLN A 51 -5.68 6.03 1.77
N ALA A 52 -4.36 5.87 1.76
CA ALA A 52 -3.63 5.69 0.52
C ALA A 52 -4.05 4.40 -0.18
N THR A 53 -4.15 3.32 0.58
CA THR A 53 -4.53 2.03 0.03
C THR A 53 -5.93 2.10 -0.56
N SER A 54 -6.79 2.87 0.09
CA SER A 54 -8.18 3.00 -0.35
C SER A 54 -8.25 3.54 -1.77
N ASP A 55 -7.47 4.59 -2.03
CA ASP A 55 -7.45 5.20 -3.36
C ASP A 55 -6.80 4.27 -4.37
N LEU A 56 -5.74 3.58 -3.94
CA LEU A 56 -5.04 2.64 -4.81
C LEU A 56 -5.96 1.50 -5.22
N VAL A 57 -6.66 0.93 -4.26
CA VAL A 57 -7.60 -0.15 -4.52
C VAL A 57 -8.68 0.29 -5.51
N ASN A 58 -9.18 1.51 -5.32
CA ASN A 58 -10.17 2.08 -6.24
C ASN A 58 -9.61 2.15 -7.65
N ALA A 59 -8.36 2.62 -7.76
CA ALA A 59 -7.69 2.73 -9.04
C ALA A 59 -7.53 1.38 -9.70
N ILE A 60 -7.16 0.37 -8.91
CA ILE A 60 -7.00 -0.99 -9.41
C ILE A 60 -8.33 -1.53 -9.92
N LYS A 61 -9.39 -1.36 -9.12
CA LYS A 61 -10.72 -1.80 -9.52
C LYS A 61 -11.13 -1.18 -10.84
N ALA A 62 -10.92 0.12 -10.95
CA ALA A 62 -11.28 0.87 -12.15
C ALA A 62 -10.47 0.42 -13.35
N ASP A 63 -9.20 0.09 -13.11
CA ASP A 63 -8.33 -0.39 -14.16
C ASP A 63 -8.78 -1.76 -14.64
N ALA A 64 -9.14 -2.60 -13.68
CA ALA A 64 -9.62 -3.95 -13.97
C ALA A 64 -10.88 -3.93 -14.83
N GLU A 65 -11.66 -2.85 -14.69
CA GLU A 65 -12.87 -2.67 -15.49
C GLU A 65 -12.52 -2.47 -16.96
N GLY A 66 -11.41 -1.79 -17.21
CA GLY A 66 -11.02 -1.50 -18.57
C GLY A 66 -10.30 -2.65 -19.24
N GLU A 67 -9.71 -3.53 -18.43
CA GLU A 67 -9.00 -4.68 -18.95
C GLU A 67 -9.96 -5.69 -19.57
N SER A 68 -9.70 -6.05 -20.81
CA SER A 68 -10.53 -7.01 -21.53
C SER A 68 -10.13 -8.44 -21.15
N ASP A 69 -8.92 -8.58 -20.65
CA ASP A 69 -8.41 -9.87 -20.21
C ASP A 69 -8.94 -10.20 -18.83
N LEU A 70 -9.91 -11.10 -18.75
CA LEU A 70 -10.54 -11.43 -17.47
C LEU A 70 -9.56 -12.03 -16.50
N GLU A 71 -8.61 -12.80 -17.01
CA GLU A 71 -7.59 -13.41 -16.17
C GLU A 71 -6.80 -12.32 -15.47
N ASN A 72 -6.30 -11.37 -16.24
CA ASN A 72 -5.58 -10.23 -15.69
C ASN A 72 -6.52 -9.37 -14.84
N SER A 73 -7.74 -9.18 -15.34
CA SER A 73 -8.73 -8.33 -14.66
C SER A 73 -9.04 -8.87 -13.26
N ARG A 74 -9.36 -10.16 -13.20
CA ARG A 74 -9.69 -10.80 -11.93
C ARG A 74 -8.49 -10.82 -10.99
N LYS A 75 -7.29 -10.94 -11.56
CA LYS A 75 -6.07 -10.92 -10.76
C LYS A 75 -5.87 -9.55 -10.12
N LEU A 76 -6.21 -8.50 -10.85
CA LEU A 76 -6.15 -7.13 -10.31
C LEU A 76 -7.09 -7.00 -9.12
N LEU A 77 -8.34 -7.42 -9.31
CA LEU A 77 -9.33 -7.36 -8.25
C LEU A 77 -8.91 -8.21 -7.05
N SER A 78 -8.35 -9.38 -7.33
CA SER A 78 -7.89 -10.26 -6.27
C SER A 78 -6.73 -9.62 -5.51
N ALA A 79 -5.79 -9.02 -6.24
CA ALA A 79 -4.66 -8.35 -5.64
C ALA A 79 -5.10 -7.17 -4.79
N ALA A 80 -6.07 -6.41 -5.29
CA ALA A 80 -6.63 -5.28 -4.56
C ALA A 80 -7.28 -5.76 -3.26
N LYS A 81 -7.96 -6.90 -3.34
CA LYS A 81 -8.60 -7.50 -2.17
C LYS A 81 -7.54 -7.90 -1.14
N ILE A 82 -6.49 -8.57 -1.61
CA ILE A 82 -5.38 -8.95 -0.75
C ILE A 82 -4.74 -7.72 -0.10
N LEU A 83 -4.50 -6.71 -0.92
CA LEU A 83 -3.92 -5.46 -0.47
C LEU A 83 -4.78 -4.80 0.60
N ALA A 84 -6.04 -4.55 0.27
CA ALA A 84 -6.95 -3.85 1.18
C ALA A 84 -7.06 -4.58 2.51
N ASP A 85 -6.84 -5.88 2.48
CA ASP A 85 -6.90 -6.67 3.70
C ASP A 85 -5.58 -6.65 4.45
N ALA A 86 -4.49 -6.61 3.70
CA ALA A 86 -3.18 -6.46 4.30
C ALA A 86 -3.13 -5.15 5.07
N THR A 87 -3.77 -4.13 4.50
CA THR A 87 -3.88 -2.83 5.16
C THR A 87 -4.73 -2.94 6.42
N ALA A 88 -5.84 -3.68 6.34
CA ALA A 88 -6.71 -3.88 7.48
C ALA A 88 -5.95 -4.50 8.66
N LYS A 89 -5.18 -5.54 8.37
CA LYS A 89 -4.34 -6.17 9.38
C LYS A 89 -3.27 -5.20 9.87
N MET A 90 -2.60 -4.57 8.92
CA MET A 90 -1.54 -3.60 9.21
C MET A 90 -2.03 -2.48 10.12
N VAL A 91 -3.12 -1.86 9.71
CA VAL A 91 -3.69 -0.73 10.43
C VAL A 91 -4.08 -1.12 11.86
N GLU A 92 -4.76 -2.25 12.01
CA GLU A 92 -5.18 -2.70 13.33
C GLU A 92 -3.99 -3.04 14.22
N ALA A 93 -2.96 -3.62 13.61
CA ALA A 93 -1.75 -3.96 14.34
C ALA A 93 -1.01 -2.71 14.78
N ALA A 94 -0.90 -1.74 13.86
CA ALA A 94 -0.26 -0.47 14.15
C ALA A 94 -0.96 0.27 15.27
N LYS A 95 -2.29 0.26 15.26
CA LYS A 95 -3.07 0.90 16.31
C LYS A 95 -2.68 0.35 17.68
N GLY A 96 -2.65 -0.97 17.80
CA GLY A 96 -2.34 -1.60 19.06
C GLY A 96 -0.88 -1.43 19.45
N ALA A 97 0.01 -1.58 18.48
CA ALA A 97 1.45 -1.49 18.72
C ALA A 97 1.85 -0.06 19.06
N ALA A 98 1.16 0.90 18.49
CA ALA A 98 1.44 2.30 18.75
C ALA A 98 0.98 2.69 20.13
N ALA A 99 -0.33 2.63 20.36
CA ALA A 99 -0.91 3.08 21.60
C ALA A 99 -0.38 2.29 22.79
N HIS A 100 -0.06 1.03 22.57
CA HIS A 100 0.64 0.23 23.56
C HIS A 100 2.09 0.03 23.10
N PRO A 101 2.95 1.04 23.36
CA PRO A 101 4.29 1.11 22.75
C PRO A 101 5.20 -0.04 23.15
N ASP A 102 5.25 -0.30 24.45
CA ASP A 102 6.18 -1.30 25.00
C ASP A 102 5.68 -2.73 24.75
N SER A 103 4.49 -2.86 24.17
CA SER A 103 3.95 -4.18 23.88
C SER A 103 4.63 -4.78 22.64
N GLU A 104 5.64 -5.60 22.87
CA GLU A 104 6.41 -6.18 21.80
C GLU A 104 5.62 -7.23 21.04
N GLU A 105 4.60 -7.79 21.69
CA GLU A 105 3.73 -8.75 21.03
C GLU A 105 2.95 -8.07 19.92
N GLN A 106 2.52 -6.84 20.18
CA GLN A 106 1.85 -6.04 19.17
C GLN A 106 2.85 -5.56 18.13
N GLN A 107 4.06 -5.21 18.59
CA GLN A 107 5.13 -4.84 17.67
C GLN A 107 5.42 -5.96 16.70
N GLN A 108 5.51 -7.19 17.22
CA GLN A 108 5.78 -8.35 16.42
C GLN A 108 4.69 -8.57 15.37
N ARG A 109 3.42 -8.43 15.77
CA ARG A 109 2.32 -8.53 14.84
C ARG A 109 2.41 -7.44 13.79
N LEU A 110 2.81 -6.25 14.22
CA LEU A 110 2.98 -5.13 13.31
C LEU A 110 4.09 -5.42 12.30
N ARG A 111 5.18 -6.01 12.76
CA ARG A 111 6.28 -6.38 11.88
C ARG A 111 5.81 -7.29 10.76
N GLU A 112 4.98 -8.27 11.11
CA GLU A 112 4.46 -9.21 10.12
C GLU A 112 3.39 -8.55 9.25
N ALA A 113 2.55 -7.72 9.87
CA ALA A 113 1.48 -7.04 9.16
C ALA A 113 2.03 -6.02 8.17
N ALA A 114 2.98 -5.22 8.61
CA ALA A 114 3.57 -4.19 7.77
C ALA A 114 4.29 -4.79 6.58
N GLU A 115 5.02 -5.87 6.80
CA GLU A 115 5.70 -6.56 5.71
C GLU A 115 4.69 -7.17 4.74
N GLY A 116 3.59 -7.67 5.27
CA GLY A 116 2.53 -8.21 4.43
C GLY A 116 1.85 -7.12 3.62
N LEU A 117 1.60 -5.99 4.25
CA LEU A 117 1.04 -4.82 3.58
C LEU A 117 2.01 -4.31 2.52
N ARG A 118 3.27 -4.19 2.91
CA ARG A 118 4.32 -3.75 2.00
C ARG A 118 4.39 -4.70 0.81
N MET A 119 4.39 -5.99 1.10
CA MET A 119 4.39 -7.03 0.08
C MET A 119 3.18 -6.89 -0.85
N ALA A 120 1.99 -6.79 -0.26
CA ALA A 120 0.77 -6.69 -1.04
C ALA A 120 0.76 -5.45 -1.92
N THR A 121 1.15 -4.32 -1.35
CA THR A 121 1.21 -3.07 -2.09
C THR A 121 2.24 -3.15 -3.22
N ASN A 122 3.43 -3.64 -2.88
CA ASN A 122 4.51 -3.75 -3.83
C ASN A 122 4.14 -4.77 -4.93
N ALA A 123 3.31 -5.74 -4.57
CA ALA A 123 2.81 -6.73 -5.52
C ALA A 123 1.80 -6.09 -6.46
N ALA A 124 0.88 -5.31 -5.90
CA ALA A 124 -0.08 -4.56 -6.71
C ALA A 124 0.65 -3.64 -7.67
N ALA A 125 1.75 -3.08 -7.20
CA ALA A 125 2.63 -2.26 -8.01
C ALA A 125 3.09 -3.03 -9.25
N GLN A 126 3.48 -4.27 -9.03
CA GLN A 126 4.03 -5.12 -10.08
C GLN A 126 2.91 -5.68 -10.97
N ASN A 127 1.71 -5.76 -10.43
CA ASN A 127 0.55 -6.27 -11.17
C ASN A 127 0.00 -5.21 -12.12
N ALA A 128 0.52 -3.98 -12.00
CA ALA A 128 0.09 -2.89 -12.86
C ALA A 128 0.24 -3.26 -14.33
N ILE A 129 -0.85 -3.09 -15.07
CA ILE A 129 -0.88 -3.45 -16.48
C ILE A 129 0.18 -2.69 -17.26
N LYS A 130 1.19 -3.41 -17.71
CA LYS A 130 2.27 -2.84 -18.49
C LYS A 130 2.81 -3.87 -19.46
N LYS A 131 2.44 -3.72 -20.72
CA LYS A 131 2.82 -4.65 -21.78
C LYS A 131 2.21 -6.02 -21.53
N GLY A 1 -14.42 23.83 -1.57
CA GLY A 1 -14.93 24.18 -2.92
C GLY A 1 -15.88 23.12 -3.46
N ILE A 2 -16.84 23.54 -4.25
CA ILE A 2 -17.88 22.65 -4.74
C ILE A 2 -17.58 22.22 -6.19
N ASP A 3 -16.37 22.47 -6.63
CA ASP A 3 -15.94 22.07 -7.95
C ASP A 3 -14.64 21.26 -7.84
N PRO A 4 -14.76 19.93 -7.74
CA PRO A 4 -13.60 19.05 -7.59
C PRO A 4 -12.95 18.70 -8.92
N PHE A 5 -13.07 19.60 -9.89
CA PHE A 5 -12.48 19.39 -11.20
C PHE A 5 -11.53 20.54 -11.54
N THR A 6 -12.04 21.75 -11.41
CA THR A 6 -11.28 22.94 -11.72
C THR A 6 -10.53 23.41 -10.49
N ALA A 7 -9.42 22.75 -10.18
CA ALA A 7 -8.66 23.05 -8.99
C ALA A 7 -7.20 22.61 -9.13
N HIS A 8 -6.32 23.31 -8.43
CA HIS A 8 -4.93 22.94 -8.36
C HIS A 8 -4.60 22.51 -6.94
N ALA A 9 -4.63 21.21 -6.70
CA ALA A 9 -4.42 20.69 -5.37
C ALA A 9 -3.22 19.77 -5.31
N THR A 10 -2.46 19.87 -4.23
CA THR A 10 -1.30 19.03 -4.03
C THR A 10 -1.71 17.70 -3.42
N GLY A 11 -2.94 17.64 -2.93
CA GLY A 11 -3.47 16.41 -2.37
C GLY A 11 -4.23 15.61 -3.41
N ALA A 12 -4.05 14.29 -3.37
CA ALA A 12 -4.70 13.38 -4.30
C ALA A 12 -4.21 13.60 -5.73
N GLY A 13 -3.15 12.89 -6.09
CA GLY A 13 -2.60 13.02 -7.42
C GLY A 13 -2.81 11.74 -8.23
N PRO A 14 -2.76 11.85 -9.57
CA PRO A 14 -2.96 10.70 -10.46
C PRO A 14 -1.83 9.67 -10.32
N ALA A 15 -2.20 8.40 -10.24
CA ALA A 15 -1.23 7.34 -10.08
C ALA A 15 -0.98 6.63 -11.40
N GLY A 16 0.21 6.81 -11.95
CA GLY A 16 0.54 6.18 -13.21
C GLY A 16 0.89 4.72 -13.04
N ARG A 17 -0.01 3.85 -13.50
CA ARG A 17 0.19 2.40 -13.41
C ARG A 17 0.48 1.97 -11.99
N TYR A 18 -0.24 2.62 -11.05
CA TYR A 18 -0.28 2.23 -9.64
C TYR A 18 0.99 2.66 -8.91
N ASP A 19 2.05 2.93 -9.67
CA ASP A 19 3.38 3.14 -9.12
C ASP A 19 3.46 4.43 -8.31
N GLN A 20 2.79 5.47 -8.78
CA GLN A 20 2.84 6.76 -8.09
C GLN A 20 2.07 6.70 -6.78
N ALA A 21 1.05 5.85 -6.71
CA ALA A 21 0.29 5.67 -5.49
C ALA A 21 1.03 4.74 -4.53
N THR A 22 1.59 3.67 -5.08
CA THR A 22 2.34 2.73 -4.27
C THR A 22 3.59 3.38 -3.70
N ASP A 23 4.22 4.25 -4.48
CA ASP A 23 5.38 5.03 -4.03
C ASP A 23 5.13 5.64 -2.66
N THR A 24 3.94 6.19 -2.48
CA THR A 24 3.53 6.76 -1.21
C THR A 24 3.46 5.68 -0.13
N ILE A 25 2.75 4.60 -0.42
CA ILE A 25 2.58 3.51 0.54
C ILE A 25 3.91 2.89 0.92
N LEU A 26 4.73 2.54 -0.08
CA LEU A 26 6.03 1.93 0.17
C LEU A 26 6.87 2.79 1.11
N THR A 27 6.79 4.11 0.93
CA THR A 27 7.57 5.04 1.73
C THR A 27 6.98 5.20 3.14
N VAL A 28 5.66 5.34 3.22
CA VAL A 28 4.99 5.55 4.50
C VAL A 28 5.08 4.29 5.36
N THR A 29 5.10 3.13 4.72
CA THR A 29 5.19 1.85 5.42
C THR A 29 6.39 1.81 6.37
N GLU A 30 7.57 2.11 5.85
CA GLU A 30 8.80 2.03 6.63
C GLU A 30 8.79 3.08 7.74
N ASN A 31 8.02 4.15 7.55
CA ASN A 31 7.93 5.22 8.53
C ASN A 31 7.45 4.70 9.88
N ILE A 32 6.63 3.65 9.87
CA ILE A 32 6.11 3.10 11.12
C ILE A 32 7.23 2.55 11.99
N PHE A 33 8.23 1.93 11.36
CA PHE A 33 9.35 1.37 12.09
C PHE A 33 10.26 2.47 12.62
N SER A 34 10.38 3.54 11.85
CA SER A 34 11.17 4.70 12.26
C SER A 34 10.47 5.46 13.39
N SER A 35 9.17 5.59 13.27
CA SER A 35 8.36 6.29 14.26
C SER A 35 8.01 5.39 15.44
N MET A 36 8.43 4.13 15.37
CA MET A 36 8.12 3.15 16.41
C MET A 36 8.60 3.64 17.76
N GLY A 37 7.69 3.66 18.72
CA GLY A 37 8.00 4.19 20.03
C GLY A 37 7.04 5.30 20.40
N ASP A 38 6.57 6.02 19.38
CA ASP A 38 5.58 7.06 19.58
C ASP A 38 4.21 6.54 19.17
N ALA A 39 3.31 6.47 20.14
CA ALA A 39 2.01 5.86 19.93
C ALA A 39 1.14 6.66 18.96
N GLY A 40 1.20 7.97 19.07
CA GLY A 40 0.40 8.82 18.21
C GLY A 40 0.88 8.83 16.77
N GLU A 41 2.19 8.87 16.58
CA GLU A 41 2.78 8.96 15.25
C GLU A 41 2.58 7.65 14.48
N MET A 42 2.76 6.52 15.17
CA MET A 42 2.63 5.21 14.52
C MET A 42 1.22 5.01 13.95
N VAL A 43 0.20 5.34 14.74
CA VAL A 43 -1.18 5.21 14.28
C VAL A 43 -1.45 6.19 13.15
N ARG A 44 -0.86 7.37 13.25
CA ARG A 44 -1.02 8.41 12.24
C ARG A 44 -0.50 7.94 10.89
N GLN A 45 0.71 7.38 10.89
CA GLN A 45 1.31 6.86 9.67
C GLN A 45 0.47 5.74 9.07
N ALA A 46 -0.06 4.87 9.94
CA ALA A 46 -0.93 3.79 9.51
C ALA A 46 -2.17 4.33 8.79
N ARG A 47 -2.71 5.44 9.29
CA ARG A 47 -3.88 6.06 8.66
C ARG A 47 -3.52 6.64 7.30
N ILE A 48 -2.29 7.12 7.16
CA ILE A 48 -1.80 7.62 5.89
C ILE A 48 -1.78 6.49 4.87
N LEU A 49 -1.33 5.31 5.32
CA LEU A 49 -1.35 4.11 4.49
C LEU A 49 -2.78 3.77 4.08
N ALA A 50 -3.69 3.82 5.04
CA ALA A 50 -5.10 3.52 4.79
C ALA A 50 -5.67 4.39 3.67
N GLN A 51 -5.40 5.69 3.75
CA GLN A 51 -5.87 6.63 2.73
C GLN A 51 -5.24 6.31 1.37
N ALA A 52 -3.95 6.04 1.39
CA ALA A 52 -3.21 5.74 0.17
C ALA A 52 -3.70 4.45 -0.47
N THR A 53 -3.86 3.42 0.35
CA THR A 53 -4.36 2.14 -0.12
C THR A 53 -5.76 2.30 -0.72
N SER A 54 -6.54 3.20 -0.14
CA SER A 54 -7.91 3.45 -0.61
C SER A 54 -7.92 3.84 -2.07
N ASP A 55 -6.95 4.65 -2.48
CA ASP A 55 -6.86 5.12 -3.86
C ASP A 55 -6.56 3.94 -4.77
N LEU A 56 -5.65 3.08 -4.33
CA LEU A 56 -5.28 1.90 -5.11
C LEU A 56 -6.43 0.91 -5.23
N VAL A 57 -7.09 0.62 -4.12
CA VAL A 57 -8.23 -0.31 -4.14
C VAL A 57 -9.26 0.14 -5.17
N ASN A 58 -9.50 1.44 -5.23
CA ASN A 58 -10.40 2.00 -6.24
C ASN A 58 -9.82 1.82 -7.63
N ALA A 59 -8.55 2.21 -7.80
CA ALA A 59 -7.90 2.16 -9.10
C ALA A 59 -7.83 0.75 -9.65
N ILE A 60 -7.29 -0.18 -8.86
CA ILE A 60 -7.08 -1.55 -9.31
C ILE A 60 -8.40 -2.19 -9.77
N LYS A 61 -9.44 -2.01 -8.98
CA LYS A 61 -10.73 -2.64 -9.27
C LYS A 61 -11.43 -1.94 -10.43
N ALA A 62 -11.22 -0.64 -10.58
CA ALA A 62 -11.79 0.12 -11.67
C ALA A 62 -11.02 -0.11 -12.97
N ASP A 63 -9.71 -0.28 -12.83
CA ASP A 63 -8.83 -0.46 -13.98
C ASP A 63 -8.99 -1.87 -14.52
N ALA A 64 -9.37 -2.80 -13.64
CA ALA A 64 -9.67 -4.17 -14.03
C ALA A 64 -10.88 -4.20 -14.97
N GLU A 65 -11.71 -3.17 -14.88
CA GLU A 65 -12.87 -3.04 -15.77
C GLU A 65 -12.44 -2.55 -17.15
N GLY A 66 -11.28 -1.89 -17.19
CA GLY A 66 -10.75 -1.42 -18.46
C GLY A 66 -9.99 -2.50 -19.19
N GLU A 67 -9.61 -3.53 -18.44
CA GLU A 67 -8.89 -4.67 -19.01
C GLU A 67 -9.86 -5.58 -19.77
N SER A 68 -9.44 -5.98 -20.97
CA SER A 68 -10.25 -6.84 -21.81
C SER A 68 -9.99 -8.30 -21.45
N ASP A 69 -8.91 -8.55 -20.73
CA ASP A 69 -8.55 -9.89 -20.32
C ASP A 69 -9.22 -10.21 -18.99
N LEU A 70 -10.16 -11.13 -18.99
CA LEU A 70 -10.96 -11.41 -17.82
C LEU A 70 -10.16 -12.12 -16.75
N GLU A 71 -9.19 -12.93 -17.16
CA GLU A 71 -8.33 -13.60 -16.20
C GLU A 71 -7.49 -12.58 -15.44
N ASN A 72 -6.96 -11.61 -16.19
CA ASN A 72 -6.22 -10.51 -15.58
C ASN A 72 -7.15 -9.64 -14.75
N SER A 73 -8.37 -9.43 -15.25
CA SER A 73 -9.35 -8.64 -14.53
C SER A 73 -9.59 -9.23 -13.13
N ARG A 74 -9.78 -10.55 -13.09
CA ARG A 74 -9.97 -11.27 -11.83
C ARG A 74 -8.72 -11.17 -10.97
N LYS A 75 -7.56 -11.22 -11.61
CA LYS A 75 -6.29 -11.19 -10.90
C LYS A 75 -6.05 -9.81 -10.28
N LEU A 76 -6.45 -8.77 -10.99
CA LEU A 76 -6.38 -7.41 -10.45
C LEU A 76 -7.33 -7.25 -9.26
N LEU A 77 -8.54 -7.78 -9.41
CA LEU A 77 -9.52 -7.73 -8.33
C LEU A 77 -8.99 -8.40 -7.07
N SER A 78 -8.31 -9.52 -7.24
CA SER A 78 -7.77 -10.27 -6.11
C SER A 78 -6.56 -9.54 -5.51
N ALA A 79 -5.85 -8.79 -6.33
CA ALA A 79 -4.71 -8.00 -5.86
C ALA A 79 -5.20 -6.93 -4.88
N ALA A 80 -6.25 -6.22 -5.28
CA ALA A 80 -6.85 -5.20 -4.42
C ALA A 80 -7.44 -5.86 -3.18
N LYS A 81 -8.00 -7.05 -3.36
CA LYS A 81 -8.58 -7.83 -2.28
C LYS A 81 -7.53 -8.14 -1.20
N ILE A 82 -6.35 -8.53 -1.65
CA ILE A 82 -5.25 -8.81 -0.74
C ILE A 82 -4.74 -7.52 -0.10
N LEU A 83 -4.45 -6.52 -0.92
CA LEU A 83 -3.91 -5.26 -0.46
C LEU A 83 -4.79 -4.63 0.62
N ALA A 84 -6.08 -4.49 0.33
CA ALA A 84 -7.00 -3.82 1.22
C ALA A 84 -6.97 -4.43 2.61
N ASP A 85 -6.81 -5.74 2.67
CA ASP A 85 -6.80 -6.43 3.95
C ASP A 85 -5.41 -6.43 4.58
N ALA A 86 -4.40 -6.44 3.74
CA ALA A 86 -3.02 -6.33 4.22
C ALA A 86 -2.85 -4.99 4.92
N THR A 87 -3.56 -3.99 4.42
CA THR A 87 -3.58 -2.67 5.04
C THR A 87 -4.36 -2.73 6.34
N ALA A 88 -5.48 -3.44 6.34
CA ALA A 88 -6.29 -3.63 7.54
C ALA A 88 -5.46 -4.24 8.65
N LYS A 89 -4.79 -5.36 8.36
CA LYS A 89 -3.92 -6.00 9.34
C LYS A 89 -2.82 -5.05 9.79
N MET A 90 -2.25 -4.34 8.82
CA MET A 90 -1.20 -3.37 9.10
C MET A 90 -1.69 -2.27 10.04
N VAL A 91 -2.77 -1.61 9.64
CA VAL A 91 -3.32 -0.50 10.39
C VAL A 91 -3.75 -0.91 11.79
N GLU A 92 -4.46 -2.05 11.89
CA GLU A 92 -4.95 -2.52 13.19
C GLU A 92 -3.79 -2.88 14.12
N ALA A 93 -2.77 -3.53 13.57
CA ALA A 93 -1.60 -3.91 14.35
C ALA A 93 -0.85 -2.68 14.82
N ALA A 94 -0.71 -1.70 13.93
CA ALA A 94 -0.07 -0.43 14.25
C ALA A 94 -0.80 0.26 15.38
N LYS A 95 -2.13 0.28 15.33
CA LYS A 95 -2.95 0.88 16.38
C LYS A 95 -2.61 0.27 17.74
N GLY A 96 -2.58 -1.04 17.80
CA GLY A 96 -2.31 -1.73 19.03
C GLY A 96 -0.87 -1.57 19.50
N ALA A 97 0.06 -1.72 18.56
CA ALA A 97 1.48 -1.67 18.87
C ALA A 97 1.92 -0.27 19.27
N ALA A 98 1.22 0.72 18.74
CA ALA A 98 1.51 2.11 19.06
C ALA A 98 0.94 2.48 20.41
N ALA A 99 -0.39 2.49 20.50
CA ALA A 99 -1.09 2.94 21.70
C ALA A 99 -0.68 2.10 22.91
N HIS A 100 -0.49 0.81 22.69
CA HIS A 100 0.10 -0.05 23.69
C HIS A 100 1.52 -0.40 23.27
N PRO A 101 2.50 0.46 23.60
CA PRO A 101 3.86 0.34 23.10
C PRO A 101 4.54 -0.94 23.55
N ASP A 102 4.25 -1.35 24.79
CA ASP A 102 4.95 -2.45 25.44
C ASP A 102 4.49 -3.82 24.92
N SER A 103 3.23 -3.92 24.52
CA SER A 103 2.67 -5.22 24.13
C SER A 103 3.41 -5.81 22.92
N GLU A 104 4.15 -6.88 23.19
CA GLU A 104 5.01 -7.49 22.18
C GLU A 104 4.20 -8.22 21.13
N GLU A 105 3.02 -8.70 21.50
CA GLU A 105 2.15 -9.38 20.54
C GLU A 105 1.73 -8.40 19.44
N GLN A 106 1.48 -7.17 19.83
CA GLN A 106 1.12 -6.12 18.89
C GLN A 106 2.32 -5.75 18.04
N GLN A 107 3.47 -5.61 18.67
CA GLN A 107 4.72 -5.34 17.97
C GLN A 107 5.00 -6.44 16.95
N GLN A 108 4.84 -7.68 17.39
CA GLN A 108 5.09 -8.85 16.56
C GLN A 108 4.22 -8.85 15.31
N ARG A 109 2.92 -8.66 15.51
CA ARG A 109 1.99 -8.70 14.38
C ARG A 109 2.18 -7.49 13.47
N LEU A 110 2.64 -6.38 14.04
CA LEU A 110 2.91 -5.18 13.26
C LEU A 110 4.04 -5.42 12.27
N ARG A 111 5.11 -6.04 12.75
CA ARG A 111 6.27 -6.33 11.90
C ARG A 111 5.85 -7.19 10.72
N GLU A 112 5.07 -8.24 10.99
CA GLU A 112 4.58 -9.13 9.95
C GLU A 112 3.60 -8.41 9.03
N ALA A 113 2.75 -7.56 9.63
CA ALA A 113 1.72 -6.86 8.87
C ALA A 113 2.31 -5.81 7.96
N ALA A 114 3.26 -5.02 8.47
CA ALA A 114 3.89 -3.98 7.69
C ALA A 114 4.65 -4.56 6.51
N GLU A 115 5.34 -5.68 6.73
CA GLU A 115 6.04 -6.36 5.66
C GLU A 115 5.05 -6.92 4.65
N GLY A 116 3.94 -7.45 5.15
CA GLY A 116 2.91 -7.98 4.28
C GLY A 116 2.21 -6.89 3.49
N LEU A 117 2.00 -5.74 4.13
CA LEU A 117 1.41 -4.59 3.49
C LEU A 117 2.36 -4.05 2.43
N ARG A 118 3.64 -3.91 2.79
CA ARG A 118 4.66 -3.48 1.85
C ARG A 118 4.73 -4.45 0.67
N MET A 119 4.74 -5.75 0.98
CA MET A 119 4.77 -6.78 -0.03
C MET A 119 3.52 -6.72 -0.92
N ALA A 120 2.37 -6.53 -0.30
CA ALA A 120 1.11 -6.45 -1.02
C ALA A 120 1.10 -5.27 -1.98
N THR A 121 1.48 -4.11 -1.45
CA THR A 121 1.52 -2.88 -2.22
C THR A 121 2.56 -2.97 -3.34
N ASN A 122 3.76 -3.37 -2.97
CA ASN A 122 4.86 -3.55 -3.91
C ASN A 122 4.42 -4.44 -5.07
N ALA A 123 3.86 -5.60 -4.75
CA ALA A 123 3.41 -6.55 -5.76
C ALA A 123 2.27 -5.98 -6.58
N ALA A 124 1.32 -5.32 -5.91
CA ALA A 124 0.17 -4.71 -6.60
C ALA A 124 0.63 -3.64 -7.56
N ALA A 125 1.76 -3.02 -7.27
CA ALA A 125 2.33 -1.99 -8.14
C ALA A 125 2.77 -2.58 -9.47
N GLN A 126 3.55 -3.66 -9.40
CA GLN A 126 3.98 -4.37 -10.61
C GLN A 126 2.84 -5.17 -11.21
N ASN A 127 1.86 -5.47 -10.37
CA ASN A 127 0.68 -6.24 -10.77
C ASN A 127 -0.10 -5.52 -11.86
N ALA A 128 0.10 -4.20 -11.95
CA ALA A 128 -0.56 -3.38 -12.95
C ALA A 128 -0.02 -3.69 -14.34
N ILE A 129 -0.58 -4.71 -14.97
CA ILE A 129 -0.23 -5.05 -16.34
C ILE A 129 -1.44 -4.93 -17.23
N LYS A 130 -1.47 -3.88 -18.04
CA LYS A 130 -2.57 -3.65 -18.95
C LYS A 130 -2.19 -2.57 -19.96
N LYS A 131 -1.63 -3.00 -21.08
CA LYS A 131 -1.17 -2.08 -22.13
C LYS A 131 -0.22 -1.02 -21.57
N GLY A 1 -7.49 18.89 -18.35
CA GLY A 1 -6.74 17.85 -19.09
C GLY A 1 -6.05 16.88 -18.16
N ILE A 2 -5.45 15.84 -18.70
CA ILE A 2 -4.74 14.87 -17.89
C ILE A 2 -3.48 14.39 -18.60
N ASP A 3 -2.36 14.45 -17.89
CA ASP A 3 -1.10 13.93 -18.40
C ASP A 3 -1.08 12.42 -18.24
N PRO A 4 -0.63 11.70 -19.28
CA PRO A 4 -0.56 10.24 -19.26
C PRO A 4 0.38 9.74 -18.18
N PHE A 5 -0.17 9.07 -17.18
CA PHE A 5 0.62 8.49 -16.10
C PHE A 5 1.44 7.32 -16.61
N THR A 6 0.84 6.52 -17.48
CA THR A 6 1.54 5.40 -18.09
C THR A 6 2.41 5.87 -19.25
N ALA A 7 1.84 6.79 -20.02
CA ALA A 7 2.50 7.40 -21.17
C ALA A 7 2.91 6.36 -22.21
N HIS A 8 4.12 5.81 -22.08
CA HIS A 8 4.63 4.82 -23.02
C HIS A 8 5.89 4.17 -22.45
N ALA A 9 6.12 2.92 -22.84
CA ALA A 9 7.29 2.19 -22.39
C ALA A 9 8.56 2.73 -23.03
N THR A 10 9.47 3.24 -22.22
CA THR A 10 10.73 3.76 -22.72
C THR A 10 11.79 2.68 -22.73
N GLY A 11 12.39 2.43 -21.58
CA GLY A 11 13.39 1.38 -21.46
C GLY A 11 12.99 0.35 -20.43
N ALA A 12 11.70 0.35 -20.09
CA ALA A 12 11.15 -0.56 -19.10
C ALA A 12 9.63 -0.56 -19.22
N GLY A 13 8.96 -1.20 -18.28
CA GLY A 13 7.50 -1.20 -18.28
C GLY A 13 6.94 0.17 -17.95
N PRO A 14 5.76 0.52 -18.48
CA PRO A 14 5.12 1.82 -18.25
C PRO A 14 4.57 1.95 -16.83
N ALA A 15 5.43 1.71 -15.85
CA ALA A 15 5.05 1.79 -14.45
C ALA A 15 5.25 3.20 -13.94
N GLY A 16 4.20 4.01 -14.04
CA GLY A 16 4.24 5.35 -13.52
C GLY A 16 3.02 5.66 -12.68
N ARG A 17 1.85 5.39 -13.24
CA ARG A 17 0.58 5.62 -12.55
C ARG A 17 0.55 4.89 -11.21
N TYR A 18 0.63 3.56 -11.27
CA TYR A 18 0.59 2.75 -10.06
C TYR A 18 1.90 2.84 -9.30
N ASP A 19 2.97 3.21 -9.98
CA ASP A 19 4.28 3.33 -9.34
C ASP A 19 4.29 4.49 -8.36
N GLN A 20 3.70 5.61 -8.78
CA GLN A 20 3.59 6.78 -7.93
C GLN A 20 2.74 6.47 -6.70
N ALA A 21 1.60 5.82 -6.94
CA ALA A 21 0.68 5.48 -5.87
C ALA A 21 1.29 4.49 -4.89
N THR A 22 1.97 3.48 -5.41
CA THR A 22 2.57 2.46 -4.56
C THR A 22 3.79 2.99 -3.84
N ASP A 23 4.59 3.83 -4.51
CA ASP A 23 5.79 4.39 -3.91
C ASP A 23 5.46 5.16 -2.65
N THR A 24 4.37 5.92 -2.69
CA THR A 24 3.90 6.65 -1.52
C THR A 24 3.63 5.68 -0.38
N ILE A 25 2.82 4.66 -0.65
CA ILE A 25 2.51 3.63 0.33
C ILE A 25 3.77 2.94 0.83
N LEU A 26 4.60 2.50 -0.12
CA LEU A 26 5.86 1.82 0.18
C LEU A 26 6.72 2.62 1.17
N THR A 27 6.73 3.94 1.00
CA THR A 27 7.49 4.81 1.90
C THR A 27 6.79 4.97 3.25
N VAL A 28 5.48 5.17 3.23
CA VAL A 28 4.73 5.37 4.46
C VAL A 28 4.75 4.11 5.34
N THR A 29 4.70 2.95 4.70
CA THR A 29 4.79 1.68 5.42
C THR A 29 6.06 1.61 6.27
N GLU A 30 7.20 1.87 5.63
CA GLU A 30 8.48 1.87 6.31
C GLU A 30 8.49 2.87 7.46
N ASN A 31 7.67 3.90 7.32
CA ASN A 31 7.58 4.94 8.33
C ASN A 31 6.97 4.43 9.62
N ILE A 32 6.14 3.40 9.54
CA ILE A 32 5.59 2.78 10.76
C ILE A 32 6.72 2.17 11.57
N PHE A 33 7.64 1.53 10.87
CA PHE A 33 8.79 0.90 11.51
C PHE A 33 9.76 1.94 12.06
N SER A 34 9.77 3.11 11.43
CA SER A 34 10.63 4.20 11.87
C SER A 34 10.03 4.90 13.10
N SER A 35 8.70 4.98 13.15
CA SER A 35 8.02 5.69 14.22
C SER A 35 7.83 4.82 15.46
N MET A 36 8.23 3.54 15.36
CA MET A 36 8.09 2.59 16.46
C MET A 36 8.62 3.15 17.76
N GLY A 37 7.72 3.32 18.72
CA GLY A 37 8.10 3.92 19.99
C GLY A 37 7.10 4.98 20.41
N ASP A 38 6.65 5.76 19.43
CA ASP A 38 5.66 6.79 19.69
C ASP A 38 4.29 6.34 19.20
N ALA A 39 3.32 6.32 20.11
CA ALA A 39 2.00 5.80 19.81
C ALA A 39 1.28 6.61 18.75
N GLY A 40 1.17 7.92 18.98
CA GLY A 40 0.46 8.77 18.05
C GLY A 40 1.09 8.81 16.66
N GLU A 41 2.41 8.67 16.62
CA GLU A 41 3.13 8.73 15.35
C GLU A 41 2.83 7.50 14.50
N MET A 42 2.92 6.32 15.11
CA MET A 42 2.70 5.07 14.40
C MET A 42 1.27 4.99 13.85
N VAL A 43 0.32 5.44 14.64
CA VAL A 43 -1.08 5.45 14.23
C VAL A 43 -1.30 6.42 13.07
N ARG A 44 -0.58 7.53 13.08
CA ARG A 44 -0.66 8.50 11.99
C ARG A 44 -0.32 7.85 10.65
N GLN A 45 0.80 7.14 10.63
CA GLN A 45 1.30 6.54 9.40
C GLN A 45 0.31 5.49 8.89
N ALA A 46 -0.28 4.73 9.80
CA ALA A 46 -1.29 3.73 9.44
C ALA A 46 -2.49 4.41 8.78
N ARG A 47 -2.88 5.57 9.29
CA ARG A 47 -3.99 6.33 8.74
C ARG A 47 -3.69 6.79 7.32
N ILE A 48 -2.46 7.25 7.11
CA ILE A 48 -2.04 7.69 5.78
C ILE A 48 -2.15 6.55 4.78
N LEU A 49 -1.73 5.36 5.21
CA LEU A 49 -1.83 4.17 4.37
C LEU A 49 -3.28 3.84 4.06
N ALA A 50 -4.14 3.90 5.09
CA ALA A 50 -5.56 3.59 4.92
C ALA A 50 -6.19 4.47 3.84
N GLN A 51 -5.71 5.71 3.74
CA GLN A 51 -6.20 6.64 2.74
C GLN A 51 -5.56 6.35 1.38
N ALA A 52 -4.23 6.21 1.38
CA ALA A 52 -3.48 5.99 0.14
C ALA A 52 -3.87 4.69 -0.53
N THR A 53 -3.92 3.61 0.26
CA THR A 53 -4.30 2.32 -0.25
C THR A 53 -5.72 2.36 -0.82
N SER A 54 -6.58 3.12 -0.17
CA SER A 54 -7.97 3.25 -0.62
C SER A 54 -8.03 3.77 -2.05
N ASP A 55 -7.31 4.86 -2.30
CA ASP A 55 -7.30 5.48 -3.63
C ASP A 55 -6.72 4.52 -4.66
N LEU A 56 -5.72 3.76 -4.24
CA LEU A 56 -5.11 2.77 -5.12
C LEU A 56 -6.10 1.66 -5.43
N VAL A 57 -6.72 1.12 -4.38
CA VAL A 57 -7.70 0.05 -4.52
C VAL A 57 -8.85 0.47 -5.44
N ASN A 58 -9.31 1.70 -5.28
CA ASN A 58 -10.38 2.24 -6.14
C ASN A 58 -9.96 2.18 -7.60
N ALA A 59 -8.73 2.58 -7.87
CA ALA A 59 -8.20 2.56 -9.23
C ALA A 59 -8.07 1.14 -9.75
N ILE A 60 -7.53 0.26 -8.92
CA ILE A 60 -7.31 -1.13 -9.29
C ILE A 60 -8.63 -1.81 -9.69
N LYS A 61 -9.66 -1.60 -8.88
CA LYS A 61 -10.97 -2.19 -9.15
C LYS A 61 -11.55 -1.65 -10.47
N ALA A 62 -11.34 -0.36 -10.70
CA ALA A 62 -11.84 0.28 -11.91
C ALA A 62 -11.05 -0.16 -13.14
N ASP A 63 -9.78 -0.46 -12.93
CA ASP A 63 -8.95 -1.02 -14.00
C ASP A 63 -9.32 -2.47 -14.24
N ALA A 64 -9.66 -3.18 -13.17
CA ALA A 64 -10.06 -4.57 -13.28
C ALA A 64 -11.30 -4.71 -14.14
N GLU A 65 -12.28 -3.83 -13.93
CA GLU A 65 -13.51 -3.88 -14.70
C GLU A 65 -13.30 -3.36 -16.11
N GLY A 66 -12.22 -2.59 -16.29
CA GLY A 66 -11.92 -2.03 -17.59
C GLY A 66 -10.84 -2.81 -18.32
N GLU A 67 -10.40 -3.90 -17.72
CA GLU A 67 -9.40 -4.76 -18.33
C GLU A 67 -10.09 -5.79 -19.22
N SER A 68 -9.57 -5.95 -20.43
CA SER A 68 -10.14 -6.87 -21.39
C SER A 68 -9.56 -8.27 -21.17
N ASP A 69 -8.44 -8.34 -20.46
CA ASP A 69 -7.83 -9.62 -20.13
C ASP A 69 -8.51 -10.21 -18.91
N LEU A 70 -9.04 -11.41 -19.05
CA LEU A 70 -9.87 -12.01 -18.01
C LEU A 70 -9.03 -12.39 -16.79
N GLU A 71 -7.90 -13.05 -17.02
CA GLU A 71 -7.08 -13.51 -15.90
C GLU A 71 -6.53 -12.32 -15.12
N ASN A 72 -6.19 -11.26 -15.85
CA ASN A 72 -5.66 -10.05 -15.22
C ASN A 72 -6.78 -9.31 -14.49
N SER A 73 -8.00 -9.42 -15.00
CA SER A 73 -9.15 -8.84 -14.33
C SER A 73 -9.29 -9.47 -12.94
N ARG A 74 -9.07 -10.78 -12.88
CA ARG A 74 -9.06 -11.49 -11.61
C ARG A 74 -7.87 -11.03 -10.76
N LYS A 75 -6.71 -10.93 -11.41
CA LYS A 75 -5.48 -10.52 -10.74
C LYS A 75 -5.63 -9.17 -10.05
N LEU A 76 -6.19 -8.20 -10.76
CA LEU A 76 -6.39 -6.87 -10.21
C LEU A 76 -7.34 -6.90 -9.02
N LEU A 77 -8.47 -7.58 -9.18
CA LEU A 77 -9.45 -7.66 -8.10
C LEU A 77 -8.87 -8.35 -6.88
N SER A 78 -8.16 -9.46 -7.09
CA SER A 78 -7.55 -10.20 -6.00
C SER A 78 -6.43 -9.38 -5.36
N ALA A 79 -5.66 -8.69 -6.19
CA ALA A 79 -4.55 -7.87 -5.69
C ALA A 79 -5.09 -6.75 -4.79
N ALA A 80 -6.17 -6.11 -5.24
CA ALA A 80 -6.80 -5.05 -4.45
C ALA A 80 -7.33 -5.61 -3.14
N LYS A 81 -7.91 -6.80 -3.21
CA LYS A 81 -8.46 -7.47 -2.03
C LYS A 81 -7.34 -7.87 -1.06
N ILE A 82 -6.22 -8.32 -1.60
CA ILE A 82 -5.06 -8.65 -0.78
C ILE A 82 -4.47 -7.38 -0.16
N LEU A 83 -4.30 -6.36 -1.01
CA LEU A 83 -3.73 -5.09 -0.58
C LEU A 83 -4.57 -4.43 0.49
N ALA A 84 -5.84 -4.18 0.20
CA ALA A 84 -6.72 -3.48 1.12
C ALA A 84 -6.78 -4.18 2.47
N ASP A 85 -6.69 -5.50 2.44
CA ASP A 85 -6.75 -6.27 3.66
C ASP A 85 -5.44 -6.27 4.41
N ALA A 86 -4.35 -6.40 3.68
CA ALA A 86 -3.03 -6.33 4.28
C ALA A 86 -2.84 -4.97 4.96
N THR A 87 -3.52 -3.96 4.41
CA THR A 87 -3.51 -2.63 5.00
C THR A 87 -4.27 -2.66 6.33
N ALA A 88 -5.49 -3.16 6.30
CA ALA A 88 -6.33 -3.24 7.49
C ALA A 88 -5.62 -4.02 8.59
N LYS A 89 -4.95 -5.10 8.21
CA LYS A 89 -4.20 -5.92 9.15
C LYS A 89 -3.15 -5.09 9.88
N MET A 90 -2.37 -4.32 9.14
CA MET A 90 -1.27 -3.56 9.73
C MET A 90 -1.78 -2.33 10.47
N VAL A 91 -2.89 -1.76 10.01
CA VAL A 91 -3.48 -0.61 10.67
C VAL A 91 -3.98 -1.01 12.06
N GLU A 92 -4.71 -2.10 12.14
CA GLU A 92 -5.22 -2.60 13.42
C GLU A 92 -4.06 -2.99 14.34
N ALA A 93 -3.02 -3.58 13.76
CA ALA A 93 -1.85 -3.99 14.52
C ALA A 93 -1.07 -2.77 14.99
N ALA A 94 -0.99 -1.75 14.14
CA ALA A 94 -0.29 -0.52 14.47
C ALA A 94 -0.94 0.17 15.65
N LYS A 95 -2.27 0.19 15.66
CA LYS A 95 -3.02 0.76 16.78
C LYS A 95 -2.58 0.12 18.10
N GLY A 96 -2.57 -1.20 18.12
CA GLY A 96 -2.18 -1.91 19.32
C GLY A 96 -0.73 -1.74 19.67
N ALA A 97 0.15 -1.79 18.66
CA ALA A 97 1.59 -1.71 18.87
C ALA A 97 2.00 -0.31 19.30
N ALA A 98 1.26 0.68 18.84
CA ALA A 98 1.55 2.05 19.17
C ALA A 98 0.96 2.44 20.52
N ALA A 99 -0.37 2.39 20.60
CA ALA A 99 -1.08 2.83 21.80
C ALA A 99 -0.66 2.01 23.02
N HIS A 100 -0.32 0.75 22.79
CA HIS A 100 0.26 -0.09 23.82
C HIS A 100 1.74 -0.28 23.51
N PRO A 101 2.59 0.70 23.89
CA PRO A 101 3.99 0.74 23.47
C PRO A 101 4.81 -0.40 24.06
N ASP A 102 4.38 -0.84 25.24
CA ASP A 102 5.10 -1.87 25.98
C ASP A 102 4.88 -3.26 25.40
N SER A 103 3.71 -3.48 24.81
CA SER A 103 3.36 -4.79 24.28
C SER A 103 4.25 -5.16 23.10
N GLU A 104 5.16 -6.10 23.34
CA GLU A 104 6.09 -6.54 22.30
C GLU A 104 5.40 -7.47 21.31
N GLU A 105 4.37 -8.18 21.77
CA GLU A 105 3.61 -9.06 20.90
C GLU A 105 2.91 -8.26 19.81
N GLN A 106 2.38 -7.10 20.19
CA GLN A 106 1.73 -6.21 19.24
C GLN A 106 2.72 -5.75 18.17
N GLN A 107 3.97 -5.57 18.58
CA GLN A 107 5.02 -5.15 17.67
C GLN A 107 5.24 -6.20 16.60
N GLN A 108 5.31 -7.46 17.02
CA GLN A 108 5.48 -8.57 16.10
C GLN A 108 4.28 -8.71 15.17
N ARG A 109 3.08 -8.57 15.74
CA ARG A 109 1.85 -8.61 14.96
C ARG A 109 1.89 -7.55 13.87
N LEU A 110 2.36 -6.37 14.25
CA LEU A 110 2.51 -5.27 13.32
C LEU A 110 3.53 -5.61 12.24
N ARG A 111 4.69 -6.13 12.65
CA ARG A 111 5.75 -6.51 11.71
C ARG A 111 5.21 -7.40 10.61
N GLU A 112 4.54 -8.49 11.00
CA GLU A 112 3.97 -9.44 10.04
C GLU A 112 3.03 -8.75 9.06
N ALA A 113 2.09 -7.99 9.61
CA ALA A 113 1.06 -7.35 8.80
C ALA A 113 1.64 -6.23 7.92
N ALA A 114 2.51 -5.42 8.50
CA ALA A 114 3.08 -4.29 7.80
C ALA A 114 4.02 -4.75 6.68
N GLU A 115 4.84 -5.75 6.96
CA GLU A 115 5.72 -6.32 5.94
C GLU A 115 4.89 -6.96 4.84
N GLY A 116 3.78 -7.57 5.23
CA GLY A 116 2.86 -8.13 4.27
C GLY A 116 2.24 -7.06 3.39
N LEU A 117 1.84 -5.96 4.01
CA LEU A 117 1.28 -4.82 3.31
C LEU A 117 2.31 -4.22 2.35
N ARG A 118 3.56 -4.16 2.81
CA ARG A 118 4.64 -3.61 2.01
C ARG A 118 4.82 -4.43 0.75
N MET A 119 4.84 -5.74 0.92
CA MET A 119 4.98 -6.68 -0.18
C MET A 119 3.75 -6.66 -1.08
N ALA A 120 2.57 -6.63 -0.45
CA ALA A 120 1.31 -6.62 -1.19
C ALA A 120 1.21 -5.41 -2.10
N THR A 121 1.50 -4.24 -1.55
CA THR A 121 1.44 -3.00 -2.30
C THR A 121 2.44 -3.01 -3.46
N ASN A 122 3.67 -3.42 -3.14
CA ASN A 122 4.73 -3.46 -4.13
C ASN A 122 4.37 -4.45 -5.26
N ALA A 123 3.63 -5.50 -4.89
CA ALA A 123 3.17 -6.50 -5.85
C ALA A 123 2.03 -5.94 -6.70
N ALA A 124 1.12 -5.22 -6.06
CA ALA A 124 0.02 -4.57 -6.77
C ALA A 124 0.56 -3.54 -7.75
N ALA A 125 1.74 -3.01 -7.43
CA ALA A 125 2.44 -2.08 -8.30
C ALA A 125 2.72 -2.72 -9.67
N GLN A 126 3.04 -4.01 -9.64
CA GLN A 126 3.37 -4.75 -10.86
C GLN A 126 2.10 -5.11 -11.64
N ASN A 127 0.98 -5.15 -10.93
CA ASN A 127 -0.30 -5.52 -11.55
C ASN A 127 -0.83 -4.43 -12.46
N ALA A 128 -0.16 -3.28 -12.45
CA ALA A 128 -0.54 -2.17 -13.31
C ALA A 128 -0.63 -2.61 -14.77
N ILE A 129 -1.75 -2.28 -15.41
CA ILE A 129 -1.96 -2.60 -16.81
C ILE A 129 -0.87 -1.94 -17.67
N LYS A 130 -0.04 -2.77 -18.27
CA LYS A 130 1.07 -2.28 -19.08
C LYS A 130 0.92 -2.70 -20.52
N LYS A 131 1.16 -1.77 -21.43
CA LYS A 131 1.16 -2.06 -22.86
C LYS A 131 2.45 -1.54 -23.49
N GLY A 1 35.26 10.86 -17.16
CA GLY A 1 34.03 10.32 -16.53
C GLY A 1 32.78 10.99 -17.05
N ILE A 2 31.65 10.67 -16.45
CA ILE A 2 30.37 11.27 -16.85
C ILE A 2 29.58 11.65 -15.61
N ASP A 3 28.43 12.26 -15.81
CA ASP A 3 27.53 12.57 -14.71
C ASP A 3 26.44 11.50 -14.63
N PRO A 4 26.45 10.69 -13.56
CA PRO A 4 25.48 9.61 -13.38
C PRO A 4 24.05 10.13 -13.39
N PHE A 5 23.30 9.76 -14.42
CA PHE A 5 21.96 10.30 -14.63
C PHE A 5 20.94 9.71 -13.66
N THR A 6 21.02 8.41 -13.42
CA THR A 6 20.06 7.73 -12.57
C THR A 6 20.59 7.59 -11.14
N ALA A 7 21.62 8.36 -10.81
CA ALA A 7 22.21 8.32 -9.48
C ALA A 7 21.25 8.91 -8.46
N HIS A 8 20.54 9.95 -8.86
CA HIS A 8 19.55 10.59 -8.01
C HIS A 8 18.17 9.99 -8.29
N ALA A 9 17.14 10.55 -7.64
CA ALA A 9 15.77 10.08 -7.77
C ALA A 9 15.61 8.68 -7.21
N THR A 10 15.10 8.61 -5.98
CA THR A 10 14.88 7.35 -5.30
C THR A 10 13.99 6.42 -6.13
N GLY A 11 14.38 5.17 -6.23
CA GLY A 11 13.66 4.23 -7.06
C GLY A 11 14.57 3.54 -8.04
N ALA A 12 13.98 2.77 -8.94
CA ALA A 12 14.74 2.06 -9.96
C ALA A 12 14.02 2.11 -11.30
N GLY A 13 12.70 1.99 -11.26
CA GLY A 13 11.92 2.02 -12.47
C GLY A 13 10.46 2.29 -12.19
N PRO A 14 9.80 3.13 -13.01
CA PRO A 14 8.39 3.48 -12.80
C PRO A 14 7.47 2.27 -12.89
N ALA A 15 6.46 2.24 -12.02
CA ALA A 15 5.51 1.13 -12.01
C ALA A 15 4.42 1.32 -13.06
N GLY A 16 4.76 2.06 -14.09
CA GLY A 16 3.85 2.27 -15.22
C GLY A 16 2.62 3.07 -14.85
N ARG A 17 1.59 2.38 -14.43
CA ARG A 17 0.29 2.99 -14.20
C ARG A 17 0.17 3.53 -12.76
N TYR A 18 0.40 2.67 -11.79
CA TYR A 18 0.22 3.02 -10.39
C TYR A 18 1.56 3.37 -9.75
N ASP A 19 2.42 4.05 -10.49
CA ASP A 19 3.78 4.29 -10.05
C ASP A 19 3.82 5.25 -8.86
N GLN A 20 3.00 6.29 -8.90
CA GLN A 20 2.97 7.28 -7.82
C GLN A 20 2.28 6.72 -6.59
N ALA A 21 1.11 6.13 -6.79
CA ALA A 21 0.29 5.62 -5.69
C ALA A 21 1.05 4.59 -4.85
N THR A 22 1.71 3.66 -5.51
CA THR A 22 2.45 2.62 -4.81
C THR A 22 3.67 3.22 -4.12
N ASP A 23 4.36 4.12 -4.82
CA ASP A 23 5.58 4.77 -4.30
C ASP A 23 5.34 5.32 -2.90
N THR A 24 4.24 6.04 -2.75
CA THR A 24 3.86 6.63 -1.48
C THR A 24 3.73 5.55 -0.40
N ILE A 25 2.97 4.51 -0.70
CA ILE A 25 2.70 3.44 0.27
C ILE A 25 3.99 2.71 0.67
N LEU A 26 4.81 2.35 -0.32
CA LEU A 26 6.07 1.66 -0.06
C LEU A 26 6.91 2.43 0.97
N THR A 27 6.99 3.74 0.81
CA THR A 27 7.80 4.57 1.69
C THR A 27 7.12 4.80 3.05
N VAL A 28 5.82 5.08 3.05
CA VAL A 28 5.11 5.33 4.30
C VAL A 28 5.12 4.09 5.19
N THR A 29 5.19 2.92 4.58
CA THR A 29 5.25 1.66 5.31
C THR A 29 6.39 1.63 6.33
N GLU A 30 7.60 1.93 5.87
CA GLU A 30 8.78 1.85 6.72
C GLU A 30 8.73 2.92 7.80
N ASN A 31 8.00 3.98 7.53
CA ASN A 31 7.91 5.10 8.46
C ASN A 31 7.35 4.67 9.81
N ILE A 32 6.53 3.63 9.82
CA ILE A 32 5.97 3.11 11.06
C ILE A 32 7.10 2.62 11.99
N PHE A 33 8.14 2.06 11.39
CA PHE A 33 9.27 1.55 12.16
C PHE A 33 10.15 2.70 12.63
N SER A 34 10.15 3.79 11.88
CA SER A 34 10.92 4.97 12.23
C SER A 34 10.22 5.73 13.34
N SER A 35 8.90 5.82 13.24
CA SER A 35 8.09 6.50 14.24
C SER A 35 7.82 5.59 15.43
N MET A 36 8.27 4.35 15.34
CA MET A 36 8.06 3.35 16.37
C MET A 36 8.58 3.83 17.72
N GLY A 37 7.69 3.86 18.70
CA GLY A 37 8.04 4.35 20.01
C GLY A 37 6.97 5.30 20.53
N ASP A 38 6.41 6.09 19.62
CA ASP A 38 5.32 6.98 19.95
C ASP A 38 4.03 6.47 19.34
N ALA A 39 2.99 6.42 20.16
CA ALA A 39 1.71 5.86 19.74
C ALA A 39 1.07 6.68 18.63
N GLY A 40 0.87 7.96 18.89
CA GLY A 40 0.24 8.84 17.92
C GLY A 40 0.92 8.84 16.56
N GLU A 41 2.25 8.84 16.57
CA GLU A 41 3.02 8.83 15.34
C GLU A 41 2.75 7.56 14.53
N MET A 42 2.85 6.42 15.19
CA MET A 42 2.69 5.13 14.52
C MET A 42 1.28 4.97 13.97
N VAL A 43 0.29 5.38 14.75
CA VAL A 43 -1.10 5.28 14.33
C VAL A 43 -1.37 6.16 13.11
N ARG A 44 -0.78 7.35 13.10
CA ARG A 44 -0.99 8.29 12.00
C ARG A 44 -0.44 7.71 10.70
N GLN A 45 0.74 7.09 10.77
CA GLN A 45 1.37 6.51 9.59
C GLN A 45 0.49 5.40 9.01
N ALA A 46 -0.09 4.58 9.88
CA ALA A 46 -1.00 3.53 9.46
C ALA A 46 -2.23 4.13 8.79
N ARG A 47 -2.73 5.23 9.34
CA ARG A 47 -3.88 5.92 8.78
C ARG A 47 -3.56 6.48 7.40
N ILE A 48 -2.35 7.00 7.26
CA ILE A 48 -1.87 7.48 5.97
C ILE A 48 -1.83 6.33 4.96
N LEU A 49 -1.33 5.18 5.40
CA LEU A 49 -1.32 3.98 4.57
C LEU A 49 -2.72 3.61 4.13
N ALA A 50 -3.66 3.61 5.08
CA ALA A 50 -5.05 3.28 4.79
C ALA A 50 -5.62 4.21 3.72
N GLN A 51 -5.37 5.49 3.88
CA GLN A 51 -5.85 6.50 2.93
C GLN A 51 -5.22 6.28 1.56
N ALA A 52 -3.91 6.08 1.54
CA ALA A 52 -3.19 5.87 0.29
C ALA A 52 -3.60 4.57 -0.38
N THR A 53 -3.78 3.53 0.43
CA THR A 53 -4.19 2.24 -0.08
C THR A 53 -5.58 2.32 -0.70
N SER A 54 -6.44 3.15 -0.12
CA SER A 54 -7.81 3.29 -0.59
C SER A 54 -7.85 3.78 -2.03
N ASP A 55 -6.89 4.62 -2.39
CA ASP A 55 -6.77 5.10 -3.76
C ASP A 55 -6.51 3.93 -4.70
N LEU A 56 -5.53 3.11 -4.35
CA LEU A 56 -5.18 1.93 -5.15
C LEU A 56 -6.32 0.93 -5.19
N VAL A 57 -6.90 0.62 -4.03
CA VAL A 57 -8.00 -0.35 -3.96
C VAL A 57 -9.09 0.01 -4.95
N ASN A 58 -9.49 1.27 -4.95
CA ASN A 58 -10.54 1.72 -5.85
C ASN A 58 -10.05 1.79 -7.30
N ALA A 59 -8.85 2.32 -7.49
CA ALA A 59 -8.29 2.49 -8.84
C ALA A 59 -8.05 1.15 -9.52
N ILE A 60 -7.41 0.21 -8.80
CA ILE A 60 -7.12 -1.11 -9.36
C ILE A 60 -8.40 -1.84 -9.74
N LYS A 61 -9.41 -1.77 -8.87
CA LYS A 61 -10.69 -2.40 -9.14
C LYS A 61 -11.41 -1.71 -10.30
N ALA A 62 -11.29 -0.38 -10.35
CA ALA A 62 -11.90 0.39 -11.41
C ALA A 62 -11.34 0.01 -12.77
N ASP A 63 -10.02 -0.22 -12.81
CA ASP A 63 -9.37 -0.64 -14.04
C ASP A 63 -9.75 -2.07 -14.38
N ALA A 64 -9.95 -2.88 -13.36
CA ALA A 64 -10.36 -4.27 -13.55
C ALA A 64 -11.74 -4.35 -14.19
N GLU A 65 -12.54 -3.30 -14.00
CA GLU A 65 -13.85 -3.20 -14.65
C GLU A 65 -13.69 -2.90 -16.13
N GLY A 66 -12.59 -2.26 -16.48
CA GLY A 66 -12.33 -1.93 -17.87
C GLY A 66 -11.48 -2.99 -18.54
N GLU A 67 -10.82 -3.80 -17.72
CA GLU A 67 -9.99 -4.89 -18.22
C GLU A 67 -10.85 -5.96 -18.87
N SER A 68 -10.62 -6.19 -20.15
CA SER A 68 -11.35 -7.19 -20.90
C SER A 68 -10.72 -8.57 -20.71
N ASP A 69 -9.49 -8.59 -20.21
CA ASP A 69 -8.82 -9.85 -19.88
C ASP A 69 -9.36 -10.36 -18.56
N LEU A 70 -10.01 -11.50 -18.59
CA LEU A 70 -10.68 -12.01 -17.40
C LEU A 70 -9.68 -12.36 -16.31
N GLU A 71 -8.58 -13.01 -16.70
CA GLU A 71 -7.57 -13.40 -15.74
C GLU A 71 -6.95 -12.19 -15.10
N ASN A 72 -6.61 -11.19 -15.91
CA ASN A 72 -6.04 -9.96 -15.37
C ASN A 72 -7.08 -9.20 -14.56
N SER A 73 -8.34 -9.29 -14.98
CA SER A 73 -9.43 -8.67 -14.22
C SER A 73 -9.52 -9.31 -12.85
N ARG A 74 -9.51 -10.65 -12.83
CA ARG A 74 -9.48 -11.41 -11.58
C ARG A 74 -8.23 -11.07 -10.78
N LYS A 75 -7.10 -10.96 -11.48
CA LYS A 75 -5.82 -10.69 -10.84
C LYS A 75 -5.79 -9.29 -10.22
N LEU A 76 -6.31 -8.30 -10.94
CA LEU A 76 -6.39 -6.94 -10.44
C LEU A 76 -7.31 -6.87 -9.23
N LEU A 77 -8.45 -7.54 -9.31
CA LEU A 77 -9.37 -7.64 -8.18
C LEU A 77 -8.69 -8.32 -7.00
N SER A 78 -7.95 -9.38 -7.30
CA SER A 78 -7.20 -10.12 -6.29
C SER A 78 -6.18 -9.21 -5.63
N ALA A 79 -5.38 -8.51 -6.45
CA ALA A 79 -4.34 -7.62 -5.95
C ALA A 79 -4.92 -6.57 -5.00
N ALA A 80 -6.01 -5.94 -5.41
CA ALA A 80 -6.67 -4.93 -4.60
C ALA A 80 -7.25 -5.54 -3.32
N LYS A 81 -7.80 -6.74 -3.45
CA LYS A 81 -8.35 -7.48 -2.32
C LYS A 81 -7.27 -7.81 -1.30
N ILE A 82 -6.20 -8.43 -1.79
CA ILE A 82 -5.06 -8.81 -0.97
C ILE A 82 -4.45 -7.59 -0.30
N LEU A 83 -4.30 -6.52 -1.07
CA LEU A 83 -3.75 -5.28 -0.57
C LEU A 83 -4.61 -4.71 0.55
N ALA A 84 -5.89 -4.52 0.26
CA ALA A 84 -6.80 -3.90 1.22
C ALA A 84 -6.81 -4.65 2.55
N ASP A 85 -6.53 -5.95 2.49
CA ASP A 85 -6.50 -6.76 3.69
C ASP A 85 -5.17 -6.63 4.40
N ALA A 86 -4.09 -6.59 3.62
CA ALA A 86 -2.77 -6.36 4.18
C ALA A 86 -2.76 -5.04 4.94
N THR A 87 -3.48 -4.07 4.40
CA THR A 87 -3.60 -2.76 5.04
C THR A 87 -4.42 -2.86 6.32
N ALA A 88 -5.55 -3.55 6.27
CA ALA A 88 -6.40 -3.72 7.44
C ALA A 88 -5.63 -4.33 8.60
N LYS A 89 -4.90 -5.41 8.32
CA LYS A 89 -4.09 -6.07 9.34
C LYS A 89 -2.97 -5.15 9.80
N MET A 90 -2.38 -4.43 8.85
CA MET A 90 -1.31 -3.49 9.12
C MET A 90 -1.78 -2.37 10.05
N VAL A 91 -2.86 -1.72 9.65
CA VAL A 91 -3.40 -0.59 10.38
C VAL A 91 -3.80 -0.97 11.81
N GLU A 92 -4.55 -2.06 11.95
CA GLU A 92 -4.98 -2.50 13.26
C GLU A 92 -3.80 -2.91 14.14
N ALA A 93 -2.80 -3.54 13.53
CA ALA A 93 -1.60 -3.94 14.26
C ALA A 93 -0.83 -2.70 14.73
N ALA A 94 -0.68 -1.73 13.82
CA ALA A 94 -0.01 -0.48 14.14
C ALA A 94 -0.72 0.25 15.27
N LYS A 95 -2.04 0.35 15.16
CA LYS A 95 -2.85 1.00 16.18
C LYS A 95 -2.66 0.35 17.54
N GLY A 96 -2.66 -0.98 17.55
CA GLY A 96 -2.50 -1.71 18.80
C GLY A 96 -1.10 -1.60 19.37
N ALA A 97 -0.10 -1.73 18.50
CA ALA A 97 1.30 -1.70 18.93
C ALA A 97 1.70 -0.30 19.37
N ALA A 98 1.03 0.69 18.83
CA ALA A 98 1.31 2.07 19.18
C ALA A 98 0.62 2.46 20.47
N ALA A 99 -0.71 2.39 20.48
CA ALA A 99 -1.50 2.83 21.63
C ALA A 99 -1.11 2.06 22.88
N HIS A 100 -0.85 0.76 22.71
CA HIS A 100 -0.26 -0.04 23.76
C HIS A 100 1.20 -0.32 23.42
N PRO A 101 2.10 0.65 23.69
CA PRO A 101 3.48 0.60 23.20
C PRO A 101 4.25 -0.61 23.72
N ASP A 102 3.97 -0.99 24.96
CA ASP A 102 4.72 -2.04 25.65
C ASP A 102 4.31 -3.45 25.18
N SER A 103 3.19 -3.53 24.47
CA SER A 103 2.65 -4.83 24.08
C SER A 103 3.49 -5.50 22.99
N GLU A 104 4.28 -6.48 23.39
CA GLU A 104 5.12 -7.25 22.48
C GLU A 104 4.27 -7.93 21.41
N GLU A 105 3.16 -8.49 21.84
CA GLU A 105 2.23 -9.19 20.96
C GLU A 105 1.84 -8.29 19.79
N GLN A 106 1.43 -7.07 20.09
CA GLN A 106 1.02 -6.12 19.08
C GLN A 106 2.20 -5.71 18.20
N GLN A 107 3.38 -5.59 18.82
CA GLN A 107 4.60 -5.25 18.10
C GLN A 107 4.87 -6.29 17.02
N GLN A 108 4.85 -7.56 17.41
CA GLN A 108 5.09 -8.67 16.49
C GLN A 108 4.08 -8.65 15.35
N ARG A 109 2.81 -8.45 15.69
CA ARG A 109 1.74 -8.39 14.71
C ARG A 109 2.01 -7.30 13.69
N LEU A 110 2.51 -6.16 14.16
CA LEU A 110 2.82 -5.04 13.30
C LEU A 110 3.96 -5.37 12.34
N ARG A 111 4.99 -6.03 12.87
CA ARG A 111 6.16 -6.39 12.08
C ARG A 111 5.75 -7.22 10.86
N GLU A 112 4.98 -8.27 11.10
CA GLU A 112 4.53 -9.16 10.03
C GLU A 112 3.50 -8.48 9.15
N ALA A 113 2.73 -7.56 9.73
CA ALA A 113 1.69 -6.86 9.00
C ALA A 113 2.28 -5.86 8.02
N ALA A 114 3.27 -5.09 8.47
CA ALA A 114 3.90 -4.07 7.65
C ALA A 114 4.56 -4.67 6.42
N GLU A 115 5.29 -5.77 6.62
CA GLU A 115 5.95 -6.44 5.51
C GLU A 115 4.92 -7.05 4.56
N GLY A 116 3.82 -7.54 5.13
CA GLY A 116 2.74 -8.07 4.31
C GLY A 116 2.05 -6.99 3.51
N LEU A 117 1.91 -5.82 4.13
CA LEU A 117 1.33 -4.65 3.48
C LEU A 117 2.25 -4.18 2.36
N ARG A 118 3.54 -4.10 2.66
CA ARG A 118 4.53 -3.72 1.66
C ARG A 118 4.54 -4.73 0.51
N MET A 119 4.49 -6.01 0.84
CA MET A 119 4.48 -7.07 -0.17
C MET A 119 3.26 -6.94 -1.08
N ALA A 120 2.09 -6.71 -0.47
CA ALA A 120 0.85 -6.57 -1.23
C ALA A 120 0.90 -5.33 -2.12
N THR A 121 1.35 -4.22 -1.56
CA THR A 121 1.45 -2.98 -2.30
C THR A 121 2.46 -3.11 -3.44
N ASN A 122 3.62 -3.69 -3.12
CA ASN A 122 4.66 -3.89 -4.11
C ASN A 122 4.14 -4.80 -5.21
N ALA A 123 3.37 -5.82 -4.83
CA ALA A 123 2.76 -6.74 -5.79
C ALA A 123 1.81 -5.99 -6.73
N ALA A 124 1.03 -5.08 -6.16
CA ALA A 124 0.16 -4.22 -6.95
C ALA A 124 0.98 -3.34 -7.89
N ALA A 125 2.19 -3.03 -7.46
CA ALA A 125 3.12 -2.24 -8.26
C ALA A 125 3.58 -3.03 -9.49
N GLN A 126 3.69 -4.35 -9.34
CA GLN A 126 3.98 -5.22 -10.48
C GLN A 126 2.74 -5.44 -11.32
N ASN A 127 1.59 -5.56 -10.64
CA ASN A 127 0.31 -5.72 -11.33
C ASN A 127 0.01 -4.54 -12.24
N ALA A 128 0.58 -3.40 -11.90
CA ALA A 128 0.41 -2.20 -12.69
C ALA A 128 1.06 -2.35 -14.07
N ILE A 129 0.24 -2.41 -15.09
CA ILE A 129 0.73 -2.46 -16.46
C ILE A 129 1.32 -1.12 -16.85
N LYS A 130 2.51 -1.15 -17.44
CA LYS A 130 3.16 0.05 -17.94
C LYS A 130 2.33 0.68 -19.05
N LYS A 131 2.02 1.95 -18.88
CA LYS A 131 1.27 2.68 -19.89
C LYS A 131 2.24 3.36 -20.86
N GLY A 1 -6.83 14.61 -10.74
CA GLY A 1 -6.24 13.78 -9.66
C GLY A 1 -4.91 13.17 -10.06
N ILE A 2 -4.83 12.61 -11.26
CA ILE A 2 -3.59 12.01 -11.74
C ILE A 2 -2.76 13.07 -12.46
N ASP A 3 -2.89 14.31 -12.00
CA ASP A 3 -2.20 15.44 -12.60
C ASP A 3 -0.69 15.36 -12.34
N PRO A 4 0.12 15.48 -13.40
CA PRO A 4 1.56 15.48 -13.30
C PRO A 4 2.12 16.89 -13.10
N PHE A 5 2.49 17.21 -11.87
CA PHE A 5 3.04 18.52 -11.55
C PHE A 5 4.56 18.49 -11.68
N THR A 6 5.14 19.67 -11.96
CA THR A 6 6.59 19.84 -12.13
C THR A 6 7.17 18.79 -13.08
N ALA A 7 6.36 18.35 -14.02
CA ALA A 7 6.73 17.30 -14.96
C ALA A 7 7.82 17.76 -15.91
N HIS A 8 8.97 17.10 -15.85
CA HIS A 8 10.06 17.35 -16.78
C HIS A 8 9.68 16.82 -18.16
N ALA A 9 9.83 17.65 -19.17
CA ALA A 9 9.38 17.32 -20.52
C ALA A 9 10.18 16.16 -21.12
N THR A 10 9.51 15.37 -21.96
CA THR A 10 10.10 14.20 -22.57
C THR A 10 10.36 13.13 -21.51
N GLY A 11 9.35 12.29 -21.30
CA GLY A 11 9.40 11.30 -20.25
C GLY A 11 8.63 11.78 -19.03
N ALA A 12 7.56 12.51 -19.30
CA ALA A 12 6.75 13.10 -18.25
C ALA A 12 5.49 12.27 -18.00
N GLY A 13 4.63 12.76 -17.13
CA GLY A 13 3.39 12.09 -16.84
C GLY A 13 3.48 11.32 -15.54
N PRO A 14 2.52 10.43 -15.26
CA PRO A 14 2.54 9.59 -14.06
C PRO A 14 3.69 8.60 -14.12
N ALA A 15 4.54 8.61 -13.10
CA ALA A 15 5.65 7.67 -13.02
C ALA A 15 5.14 6.23 -13.06
N GLY A 16 5.46 5.55 -14.14
CA GLY A 16 4.90 4.23 -14.36
C GLY A 16 3.42 4.32 -14.61
N ARG A 17 2.63 3.88 -13.65
CA ARG A 17 1.18 4.08 -13.71
C ARG A 17 0.60 4.07 -12.30
N TYR A 18 0.88 3.01 -11.55
CA TYR A 18 0.41 2.90 -10.17
C TYR A 18 1.57 3.14 -9.21
N ASP A 19 2.74 3.37 -9.80
CA ASP A 19 3.99 3.39 -9.07
C ASP A 19 4.08 4.60 -8.14
N GLN A 20 3.43 5.69 -8.50
CA GLN A 20 3.42 6.88 -7.64
C GLN A 20 2.56 6.62 -6.40
N ALA A 21 1.44 5.95 -6.60
CA ALA A 21 0.53 5.62 -5.50
C ALA A 21 1.18 4.60 -4.57
N THR A 22 1.82 3.60 -5.15
CA THR A 22 2.49 2.57 -4.37
C THR A 22 3.72 3.14 -3.67
N ASP A 23 4.40 4.07 -4.33
CA ASP A 23 5.55 4.76 -3.74
C ASP A 23 5.18 5.39 -2.41
N THR A 24 4.04 6.07 -2.39
CA THR A 24 3.55 6.68 -1.17
C THR A 24 3.34 5.64 -0.07
N ILE A 25 2.57 4.60 -0.39
CA ILE A 25 2.26 3.54 0.57
C ILE A 25 3.55 2.84 1.04
N LEU A 26 4.39 2.46 0.09
CA LEU A 26 5.65 1.77 0.38
C LEU A 26 6.49 2.57 1.37
N THR A 27 6.64 3.86 1.10
CA THR A 27 7.47 4.74 1.92
C THR A 27 6.84 4.95 3.30
N VAL A 28 5.54 5.23 3.34
CA VAL A 28 4.84 5.43 4.60
C VAL A 28 4.92 4.17 5.47
N THR A 29 4.88 3.01 4.82
CA THR A 29 4.95 1.74 5.52
C THR A 29 6.31 1.53 6.16
N GLU A 30 7.38 1.73 5.40
CA GLU A 30 8.72 1.55 5.94
C GLU A 30 8.97 2.57 7.04
N ASN A 31 8.26 3.70 6.96
CA ASN A 31 8.34 4.73 7.99
C ASN A 31 7.70 4.29 9.29
N ILE A 32 6.80 3.30 9.22
CA ILE A 32 6.17 2.76 10.43
C ILE A 32 7.24 2.18 11.34
N PHE A 33 8.10 1.35 10.75
CA PHE A 33 9.16 0.68 11.47
C PHE A 33 10.16 1.69 12.03
N SER A 34 10.27 2.81 11.33
CA SER A 34 11.14 3.90 11.78
C SER A 34 10.49 4.69 12.91
N SER A 35 9.16 4.78 12.87
CA SER A 35 8.41 5.55 13.86
C SER A 35 8.17 4.74 15.14
N MET A 36 8.45 3.44 15.07
CA MET A 36 8.26 2.54 16.21
C MET A 36 8.92 3.08 17.46
N GLY A 37 8.11 3.30 18.48
CA GLY A 37 8.57 3.95 19.68
C GLY A 37 7.73 5.16 19.99
N ASP A 38 7.19 5.76 18.95
CA ASP A 38 6.26 6.87 19.08
C ASP A 38 4.87 6.42 18.67
N ALA A 39 3.98 6.35 19.65
CA ALA A 39 2.65 5.80 19.46
C ALA A 39 1.82 6.63 18.49
N GLY A 40 1.71 7.93 18.78
CA GLY A 40 0.93 8.82 17.94
C GLY A 40 1.42 8.89 16.51
N GLU A 41 2.73 8.75 16.32
CA GLU A 41 3.32 8.78 14.98
C GLU A 41 2.88 7.56 14.18
N MET A 42 3.06 6.38 14.76
CA MET A 42 2.72 5.13 14.09
C MET A 42 1.25 5.08 13.70
N VAL A 43 0.38 5.51 14.61
CA VAL A 43 -1.06 5.51 14.35
C VAL A 43 -1.40 6.46 13.20
N ARG A 44 -0.78 7.64 13.20
CA ARG A 44 -1.00 8.62 12.13
C ARG A 44 -0.61 8.01 10.79
N GLN A 45 0.59 7.43 10.73
CA GLN A 45 1.11 6.86 9.49
C GLN A 45 0.24 5.70 9.01
N ALA A 46 -0.33 4.95 9.96
CA ALA A 46 -1.22 3.84 9.62
C ALA A 46 -2.47 4.33 8.89
N ARG A 47 -2.99 5.46 9.34
CA ARG A 47 -4.18 6.04 8.72
C ARG A 47 -3.84 6.55 7.32
N ILE A 48 -2.61 7.00 7.14
CA ILE A 48 -2.13 7.42 5.84
C ILE A 48 -2.14 6.24 4.88
N LEU A 49 -1.72 5.08 5.37
CA LEU A 49 -1.75 3.86 4.59
C LEU A 49 -3.18 3.50 4.21
N ALA A 50 -4.08 3.59 5.18
CA ALA A 50 -5.49 3.31 4.95
C ALA A 50 -6.05 4.23 3.87
N GLN A 51 -5.75 5.51 3.98
CA GLN A 51 -6.20 6.51 3.01
C GLN A 51 -5.63 6.20 1.63
N ALA A 52 -4.31 6.06 1.56
CA ALA A 52 -3.62 5.82 0.30
C ALA A 52 -4.07 4.52 -0.36
N THR A 53 -4.20 3.47 0.44
CA THR A 53 -4.62 2.18 -0.07
C THR A 53 -6.01 2.28 -0.67
N SER A 54 -6.89 3.03 -0.01
CA SER A 54 -8.26 3.14 -0.44
C SER A 54 -8.36 3.78 -1.82
N ASP A 55 -7.53 4.79 -2.04
CA ASP A 55 -7.49 5.48 -3.32
C ASP A 55 -6.95 4.54 -4.40
N LEU A 56 -5.96 3.74 -4.02
CA LEU A 56 -5.32 2.81 -4.95
C LEU A 56 -6.28 1.69 -5.35
N VAL A 57 -6.92 1.07 -4.36
CA VAL A 57 -7.81 -0.07 -4.60
C VAL A 57 -8.93 0.30 -5.58
N ASN A 58 -9.50 1.50 -5.42
CA ASN A 58 -10.54 1.98 -6.32
C ASN A 58 -10.03 2.04 -7.75
N ALA A 59 -8.80 2.51 -7.90
CA ALA A 59 -8.17 2.61 -9.20
C ALA A 59 -7.91 1.23 -9.80
N ILE A 60 -7.44 0.32 -8.96
CA ILE A 60 -7.16 -1.05 -9.37
C ILE A 60 -8.43 -1.73 -9.90
N LYS A 61 -9.50 -1.64 -9.13
CA LYS A 61 -10.76 -2.28 -9.48
C LYS A 61 -11.32 -1.76 -10.80
N ALA A 62 -11.43 -0.44 -10.90
CA ALA A 62 -12.02 0.19 -12.07
C ALA A 62 -11.23 -0.13 -13.34
N ASP A 63 -9.93 -0.24 -13.19
CA ASP A 63 -9.05 -0.56 -14.32
C ASP A 63 -9.12 -2.05 -14.62
N ALA A 64 -9.27 -2.85 -13.58
CA ALA A 64 -9.44 -4.29 -13.72
C ALA A 64 -10.71 -4.60 -14.48
N GLU A 65 -11.77 -3.87 -14.18
CA GLU A 65 -13.04 -4.05 -14.87
C GLU A 65 -12.93 -3.62 -16.32
N GLY A 66 -12.12 -2.59 -16.56
CA GLY A 66 -11.90 -2.11 -17.91
C GLY A 66 -11.02 -3.05 -18.72
N GLU A 67 -10.23 -3.85 -18.03
CA GLU A 67 -9.36 -4.82 -18.69
C GLU A 67 -10.19 -5.92 -19.38
N SER A 68 -9.90 -6.15 -20.64
CA SER A 68 -10.58 -7.19 -21.40
C SER A 68 -10.07 -8.57 -21.02
N ASP A 69 -8.84 -8.63 -20.54
CA ASP A 69 -8.23 -9.89 -20.14
C ASP A 69 -8.83 -10.35 -18.82
N LEU A 70 -9.63 -11.40 -18.88
CA LEU A 70 -10.33 -11.91 -17.69
C LEU A 70 -9.34 -12.25 -16.59
N GLU A 71 -8.23 -12.88 -16.95
CA GLU A 71 -7.23 -13.30 -15.98
C GLU A 71 -6.58 -12.10 -15.31
N ASN A 72 -6.17 -11.12 -16.11
CA ASN A 72 -5.57 -9.92 -15.57
C ASN A 72 -6.60 -9.16 -14.74
N SER A 73 -7.85 -9.21 -15.19
CA SER A 73 -8.94 -8.58 -14.47
C SER A 73 -9.07 -9.19 -13.08
N ARG A 74 -9.09 -10.53 -13.05
CA ARG A 74 -9.15 -11.27 -11.80
C ARG A 74 -7.95 -10.97 -10.92
N LYS A 75 -6.76 -11.02 -11.50
CA LYS A 75 -5.52 -10.81 -10.76
C LYS A 75 -5.49 -9.42 -10.11
N LEU A 76 -5.95 -8.41 -10.85
CA LEU A 76 -6.02 -7.06 -10.30
C LEU A 76 -7.02 -7.00 -9.14
N LEU A 77 -8.19 -7.63 -9.34
CA LEU A 77 -9.20 -7.67 -8.30
C LEU A 77 -8.71 -8.44 -7.08
N SER A 78 -7.96 -9.52 -7.32
CA SER A 78 -7.36 -10.30 -6.25
C SER A 78 -6.31 -9.48 -5.52
N ALA A 79 -5.45 -8.81 -6.28
CA ALA A 79 -4.40 -7.97 -5.71
C ALA A 79 -5.00 -6.85 -4.85
N ALA A 80 -6.06 -6.23 -5.37
CA ALA A 80 -6.75 -5.18 -4.64
C ALA A 80 -7.33 -5.71 -3.34
N LYS A 81 -7.87 -6.92 -3.39
CA LYS A 81 -8.44 -7.57 -2.22
C LYS A 81 -7.35 -7.85 -1.18
N ILE A 82 -6.26 -8.46 -1.63
CA ILE A 82 -5.13 -8.77 -0.77
C ILE A 82 -4.58 -7.50 -0.14
N LEU A 83 -4.43 -6.46 -0.95
CA LEU A 83 -3.94 -5.18 -0.48
C LEU A 83 -4.88 -4.57 0.56
N ALA A 84 -6.14 -4.37 0.17
CA ALA A 84 -7.11 -3.72 1.03
C ALA A 84 -7.25 -4.44 2.36
N ASP A 85 -6.95 -5.72 2.35
CA ASP A 85 -7.00 -6.54 3.55
C ASP A 85 -5.73 -6.44 4.36
N ALA A 86 -4.60 -6.43 3.67
CA ALA A 86 -3.32 -6.27 4.32
C ALA A 86 -3.30 -4.95 5.09
N THR A 87 -3.99 -3.95 4.55
CA THR A 87 -4.11 -2.66 5.19
C THR A 87 -4.89 -2.76 6.51
N ALA A 88 -6.05 -3.41 6.45
CA ALA A 88 -6.87 -3.60 7.64
C ALA A 88 -6.09 -4.32 8.73
N LYS A 89 -5.42 -5.40 8.35
CA LYS A 89 -4.59 -6.16 9.28
C LYS A 89 -3.46 -5.30 9.83
N MET A 90 -2.86 -4.52 8.94
CA MET A 90 -1.75 -3.62 9.28
C MET A 90 -2.21 -2.55 10.25
N VAL A 91 -3.23 -1.81 9.85
CA VAL A 91 -3.74 -0.67 10.60
C VAL A 91 -4.14 -1.07 12.02
N GLU A 92 -4.90 -2.14 12.15
CA GLU A 92 -5.38 -2.57 13.46
C GLU A 92 -4.24 -3.07 14.34
N ALA A 93 -3.20 -3.61 13.70
CA ALA A 93 -2.01 -4.05 14.42
C ALA A 93 -1.19 -2.84 14.85
N ALA A 94 -1.04 -1.88 13.94
CA ALA A 94 -0.30 -0.65 14.23
C ALA A 94 -0.95 0.13 15.36
N LYS A 95 -2.28 0.21 15.34
CA LYS A 95 -3.03 0.88 16.40
C LYS A 95 -2.71 0.29 17.76
N GLY A 96 -2.55 -1.03 17.82
CA GLY A 96 -2.24 -1.68 19.07
C GLY A 96 -0.77 -1.59 19.42
N ALA A 97 0.09 -1.77 18.42
CA ALA A 97 1.53 -1.76 18.62
C ALA A 97 2.03 -0.38 19.02
N ALA A 98 1.39 0.64 18.48
CA ALA A 98 1.75 2.00 18.78
C ALA A 98 1.28 2.40 20.17
N ALA A 99 -0.03 2.38 20.38
CA ALA A 99 -0.61 2.84 21.64
C ALA A 99 -0.09 2.05 22.83
N HIS A 100 0.16 0.76 22.62
CA HIS A 100 0.88 -0.04 23.61
C HIS A 100 2.29 -0.33 23.12
N PRO A 101 3.21 0.64 23.28
CA PRO A 101 4.55 0.56 22.69
C PRO A 101 5.39 -0.55 23.32
N ASP A 102 5.08 -0.88 24.56
CA ASP A 102 5.83 -1.86 25.32
C ASP A 102 5.49 -3.29 24.88
N SER A 103 4.26 -3.49 24.43
CA SER A 103 3.78 -4.81 24.08
C SER A 103 4.47 -5.35 22.83
N GLU A 104 5.41 -6.28 23.02
CA GLU A 104 6.15 -6.86 21.90
C GLU A 104 5.23 -7.72 21.04
N GLU A 105 4.22 -8.31 21.65
CA GLU A 105 3.24 -9.10 20.90
C GLU A 105 2.60 -8.25 19.81
N GLN A 106 2.26 -7.02 20.18
CA GLN A 106 1.67 -6.08 19.25
C GLN A 106 2.67 -5.69 18.17
N GLN A 107 3.90 -5.44 18.60
CA GLN A 107 4.98 -5.07 17.68
C GLN A 107 5.24 -6.20 16.69
N GLN A 108 5.29 -7.43 17.21
CA GLN A 108 5.51 -8.62 16.40
C GLN A 108 4.40 -8.77 15.35
N ARG A 109 3.16 -8.50 15.76
CA ARG A 109 2.03 -8.53 14.84
C ARG A 109 2.22 -7.49 13.74
N LEU A 110 2.62 -6.28 14.14
CA LEU A 110 2.83 -5.20 13.20
C LEU A 110 3.97 -5.51 12.23
N ARG A 111 5.03 -6.14 12.73
CA ARG A 111 6.16 -6.51 11.90
C ARG A 111 5.69 -7.21 10.62
N GLU A 112 4.87 -8.22 10.80
CA GLU A 112 4.40 -9.02 9.67
C GLU A 112 3.25 -8.31 8.95
N ALA A 113 2.42 -7.60 9.70
CA ALA A 113 1.26 -6.93 9.14
C ALA A 113 1.67 -5.75 8.25
N ALA A 114 2.56 -4.91 8.74
CA ALA A 114 2.99 -3.73 8.00
C ALA A 114 3.84 -4.12 6.80
N GLU A 115 4.76 -5.06 7.01
CA GLU A 115 5.59 -5.54 5.94
C GLU A 115 4.75 -6.27 4.90
N GLY A 116 3.76 -7.02 5.39
CA GLY A 116 2.82 -7.68 4.50
C GLY A 116 2.01 -6.67 3.69
N LEU A 117 1.66 -5.57 4.33
CA LEU A 117 0.97 -4.48 3.65
C LEU A 117 1.87 -3.90 2.56
N ARG A 118 3.12 -3.63 2.90
CA ARG A 118 4.08 -3.12 1.94
C ARG A 118 4.28 -4.12 0.81
N MET A 119 4.41 -5.39 1.17
CA MET A 119 4.55 -6.46 0.20
C MET A 119 3.36 -6.52 -0.74
N ALA A 120 2.15 -6.47 -0.17
CA ALA A 120 0.93 -6.52 -0.96
C ALA A 120 0.84 -5.32 -1.90
N THR A 121 1.15 -4.14 -1.37
CA THR A 121 1.15 -2.92 -2.17
C THR A 121 2.21 -2.99 -3.27
N ASN A 122 3.40 -3.41 -2.88
CA ASN A 122 4.52 -3.52 -3.81
C ASN A 122 4.18 -4.55 -4.89
N ALA A 123 3.56 -5.65 -4.49
CA ALA A 123 3.13 -6.67 -5.44
C ALA A 123 2.10 -6.11 -6.41
N ALA A 124 1.17 -5.33 -5.88
CA ALA A 124 0.16 -4.67 -6.72
C ALA A 124 0.84 -3.69 -7.68
N ALA A 125 1.98 -3.15 -7.24
CA ALA A 125 2.77 -2.25 -8.08
C ALA A 125 3.30 -2.97 -9.31
N GLN A 126 3.66 -4.25 -9.16
CA GLN A 126 4.12 -5.05 -10.29
C GLN A 126 2.93 -5.52 -11.13
N ASN A 127 1.77 -5.62 -10.51
CA ASN A 127 0.55 -6.04 -11.21
C ASN A 127 -0.01 -4.90 -12.03
N ALA A 128 0.44 -3.68 -11.73
CA ALA A 128 0.00 -2.49 -12.44
C ALA A 128 0.31 -2.60 -13.93
N ILE A 129 -0.71 -2.42 -14.74
CA ILE A 129 -0.55 -2.44 -16.19
C ILE A 129 0.49 -1.40 -16.61
N LYS A 130 1.48 -1.85 -17.36
CA LYS A 130 2.60 -1.00 -17.74
C LYS A 130 2.16 0.04 -18.75
N LYS A 131 1.83 1.24 -18.24
CA LYS A 131 1.32 2.33 -19.07
C LYS A 131 0.00 1.95 -19.73
#